data_7F86
#
_entry.id   7F86
#
_cell.length_a   108.590
_cell.length_b   108.630
_cell.length_c   116.930
_cell.angle_alpha   78.370
_cell.angle_beta   82.530
_cell.angle_gamma   62.110
#
_symmetry.space_group_name_H-M   'P 1'
#
loop_
_entity.id
_entity.type
_entity.pdbx_description
1 polymer 'Phycoerythrin beta subunit'
2 polymer 'Phycoerythrin alpha subunit'
3 non-polymer PHYCOERYTHROBILIN
4 water water
#
loop_
_entity_poly.entity_id
_entity_poly.type
_entity_poly.pdbx_seq_one_letter_code
_entity_poly.pdbx_strand_id
1 'polypeptide(L)'
;MLDAFSRAVVQADASTSVVGDVSALKQFIAQGNRRLDAVNAIASNASCMVSDAIAGMICENQGLIQAGG(MEN)CYPNRR
MAACLRDGEIILRYVTYALLAGDASVLDDRCLNGLKETYAALGVPTTSTVRAVQIMKAQAAAHIKDTPSEARAGAKLRKM
GSPVVEDRCSSLVAEASSYFDRVIAALS
;
M,C,E,G,I,K,N,P,R,T,V,X
2 'polypeptide(L)'
;MKSVVTTVIAAADAAGRFPSSSDLESVQGSIQRSAARLEAAEKLGANLDNVAQEAYNACIQKYPYLNNAGEANSNDTYKA
KCLRDVKHYMRLIQYCLVVGGTGPLDEWGIAGQREVYRALSLPTAPYVEALSFARNRGCAPRDMSAQALVEYNALLDYAI
NSLS
;
A,D,B,F,H,J,L,O,Q,U,W,Y
#
loop_
_chem_comp.id
_chem_comp.type
_chem_comp.name
_chem_comp.formula
PEB non-polymer PHYCOERYTHROBILIN 'C33 H40 N4 O6'
#
# COMPACT_ATOMS: atom_id res chain seq x y z
N MET A 1 30.26 -34.16 14.78
CA MET A 1 30.47 -32.97 13.92
C MET A 1 31.90 -32.47 14.10
N LEU A 2 32.37 -31.68 13.12
CA LEU A 2 33.68 -31.00 13.13
C LEU A 2 33.50 -29.51 13.49
N ASP A 3 34.59 -28.91 13.95
CA ASP A 3 34.77 -27.45 14.15
C ASP A 3 36.00 -27.09 13.31
N ALA A 4 36.38 -25.82 13.23
CA ALA A 4 37.50 -25.33 12.41
C ALA A 4 38.80 -26.08 12.77
N PHE A 5 39.01 -26.42 14.05
CA PHE A 5 40.25 -27.09 14.54
C PHE A 5 40.19 -28.61 14.22
N SER A 6 39.06 -29.30 14.41
CA SER A 6 39.03 -30.73 14.04
C SER A 6 38.98 -30.86 12.50
N ARG A 7 38.44 -29.89 11.79
CA ARG A 7 38.56 -29.85 10.31
C ARG A 7 40.05 -29.91 9.92
N ALA A 8 40.92 -29.05 10.48
CA ALA A 8 42.38 -29.08 10.18
C ALA A 8 43.01 -30.43 10.58
N VAL A 9 42.53 -31.02 11.69
CA VAL A 9 43.02 -32.35 12.15
C VAL A 9 42.72 -33.43 11.10
N VAL A 10 41.49 -33.49 10.62
CA VAL A 10 41.00 -34.46 9.59
C VAL A 10 41.87 -34.34 8.33
N GLN A 11 42.26 -33.12 7.97
CA GLN A 11 43.14 -32.87 6.80
C GLN A 11 44.54 -33.43 7.06
N ALA A 12 45.16 -33.12 8.19
CA ALA A 12 46.48 -33.62 8.61
C ALA A 12 46.42 -35.15 8.68
N ASP A 13 45.33 -35.70 9.19
CA ASP A 13 45.19 -37.16 9.35
C ASP A 13 45.19 -37.84 7.96
N ALA A 14 44.65 -37.19 6.93
CA ALA A 14 44.53 -37.78 5.57
C ALA A 14 45.93 -38.15 5.05
N SER A 15 47.01 -37.59 5.59
CA SER A 15 48.41 -37.95 5.25
C SER A 15 49.20 -38.35 6.51
N THR A 16 48.50 -38.92 7.49
CA THR A 16 49.00 -39.30 8.84
C THR A 16 50.13 -38.35 9.27
N SER A 17 49.88 -37.05 9.28
CA SER A 17 50.92 -36.09 9.66
C SER A 17 50.41 -35.18 10.79
N VAL A 18 51.32 -34.64 11.58
CA VAL A 18 50.98 -33.66 12.64
C VAL A 18 50.35 -32.43 11.97
N VAL A 19 49.53 -31.69 12.71
CA VAL A 19 49.10 -30.32 12.28
C VAL A 19 50.36 -29.44 12.34
N GLY A 20 50.87 -29.02 11.19
CA GLY A 20 52.21 -28.41 11.04
C GLY A 20 52.22 -26.92 11.36
N ASP A 21 51.27 -26.16 10.84
CA ASP A 21 51.23 -24.68 10.99
C ASP A 21 50.00 -24.30 11.85
N VAL A 22 50.25 -23.90 13.10
CA VAL A 22 49.20 -23.51 14.08
C VAL A 22 48.80 -22.04 13.87
N SER A 23 49.66 -21.25 13.19
CA SER A 23 49.52 -19.78 13.05
C SER A 23 48.12 -19.44 12.56
N ALA A 24 47.63 -20.12 11.51
CA ALA A 24 46.25 -19.94 11.01
C ALA A 24 45.27 -20.18 12.17
N LEU A 25 45.49 -21.23 12.97
CA LEU A 25 44.64 -21.57 14.14
C LEU A 25 44.80 -20.48 15.23
N LYS A 26 46.02 -19.99 15.47
CA LYS A 26 46.28 -18.83 16.36
C LYS A 26 45.45 -17.60 15.94
N GLN A 27 45.33 -17.34 14.63
CA GLN A 27 44.56 -16.19 14.07
C GLN A 27 43.06 -16.46 14.29
N PHE A 28 42.60 -17.71 14.15
CA PHE A 28 41.19 -18.09 14.49
C PHE A 28 40.90 -17.71 15.95
N ILE A 29 41.83 -17.98 16.86
CA ILE A 29 41.68 -17.72 18.33
C ILE A 29 41.60 -16.21 18.55
N ALA A 30 42.45 -15.46 17.85
CA ALA A 30 42.56 -14.00 18.00
C ALA A 30 41.27 -13.35 17.47
N GLN A 31 40.65 -13.95 16.44
CA GLN A 31 39.33 -13.57 15.84
C GLN A 31 38.17 -14.05 16.76
N GLY A 32 38.47 -14.83 17.81
CA GLY A 32 37.48 -15.57 18.62
C GLY A 32 36.41 -14.66 19.24
N ASN A 33 36.81 -13.60 19.94
CA ASN A 33 35.82 -12.68 20.58
C ASN A 33 34.89 -12.08 19.52
N ARG A 34 35.39 -11.72 18.33
CA ARG A 34 34.47 -11.13 17.33
C ARG A 34 33.52 -12.23 16.81
N ARG A 35 33.97 -13.48 16.75
CA ARG A 35 33.11 -14.63 16.36
C ARG A 35 31.96 -14.78 17.36
N LEU A 36 32.26 -14.76 18.67
CA LEU A 36 31.19 -14.81 19.70
C LEU A 36 30.26 -13.60 19.53
N ASP A 37 30.80 -12.41 19.22
CA ASP A 37 29.94 -11.22 18.94
C ASP A 37 29.02 -11.55 17.77
N ALA A 38 29.55 -12.16 16.70
CA ALA A 38 28.76 -12.45 15.49
C ALA A 38 27.63 -13.43 15.85
N VAL A 39 27.90 -14.47 16.64
CA VAL A 39 26.88 -15.48 17.04
C VAL A 39 25.86 -14.80 17.95
N ASN A 40 26.33 -14.00 18.90
CA ASN A 40 25.43 -13.23 19.78
C ASN A 40 24.46 -12.38 18.94
N ALA A 41 24.98 -11.72 17.89
CA ALA A 41 24.25 -10.73 17.07
C ALA A 41 23.13 -11.46 16.30
N ILE A 42 23.38 -12.70 15.89
CA ILE A 42 22.38 -13.50 15.15
C ILE A 42 21.37 -14.09 16.13
N ALA A 43 21.87 -14.82 17.16
CA ALA A 43 21.03 -15.51 18.16
C ALA A 43 20.12 -14.50 18.88
N SER A 44 20.64 -13.34 19.28
CA SER A 44 19.85 -12.30 19.98
C SER A 44 18.73 -11.72 19.10
N ASN A 45 18.85 -11.82 17.78
CA ASN A 45 17.90 -11.19 16.81
C ASN A 45 17.14 -12.28 16.00
N ALA A 46 17.26 -13.55 16.37
CA ALA A 46 16.81 -14.69 15.55
C ALA A 46 15.29 -14.63 15.27
N SER A 47 14.44 -14.37 16.26
CA SER A 47 12.97 -14.37 16.08
C SER A 47 12.62 -13.25 15.10
N CYS A 48 13.24 -12.09 15.29
CA CYS A 48 12.98 -10.94 14.41
C CYS A 48 13.52 -11.25 12.99
N MET A 49 14.66 -11.94 12.86
CA MET A 49 15.20 -12.33 11.51
C MET A 49 14.25 -13.33 10.84
N VAL A 50 13.76 -14.35 11.56
CA VAL A 50 12.91 -15.40 10.95
C VAL A 50 11.58 -14.76 10.51
N SER A 51 10.93 -13.96 11.34
CA SER A 51 9.59 -13.43 10.98
C SER A 51 9.70 -12.44 9.82
N ASP A 52 10.72 -11.56 9.81
CA ASP A 52 10.98 -10.57 8.73
C ASP A 52 11.39 -11.28 7.42
N ALA A 53 12.11 -12.40 7.49
CA ALA A 53 12.56 -13.16 6.30
C ALA A 53 11.37 -13.85 5.64
N ILE A 54 10.53 -14.51 6.43
CA ILE A 54 9.34 -15.24 5.91
C ILE A 54 8.33 -14.21 5.42
N ALA A 55 8.07 -13.15 6.18
CA ALA A 55 7.25 -11.99 5.76
C ALA A 55 7.80 -11.42 4.45
N GLY A 56 9.11 -11.30 4.30
CA GLY A 56 9.71 -10.66 3.11
C GLY A 56 9.51 -11.54 1.88
N MET A 57 9.72 -12.84 2.07
CA MET A 57 9.48 -13.88 1.03
C MET A 57 8.04 -13.72 0.51
N ILE A 58 7.09 -13.60 1.43
CA ILE A 58 5.64 -13.48 1.12
C ILE A 58 5.38 -12.11 0.49
N CYS A 59 6.01 -11.07 1.04
CA CYS A 59 6.05 -9.70 0.47
C CYS A 59 6.33 -9.74 -1.04
N GLU A 60 7.30 -10.58 -1.44
CA GLU A 60 7.80 -10.71 -2.83
C GLU A 60 6.96 -11.72 -3.63
N ASN A 61 6.19 -12.58 -2.96
CA ASN A 61 5.40 -13.62 -3.67
C ASN A 61 4.08 -13.86 -2.93
N GLN A 62 3.03 -13.14 -3.31
CA GLN A 62 1.66 -13.19 -2.71
C GLN A 62 1.05 -14.58 -2.94
N GLY A 63 1.51 -15.28 -3.97
CA GLY A 63 1.10 -16.65 -4.30
C GLY A 63 1.07 -17.54 -3.06
N LEU A 64 2.07 -17.40 -2.19
CA LEU A 64 2.31 -18.29 -1.02
C LEU A 64 1.14 -18.21 -0.05
N ILE A 65 0.41 -17.09 -0.03
CA ILE A 65 -0.66 -16.85 0.95
C ILE A 65 -2.03 -16.79 0.24
N GLN A 66 -2.11 -17.26 -1.01
CA GLN A 66 -3.39 -17.37 -1.77
C GLN A 66 -3.77 -18.86 -1.89
N ALA A 67 -5.00 -19.14 -2.33
CA ALA A 67 -5.51 -20.49 -2.63
C ALA A 67 -4.40 -21.31 -3.29
N GLY A 68 -4.10 -22.48 -2.73
CA GLY A 68 -3.14 -23.45 -3.26
C GLY A 68 -1.70 -23.10 -2.94
N GLY A 69 -1.45 -21.96 -2.32
CA GLY A 69 -0.07 -21.50 -2.04
C GLY A 69 0.53 -22.27 -0.87
N MEN A 70 1.86 -22.36 -0.82
CA MEN A 70 2.49 -23.21 0.18
C MEN A 70 2.64 -22.64 1.59
O MEN A 70 3.02 -23.39 2.46
CB MEN A 70 3.78 -23.81 -0.47
CG MEN A 70 4.11 -25.15 0.16
OD1 MEN A 70 5.10 -25.26 0.93
ND2 MEN A 70 3.29 -26.15 -0.11
CE2 MEN A 70 3.47 -27.47 0.49
N CYS A 71 2.26 -21.38 1.83
CA CYS A 71 2.17 -20.79 3.19
C CYS A 71 0.69 -20.67 3.62
N TYR A 72 -0.19 -21.39 2.93
CA TYR A 72 -1.64 -21.40 3.24
C TYR A 72 -2.10 -22.85 3.45
N PRO A 73 -2.82 -23.17 4.55
CA PRO A 73 -3.33 -22.16 5.48
C PRO A 73 -2.35 -21.86 6.63
N ASN A 74 -2.90 -21.67 7.84
CA ASN A 74 -2.09 -21.34 9.04
C ASN A 74 -1.06 -22.45 9.32
N ARG A 75 -1.48 -23.72 9.23
CA ARG A 75 -0.57 -24.86 9.51
C ARG A 75 0.68 -24.71 8.63
N ARG A 76 0.51 -24.29 7.38
CA ARG A 76 1.66 -24.23 6.45
C ARG A 76 2.51 -23.00 6.80
N MET A 77 1.88 -21.88 7.12
CA MET A 77 2.67 -20.70 7.49
C MET A 77 3.51 -21.05 8.74
N ALA A 78 2.94 -21.80 9.68
CA ALA A 78 3.62 -22.20 10.94
C ALA A 78 4.81 -23.10 10.58
N ALA A 79 4.57 -24.08 9.71
CA ALA A 79 5.60 -25.05 9.27
C ALA A 79 6.77 -24.27 8.66
N CYS A 80 6.47 -23.26 7.84
CA CYS A 80 7.49 -22.43 7.14
C CYS A 80 8.28 -21.57 8.15
N LEU A 81 7.61 -20.90 9.09
CA LEU A 81 8.27 -20.16 10.20
C LEU A 81 9.23 -21.11 10.93
N ARG A 82 8.78 -22.33 11.20
CA ARG A 82 9.56 -23.37 11.91
C ARG A 82 10.81 -23.74 11.09
N ASP A 83 10.67 -23.95 9.79
CA ASP A 83 11.83 -24.28 8.92
C ASP A 83 12.84 -23.12 8.92
N GLY A 84 12.37 -21.88 8.84
CA GLY A 84 13.21 -20.67 8.85
C GLY A 84 14.09 -20.66 10.10
N GLU A 85 13.47 -20.91 11.24
CA GLU A 85 14.15 -20.98 12.55
C GLU A 85 15.15 -22.15 12.54
N ILE A 86 14.75 -23.33 12.06
CA ILE A 86 15.66 -24.51 12.01
C ILE A 86 16.89 -24.16 11.16
N ILE A 87 16.69 -23.59 9.98
CA ILE A 87 17.82 -23.32 9.04
C ILE A 87 18.73 -22.30 9.70
N LEU A 88 18.16 -21.24 10.26
CA LEU A 88 19.00 -20.17 10.86
C LEU A 88 19.79 -20.75 12.03
N ARG A 89 19.14 -21.63 12.80
CA ARG A 89 19.76 -22.26 13.99
C ARG A 89 21.02 -23.04 13.56
N TYR A 90 20.95 -23.86 12.53
CA TYR A 90 22.07 -24.70 12.03
C TYR A 90 23.16 -23.82 11.40
N VAL A 91 22.74 -22.74 10.75
CA VAL A 91 23.73 -21.76 10.24
C VAL A 91 24.49 -21.14 11.43
N THR A 92 23.77 -20.72 12.49
CA THR A 92 24.39 -20.12 13.70
C THR A 92 25.32 -21.16 14.35
N TYR A 93 24.94 -22.44 14.42
CA TYR A 93 25.86 -23.52 14.88
C TYR A 93 27.14 -23.53 14.00
N ALA A 94 27.01 -23.54 12.66
CA ALA A 94 28.20 -23.58 11.77
C ALA A 94 29.10 -22.38 12.05
N LEU A 95 28.54 -21.20 12.33
CA LEU A 95 29.37 -19.98 12.54
C LEU A 95 30.07 -20.07 13.90
N LEU A 96 29.43 -20.65 14.92
CA LEU A 96 30.06 -20.83 16.26
C LEU A 96 31.20 -21.85 16.11
N ALA A 97 30.98 -22.90 15.35
CA ALA A 97 31.95 -24.01 15.15
C ALA A 97 33.11 -23.56 14.25
N GLY A 98 32.81 -22.68 13.29
CA GLY A 98 33.77 -22.31 12.22
C GLY A 98 33.92 -23.43 11.22
N ASP A 99 32.85 -24.17 10.97
CA ASP A 99 32.83 -25.29 9.99
C ASP A 99 31.37 -25.62 9.66
N ALA A 100 31.05 -25.97 8.41
CA ALA A 100 29.68 -26.24 7.89
C ALA A 100 29.21 -27.67 8.20
N SER A 101 30.09 -28.52 8.73
CA SER A 101 29.83 -29.95 9.07
C SER A 101 28.48 -30.18 9.77
N VAL A 102 28.19 -29.47 10.84
CA VAL A 102 26.93 -29.68 11.59
C VAL A 102 25.75 -29.27 10.70
N LEU A 103 25.90 -28.21 9.92
CA LEU A 103 24.85 -27.72 8.99
C LEU A 103 24.64 -28.76 7.87
N ASP A 104 25.72 -29.23 7.24
CA ASP A 104 25.66 -30.30 6.19
C ASP A 104 24.94 -31.53 6.74
N ASP A 105 25.36 -32.01 7.91
CA ASP A 105 25.05 -33.40 8.36
C ASP A 105 23.68 -33.44 9.03
N ARG A 106 23.24 -32.36 9.67
CA ARG A 106 22.04 -32.41 10.54
C ARG A 106 20.86 -31.63 9.95
N CYS A 107 21.07 -30.86 8.87
CA CYS A 107 20.02 -29.99 8.30
C CYS A 107 19.89 -30.20 6.78
N LEU A 108 21.00 -30.14 6.01
CA LEU A 108 20.97 -30.07 4.52
C LEU A 108 20.86 -31.46 3.88
N ASN A 109 21.38 -32.50 4.53
CA ASN A 109 21.40 -33.86 3.96
C ASN A 109 19.96 -34.42 3.88
N GLY A 110 19.47 -34.65 2.66
CA GLY A 110 18.08 -35.07 2.37
C GLY A 110 17.09 -33.91 2.27
N LEU A 111 17.47 -32.65 2.50
CA LEU A 111 16.45 -31.58 2.62
C LEU A 111 15.78 -31.32 1.26
N LYS A 112 16.55 -31.22 0.18
CA LYS A 112 15.99 -31.01 -1.18
C LYS A 112 14.94 -32.11 -1.46
N GLU A 113 15.27 -33.37 -1.17
CA GLU A 113 14.38 -34.54 -1.47
C GLU A 113 13.14 -34.46 -0.58
N THR A 114 13.29 -34.09 0.67
CA THR A 114 12.18 -33.84 1.61
C THR A 114 11.25 -32.78 1.02
N TYR A 115 11.76 -31.62 0.64
CA TYR A 115 10.95 -30.51 0.06
C TYR A 115 10.32 -30.96 -1.26
N ALA A 116 11.01 -31.79 -2.05
CA ALA A 116 10.49 -32.34 -3.33
C ALA A 116 9.22 -33.17 -3.07
N ALA A 117 9.28 -34.15 -2.18
CA ALA A 117 8.13 -35.01 -1.76
C ALA A 117 6.97 -34.16 -1.22
N LEU A 118 7.24 -33.06 -0.50
CA LEU A 118 6.20 -32.25 0.20
C LEU A 118 5.56 -31.21 -0.74
N GLY A 119 6.24 -30.81 -1.82
CA GLY A 119 5.80 -29.73 -2.72
C GLY A 119 6.17 -28.34 -2.20
N VAL A 120 7.06 -28.25 -1.21
CA VAL A 120 7.59 -26.93 -0.72
C VAL A 120 8.40 -26.30 -1.84
N PRO A 121 8.07 -25.07 -2.29
CA PRO A 121 8.70 -24.47 -3.46
C PRO A 121 10.10 -23.91 -3.19
N THR A 122 11.03 -24.26 -4.09
CA THR A 122 12.49 -23.97 -4.06
C THR A 122 12.71 -22.47 -4.18
N THR A 123 12.08 -21.81 -5.16
CA THR A 123 12.32 -20.37 -5.37
C THR A 123 12.09 -19.65 -4.03
N SER A 124 10.96 -19.90 -3.34
CA SER A 124 10.58 -19.08 -2.17
C SER A 124 11.47 -19.42 -0.97
N THR A 125 11.87 -20.67 -0.79
CA THR A 125 12.74 -21.07 0.35
C THR A 125 14.08 -20.38 0.17
N VAL A 126 14.62 -20.44 -1.05
CA VAL A 126 15.89 -19.73 -1.39
C VAL A 126 15.72 -18.23 -1.14
N ARG A 127 14.55 -17.63 -1.39
CA ARG A 127 14.38 -16.16 -1.17
C ARG A 127 14.42 -15.87 0.35
N ALA A 128 13.74 -16.68 1.17
CA ALA A 128 13.79 -16.50 2.65
C ALA A 128 15.25 -16.56 3.13
N VAL A 129 16.03 -17.52 2.64
CA VAL A 129 17.47 -17.69 3.04
C VAL A 129 18.29 -16.49 2.57
N GLN A 130 18.04 -15.93 1.39
CA GLN A 130 18.76 -14.74 0.88
C GLN A 130 18.52 -13.53 1.78
N ILE A 131 17.31 -13.37 2.31
CA ILE A 131 16.97 -12.26 3.25
C ILE A 131 17.68 -12.54 4.59
N MET A 132 17.67 -13.78 5.08
CA MET A 132 18.39 -14.14 6.33
C MET A 132 19.88 -13.83 6.14
N LYS A 133 20.45 -14.09 4.97
CA LYS A 133 21.88 -13.80 4.69
C LYS A 133 22.14 -12.28 4.88
N ALA A 134 21.28 -11.42 4.29
CA ALA A 134 21.40 -9.94 4.34
C ALA A 134 21.19 -9.46 5.79
N GLN A 135 20.22 -10.00 6.53
CA GLN A 135 19.96 -9.63 7.95
C GLN A 135 21.19 -9.97 8.79
N ALA A 136 21.77 -11.16 8.60
CA ALA A 136 22.90 -11.66 9.41
C ALA A 136 24.11 -10.75 9.17
N ALA A 137 24.36 -10.40 7.91
CA ALA A 137 25.41 -9.47 7.48
C ALA A 137 25.26 -8.14 8.24
N ALA A 138 24.08 -7.52 8.27
CA ALA A 138 23.87 -6.20 8.90
C ALA A 138 24.05 -6.31 10.43
N HIS A 139 23.61 -7.42 11.04
CA HIS A 139 23.71 -7.65 12.51
C HIS A 139 25.17 -7.89 12.91
N ILE A 140 25.93 -8.63 12.11
CA ILE A 140 27.37 -8.90 12.40
C ILE A 140 28.17 -7.58 12.30
N LYS A 141 27.90 -6.79 11.26
CA LYS A 141 28.48 -5.43 11.08
C LYS A 141 27.88 -4.41 12.07
N ASP A 142 26.77 -4.74 12.72
CA ASP A 142 26.03 -3.85 13.66
C ASP A 142 25.65 -2.56 12.92
N THR A 143 25.14 -2.69 11.68
CA THR A 143 24.55 -1.59 10.89
C THR A 143 23.15 -1.96 10.39
N PRO A 144 22.22 -2.49 11.23
CA PRO A 144 20.83 -2.67 10.82
C PRO A 144 20.18 -1.30 10.61
N SER A 145 19.30 -1.16 9.61
CA SER A 145 18.51 0.07 9.36
C SER A 145 17.23 0.07 10.20
N GLU A 146 16.86 1.26 10.66
CA GLU A 146 15.54 1.63 11.24
C GLU A 146 14.44 1.44 10.16
N ALA A 147 14.76 1.72 8.88
CA ALA A 147 13.83 1.60 7.74
C ALA A 147 13.29 0.16 7.61
N ARG A 148 14.08 -0.86 7.94
CA ARG A 148 13.65 -2.28 7.85
C ARG A 148 13.17 -2.81 9.22
N ALA A 149 13.58 -2.22 10.34
CA ALA A 149 13.34 -2.80 11.69
C ALA A 149 12.23 -2.06 12.45
N GLY A 150 12.02 -0.75 12.22
CA GLY A 150 11.06 0.07 13.00
C GLY A 150 11.38 0.05 14.49
N ALA A 151 10.36 -0.13 15.34
CA ALA A 151 10.46 -0.16 16.82
C ALA A 151 11.35 -1.33 17.27
N LYS A 152 11.62 -2.32 16.41
CA LYS A 152 12.32 -3.60 16.75
C LYS A 152 13.83 -3.49 16.52
N LEU A 153 14.34 -2.30 16.19
CA LEU A 153 15.78 -2.09 15.84
C LEU A 153 16.61 -2.54 17.03
N ARG A 154 17.74 -3.20 16.79
CA ARG A 154 18.72 -3.61 17.83
C ARG A 154 20.12 -3.23 17.40
N LYS A 155 20.85 -2.56 18.31
CA LYS A 155 22.30 -2.22 18.26
C LYS A 155 23.03 -3.04 19.32
N MET A 156 24.14 -3.70 18.95
CA MET A 156 24.92 -4.61 19.83
C MET A 156 25.98 -3.84 20.63
N GLY A 157 26.43 -2.67 20.16
CA GLY A 157 27.47 -1.87 20.82
C GLY A 157 28.82 -2.58 20.93
N SER A 158 29.21 -3.37 19.93
CA SER A 158 30.54 -4.03 19.87
C SER A 158 31.61 -3.02 19.46
N PRO A 159 32.90 -3.20 19.86
CA PRO A 159 34.00 -2.35 19.41
C PRO A 159 34.20 -2.36 17.88
N VAL A 160 34.01 -1.21 17.22
CA VAL A 160 33.97 -1.07 15.73
C VAL A 160 35.40 -1.13 15.18
N VAL A 161 35.70 -2.00 14.22
CA VAL A 161 36.91 -1.89 13.37
C VAL A 161 36.47 -1.49 11.96
N GLU A 162 37.41 -0.98 11.16
CA GLU A 162 37.12 -0.43 9.80
C GLU A 162 36.40 -1.47 8.96
N ASP A 163 36.87 -2.73 9.01
CA ASP A 163 36.40 -3.83 8.12
C ASP A 163 35.04 -4.36 8.63
N ARG A 164 34.65 -4.02 9.86
CA ARG A 164 33.39 -4.47 10.51
C ARG A 164 33.22 -5.98 10.36
N CYS A 165 34.28 -6.74 10.63
CA CYS A 165 34.29 -8.22 10.66
C CYS A 165 33.88 -8.77 9.29
N SER A 166 34.42 -8.18 8.22
CA SER A 166 34.12 -8.55 6.82
C SER A 166 34.40 -10.05 6.60
N SER A 167 35.43 -10.62 7.24
CA SER A 167 35.76 -12.07 7.13
C SER A 167 34.63 -12.94 7.70
N LEU A 168 34.10 -12.59 8.88
CA LEU A 168 32.96 -13.33 9.49
C LEU A 168 31.69 -13.13 8.67
N VAL A 169 31.48 -11.94 8.12
CA VAL A 169 30.32 -11.66 7.24
C VAL A 169 30.39 -12.63 6.05
N ALA A 170 31.57 -12.81 5.48
CA ALA A 170 31.80 -13.65 4.29
C ALA A 170 31.51 -15.10 4.65
N GLU A 171 32.06 -15.56 5.78
CA GLU A 171 31.93 -16.95 6.27
C GLU A 171 30.46 -17.27 6.56
N ALA A 172 29.77 -16.40 7.30
CA ALA A 172 28.34 -16.61 7.65
C ALA A 172 27.54 -16.62 6.35
N SER A 173 27.86 -15.73 5.42
CA SER A 173 27.21 -15.65 4.08
C SER A 173 27.42 -16.94 3.29
N SER A 174 28.60 -17.57 3.36
CA SER A 174 28.89 -18.85 2.65
C SER A 174 28.09 -20.00 3.27
N TYR A 175 27.77 -19.95 4.56
CA TYR A 175 26.89 -20.98 5.18
C TYR A 175 25.48 -20.83 4.62
N PHE A 176 24.96 -19.61 4.47
CA PHE A 176 23.61 -19.39 3.86
C PHE A 176 23.68 -19.86 2.40
N ASP A 177 24.80 -19.60 1.69
CA ASP A 177 24.98 -20.05 0.27
C ASP A 177 25.06 -21.59 0.21
N ARG A 178 25.48 -22.31 1.25
CA ARG A 178 25.48 -23.80 1.20
C ARG A 178 24.05 -24.33 1.30
N VAL A 179 23.19 -23.64 2.04
CA VAL A 179 21.75 -24.00 2.11
C VAL A 179 21.18 -23.85 0.69
N ILE A 180 21.42 -22.72 0.06
CA ILE A 180 20.88 -22.38 -1.28
C ILE A 180 21.38 -23.44 -2.27
N ALA A 181 22.68 -23.77 -2.24
CA ALA A 181 23.28 -24.78 -3.14
C ALA A 181 22.62 -26.14 -2.90
N ALA A 182 22.32 -26.50 -1.64
CA ALA A 182 21.73 -27.81 -1.31
C ALA A 182 20.29 -27.88 -1.86
N LEU A 183 19.58 -26.75 -1.93
CA LEU A 183 18.20 -26.72 -2.46
C LEU A 183 18.14 -26.63 -3.99
N SER A 184 19.24 -26.30 -4.67
CA SER A 184 19.32 -26.06 -6.13
C SER A 184 19.34 -27.39 -6.90
N MET B 1 33.27 -35.05 16.92
CA MET B 1 34.66 -34.89 17.47
C MET B 1 34.57 -34.00 18.72
N LYS B 2 34.66 -34.57 19.93
CA LYS B 2 34.40 -33.85 21.20
C LYS B 2 35.43 -32.71 21.38
N SER B 3 34.92 -31.49 21.52
CA SER B 3 35.68 -30.26 21.82
C SER B 3 34.76 -29.38 22.65
N VAL B 4 35.22 -28.23 23.07
CA VAL B 4 34.35 -27.28 23.83
C VAL B 4 33.12 -26.98 22.98
N VAL B 5 33.35 -26.59 21.72
CA VAL B 5 32.26 -26.00 20.88
C VAL B 5 31.29 -27.10 20.42
N THR B 6 31.77 -28.31 20.07
CA THR B 6 30.92 -29.43 19.58
C THR B 6 30.09 -29.98 20.73
N THR B 7 30.61 -29.98 21.97
CA THR B 7 29.82 -30.35 23.17
C THR B 7 28.65 -29.36 23.35
N VAL B 8 28.89 -28.04 23.38
CA VAL B 8 27.79 -27.05 23.61
C VAL B 8 26.81 -27.07 22.44
N ILE B 9 27.29 -27.28 21.21
CA ILE B 9 26.39 -27.33 20.03
C ILE B 9 25.52 -28.60 20.12
N ALA B 10 26.08 -29.75 20.46
CA ALA B 10 25.31 -31.01 20.62
C ALA B 10 24.26 -30.85 21.72
N ALA B 11 24.55 -30.11 22.78
CA ALA B 11 23.61 -29.87 23.92
C ALA B 11 22.49 -28.90 23.47
N ALA B 12 22.83 -27.82 22.79
CA ALA B 12 21.82 -26.87 22.26
C ALA B 12 20.90 -27.63 21.30
N ASP B 13 21.46 -28.41 20.38
CA ASP B 13 20.69 -29.09 19.31
C ASP B 13 19.74 -30.14 19.90
N ALA B 14 20.16 -30.92 20.91
CA ALA B 14 19.29 -31.88 21.62
C ALA B 14 18.09 -31.14 22.23
N ALA B 15 18.21 -29.87 22.62
CA ALA B 15 17.13 -29.07 23.24
C ALA B 15 16.48 -28.11 22.21
N GLY B 16 16.80 -28.18 20.92
CA GLY B 16 16.26 -27.22 19.94
C GLY B 16 16.61 -25.76 20.26
N ARG B 17 17.79 -25.49 20.84
CA ARG B 17 18.17 -24.12 21.31
C ARG B 17 19.16 -23.48 20.32
N PHE B 18 19.00 -22.17 20.09
CA PHE B 18 20.08 -21.29 19.57
C PHE B 18 21.20 -21.28 20.60
N PRO B 19 22.47 -21.03 20.19
CA PRO B 19 23.53 -20.77 21.15
C PRO B 19 23.06 -19.64 22.09
N SER B 20 23.36 -19.80 23.36
CA SER B 20 22.95 -18.89 24.44
C SER B 20 24.18 -18.54 25.29
N SER B 21 23.99 -17.70 26.30
CA SER B 21 25.04 -17.17 27.19
C SER B 21 26.01 -18.27 27.62
N SER B 22 25.54 -19.39 28.19
CA SER B 22 26.48 -20.43 28.73
C SER B 22 27.32 -21.02 27.58
N ASP B 23 26.80 -21.06 26.35
CA ASP B 23 27.51 -21.64 25.18
C ASP B 23 28.70 -20.75 24.79
N LEU B 24 28.46 -19.44 24.66
CA LEU B 24 29.48 -18.43 24.28
C LEU B 24 30.56 -18.43 25.39
N GLU B 25 30.12 -18.46 26.63
CA GLU B 25 31.01 -18.42 27.79
C GLU B 25 31.93 -19.65 27.79
N SER B 26 31.43 -20.85 27.41
CA SER B 26 32.27 -22.06 27.28
C SER B 26 33.40 -21.81 26.26
N VAL B 27 33.05 -21.26 25.10
CA VAL B 27 34.01 -21.07 23.97
C VAL B 27 35.05 -20.01 24.36
N GLN B 28 34.71 -19.02 25.20
CA GLN B 28 35.71 -18.08 25.73
C GLN B 28 36.79 -18.87 26.50
N GLY B 29 36.40 -19.96 27.17
CA GLY B 29 37.36 -20.87 27.83
C GLY B 29 38.39 -21.42 26.84
N SER B 30 37.95 -21.83 25.63
CA SER B 30 38.83 -22.26 24.51
C SER B 30 39.79 -21.13 24.13
N ILE B 31 39.29 -19.91 23.94
CA ILE B 31 40.16 -18.72 23.71
C ILE B 31 41.22 -18.60 24.81
N GLN B 32 40.85 -18.66 26.08
CA GLN B 32 41.82 -18.56 27.21
C GLN B 32 42.87 -19.68 27.14
N ARG B 33 42.43 -20.93 26.94
CA ARG B 33 43.27 -22.13 27.21
C ARG B 33 44.10 -22.45 25.97
N SER B 34 43.73 -21.89 24.81
CA SER B 34 44.34 -22.18 23.49
C SER B 34 45.87 -21.97 23.53
N ALA B 35 46.33 -20.88 24.14
CA ALA B 35 47.76 -20.51 24.16
C ALA B 35 48.54 -21.65 24.85
N ALA B 36 48.06 -22.18 25.97
CA ALA B 36 48.69 -23.34 26.62
C ALA B 36 48.75 -24.52 25.64
N ARG B 37 47.61 -24.97 25.11
CA ARG B 37 47.57 -26.28 24.37
C ARG B 37 48.12 -26.11 22.96
N LEU B 38 48.00 -24.93 22.35
CA LEU B 38 48.59 -24.70 21.00
C LEU B 38 50.12 -24.65 21.13
N GLU B 39 50.66 -24.11 22.22
CA GLU B 39 52.13 -24.18 22.47
C GLU B 39 52.54 -25.66 22.55
N ALA B 40 51.87 -26.44 23.39
CA ALA B 40 52.11 -27.91 23.53
C ALA B 40 51.99 -28.61 22.17
N ALA B 41 50.99 -28.26 21.36
CA ALA B 41 50.78 -28.84 20.01
C ALA B 41 51.97 -28.55 19.09
N GLU B 42 52.50 -27.32 19.12
CA GLU B 42 53.63 -26.92 18.24
C GLU B 42 54.90 -27.67 18.67
N LYS B 43 55.20 -27.68 19.97
CA LYS B 43 56.41 -28.33 20.55
C LYS B 43 56.33 -29.82 20.20
N LEU B 44 55.15 -30.42 20.38
CA LEU B 44 54.97 -31.86 20.08
C LEU B 44 55.02 -32.07 18.56
N GLY B 45 54.35 -31.23 17.76
CA GLY B 45 54.36 -31.35 16.29
C GLY B 45 55.80 -31.31 15.76
N ALA B 46 56.63 -30.43 16.34
CA ALA B 46 58.01 -30.14 15.86
C ALA B 46 58.93 -31.32 16.23
N ASN B 47 58.65 -32.06 17.31
CA ASN B 47 59.64 -33.05 17.81
C ASN B 47 59.00 -34.45 17.94
N LEU B 48 57.95 -34.76 17.18
CA LEU B 48 57.12 -35.98 17.40
C LEU B 48 58.01 -37.22 17.33
N ASP B 49 58.89 -37.35 16.32
CA ASP B 49 59.70 -38.58 16.12
C ASP B 49 60.53 -38.88 17.37
N ASN B 50 61.25 -37.89 17.90
CA ASN B 50 62.18 -38.07 19.04
C ASN B 50 61.40 -38.33 20.33
N VAL B 51 60.26 -37.66 20.50
CA VAL B 51 59.39 -37.88 21.69
C VAL B 51 58.88 -39.33 21.70
N ALA B 52 58.37 -39.82 20.57
CA ALA B 52 57.81 -41.19 20.44
C ALA B 52 58.95 -42.19 20.53
N GLN B 53 60.12 -41.89 19.93
CA GLN B 53 61.25 -42.84 19.92
C GLN B 53 61.66 -43.12 21.36
N GLU B 54 61.82 -42.10 22.21
CA GLU B 54 62.35 -42.40 23.58
C GLU B 54 61.27 -43.09 24.42
N ALA B 55 59.98 -42.82 24.21
CA ALA B 55 58.84 -43.48 24.89
C ALA B 55 58.77 -44.96 24.46
N TYR B 56 58.92 -45.25 23.16
CA TYR B 56 58.97 -46.63 22.62
C TYR B 56 60.19 -47.36 23.20
N ASN B 57 61.32 -46.67 23.25
CA ASN B 57 62.56 -47.26 23.85
C ASN B 57 62.23 -47.59 25.31
N ALA B 58 61.59 -46.69 26.07
CA ALA B 58 61.36 -46.91 27.51
C ALA B 58 60.49 -48.16 27.74
N CYS B 59 59.49 -48.40 26.88
CA CYS B 59 58.51 -49.50 27.04
C CYS B 59 59.23 -50.84 26.76
N ILE B 60 60.14 -50.87 25.80
CA ILE B 60 61.00 -52.07 25.48
C ILE B 60 62.05 -52.25 26.58
N GLN B 61 62.56 -51.15 27.14
CA GLN B 61 63.51 -51.17 28.27
C GLN B 61 62.88 -51.89 29.45
N LYS B 62 61.61 -51.60 29.74
CA LYS B 62 60.92 -52.26 30.87
C LYS B 62 60.60 -53.73 30.53
N TYR B 63 60.37 -54.05 29.27
CA TYR B 63 59.80 -55.36 28.81
C TYR B 63 60.73 -56.00 27.77
N PRO B 64 62.00 -56.30 28.13
CA PRO B 64 62.95 -56.88 27.16
C PRO B 64 62.53 -58.24 26.59
N TYR B 65 61.61 -58.94 27.25
CA TYR B 65 61.07 -60.24 26.75
C TYR B 65 60.42 -60.07 25.37
N LEU B 66 59.92 -58.87 25.05
CA LEU B 66 59.33 -58.56 23.71
C LEU B 66 60.38 -58.81 22.59
N ASN B 67 61.68 -58.71 22.89
CA ASN B 67 62.78 -58.89 21.89
C ASN B 67 63.04 -60.38 21.61
N ASN B 68 62.61 -61.29 22.48
CA ASN B 68 62.86 -62.74 22.33
C ASN B 68 62.00 -63.29 21.18
N ALA B 69 62.56 -64.22 20.39
CA ALA B 69 61.92 -64.81 19.19
C ALA B 69 60.48 -65.22 19.52
N GLY B 70 59.51 -64.79 18.72
CA GLY B 70 58.08 -65.11 18.93
C GLY B 70 57.29 -64.00 19.61
N GLU B 71 57.93 -63.05 20.30
CA GLU B 71 57.19 -61.99 21.05
C GLU B 71 56.96 -60.77 20.12
N ALA B 72 56.22 -59.76 20.56
CA ALA B 72 55.64 -58.70 19.69
C ALA B 72 56.66 -57.66 19.21
N ASN B 73 57.89 -57.66 19.71
CA ASN B 73 58.96 -56.73 19.23
C ASN B 73 60.14 -57.50 18.63
N SER B 74 59.92 -58.74 18.17
CA SER B 74 61.01 -59.73 17.99
C SER B 74 61.56 -59.74 16.55
N ASN B 75 60.95 -58.99 15.62
CA ASN B 75 61.47 -58.82 14.23
C ASN B 75 61.42 -57.34 13.80
N ASP B 76 61.98 -57.04 12.63
CA ASP B 76 62.11 -55.64 12.14
C ASP B 76 60.71 -55.08 11.85
N THR B 77 59.80 -55.86 11.28
CA THR B 77 58.42 -55.44 10.97
C THR B 77 57.66 -55.09 12.26
N TYR B 78 57.79 -55.94 13.29
CA TYR B 78 57.18 -55.76 14.62
C TYR B 78 57.74 -54.46 15.25
N LYS B 79 59.05 -54.28 15.20
CA LYS B 79 59.76 -53.12 15.80
C LYS B 79 59.16 -51.83 15.23
N ALA B 80 59.14 -51.76 13.89
CA ALA B 80 58.66 -50.60 13.11
C ALA B 80 57.17 -50.36 13.42
N LYS B 81 56.38 -51.41 13.63
CA LYS B 81 54.92 -51.25 13.87
C LYS B 81 54.68 -50.78 15.32
N CYS B 82 55.51 -51.25 16.25
CA CYS B 82 55.45 -50.84 17.67
C CYS B 82 55.77 -49.33 17.80
N LEU B 83 56.86 -48.87 17.18
CA LEU B 83 57.26 -47.45 17.21
C LEU B 83 56.17 -46.59 16.51
N ARG B 84 55.69 -47.05 15.35
CA ARG B 84 54.59 -46.43 14.58
C ARG B 84 53.39 -46.25 15.52
N ASP B 85 52.99 -47.29 16.23
CA ASP B 85 51.84 -47.28 17.18
C ASP B 85 52.07 -46.18 18.25
N VAL B 86 53.25 -46.12 18.84
CA VAL B 86 53.58 -45.09 19.87
C VAL B 86 53.47 -43.71 19.23
N LYS B 87 53.98 -43.56 18.01
CA LYS B 87 53.91 -42.29 17.22
C LYS B 87 52.45 -41.97 16.90
N HIS B 88 51.62 -42.98 16.56
CA HIS B 88 50.16 -42.76 16.31
C HIS B 88 49.51 -42.11 17.54
N TYR B 89 49.73 -42.69 18.71
CA TYR B 89 49.16 -42.18 19.97
C TYR B 89 49.61 -40.74 20.18
N MET B 90 50.90 -40.46 20.02
CA MET B 90 51.41 -39.09 20.28
C MET B 90 50.85 -38.13 19.22
N ARG B 91 50.55 -38.62 18.00
CA ARG B 91 49.99 -37.76 16.91
C ARG B 91 48.56 -37.40 17.32
N LEU B 92 47.79 -38.37 17.79
CA LEU B 92 46.38 -38.14 18.20
C LEU B 92 46.37 -37.14 19.37
N ILE B 93 47.38 -37.22 20.25
CA ILE B 93 47.49 -36.31 21.40
C ILE B 93 47.73 -34.91 20.84
N GLN B 94 48.55 -34.78 19.81
CA GLN B 94 48.84 -33.47 19.17
C GLN B 94 47.52 -32.95 18.63
N TYR B 95 46.72 -33.82 18.03
CA TYR B 95 45.38 -33.46 17.49
C TYR B 95 44.48 -33.01 18.62
N CYS B 96 44.51 -33.69 19.78
CA CYS B 96 43.67 -33.30 20.95
C CYS B 96 44.09 -31.90 21.44
N LEU B 97 45.38 -31.57 21.38
CA LEU B 97 45.90 -30.26 21.82
C LEU B 97 45.43 -29.16 20.86
N VAL B 98 45.41 -29.44 19.57
CA VAL B 98 44.88 -28.52 18.53
C VAL B 98 43.37 -28.30 18.76
N VAL B 99 42.61 -29.36 19.06
CA VAL B 99 41.11 -29.32 19.11
C VAL B 99 40.61 -28.84 20.50
N GLY B 100 41.35 -29.13 21.56
CA GLY B 100 40.98 -28.83 22.96
C GLY B 100 39.94 -29.79 23.49
N GLY B 101 39.96 -31.03 23.06
CA GLY B 101 39.07 -32.09 23.59
C GLY B 101 39.63 -33.40 23.17
N THR B 102 39.04 -34.50 23.61
CA THR B 102 39.59 -35.86 23.40
C THR B 102 39.07 -36.51 22.12
N GLY B 103 38.21 -35.86 21.38
CA GLY B 103 37.66 -36.39 20.11
C GLY B 103 38.67 -37.22 19.32
N PRO B 104 39.79 -36.64 18.87
CA PRO B 104 40.70 -37.38 18.01
C PRO B 104 41.22 -38.66 18.68
N LEU B 105 41.53 -38.64 19.99
CA LEU B 105 41.95 -39.87 20.72
C LEU B 105 40.78 -40.87 20.75
N ASP B 106 39.61 -40.42 21.19
CA ASP B 106 38.38 -41.26 21.36
C ASP B 106 38.08 -41.99 20.04
N GLU B 107 38.05 -41.28 18.91
CA GLU B 107 37.48 -41.83 17.64
C GLU B 107 38.55 -42.65 16.92
N TRP B 108 39.82 -42.23 16.96
CA TRP B 108 40.88 -42.75 16.06
C TRP B 108 41.91 -43.61 16.80
N GLY B 109 41.94 -43.58 18.15
CA GLY B 109 42.94 -44.34 18.92
C GLY B 109 42.25 -45.35 19.83
N ILE B 110 41.33 -44.86 20.67
CA ILE B 110 40.74 -45.65 21.78
C ILE B 110 39.68 -46.61 21.23
N ALA B 111 38.74 -46.14 20.41
CA ALA B 111 37.67 -47.01 19.86
C ALA B 111 38.33 -48.20 19.15
N GLY B 112 38.01 -49.42 19.59
CA GLY B 112 38.48 -50.68 19.00
C GLY B 112 39.88 -51.09 19.48
N GLN B 113 40.60 -50.30 20.29
CA GLN B 113 42.02 -50.63 20.66
C GLN B 113 42.09 -52.00 21.36
N ARG B 114 41.21 -52.29 22.31
CA ARG B 114 41.28 -53.54 23.09
C ARG B 114 40.92 -54.73 22.17
N GLU B 115 39.94 -54.60 21.28
CA GLU B 115 39.60 -55.70 20.31
C GLU B 115 40.84 -56.01 19.47
N VAL B 116 41.53 -54.97 18.98
CA VAL B 116 42.69 -55.10 18.05
C VAL B 116 43.84 -55.81 18.79
N TYR B 117 44.19 -55.32 19.96
CA TYR B 117 45.38 -55.80 20.71
C TYR B 117 45.12 -57.23 21.23
N ARG B 118 43.89 -57.53 21.66
CA ARG B 118 43.39 -58.89 21.99
C ARG B 118 43.57 -59.82 20.78
N ALA B 119 43.02 -59.45 19.62
CA ALA B 119 43.01 -60.32 18.41
C ALA B 119 44.45 -60.59 17.96
N LEU B 120 45.34 -59.60 18.06
CA LEU B 120 46.74 -59.79 17.59
C LEU B 120 47.67 -60.17 18.72
N SER B 121 47.15 -60.53 19.90
CA SER B 121 47.97 -60.94 21.08
C SER B 121 49.06 -59.90 21.36
N LEU B 122 48.72 -58.62 21.30
CA LEU B 122 49.64 -57.52 21.66
C LEU B 122 49.32 -57.16 23.11
N PRO B 123 50.24 -57.35 24.08
CA PRO B 123 49.98 -56.94 25.47
C PRO B 123 49.82 -55.41 25.61
N THR B 124 49.03 -55.00 26.59
CA THR B 124 48.63 -53.60 26.79
C THR B 124 49.70 -52.87 27.61
N ALA B 125 50.38 -53.59 28.50
CA ALA B 125 51.37 -52.99 29.43
C ALA B 125 52.43 -52.15 28.69
N PRO B 126 53.03 -52.60 27.58
CA PRO B 126 54.03 -51.77 26.87
C PRO B 126 53.47 -50.46 26.31
N TYR B 127 52.24 -50.47 25.79
CA TYR B 127 51.50 -49.24 25.37
C TYR B 127 51.43 -48.32 26.59
N VAL B 128 50.99 -48.85 27.71
CA VAL B 128 50.85 -48.06 28.98
C VAL B 128 52.23 -47.50 29.38
N GLU B 129 53.26 -48.33 29.37
CA GLU B 129 54.62 -47.88 29.77
C GLU B 129 55.10 -46.77 28.82
N ALA B 130 54.86 -46.87 27.51
CA ALA B 130 55.36 -45.84 26.56
C ALA B 130 54.75 -44.48 26.91
N LEU B 131 53.44 -44.46 27.17
CA LEU B 131 52.68 -43.24 27.51
C LEU B 131 53.07 -42.77 28.91
N SER B 132 53.28 -43.70 29.82
CA SER B 132 53.61 -43.40 31.24
C SER B 132 54.97 -42.68 31.27
N PHE B 133 55.95 -43.17 30.51
CA PHE B 133 57.27 -42.54 30.40
C PHE B 133 57.10 -41.13 29.90
N ALA B 134 56.28 -40.99 28.86
CA ALA B 134 56.07 -39.70 28.17
C ALA B 134 55.45 -38.73 29.17
N ARG B 135 54.54 -39.23 30.02
CA ARG B 135 53.78 -38.46 31.05
C ARG B 135 54.75 -37.96 32.12
N ASN B 136 55.69 -38.81 32.50
CA ASN B 136 56.65 -38.53 33.60
C ASN B 136 57.88 -37.76 33.10
N ARG B 137 58.12 -37.66 31.78
CA ARG B 137 59.40 -37.20 31.19
C ARG B 137 59.46 -35.67 31.10
N GLY B 138 58.34 -35.03 30.76
CA GLY B 138 58.32 -33.58 30.47
C GLY B 138 58.55 -32.74 31.72
N CYS B 139 59.22 -31.60 31.60
CA CYS B 139 59.25 -30.60 32.68
C CYS B 139 59.23 -29.19 32.10
N ALA B 140 58.72 -28.26 32.91
CA ALA B 140 58.50 -26.84 32.57
C ALA B 140 59.46 -26.06 33.44
N PRO B 141 60.12 -25.02 32.89
CA PRO B 141 59.93 -24.64 31.49
C PRO B 141 60.88 -25.21 30.42
N ARG B 142 61.62 -26.28 30.68
CA ARG B 142 62.58 -26.81 29.66
C ARG B 142 61.85 -27.10 28.34
N ASP B 143 60.69 -27.77 28.39
CA ASP B 143 60.13 -28.46 27.20
C ASP B 143 58.99 -27.63 26.61
N MET B 144 58.36 -26.81 27.43
CA MET B 144 57.21 -25.94 27.09
C MET B 144 56.81 -25.25 28.40
N SER B 145 55.91 -24.28 28.36
CA SER B 145 55.42 -23.56 29.56
C SER B 145 54.75 -24.56 30.51
N ALA B 146 54.61 -24.16 31.77
CA ALA B 146 53.94 -24.93 32.84
C ALA B 146 52.55 -25.41 32.38
N GLN B 147 51.72 -24.50 31.87
CA GLN B 147 50.31 -24.81 31.55
C GLN B 147 50.27 -25.62 30.25
N ALA B 148 51.26 -25.48 29.37
CA ALA B 148 51.35 -26.32 28.15
C ALA B 148 51.58 -27.76 28.62
N LEU B 149 52.45 -27.95 29.59
CA LEU B 149 52.79 -29.28 30.15
C LEU B 149 51.57 -29.89 30.85
N VAL B 150 50.79 -29.08 31.55
CA VAL B 150 49.52 -29.53 32.20
C VAL B 150 48.61 -30.15 31.14
N GLU B 151 48.49 -29.52 29.98
CA GLU B 151 47.57 -29.93 28.89
C GLU B 151 48.08 -31.24 28.28
N TYR B 152 49.38 -31.30 27.96
CA TYR B 152 50.12 -32.46 27.42
C TYR B 152 49.93 -33.67 28.35
N ASN B 153 50.27 -33.47 29.63
CA ASN B 153 50.18 -34.54 30.65
C ASN B 153 48.72 -35.03 30.80
N ALA B 154 47.73 -34.13 30.75
CA ALA B 154 46.33 -34.53 30.98
C ALA B 154 45.89 -35.49 29.89
N LEU B 155 46.30 -35.21 28.65
CA LEU B 155 45.93 -36.06 27.49
C LEU B 155 46.70 -37.38 27.53
N LEU B 156 47.96 -37.39 27.97
CA LEU B 156 48.71 -38.66 28.16
C LEU B 156 47.99 -39.53 29.22
N ASP B 157 47.52 -38.92 30.32
CA ASP B 157 46.83 -39.62 31.42
C ASP B 157 45.48 -40.14 30.94
N TYR B 158 44.77 -39.38 30.12
CA TYR B 158 43.51 -39.81 29.46
C TYR B 158 43.76 -41.07 28.59
N ALA B 159 44.83 -41.10 27.79
CA ALA B 159 45.18 -42.29 26.98
C ALA B 159 45.55 -43.46 27.91
N ILE B 160 46.33 -43.21 28.96
CA ILE B 160 46.70 -44.25 29.95
C ILE B 160 45.42 -44.79 30.61
N ASN B 161 44.53 -43.89 31.06
CA ASN B 161 43.25 -44.27 31.73
C ASN B 161 42.49 -45.21 30.80
N SER B 162 42.42 -44.89 29.50
CA SER B 162 41.70 -45.69 28.46
C SER B 162 42.20 -47.13 28.42
N LEU B 163 43.49 -47.39 28.70
CA LEU B 163 44.11 -48.73 28.60
C LEU B 163 44.21 -49.40 29.99
N SER B 164 43.71 -48.75 31.05
CA SER B 164 43.93 -49.13 32.48
C SER B 164 42.57 -49.24 33.16
N MET C 1 -10.33 -35.58 8.49
CA MET C 1 -11.15 -34.36 8.71
C MET C 1 -12.27 -34.73 9.69
N LYS C 2 -12.23 -34.24 10.93
CA LYS C 2 -13.15 -34.73 12.00
C LYS C 2 -14.60 -34.37 11.66
N SER C 3 -15.45 -35.40 11.48
CA SER C 3 -16.92 -35.33 11.31
C SER C 3 -17.55 -36.43 12.18
N VAL C 4 -18.88 -36.59 12.18
CA VAL C 4 -19.54 -37.79 12.77
C VAL C 4 -18.99 -39.06 12.15
N VAL C 5 -19.08 -39.18 10.82
CA VAL C 5 -18.78 -40.46 10.10
C VAL C 5 -17.26 -40.76 10.10
N THR C 6 -16.37 -39.78 10.03
CA THR C 6 -14.92 -40.09 10.03
C THR C 6 -14.48 -40.44 11.45
N THR C 7 -15.11 -39.87 12.47
CA THR C 7 -14.80 -40.25 13.84
C THR C 7 -15.14 -41.75 14.04
N VAL C 8 -16.33 -42.23 13.66
CA VAL C 8 -16.71 -43.66 13.88
C VAL C 8 -15.92 -44.62 12.96
N ILE C 9 -15.64 -44.23 11.71
CA ILE C 9 -14.78 -45.04 10.80
C ILE C 9 -13.37 -45.18 11.41
N ALA C 10 -12.78 -44.09 11.93
CA ALA C 10 -11.40 -44.16 12.47
C ALA C 10 -11.38 -45.12 13.66
N ALA C 11 -12.39 -45.02 14.53
CA ALA C 11 -12.60 -45.89 15.72
C ALA C 11 -12.82 -47.35 15.29
N ALA C 12 -13.69 -47.62 14.34
CA ALA C 12 -13.89 -48.99 13.81
C ALA C 12 -12.56 -49.51 13.23
N ASP C 13 -11.81 -48.67 12.50
CA ASP C 13 -10.60 -49.11 11.76
C ASP C 13 -9.47 -49.44 12.73
N ALA C 14 -9.28 -48.66 13.80
CA ALA C 14 -8.26 -48.90 14.85
C ALA C 14 -8.55 -50.22 15.55
N ALA C 15 -9.80 -50.70 15.54
CA ALA C 15 -10.22 -51.95 16.19
C ALA C 15 -10.37 -53.06 15.14
N GLY C 16 -10.15 -52.77 13.86
CA GLY C 16 -10.31 -53.78 12.80
C GLY C 16 -11.76 -54.24 12.64
N ARG C 17 -12.75 -53.36 12.80
CA ARG C 17 -14.21 -53.71 12.78
C ARG C 17 -14.92 -53.17 11.53
N PHE C 18 -15.89 -53.93 11.02
CA PHE C 18 -16.98 -53.42 10.17
C PHE C 18 -17.80 -52.38 10.93
N PRO C 19 -18.44 -51.45 10.20
CA PRO C 19 -19.49 -50.60 10.78
C PRO C 19 -20.50 -51.51 11.49
N SER C 20 -20.86 -51.15 12.71
CA SER C 20 -21.80 -51.90 13.58
C SER C 20 -22.90 -50.91 14.04
N SER C 21 -23.80 -51.35 14.91
CA SER C 21 -25.02 -50.59 15.31
C SER C 21 -24.70 -49.16 15.80
N SER C 22 -23.69 -48.95 16.68
CA SER C 22 -23.33 -47.60 17.22
C SER C 22 -22.79 -46.70 16.10
N ASP C 23 -22.20 -47.25 15.05
CA ASP C 23 -21.71 -46.42 13.91
C ASP C 23 -22.91 -45.91 13.11
N LEU C 24 -23.89 -46.77 12.81
CA LEU C 24 -25.03 -46.39 11.96
C LEU C 24 -25.85 -45.39 12.77
N GLU C 25 -26.03 -45.68 14.06
CA GLU C 25 -26.78 -44.83 14.99
C GLU C 25 -26.14 -43.41 15.03
N SER C 26 -24.82 -43.32 15.09
CA SER C 26 -24.05 -42.05 15.04
C SER C 26 -24.45 -41.24 13.77
N VAL C 27 -24.43 -41.88 12.61
CA VAL C 27 -24.66 -41.22 11.30
C VAL C 27 -26.14 -40.75 11.21
N GLN C 28 -27.10 -41.46 11.80
CA GLN C 28 -28.50 -40.98 11.90
C GLN C 28 -28.51 -39.60 12.59
N GLY C 29 -27.66 -39.38 13.60
CA GLY C 29 -27.46 -38.03 14.16
C GLY C 29 -27.22 -36.99 13.06
N SER C 30 -26.31 -37.26 12.11
CA SER C 30 -26.01 -36.38 10.96
C SER C 30 -27.27 -36.15 10.13
N ILE C 31 -28.03 -37.24 9.84
CA ILE C 31 -29.31 -37.13 9.09
C ILE C 31 -30.21 -36.15 9.84
N GLN C 32 -30.24 -36.20 11.18
CA GLN C 32 -31.17 -35.38 12.00
C GLN C 32 -30.71 -33.92 12.10
N ARG C 33 -29.44 -33.70 12.33
CA ARG C 33 -28.91 -32.36 12.68
C ARG C 33 -28.51 -31.61 11.40
N SER C 34 -28.40 -32.30 10.25
CA SER C 34 -27.89 -31.69 9.01
C SER C 34 -28.77 -30.51 8.57
N ALA C 35 -30.08 -30.58 8.77
CA ALA C 35 -31.00 -29.51 8.30
C ALA C 35 -30.60 -28.19 8.97
N ALA C 36 -30.39 -28.17 10.28
CA ALA C 36 -30.02 -26.93 11.00
C ALA C 36 -28.66 -26.41 10.50
N ARG C 37 -27.63 -27.26 10.45
CA ARG C 37 -26.24 -26.78 10.17
C ARG C 37 -26.11 -26.45 8.68
N LEU C 38 -26.79 -27.17 7.79
CA LEU C 38 -26.74 -26.82 6.34
C LEU C 38 -27.42 -25.47 6.15
N GLU C 39 -28.49 -25.22 6.91
CA GLU C 39 -29.22 -23.94 6.87
C GLU C 39 -28.25 -22.84 7.29
N ALA C 40 -27.61 -22.99 8.44
CA ALA C 40 -26.60 -22.04 8.94
C ALA C 40 -25.53 -21.85 7.86
N ALA C 41 -25.09 -22.92 7.19
CA ALA C 41 -24.03 -22.84 6.15
C ALA C 41 -24.48 -22.02 4.93
N GLU C 42 -25.74 -22.23 4.50
CA GLU C 42 -26.34 -21.46 3.39
C GLU C 42 -26.42 -20.00 3.81
N LYS C 43 -26.87 -19.70 5.04
CA LYS C 43 -27.06 -18.28 5.46
C LYS C 43 -25.69 -17.60 5.53
N LEU C 44 -24.71 -18.21 6.22
CA LEU C 44 -23.34 -17.65 6.35
C LEU C 44 -22.68 -17.57 4.97
N GLY C 45 -22.81 -18.60 4.15
CA GLY C 45 -22.22 -18.61 2.80
C GLY C 45 -22.75 -17.46 1.95
N ALA C 46 -24.06 -17.19 2.01
CA ALA C 46 -24.73 -16.13 1.21
C ALA C 46 -24.23 -14.73 1.61
N ASN C 47 -23.80 -14.53 2.86
CA ASN C 47 -23.62 -13.16 3.41
C ASN C 47 -22.26 -13.06 4.13
N LEU C 48 -21.26 -13.82 3.67
CA LEU C 48 -19.94 -13.91 4.36
C LEU C 48 -19.32 -12.51 4.51
N ASP C 49 -19.29 -11.76 3.42
CA ASP C 49 -18.64 -10.44 3.32
C ASP C 49 -19.18 -9.49 4.40
N ASN C 50 -20.50 -9.34 4.54
CA ASN C 50 -21.11 -8.38 5.49
C ASN C 50 -20.96 -8.92 6.93
N VAL C 51 -21.08 -10.24 7.15
CA VAL C 51 -20.92 -10.83 8.51
C VAL C 51 -19.50 -10.56 9.02
N ALA C 52 -18.48 -10.89 8.22
CA ALA C 52 -17.05 -10.66 8.55
C ALA C 52 -16.75 -9.16 8.68
N GLN C 53 -17.31 -8.33 7.80
CA GLN C 53 -17.05 -6.87 7.77
C GLN C 53 -17.45 -6.28 9.13
N GLU C 54 -18.63 -6.56 9.65
CA GLU C 54 -19.05 -5.95 10.94
C GLU C 54 -18.22 -6.54 12.08
N ALA C 55 -17.84 -7.83 12.03
CA ALA C 55 -17.00 -8.42 13.10
C ALA C 55 -15.63 -7.72 13.11
N TYR C 56 -15.04 -7.53 11.94
CA TYR C 56 -13.78 -6.78 11.78
C TYR C 56 -13.94 -5.35 12.34
N ASN C 57 -15.02 -4.65 11.96
CA ASN C 57 -15.27 -3.25 12.37
C ASN C 57 -15.37 -3.22 13.91
N ALA C 58 -16.08 -4.18 14.52
CA ALA C 58 -16.25 -4.21 15.99
C ALA C 58 -14.90 -4.37 16.70
N CYS C 59 -13.96 -5.15 16.15
CA CYS C 59 -12.67 -5.42 16.85
C CYS C 59 -11.72 -4.20 16.72
N ILE C 60 -11.73 -3.50 15.60
CA ILE C 60 -10.98 -2.23 15.45
C ILE C 60 -11.61 -1.14 16.32
N GLN C 61 -12.95 -1.09 16.40
CA GLN C 61 -13.68 -0.18 17.34
C GLN C 61 -13.29 -0.43 18.80
N LYS C 62 -13.09 -1.68 19.22
CA LYS C 62 -12.69 -1.97 20.61
C LYS C 62 -11.20 -1.59 20.82
N TYR C 63 -10.36 -1.79 19.81
CA TYR C 63 -8.88 -1.59 19.89
C TYR C 63 -8.42 -0.60 18.84
N PRO C 64 -8.73 0.72 18.99
CA PRO C 64 -8.30 1.71 18.00
C PRO C 64 -6.78 1.96 18.00
N TYR C 65 -6.04 1.56 19.04
CA TYR C 65 -4.55 1.61 19.11
C TYR C 65 -3.93 0.92 17.89
N LEU C 66 -4.59 -0.12 17.36
CA LEU C 66 -4.16 -0.92 16.17
C LEU C 66 -4.03 0.01 14.96
N ASN C 67 -4.72 1.14 14.97
CA ASN C 67 -4.67 2.11 13.84
C ASN C 67 -3.39 2.95 13.89
N ASN C 68 -2.77 3.14 15.06
CA ASN C 68 -1.54 3.97 15.21
C ASN C 68 -0.40 3.38 14.37
N ALA C 69 0.46 4.25 13.85
CA ALA C 69 1.72 3.92 13.16
C ALA C 69 2.43 2.75 13.85
N GLY C 70 2.73 1.69 13.11
CA GLY C 70 3.51 0.53 13.58
C GLY C 70 2.67 -0.56 14.24
N GLU C 71 1.35 -0.36 14.37
CA GLU C 71 0.42 -1.38 14.96
C GLU C 71 -0.24 -2.15 13.81
N ALA C 72 -1.00 -3.21 14.13
CA ALA C 72 -1.33 -4.30 13.16
C ALA C 72 -2.46 -3.90 12.20
N ASN C 73 -3.14 -2.77 12.41
CA ASN C 73 -4.23 -2.30 11.50
C ASN C 73 -3.88 -0.92 10.93
N SER C 74 -2.57 -0.57 10.88
CA SER C 74 -2.05 0.82 10.68
C SER C 74 -1.85 1.18 9.19
N ASN C 75 -1.82 0.22 8.26
CA ASN C 75 -1.69 0.49 6.81
C ASN C 75 -2.81 -0.27 6.07
N ASP C 76 -3.05 0.04 4.79
CA ASP C 76 -4.15 -0.55 3.98
C ASP C 76 -3.87 -2.03 3.67
N THR C 77 -2.60 -2.45 3.56
CA THR C 77 -2.23 -3.89 3.42
C THR C 77 -2.65 -4.67 4.69
N TYR C 78 -2.23 -4.21 5.86
CA TYR C 78 -2.57 -4.76 7.20
C TYR C 78 -4.10 -4.76 7.41
N LYS C 79 -4.76 -3.66 7.05
CA LYS C 79 -6.23 -3.48 7.15
C LYS C 79 -6.90 -4.58 6.34
N ALA C 80 -6.49 -4.75 5.09
CA ALA C 80 -7.05 -5.74 4.16
C ALA C 80 -6.75 -7.16 4.70
N LYS C 81 -5.58 -7.39 5.32
CA LYS C 81 -5.22 -8.76 5.78
C LYS C 81 -6.02 -9.07 7.05
N CYS C 82 -6.30 -8.07 7.90
CA CYS C 82 -7.05 -8.28 9.15
C CYS C 82 -8.48 -8.71 8.83
N LEU C 83 -9.14 -8.02 7.89
CA LEU C 83 -10.52 -8.35 7.44
C LEU C 83 -10.54 -9.72 6.73
N ARG C 84 -9.56 -10.00 5.88
CA ARG C 84 -9.31 -11.32 5.24
C ARG C 84 -9.24 -12.42 6.31
N ASP C 85 -8.47 -12.22 7.37
CA ASP C 85 -8.32 -13.23 8.44
C ASP C 85 -9.69 -13.51 9.08
N VAL C 86 -10.42 -12.49 9.50
CA VAL C 86 -11.79 -12.63 10.06
C VAL C 86 -12.66 -13.44 9.10
N LYS C 87 -12.60 -13.14 7.79
CA LYS C 87 -13.34 -13.83 6.71
C LYS C 87 -12.93 -15.32 6.64
N HIS C 88 -11.62 -15.60 6.78
CA HIS C 88 -11.04 -16.97 6.76
C HIS C 88 -11.70 -17.78 7.88
N TYR C 89 -11.72 -17.23 9.11
CA TYR C 89 -12.31 -17.92 10.29
C TYR C 89 -13.79 -18.19 9.97
N MET C 90 -14.50 -17.18 9.44
CA MET C 90 -15.96 -17.35 9.16
C MET C 90 -16.15 -18.42 8.06
N ARG C 91 -15.28 -18.46 7.06
CA ARG C 91 -15.34 -19.43 5.95
C ARG C 91 -15.16 -20.84 6.52
N LEU C 92 -14.15 -21.02 7.39
CA LEU C 92 -13.81 -22.33 7.97
C LEU C 92 -15.01 -22.77 8.83
N ILE C 93 -15.63 -21.83 9.54
CA ILE C 93 -16.90 -22.09 10.30
C ILE C 93 -17.99 -22.57 9.35
N GLN C 94 -18.16 -21.92 8.21
CA GLN C 94 -19.11 -22.42 7.17
C GLN C 94 -18.76 -23.87 6.82
N TYR C 95 -17.47 -24.18 6.62
CA TYR C 95 -17.04 -25.55 6.25
C TYR C 95 -17.42 -26.51 7.39
N CYS C 96 -17.26 -26.09 8.65
CA CYS C 96 -17.59 -26.94 9.82
C CYS C 96 -19.11 -27.22 9.85
N LEU C 97 -19.94 -26.25 9.43
CA LEU C 97 -21.42 -26.43 9.38
C LEU C 97 -21.81 -27.42 8.28
N VAL C 98 -21.13 -27.36 7.13
CA VAL C 98 -21.34 -28.33 6.01
C VAL C 98 -20.92 -29.72 6.46
N VAL C 99 -19.78 -29.84 7.15
CA VAL C 99 -19.17 -31.17 7.50
C VAL C 99 -19.85 -31.75 8.75
N GLY C 100 -20.37 -30.90 9.66
CA GLY C 100 -20.94 -31.33 10.95
C GLY C 100 -19.88 -31.78 11.92
N GLY C 101 -18.67 -31.23 11.79
CA GLY C 101 -17.54 -31.44 12.71
C GLY C 101 -16.58 -30.27 12.61
N THR C 102 -15.61 -30.21 13.52
CA THR C 102 -14.66 -29.10 13.65
C THR C 102 -13.44 -29.30 12.72
N GLY C 103 -13.31 -30.42 12.01
CA GLY C 103 -12.16 -30.75 11.15
C GLY C 103 -11.59 -29.54 10.40
N PRO C 104 -12.37 -28.87 9.54
CA PRO C 104 -11.86 -27.78 8.71
C PRO C 104 -11.19 -26.68 9.53
N LEU C 105 -11.82 -26.30 10.64
CA LEU C 105 -11.25 -25.26 11.52
C LEU C 105 -9.99 -25.81 12.21
N ASP C 106 -10.04 -27.05 12.73
CA ASP C 106 -8.87 -27.68 13.42
C ASP C 106 -7.66 -27.67 12.49
N GLU C 107 -7.85 -28.09 11.23
CA GLU C 107 -6.71 -28.38 10.33
C GLU C 107 -6.24 -27.07 9.69
N TRP C 108 -7.15 -26.16 9.35
CA TRP C 108 -6.82 -25.04 8.43
C TRP C 108 -6.81 -23.69 9.17
N GLY C 109 -7.39 -23.62 10.36
CA GLY C 109 -7.46 -22.36 11.12
C GLY C 109 -6.68 -22.45 12.43
N ILE C 110 -7.00 -23.43 13.27
CA ILE C 110 -6.45 -23.53 14.65
C ILE C 110 -4.98 -24.01 14.63
N ALA C 111 -4.65 -25.04 13.85
CA ALA C 111 -3.27 -25.59 13.77
C ALA C 111 -2.32 -24.50 13.25
N GLY C 112 -1.38 -24.12 14.11
CA GLY C 112 -0.33 -23.15 13.81
C GLY C 112 -0.69 -21.73 14.19
N GLN C 113 -1.95 -21.46 14.55
CA GLN C 113 -2.42 -20.05 14.68
C GLN C 113 -1.56 -19.31 15.71
N ARG C 114 -1.17 -19.96 16.81
CA ARG C 114 -0.45 -19.29 17.94
C ARG C 114 0.98 -18.98 17.49
N GLU C 115 1.64 -19.90 16.79
CA GLU C 115 3.01 -19.68 16.27
C GLU C 115 2.98 -18.49 15.29
N VAL C 116 1.94 -18.40 14.44
CA VAL C 116 1.85 -17.39 13.36
C VAL C 116 1.69 -16.01 14.01
N TYR C 117 0.72 -15.84 14.93
CA TYR C 117 0.40 -14.54 15.56
C TYR C 117 1.57 -14.09 16.46
N ARG C 118 2.20 -15.01 17.19
CA ARG C 118 3.43 -14.70 17.98
C ARG C 118 4.51 -14.15 17.03
N ALA C 119 4.90 -14.91 15.99
CA ALA C 119 5.99 -14.54 15.06
C ALA C 119 5.74 -13.16 14.43
N LEU C 120 4.50 -12.82 14.09
CA LEU C 120 4.21 -11.54 13.39
C LEU C 120 3.75 -10.47 14.37
N SER C 121 3.81 -10.70 15.68
CA SER C 121 3.38 -9.72 16.71
C SER C 121 1.91 -9.35 16.49
N LEU C 122 1.06 -10.30 16.10
CA LEU C 122 -0.39 -10.00 15.96
C LEU C 122 -1.06 -10.33 17.29
N PRO C 123 -1.61 -9.34 18.03
CA PRO C 123 -2.28 -9.64 19.28
C PRO C 123 -3.54 -10.47 19.02
N THR C 124 -3.88 -11.35 19.97
CA THR C 124 -4.98 -12.33 19.80
C THR C 124 -6.31 -11.68 20.21
N ALA C 125 -6.33 -10.69 21.11
CA ALA C 125 -7.58 -10.13 21.68
C ALA C 125 -8.51 -9.64 20.55
N PRO C 126 -8.01 -8.93 19.51
CA PRO C 126 -8.88 -8.47 18.42
C PRO C 126 -9.52 -9.63 17.60
N TYR C 127 -8.80 -10.76 17.47
CA TYR C 127 -9.35 -11.98 16.84
C TYR C 127 -10.51 -12.49 17.72
N VAL C 128 -10.29 -12.53 19.03
CA VAL C 128 -11.33 -12.97 20.01
C VAL C 128 -12.53 -12.00 19.97
N GLU C 129 -12.27 -10.69 19.91
CA GLU C 129 -13.34 -9.67 19.88
C GLU C 129 -14.12 -9.78 18.55
N ALA C 130 -13.47 -10.01 17.41
CA ALA C 130 -14.21 -10.21 16.14
C ALA C 130 -15.14 -11.41 16.32
N LEU C 131 -14.62 -12.55 16.78
CA LEU C 131 -15.46 -13.77 16.88
C LEU C 131 -16.54 -13.57 17.96
N SER C 132 -16.20 -12.89 19.04
CA SER C 132 -17.08 -12.70 20.20
C SER C 132 -18.29 -11.85 19.77
N PHE C 133 -18.06 -10.78 19.02
CA PHE C 133 -19.12 -9.95 18.40
C PHE C 133 -19.99 -10.84 17.54
N ALA C 134 -19.41 -11.65 16.65
CA ALA C 134 -20.19 -12.50 15.71
C ALA C 134 -21.07 -13.45 16.53
N ARG C 135 -20.55 -13.96 17.66
CA ARG C 135 -21.22 -14.87 18.63
C ARG C 135 -22.41 -14.18 19.31
N ASN C 136 -22.27 -12.91 19.72
CA ASN C 136 -23.36 -12.18 20.43
C ASN C 136 -24.38 -11.62 19.43
N ARG C 137 -24.07 -11.55 18.13
CA ARG C 137 -24.80 -10.73 17.12
C ARG C 137 -26.09 -11.43 16.64
N GLY C 138 -26.02 -12.74 16.37
CA GLY C 138 -27.09 -13.44 15.64
C GLY C 138 -28.31 -13.64 16.52
N CYS C 139 -29.50 -13.61 15.96
CA CYS C 139 -30.73 -14.07 16.65
C CYS C 139 -31.65 -14.79 15.65
N ALA C 140 -32.46 -15.69 16.22
CA ALA C 140 -33.36 -16.57 15.46
C ALA C 140 -34.78 -16.18 15.80
N PRO C 141 -35.72 -16.24 14.84
CA PRO C 141 -35.43 -16.68 13.47
C PRO C 141 -34.94 -15.62 12.46
N ARG C 142 -34.65 -14.38 12.87
CA ARG C 142 -34.32 -13.28 11.92
C ARG C 142 -33.23 -13.75 10.93
N ASP C 143 -32.15 -14.33 11.44
CA ASP C 143 -30.89 -14.55 10.69
C ASP C 143 -30.85 -15.99 10.16
N MET C 144 -31.49 -16.90 10.89
CA MET C 144 -31.56 -18.36 10.60
C MET C 144 -32.46 -18.96 11.68
N SER C 145 -32.90 -20.21 11.56
CA SER C 145 -33.73 -20.92 12.57
C SER C 145 -32.96 -21.04 13.88
N ALA C 146 -33.67 -21.26 14.98
CA ALA C 146 -33.05 -21.37 16.31
C ALA C 146 -31.95 -22.44 16.29
N GLN C 147 -32.19 -23.63 15.74
CA GLN C 147 -31.19 -24.74 15.85
C GLN C 147 -29.99 -24.47 14.92
N ALA C 148 -30.23 -23.84 13.77
CA ALA C 148 -29.17 -23.30 12.90
C ALA C 148 -28.24 -22.37 13.70
N LEU C 149 -28.81 -21.48 14.52
CA LEU C 149 -28.07 -20.46 15.29
C LEU C 149 -27.28 -21.15 16.43
N VAL C 150 -27.84 -22.21 17.03
CA VAL C 150 -27.11 -23.00 18.06
C VAL C 150 -25.80 -23.54 17.43
N GLU C 151 -25.86 -24.07 16.20
CA GLU C 151 -24.69 -24.67 15.48
C GLU C 151 -23.68 -23.57 15.12
N TYR C 152 -24.17 -22.45 14.61
CA TYR C 152 -23.33 -21.30 14.21
C TYR C 152 -22.56 -20.83 15.44
N ASN C 153 -23.31 -20.59 16.53
CA ASN C 153 -22.77 -20.06 17.82
C ASN C 153 -21.75 -21.05 18.43
N ALA C 154 -22.02 -22.36 18.36
CA ALA C 154 -21.13 -23.37 18.97
C ALA C 154 -19.76 -23.31 18.30
N LEU C 155 -19.74 -23.08 17.00
CA LEU C 155 -18.48 -23.13 16.23
C LEU C 155 -17.71 -21.84 16.46
N LEU C 156 -18.40 -20.70 16.65
CA LEU C 156 -17.75 -19.42 17.04
C LEU C 156 -17.15 -19.59 18.44
N ASP C 157 -17.91 -20.19 19.38
CA ASP C 157 -17.39 -20.45 20.75
C ASP C 157 -16.17 -21.37 20.65
N TYR C 158 -16.20 -22.38 19.78
CA TYR C 158 -15.06 -23.33 19.61
C TYR C 158 -13.84 -22.52 19.19
N ALA C 159 -13.99 -21.69 18.15
CA ALA C 159 -12.92 -20.79 17.68
C ALA C 159 -12.45 -19.89 18.84
N ILE C 160 -13.37 -19.27 19.57
CA ILE C 160 -13.01 -18.36 20.70
C ILE C 160 -12.14 -19.14 21.71
N ASN C 161 -12.57 -20.35 22.07
CA ASN C 161 -11.92 -21.24 23.05
C ASN C 161 -10.49 -21.55 22.57
N SER C 162 -10.28 -21.77 21.26
CA SER C 162 -8.96 -22.09 20.65
C SER C 162 -7.97 -20.93 20.85
N LEU C 163 -8.46 -19.70 20.96
CA LEU C 163 -7.60 -18.49 21.09
C LEU C 163 -7.56 -17.99 22.53
N SER C 164 -8.40 -18.56 23.40
CA SER C 164 -8.60 -18.18 24.83
C SER C 164 -8.07 -19.27 25.75
N MET D 1 8.93 -12.36 -20.57
CA MET D 1 10.11 -13.14 -20.92
C MET D 1 9.87 -13.74 -22.32
N LYS D 2 10.53 -13.21 -23.35
CA LYS D 2 10.25 -13.63 -24.75
C LYS D 2 10.58 -15.12 -25.00
N SER D 3 9.54 -15.85 -25.40
CA SER D 3 9.53 -17.25 -25.87
C SER D 3 8.52 -17.32 -27.02
N VAL D 4 8.37 -18.48 -27.66
CA VAL D 4 7.33 -18.72 -28.71
C VAL D 4 5.94 -18.38 -28.13
N VAL D 5 5.61 -18.93 -26.96
CA VAL D 5 4.21 -18.86 -26.47
C VAL D 5 3.96 -17.47 -25.89
N THR D 6 4.94 -16.84 -25.24
CA THR D 6 4.68 -15.49 -24.67
C THR D 6 4.54 -14.47 -25.82
N THR D 7 5.28 -14.60 -26.93
CA THR D 7 5.16 -13.69 -28.09
C THR D 7 3.74 -13.82 -28.66
N VAL D 8 3.20 -15.03 -28.83
CA VAL D 8 1.89 -15.18 -29.54
C VAL D 8 0.79 -14.74 -28.57
N ILE D 9 0.97 -14.96 -27.28
CA ILE D 9 -0.06 -14.55 -26.26
C ILE D 9 -0.09 -13.02 -26.21
N ALA D 10 1.06 -12.35 -26.16
CA ALA D 10 1.13 -10.87 -26.15
C ALA D 10 0.50 -10.29 -27.42
N ALA D 11 0.69 -10.91 -28.59
CA ALA D 11 0.14 -10.39 -29.87
C ALA D 11 -1.37 -10.59 -29.84
N ALA D 12 -1.80 -11.72 -29.30
CA ALA D 12 -3.23 -12.08 -29.20
C ALA D 12 -3.92 -11.08 -28.26
N ASP D 13 -3.28 -10.83 -27.14
CA ASP D 13 -3.84 -9.96 -26.06
C ASP D 13 -3.93 -8.52 -26.59
N ALA D 14 -2.92 -8.02 -27.29
CA ALA D 14 -2.91 -6.64 -27.86
C ALA D 14 -4.09 -6.50 -28.83
N ALA D 15 -4.55 -7.59 -29.46
CA ALA D 15 -5.69 -7.58 -30.39
C ALA D 15 -6.98 -8.07 -29.71
N GLY D 16 -7.00 -8.32 -28.40
CA GLY D 16 -8.19 -8.86 -27.72
C GLY D 16 -8.60 -10.25 -28.21
N ARG D 17 -7.68 -11.08 -28.70
CA ARG D 17 -8.04 -12.37 -29.35
C ARG D 17 -7.84 -13.55 -28.39
N PHE D 18 -8.76 -14.51 -28.46
CA PHE D 18 -8.49 -15.90 -28.05
C PHE D 18 -7.33 -16.46 -28.90
N PRO D 19 -6.57 -17.43 -28.34
CA PRO D 19 -5.61 -18.19 -29.13
C PRO D 19 -6.37 -18.75 -30.33
N SER D 20 -5.76 -18.68 -31.49
CA SER D 20 -6.31 -19.14 -32.80
C SER D 20 -5.26 -20.00 -33.51
N SER D 21 -5.55 -20.41 -34.74
CA SER D 21 -4.78 -21.46 -35.47
C SER D 21 -3.29 -21.11 -35.52
N SER D 22 -2.92 -19.85 -35.77
CA SER D 22 -1.49 -19.48 -35.98
C SER D 22 -0.77 -19.57 -34.62
N ASP D 23 -1.48 -19.38 -33.51
CA ASP D 23 -0.85 -19.48 -32.17
C ASP D 23 -0.57 -20.94 -31.80
N LEU D 24 -1.51 -21.85 -32.02
CA LEU D 24 -1.29 -23.30 -31.75
C LEU D 24 -0.16 -23.80 -32.66
N GLU D 25 -0.17 -23.34 -33.91
CA GLU D 25 0.82 -23.79 -34.91
C GLU D 25 2.22 -23.30 -34.47
N SER D 26 2.33 -22.10 -33.91
CA SER D 26 3.62 -21.54 -33.43
C SER D 26 4.17 -22.47 -32.34
N VAL D 27 3.30 -22.80 -31.38
CA VAL D 27 3.66 -23.64 -30.20
C VAL D 27 4.00 -25.06 -30.69
N GLN D 28 3.40 -25.57 -31.77
CA GLN D 28 3.87 -26.87 -32.35
C GLN D 28 5.36 -26.75 -32.72
N GLY D 29 5.83 -25.58 -33.16
CA GLY D 29 7.25 -25.32 -33.46
C GLY D 29 8.13 -25.57 -32.25
N SER D 30 7.67 -25.18 -31.05
CA SER D 30 8.37 -25.42 -29.76
C SER D 30 8.42 -26.92 -29.47
N ILE D 31 7.32 -27.62 -29.69
CA ILE D 31 7.29 -29.11 -29.54
C ILE D 31 8.36 -29.73 -30.44
N GLN D 32 8.47 -29.32 -31.69
CA GLN D 32 9.42 -29.92 -32.66
C GLN D 32 10.87 -29.54 -32.32
N ARG D 33 11.13 -28.25 -32.12
CA ARG D 33 12.51 -27.72 -31.98
C ARG D 33 13.06 -28.07 -30.60
N SER D 34 12.18 -28.42 -29.63
CA SER D 34 12.56 -28.60 -28.21
C SER D 34 13.67 -29.66 -28.07
N ALA D 35 13.68 -30.68 -28.92
CA ALA D 35 14.61 -31.82 -28.72
C ALA D 35 16.05 -31.32 -28.92
N ALA D 36 16.29 -30.51 -29.94
CA ALA D 36 17.62 -29.94 -30.25
C ALA D 36 18.08 -29.01 -29.11
N ARG D 37 17.23 -28.06 -28.70
CA ARG D 37 17.66 -27.04 -27.73
C ARG D 37 17.77 -27.61 -26.30
N LEU D 38 16.94 -28.58 -25.92
CA LEU D 38 17.02 -29.18 -24.55
C LEU D 38 18.24 -30.08 -24.51
N GLU D 39 18.57 -30.75 -25.61
CA GLU D 39 19.86 -31.50 -25.70
C GLU D 39 21.01 -30.52 -25.42
N ALA D 40 21.06 -29.39 -26.12
CA ALA D 40 22.10 -28.35 -25.89
C ALA D 40 22.05 -27.90 -24.43
N ALA D 41 20.85 -27.69 -23.88
CA ALA D 41 20.62 -27.26 -22.49
C ALA D 41 21.28 -28.25 -21.51
N GLU D 42 21.15 -29.54 -21.78
CA GLU D 42 21.67 -30.64 -20.92
C GLU D 42 23.19 -30.70 -21.07
N LYS D 43 23.70 -30.65 -22.29
CA LYS D 43 25.17 -30.70 -22.50
C LYS D 43 25.79 -29.51 -21.75
N LEU D 44 25.25 -28.30 -21.91
CA LEU D 44 25.79 -27.05 -21.32
C LEU D 44 25.63 -27.08 -19.80
N GLY D 45 24.43 -27.45 -19.33
CA GLY D 45 24.14 -27.71 -17.91
C GLY D 45 25.17 -28.64 -17.23
N ALA D 46 25.54 -29.74 -17.87
CA ALA D 46 26.48 -30.75 -17.31
C ALA D 46 27.91 -30.19 -17.20
N ASN D 47 28.35 -29.25 -18.07
CA ASN D 47 29.79 -28.93 -18.22
C ASN D 47 30.01 -27.41 -18.21
N LEU D 48 29.17 -26.66 -17.51
CA LEU D 48 29.20 -25.19 -17.63
C LEU D 48 30.55 -24.66 -17.11
N ASP D 49 31.07 -25.16 -15.98
CA ASP D 49 32.33 -24.62 -15.40
C ASP D 49 33.46 -24.75 -16.42
N ASN D 50 33.63 -25.94 -17.01
CA ASN D 50 34.72 -26.24 -17.99
C ASN D 50 34.51 -25.42 -19.27
N VAL D 51 33.26 -25.30 -19.75
CA VAL D 51 32.94 -24.55 -21.01
C VAL D 51 33.29 -23.07 -20.83
N ALA D 52 32.88 -22.47 -19.71
CA ALA D 52 33.13 -21.06 -19.34
C ALA D 52 34.64 -20.82 -19.10
N GLN D 53 35.29 -21.74 -18.36
CA GLN D 53 36.72 -21.67 -17.99
C GLN D 53 37.58 -21.52 -19.26
N GLU D 54 37.34 -22.34 -20.29
CA GLU D 54 38.20 -22.28 -21.50
C GLU D 54 37.91 -20.98 -22.30
N ALA D 55 36.66 -20.53 -22.31
CA ALA D 55 36.22 -19.25 -22.92
C ALA D 55 36.95 -18.08 -22.28
N TYR D 56 36.94 -18.06 -20.94
CA TYR D 56 37.66 -17.09 -20.08
C TYR D 56 39.17 -17.23 -20.33
N ASN D 57 39.69 -18.45 -20.33
CA ASN D 57 41.14 -18.64 -20.62
C ASN D 57 41.47 -17.99 -21.98
N ALA D 58 40.60 -18.13 -22.98
CA ALA D 58 40.90 -17.71 -24.36
C ALA D 58 40.88 -16.17 -24.45
N CYS D 59 40.02 -15.52 -23.66
CA CYS D 59 39.89 -14.05 -23.76
C CYS D 59 41.09 -13.41 -23.05
N ILE D 60 41.58 -14.01 -21.95
CA ILE D 60 42.80 -13.52 -21.24
C ILE D 60 44.03 -13.75 -22.14
N GLN D 61 44.09 -14.88 -22.84
CA GLN D 61 45.17 -15.20 -23.80
C GLN D 61 45.16 -14.20 -24.94
N LYS D 62 44.00 -13.78 -25.45
CA LYS D 62 43.99 -12.73 -26.50
C LYS D 62 44.47 -11.37 -25.95
N TYR D 63 44.15 -11.05 -24.69
CA TYR D 63 44.37 -9.68 -24.11
C TYR D 63 45.13 -9.77 -22.81
N PRO D 64 46.39 -10.26 -22.84
CA PRO D 64 47.25 -10.30 -21.66
C PRO D 64 47.50 -8.94 -20.98
N TYR D 65 47.30 -7.82 -21.67
CA TYR D 65 47.34 -6.46 -21.05
C TYR D 65 46.40 -6.41 -19.83
N LEU D 66 45.29 -7.19 -19.86
CA LEU D 66 44.28 -7.26 -18.76
C LEU D 66 44.98 -7.67 -17.47
N ASN D 67 46.12 -8.36 -17.58
CA ASN D 67 46.88 -8.83 -16.38
C ASN D 67 47.71 -7.70 -15.76
N ASN D 68 48.06 -6.64 -16.48
CA ASN D 68 48.99 -5.59 -15.94
C ASN D 68 48.31 -4.81 -14.81
N ALA D 69 49.08 -4.30 -13.84
CA ALA D 69 48.59 -3.56 -12.65
C ALA D 69 47.59 -2.49 -13.11
N GLY D 70 46.42 -2.44 -12.50
CA GLY D 70 45.35 -1.48 -12.83
C GLY D 70 44.39 -1.96 -13.90
N GLU D 71 44.69 -3.04 -14.65
CA GLU D 71 43.79 -3.53 -15.73
C GLU D 71 42.78 -4.54 -15.15
N ALA D 72 41.75 -4.91 -15.89
CA ALA D 72 40.51 -5.57 -15.38
C ALA D 72 40.71 -7.04 -14.98
N ASN D 73 41.87 -7.64 -15.22
CA ASN D 73 42.14 -9.04 -14.81
C ASN D 73 43.42 -9.08 -13.95
N SER D 74 43.74 -7.96 -13.26
CA SER D 74 45.08 -7.68 -12.68
C SER D 74 45.18 -8.17 -11.22
N ASN D 75 44.08 -8.51 -10.54
CA ASN D 75 44.08 -9.01 -9.14
C ASN D 75 43.12 -10.19 -9.04
N ASP D 76 43.15 -10.96 -7.95
CA ASP D 76 42.38 -12.23 -7.81
C ASP D 76 40.87 -11.98 -7.70
N THR D 77 40.44 -10.82 -7.21
CA THR D 77 39.01 -10.46 -7.14
C THR D 77 38.51 -10.20 -8.57
N TYR D 78 39.27 -9.44 -9.36
CA TYR D 78 38.95 -9.12 -10.78
C TYR D 78 38.95 -10.41 -11.63
N LYS D 79 39.95 -11.29 -11.44
CA LYS D 79 40.07 -12.59 -12.17
C LYS D 79 38.81 -13.44 -11.90
N ALA D 80 38.44 -13.55 -10.63
CA ALA D 80 37.27 -14.32 -10.18
C ALA D 80 36.00 -13.71 -10.76
N LYS D 81 35.86 -12.38 -10.77
CA LYS D 81 34.62 -11.72 -11.31
C LYS D 81 34.55 -11.88 -12.83
N CYS D 82 35.69 -11.82 -13.52
CA CYS D 82 35.74 -11.97 -14.99
C CYS D 82 35.29 -13.39 -15.40
N LEU D 83 35.85 -14.44 -14.77
CA LEU D 83 35.41 -15.85 -14.98
C LEU D 83 33.91 -15.94 -14.64
N ARG D 84 33.50 -15.35 -13.51
CA ARG D 84 32.08 -15.39 -13.06
C ARG D 84 31.19 -14.79 -14.16
N ASP D 85 31.55 -13.63 -14.71
CA ASP D 85 30.76 -12.96 -15.78
C ASP D 85 30.54 -13.91 -16.96
N VAL D 86 31.58 -14.59 -17.41
CA VAL D 86 31.51 -15.52 -18.57
C VAL D 86 30.56 -16.67 -18.23
N LYS D 87 30.71 -17.26 -17.04
CA LYS D 87 29.77 -18.28 -16.50
C LYS D 87 28.34 -17.74 -16.49
N HIS D 88 28.15 -16.48 -16.07
CA HIS D 88 26.81 -15.81 -16.05
C HIS D 88 26.24 -15.81 -17.48
N TYR D 89 26.98 -15.31 -18.48
CA TYR D 89 26.51 -15.34 -19.89
C TYR D 89 26.20 -16.78 -20.30
N MET D 90 27.08 -17.75 -20.02
CA MET D 90 26.81 -19.16 -20.45
C MET D 90 25.53 -19.70 -19.75
N ARG D 91 25.30 -19.32 -18.50
CA ARG D 91 24.13 -19.77 -17.70
C ARG D 91 22.84 -19.20 -18.33
N LEU D 92 22.85 -17.93 -18.73
CA LEU D 92 21.74 -17.25 -19.43
C LEU D 92 21.51 -17.92 -20.79
N ILE D 93 22.55 -18.37 -21.47
CA ILE D 93 22.35 -19.11 -22.74
C ILE D 93 21.67 -20.45 -22.46
N GLN D 94 22.10 -21.18 -21.42
CA GLN D 94 21.41 -22.41 -21.04
C GLN D 94 19.92 -22.10 -20.82
N TYR D 95 19.61 -21.00 -20.15
CA TYR D 95 18.21 -20.60 -19.84
C TYR D 95 17.46 -20.34 -21.15
N CYS D 96 18.14 -19.71 -22.11
CA CYS D 96 17.53 -19.41 -23.43
C CYS D 96 17.21 -20.73 -24.12
N LEU D 97 18.05 -21.74 -23.95
CA LEU D 97 17.85 -23.04 -24.60
C LEU D 97 16.64 -23.70 -23.97
N VAL D 98 16.48 -23.53 -22.66
CA VAL D 98 15.35 -24.14 -21.91
C VAL D 98 14.05 -23.49 -22.39
N VAL D 99 14.06 -22.17 -22.56
CA VAL D 99 12.83 -21.35 -22.79
C VAL D 99 12.47 -21.33 -24.29
N GLY D 100 13.47 -21.41 -25.16
CA GLY D 100 13.28 -21.42 -26.63
C GLY D 100 13.12 -20.00 -27.14
N GLY D 101 13.49 -19.02 -26.34
CA GLY D 101 13.60 -17.61 -26.78
C GLY D 101 14.73 -16.93 -26.05
N THR D 102 14.98 -15.68 -26.38
CA THR D 102 16.11 -14.89 -25.84
C THR D 102 15.77 -14.22 -24.51
N GLY D 103 14.53 -14.34 -24.01
CA GLY D 103 14.08 -13.60 -22.82
C GLY D 103 15.14 -13.53 -21.70
N PRO D 104 15.63 -14.69 -21.22
CA PRO D 104 16.57 -14.72 -20.09
C PRO D 104 17.82 -13.88 -20.33
N LEU D 105 18.38 -14.00 -21.54
CA LEU D 105 19.57 -13.22 -21.94
C LEU D 105 19.18 -11.75 -22.04
N ASP D 106 18.04 -11.42 -22.64
CA ASP D 106 17.67 -10.01 -22.88
C ASP D 106 17.50 -9.31 -21.53
N GLU D 107 16.80 -9.96 -20.60
CA GLU D 107 16.38 -9.30 -19.32
C GLU D 107 17.50 -9.30 -18.28
N TRP D 108 18.29 -10.38 -18.20
CA TRP D 108 19.31 -10.59 -17.13
C TRP D 108 20.76 -10.42 -17.61
N GLY D 109 21.03 -10.45 -18.92
CA GLY D 109 22.40 -10.23 -19.43
C GLY D 109 22.57 -8.87 -20.11
N ILE D 110 21.79 -8.63 -21.13
CA ILE D 110 22.01 -7.52 -22.10
C ILE D 110 21.50 -6.22 -21.49
N ALA D 111 20.31 -6.19 -20.92
CA ALA D 111 19.72 -4.94 -20.37
C ALA D 111 20.72 -4.34 -19.37
N GLY D 112 21.21 -3.12 -19.64
CA GLY D 112 22.14 -2.41 -18.74
C GLY D 112 23.60 -2.82 -18.87
N GLN D 113 23.96 -3.86 -19.64
CA GLN D 113 25.37 -4.38 -19.76
C GLN D 113 26.32 -3.26 -20.16
N ARG D 114 25.91 -2.42 -21.13
CA ARG D 114 26.79 -1.32 -21.65
C ARG D 114 27.02 -0.25 -20.58
N GLU D 115 25.98 0.10 -19.81
CA GLU D 115 26.09 1.16 -18.77
C GLU D 115 27.07 0.64 -17.70
N VAL D 116 26.90 -0.63 -17.29
CA VAL D 116 27.74 -1.27 -16.24
C VAL D 116 29.20 -1.27 -16.73
N TYR D 117 29.48 -1.77 -17.94
CA TYR D 117 30.89 -1.93 -18.37
C TYR D 117 31.51 -0.54 -18.57
N ARG D 118 30.74 0.41 -19.10
CA ARG D 118 31.19 1.82 -19.27
C ARG D 118 31.60 2.37 -17.90
N ALA D 119 30.73 2.24 -16.88
CA ALA D 119 30.91 2.79 -15.52
C ALA D 119 32.17 2.22 -14.86
N LEU D 120 32.44 0.92 -15.05
CA LEU D 120 33.57 0.27 -14.36
C LEU D 120 34.80 0.18 -15.27
N SER D 121 34.77 0.84 -16.42
CA SER D 121 35.89 0.78 -17.40
C SER D 121 36.23 -0.67 -17.75
N LEU D 122 35.25 -1.54 -17.91
CA LEU D 122 35.48 -2.95 -18.34
C LEU D 122 35.41 -2.94 -19.84
N PRO D 123 36.50 -3.26 -20.57
CA PRO D 123 36.45 -3.30 -22.02
C PRO D 123 35.52 -4.43 -22.47
N THR D 124 34.84 -4.25 -23.59
CA THR D 124 33.85 -5.21 -24.10
C THR D 124 34.53 -6.30 -24.94
N ALA D 125 35.66 -6.00 -25.57
CA ALA D 125 36.30 -6.93 -26.53
C ALA D 125 36.63 -8.26 -25.85
N PRO D 126 37.10 -8.29 -24.59
CA PRO D 126 37.33 -9.58 -23.92
C PRO D 126 36.03 -10.40 -23.75
N TYR D 127 34.91 -9.77 -23.41
CA TYR D 127 33.59 -10.46 -23.33
C TYR D 127 33.29 -11.08 -24.70
N VAL D 128 33.48 -10.27 -25.76
CA VAL D 128 33.20 -10.71 -27.15
C VAL D 128 34.11 -11.91 -27.49
N GLU D 129 35.39 -11.83 -27.12
CA GLU D 129 36.38 -12.91 -27.40
C GLU D 129 35.98 -14.17 -26.62
N ALA D 130 35.52 -14.04 -25.38
CA ALA D 130 35.11 -15.25 -24.62
C ALA D 130 33.96 -15.93 -25.36
N LEU D 131 32.93 -15.18 -25.73
CA LEU D 131 31.75 -15.78 -26.41
C LEU D 131 32.18 -16.26 -27.80
N SER D 132 33.09 -15.54 -28.45
CA SER D 132 33.54 -15.86 -29.84
C SER D 132 34.25 -17.22 -29.82
N PHE D 133 35.17 -17.41 -28.87
CA PHE D 133 35.84 -18.70 -28.64
C PHE D 133 34.75 -19.79 -28.50
N ALA D 134 33.84 -19.63 -27.55
CA ALA D 134 32.76 -20.61 -27.27
C ALA D 134 31.98 -20.92 -28.57
N ARG D 135 31.72 -19.92 -29.40
CA ARG D 135 30.95 -20.06 -30.68
C ARG D 135 31.72 -20.90 -31.72
N ASN D 136 33.05 -20.75 -31.81
CA ASN D 136 33.87 -21.42 -32.85
C ASN D 136 34.26 -22.83 -32.39
N ARG D 137 34.00 -23.17 -31.13
CA ARG D 137 34.61 -24.29 -30.39
C ARG D 137 33.85 -25.61 -30.62
N GLY D 138 32.52 -25.58 -30.53
CA GLY D 138 31.72 -26.82 -30.54
C GLY D 138 31.75 -27.48 -31.89
N CYS D 139 31.64 -28.80 -31.93
CA CYS D 139 31.34 -29.52 -33.19
C CYS D 139 30.45 -30.74 -32.92
N ALA D 140 29.64 -31.13 -33.89
CA ALA D 140 28.82 -32.36 -33.81
C ALA D 140 29.42 -33.41 -34.72
N PRO D 141 29.31 -34.72 -34.37
CA PRO D 141 28.54 -35.16 -33.20
C PRO D 141 29.29 -35.18 -31.87
N ARG D 142 30.55 -34.73 -31.83
CA ARG D 142 31.42 -34.87 -30.64
C ARG D 142 30.74 -34.30 -29.40
N ASP D 143 30.30 -33.04 -29.43
CA ASP D 143 29.82 -32.30 -28.22
C ASP D 143 28.31 -32.48 -28.01
N MET D 144 27.55 -32.66 -29.08
CA MET D 144 26.06 -32.71 -29.13
C MET D 144 25.65 -33.00 -30.59
N SER D 145 24.38 -33.26 -30.89
CA SER D 145 23.90 -33.45 -32.29
C SER D 145 24.05 -32.14 -33.07
N ALA D 146 23.98 -32.22 -34.40
CA ALA D 146 24.15 -31.06 -35.31
C ALA D 146 23.13 -29.95 -34.98
N GLN D 147 21.86 -30.29 -34.74
CA GLN D 147 20.79 -29.28 -34.56
C GLN D 147 20.89 -28.70 -33.14
N ALA D 148 21.39 -29.49 -32.18
CA ALA D 148 21.69 -28.99 -30.82
C ALA D 148 22.75 -27.89 -30.92
N LEU D 149 23.80 -28.10 -31.73
CA LEU D 149 24.92 -27.16 -31.90
C LEU D 149 24.40 -25.87 -32.53
N VAL D 150 23.55 -26.00 -33.55
CA VAL D 150 22.96 -24.81 -34.25
C VAL D 150 22.25 -23.92 -33.22
N GLU D 151 21.51 -24.51 -32.29
CA GLU D 151 20.79 -23.78 -31.20
C GLU D 151 21.79 -23.10 -30.26
N TYR D 152 22.80 -23.82 -29.80
CA TYR D 152 23.87 -23.32 -28.90
C TYR D 152 24.56 -22.13 -29.62
N ASN D 153 24.89 -22.30 -30.90
CA ASN D 153 25.67 -21.32 -31.71
C ASN D 153 24.83 -20.06 -31.93
N ALA D 154 23.53 -20.18 -32.25
CA ALA D 154 22.67 -18.99 -32.56
C ALA D 154 22.62 -18.05 -31.35
N LEU D 155 22.49 -18.61 -30.14
CA LEU D 155 22.38 -17.85 -28.86
C LEU D 155 23.72 -17.18 -28.50
N LEU D 156 24.85 -17.87 -28.71
CA LEU D 156 26.20 -17.25 -28.58
C LEU D 156 26.32 -16.11 -29.59
N ASP D 157 25.86 -16.31 -30.82
CA ASP D 157 25.89 -15.22 -31.84
C ASP D 157 24.96 -14.08 -31.42
N TYR D 158 23.84 -14.38 -30.75
CA TYR D 158 22.92 -13.32 -30.25
C TYR D 158 23.62 -12.47 -29.17
N ALA D 159 24.25 -13.11 -28.19
CA ALA D 159 25.01 -12.42 -27.11
C ALA D 159 26.16 -11.62 -27.74
N ILE D 160 26.88 -12.22 -28.70
CA ILE D 160 27.97 -11.52 -29.43
C ILE D 160 27.42 -10.23 -30.06
N ASN D 161 26.33 -10.34 -30.81
CA ASN D 161 25.67 -9.23 -31.55
C ASN D 161 25.30 -8.12 -30.54
N SER D 162 24.87 -8.48 -29.33
CA SER D 162 24.43 -7.51 -28.30
C SER D 162 25.60 -6.64 -27.83
N LEU D 163 26.84 -7.15 -27.89
CA LEU D 163 28.07 -6.43 -27.45
C LEU D 163 28.87 -5.86 -28.63
N SER D 164 28.35 -5.91 -29.88
CA SER D 164 29.06 -5.53 -31.14
C SER D 164 28.17 -4.58 -31.93
N MET E 1 -27.62 12.30 -19.59
CA MET E 1 -28.96 11.92 -20.13
C MET E 1 -29.36 13.00 -21.15
N LYS E 2 -29.25 12.70 -22.46
CA LYS E 2 -29.41 13.73 -23.51
C LYS E 2 -30.85 14.26 -23.48
N SER E 3 -30.96 15.58 -23.37
CA SER E 3 -32.20 16.39 -23.43
C SER E 3 -31.81 17.74 -24.01
N VAL E 4 -32.78 18.60 -24.24
CA VAL E 4 -32.50 19.98 -24.67
C VAL E 4 -31.56 20.64 -23.65
N VAL E 5 -31.89 20.55 -22.36
CA VAL E 5 -31.17 21.39 -21.37
C VAL E 5 -29.76 20.82 -21.11
N THR E 6 -29.62 19.50 -21.07
CA THR E 6 -28.31 18.85 -20.78
C THR E 6 -27.38 19.05 -21.97
N THR E 7 -27.89 19.01 -23.21
CA THR E 7 -27.06 19.32 -24.40
C THR E 7 -26.54 20.76 -24.30
N VAL E 8 -27.38 21.77 -23.98
CA VAL E 8 -26.88 23.17 -23.99
C VAL E 8 -25.92 23.36 -22.82
N ILE E 9 -26.13 22.66 -21.69
CA ILE E 9 -25.25 22.79 -20.50
C ILE E 9 -23.88 22.18 -20.83
N ALA E 10 -23.85 20.99 -21.42
CA ALA E 10 -22.60 20.31 -21.86
C ALA E 10 -21.83 21.21 -22.82
N ALA E 11 -22.50 21.82 -23.79
CA ALA E 11 -21.89 22.77 -24.76
C ALA E 11 -21.34 24.01 -24.01
N ALA E 12 -22.10 24.63 -23.11
CA ALA E 12 -21.61 25.78 -22.31
C ALA E 12 -20.39 25.34 -21.46
N ASP E 13 -20.46 24.16 -20.87
CA ASP E 13 -19.38 23.72 -19.94
C ASP E 13 -18.09 23.50 -20.72
N ALA E 14 -18.13 22.86 -21.89
CA ALA E 14 -16.95 22.62 -22.75
C ALA E 14 -16.26 23.95 -23.07
N ALA E 15 -16.99 25.05 -23.17
CA ALA E 15 -16.44 26.36 -23.58
C ALA E 15 -16.23 27.26 -22.34
N GLY E 16 -16.51 26.75 -21.13
CA GLY E 16 -16.41 27.54 -19.88
C GLY E 16 -17.37 28.72 -19.84
N ARG E 17 -18.55 28.62 -20.48
CA ARG E 17 -19.55 29.72 -20.60
C ARG E 17 -20.66 29.57 -19.56
N PHE E 18 -21.09 30.69 -18.97
CA PHE E 18 -22.43 30.83 -18.33
C PHE E 18 -23.49 30.52 -19.39
N PRO E 19 -24.71 30.06 -19.02
CA PRO E 19 -25.81 30.04 -19.97
C PRO E 19 -25.94 31.42 -20.60
N SER E 20 -26.24 31.41 -21.88
CA SER E 20 -26.35 32.62 -22.72
C SER E 20 -27.66 32.53 -23.53
N SER E 21 -27.88 33.49 -24.40
CA SER E 21 -29.17 33.71 -25.07
C SER E 21 -29.59 32.44 -25.83
N SER E 22 -28.68 31.81 -26.58
CA SER E 22 -29.03 30.63 -27.40
C SER E 22 -29.43 29.46 -26.50
N ASP E 23 -28.84 29.37 -25.30
CA ASP E 23 -29.15 28.31 -24.31
C ASP E 23 -30.59 28.44 -23.79
N LEU E 24 -30.99 29.64 -23.39
CA LEU E 24 -32.34 29.96 -22.89
C LEU E 24 -33.35 29.76 -24.04
N GLU E 25 -33.05 30.30 -25.22
CA GLU E 25 -33.90 30.13 -26.42
C GLU E 25 -34.15 28.63 -26.63
N SER E 26 -33.12 27.79 -26.52
CA SER E 26 -33.29 26.32 -26.73
C SER E 26 -34.33 25.77 -25.73
N VAL E 27 -34.19 26.11 -24.44
CA VAL E 27 -35.09 25.58 -23.36
C VAL E 27 -36.50 26.13 -23.56
N GLN E 28 -36.70 27.31 -24.15
CA GLN E 28 -38.05 27.79 -24.55
C GLN E 28 -38.66 26.73 -25.48
N GLY E 29 -37.86 26.12 -26.35
CA GLY E 29 -38.25 25.01 -27.23
C GLY E 29 -38.90 23.85 -26.48
N SER E 30 -38.33 23.42 -25.36
CA SER E 30 -38.87 22.40 -24.44
C SER E 30 -40.22 22.84 -23.90
N ILE E 31 -40.33 24.08 -23.43
CA ILE E 31 -41.61 24.66 -22.95
C ILE E 31 -42.65 24.53 -24.06
N GLN E 32 -42.34 24.87 -25.32
CA GLN E 32 -43.34 24.85 -26.44
C GLN E 32 -43.75 23.41 -26.73
N ARG E 33 -42.81 22.48 -26.71
CA ARG E 33 -43.03 21.13 -27.31
C ARG E 33 -43.51 20.20 -26.20
N SER E 34 -43.41 20.64 -24.95
CA SER E 34 -43.72 19.85 -23.73
C SER E 34 -45.18 19.34 -23.80
N ALA E 35 -46.13 20.16 -24.26
CA ALA E 35 -47.56 19.78 -24.30
C ALA E 35 -47.76 18.57 -25.22
N ALA E 36 -47.20 18.57 -26.43
CA ALA E 36 -47.26 17.41 -27.34
C ALA E 36 -46.71 16.16 -26.65
N ARG E 37 -45.47 16.20 -26.16
CA ARG E 37 -44.78 14.96 -25.73
C ARG E 37 -45.26 14.54 -24.34
N LEU E 38 -45.61 15.48 -23.47
CA LEU E 38 -46.16 15.10 -22.15
C LEU E 38 -47.54 14.46 -22.37
N GLU E 39 -48.32 14.93 -23.35
CA GLU E 39 -49.59 14.24 -23.68
C GLU E 39 -49.29 12.79 -24.09
N ALA E 40 -48.32 12.58 -25.01
CA ALA E 40 -47.92 11.24 -25.51
C ALA E 40 -47.41 10.37 -24.35
N ALA E 41 -46.62 10.97 -23.44
CA ALA E 41 -46.11 10.29 -22.22
C ALA E 41 -47.28 9.75 -21.37
N GLU E 42 -48.31 10.56 -21.11
CA GLU E 42 -49.47 10.20 -20.23
C GLU E 42 -50.22 9.02 -20.86
N LYS E 43 -50.54 9.13 -22.15
CA LYS E 43 -51.37 8.15 -22.88
C LYS E 43 -50.59 6.85 -22.96
N LEU E 44 -49.28 6.92 -23.21
CA LEU E 44 -48.45 5.70 -23.27
C LEU E 44 -48.36 5.13 -21.85
N GLY E 45 -48.17 6.00 -20.84
CA GLY E 45 -48.12 5.63 -19.42
C GLY E 45 -49.36 4.87 -18.97
N ALA E 46 -50.53 5.42 -19.31
CA ALA E 46 -51.85 4.87 -18.92
C ALA E 46 -52.10 3.52 -19.61
N ASN E 47 -51.49 3.23 -20.77
CA ASN E 47 -51.89 2.03 -21.57
C ASN E 47 -50.71 1.17 -22.03
N LEU E 48 -49.59 1.15 -21.30
CA LEU E 48 -48.30 0.57 -21.75
C LEU E 48 -48.44 -0.93 -22.02
N ASP E 49 -49.09 -1.67 -21.12
CA ASP E 49 -49.28 -3.14 -21.25
C ASP E 49 -49.99 -3.47 -22.58
N ASN E 50 -51.13 -2.85 -22.86
CA ASN E 50 -51.95 -3.18 -24.06
C ASN E 50 -51.19 -2.76 -25.33
N VAL E 51 -50.51 -1.61 -25.32
CA VAL E 51 -49.73 -1.13 -26.50
C VAL E 51 -48.60 -2.12 -26.85
N ALA E 52 -47.86 -2.57 -25.84
CA ALA E 52 -46.70 -3.49 -25.98
C ALA E 52 -47.22 -4.88 -26.33
N GLN E 53 -48.33 -5.29 -25.73
CA GLN E 53 -48.95 -6.63 -25.95
C GLN E 53 -49.29 -6.78 -27.44
N GLU E 54 -49.96 -5.81 -28.05
CA GLU E 54 -50.33 -5.98 -29.49
C GLU E 54 -49.10 -5.79 -30.37
N ALA E 55 -48.10 -4.98 -29.99
CA ALA E 55 -46.81 -4.92 -30.74
C ALA E 55 -46.09 -6.26 -30.65
N TYR E 56 -46.01 -6.86 -29.45
CA TYR E 56 -45.39 -8.21 -29.24
C TYR E 56 -46.15 -9.22 -30.12
N ASN E 57 -47.48 -9.22 -30.05
CA ASN E 57 -48.30 -10.17 -30.86
C ASN E 57 -47.93 -9.96 -32.33
N ALA E 58 -47.83 -8.70 -32.80
CA ALA E 58 -47.53 -8.42 -34.22
C ALA E 58 -46.17 -9.05 -34.62
N CYS E 59 -45.16 -9.06 -33.74
CA CYS E 59 -43.82 -9.59 -34.15
C CYS E 59 -43.87 -11.12 -34.23
N ILE E 60 -44.61 -11.78 -33.35
CA ILE E 60 -44.79 -13.26 -33.37
C ILE E 60 -45.66 -13.65 -34.58
N GLN E 61 -46.64 -12.81 -34.95
CA GLN E 61 -47.52 -13.06 -36.12
C GLN E 61 -46.69 -13.05 -37.42
N LYS E 62 -45.73 -12.12 -37.54
CA LYS E 62 -44.83 -12.07 -38.71
C LYS E 62 -43.88 -13.28 -38.71
N TYR E 63 -43.45 -13.73 -37.53
CA TYR E 63 -42.36 -14.72 -37.33
C TYR E 63 -42.85 -15.90 -36.50
N PRO E 64 -43.87 -16.67 -36.95
CA PRO E 64 -44.36 -17.82 -36.17
C PRO E 64 -43.31 -18.89 -35.87
N TYR E 65 -42.24 -18.96 -36.67
CA TYR E 65 -41.14 -19.94 -36.49
C TYR E 65 -40.50 -19.77 -35.09
N LEU E 66 -40.69 -18.61 -34.45
CA LEU E 66 -40.17 -18.40 -33.07
C LEU E 66 -40.89 -19.34 -32.07
N ASN E 67 -42.13 -19.77 -32.37
CA ASN E 67 -42.94 -20.67 -31.49
C ASN E 67 -42.44 -22.12 -31.55
N ASN E 68 -41.57 -22.48 -32.51
CA ASN E 68 -41.06 -23.88 -32.67
C ASN E 68 -39.91 -24.15 -31.70
N ALA E 69 -39.94 -25.33 -31.08
CA ALA E 69 -38.98 -25.78 -30.05
C ALA E 69 -37.57 -25.45 -30.49
N GLY E 70 -36.77 -24.84 -29.61
CA GLY E 70 -35.41 -24.35 -29.93
C GLY E 70 -35.37 -22.84 -30.04
N GLU E 71 -36.38 -22.22 -30.63
CA GLU E 71 -36.36 -20.79 -31.05
C GLU E 71 -36.74 -19.86 -29.88
N ALA E 72 -36.78 -18.54 -30.13
CA ALA E 72 -36.67 -17.51 -29.08
C ALA E 72 -37.99 -17.26 -28.35
N ASN E 73 -39.12 -17.76 -28.86
CA ASN E 73 -40.45 -17.58 -28.25
C ASN E 73 -41.09 -18.94 -27.92
N SER E 74 -40.27 -20.01 -27.80
CA SER E 74 -40.73 -21.42 -27.86
C SER E 74 -41.19 -21.97 -26.49
N ASN E 75 -40.98 -21.24 -25.39
CA ASN E 75 -41.45 -21.68 -24.04
C ASN E 75 -41.96 -20.46 -23.26
N ASP E 76 -42.56 -20.70 -22.10
CA ASP E 76 -43.36 -19.67 -21.38
C ASP E 76 -42.41 -18.63 -20.81
N THR E 77 -41.20 -19.04 -20.42
CA THR E 77 -40.16 -18.12 -19.91
C THR E 77 -39.70 -17.18 -21.04
N TYR E 78 -39.41 -17.74 -22.22
CA TYR E 78 -39.00 -17.01 -23.46
C TYR E 78 -40.12 -16.01 -23.85
N LYS E 79 -41.37 -16.48 -23.89
CA LYS E 79 -42.57 -15.68 -24.23
C LYS E 79 -42.66 -14.48 -23.30
N ALA E 80 -42.57 -14.74 -21.99
CA ALA E 80 -42.69 -13.70 -20.95
C ALA E 80 -41.56 -12.68 -21.14
N LYS E 81 -40.37 -13.15 -21.49
CA LYS E 81 -39.18 -12.26 -21.60
C LYS E 81 -39.26 -11.42 -22.88
N CYS E 82 -39.79 -11.98 -23.96
CA CYS E 82 -40.02 -11.26 -25.23
C CYS E 82 -41.01 -10.10 -25.03
N LEU E 83 -42.19 -10.39 -24.47
CA LEU E 83 -43.21 -9.35 -24.15
C LEU E 83 -42.55 -8.30 -23.25
N ARG E 84 -41.85 -8.74 -22.20
CA ARG E 84 -41.13 -7.88 -21.22
C ARG E 84 -40.19 -6.94 -21.99
N ASP E 85 -39.41 -7.49 -22.93
CA ASP E 85 -38.44 -6.70 -23.73
C ASP E 85 -39.18 -5.59 -24.51
N VAL E 86 -40.29 -5.93 -25.16
CA VAL E 86 -41.12 -4.98 -25.94
C VAL E 86 -41.65 -3.89 -24.99
N LYS E 87 -42.11 -4.30 -23.80
CA LYS E 87 -42.56 -3.37 -22.72
C LYS E 87 -41.40 -2.46 -22.29
N HIS E 88 -40.20 -3.00 -22.08
CA HIS E 88 -38.97 -2.23 -21.75
C HIS E 88 -38.76 -1.11 -22.78
N TYR E 89 -38.74 -1.42 -24.07
CA TYR E 89 -38.52 -0.38 -25.13
C TYR E 89 -39.61 0.70 -25.02
N MET E 90 -40.86 0.28 -24.82
CA MET E 90 -42.01 1.21 -24.81
C MET E 90 -41.90 2.07 -23.54
N ARG E 91 -41.39 1.51 -22.44
CA ARG E 91 -41.23 2.28 -21.18
C ARG E 91 -40.13 3.34 -21.40
N LEU E 92 -39.04 2.97 -22.08
CA LEU E 92 -37.91 3.89 -22.32
C LEU E 92 -38.40 4.98 -23.26
N ILE E 93 -39.26 4.61 -24.23
CA ILE E 93 -39.86 5.60 -25.14
C ILE E 93 -40.70 6.58 -24.29
N GLN E 94 -41.47 6.08 -23.33
CA GLN E 94 -42.27 6.95 -22.41
C GLN E 94 -41.33 7.92 -21.67
N TYR E 95 -40.17 7.43 -21.22
CA TYR E 95 -39.12 8.22 -20.52
C TYR E 95 -38.57 9.30 -21.46
N CYS E 96 -38.32 8.99 -22.74
CA CYS E 96 -37.81 9.97 -23.75
C CYS E 96 -38.85 11.09 -23.95
N LEU E 97 -40.15 10.76 -23.94
CA LEU E 97 -41.25 11.74 -24.10
C LEU E 97 -41.27 12.66 -22.88
N VAL E 98 -41.08 12.10 -21.69
CA VAL E 98 -41.00 12.89 -20.42
C VAL E 98 -39.79 13.85 -20.51
N VAL E 99 -38.64 13.33 -20.93
CA VAL E 99 -37.35 14.08 -20.90
C VAL E 99 -37.25 15.02 -22.13
N GLY E 100 -37.82 14.65 -23.28
CA GLY E 100 -37.71 15.42 -24.53
C GLY E 100 -36.35 15.24 -25.20
N GLY E 101 -35.72 14.09 -25.00
CA GLY E 101 -34.53 13.68 -25.78
C GLY E 101 -34.38 12.20 -25.68
N THR E 102 -33.35 11.65 -26.32
CA THR E 102 -33.20 10.19 -26.51
C THR E 102 -32.38 9.55 -25.39
N GLY E 103 -31.91 10.34 -24.43
CA GLY E 103 -31.10 9.90 -23.27
C GLY E 103 -31.53 8.54 -22.72
N PRO E 104 -32.77 8.39 -22.24
CA PRO E 104 -33.19 7.13 -21.64
C PRO E 104 -33.10 5.92 -22.59
N LEU E 105 -33.50 6.04 -23.86
CA LEU E 105 -33.35 4.95 -24.86
C LEU E 105 -31.84 4.67 -25.07
N ASP E 106 -31.04 5.72 -25.26
CA ASP E 106 -29.58 5.64 -25.60
C ASP E 106 -28.86 4.88 -24.46
N GLU E 107 -29.09 5.28 -23.22
CA GLU E 107 -28.31 4.78 -22.04
C GLU E 107 -28.86 3.41 -21.63
N TRP E 108 -30.19 3.21 -21.62
CA TRP E 108 -30.82 2.07 -20.92
C TRP E 108 -31.31 1.02 -21.92
N GLY E 109 -31.44 1.32 -23.21
CA GLY E 109 -31.96 0.34 -24.19
C GLY E 109 -30.92 -0.05 -25.23
N ILE E 110 -30.37 0.97 -25.90
CA ILE E 110 -29.59 0.87 -27.17
C ILE E 110 -28.17 0.44 -26.84
N ALA E 111 -27.52 1.09 -25.86
CA ALA E 111 -26.15 0.72 -25.42
C ALA E 111 -26.18 -0.75 -25.03
N GLY E 112 -25.38 -1.58 -25.71
CA GLY E 112 -25.17 -3.01 -25.42
C GLY E 112 -26.19 -3.90 -26.12
N GLN E 113 -27.23 -3.35 -26.78
CA GLN E 113 -28.37 -4.17 -27.26
C GLN E 113 -27.85 -5.27 -28.20
N ARG E 114 -26.99 -4.92 -29.14
CA ARG E 114 -26.55 -5.86 -30.20
C ARG E 114 -25.59 -6.89 -29.60
N GLU E 115 -24.72 -6.50 -28.66
CA GLU E 115 -23.86 -7.47 -27.90
C GLU E 115 -24.76 -8.52 -27.21
N VAL E 116 -25.80 -8.08 -26.50
CA VAL E 116 -26.73 -8.97 -25.76
C VAL E 116 -27.40 -9.94 -26.74
N TYR E 117 -28.04 -9.41 -27.78
CA TYR E 117 -28.91 -10.21 -28.68
C TYR E 117 -28.04 -11.19 -29.49
N ARG E 118 -26.82 -10.78 -29.87
CA ARG E 118 -25.78 -11.66 -30.47
C ARG E 118 -25.53 -12.84 -29.53
N ALA E 119 -25.16 -12.54 -28.29
CA ALA E 119 -24.68 -13.52 -27.29
C ALA E 119 -25.79 -14.52 -27.01
N LEU E 120 -27.05 -14.09 -26.91
CA LEU E 120 -28.17 -15.01 -26.61
C LEU E 120 -28.85 -15.46 -27.92
N SER E 121 -28.23 -15.16 -29.06
CA SER E 121 -28.75 -15.54 -30.40
C SER E 121 -30.26 -15.20 -30.46
N LEU E 122 -30.62 -13.97 -30.06
CA LEU E 122 -31.97 -13.41 -30.29
C LEU E 122 -31.95 -12.66 -31.62
N PRO E 123 -32.77 -13.04 -32.63
CA PRO E 123 -32.82 -12.27 -33.87
C PRO E 123 -33.32 -10.83 -33.65
N THR E 124 -32.83 -9.94 -34.50
CA THR E 124 -33.10 -8.47 -34.52
C THR E 124 -34.51 -8.20 -35.09
N ALA E 125 -34.89 -8.92 -36.13
CA ALA E 125 -36.09 -8.59 -36.95
C ALA E 125 -37.36 -8.54 -36.10
N PRO E 126 -37.59 -9.44 -35.12
CA PRO E 126 -38.81 -9.39 -34.31
C PRO E 126 -38.91 -8.11 -33.47
N TYR E 127 -37.80 -7.62 -32.93
CA TYR E 127 -37.72 -6.35 -32.17
C TYR E 127 -38.15 -5.21 -33.10
N VAL E 128 -37.54 -5.15 -34.28
CA VAL E 128 -37.86 -4.18 -35.36
C VAL E 128 -39.37 -4.27 -35.70
N GLU E 129 -39.92 -5.47 -35.91
CA GLU E 129 -41.34 -5.64 -36.32
C GLU E 129 -42.27 -5.18 -35.19
N ALA E 130 -41.90 -5.40 -33.93
CA ALA E 130 -42.73 -4.95 -32.78
C ALA E 130 -42.83 -3.43 -32.82
N LEU E 131 -41.70 -2.76 -32.96
CA LEU E 131 -41.60 -1.27 -32.92
C LEU E 131 -42.22 -0.70 -34.19
N SER E 132 -42.00 -1.39 -35.30
CA SER E 132 -42.49 -0.97 -36.63
C SER E 132 -44.03 -1.02 -36.62
N PHE E 133 -44.61 -2.06 -36.03
CA PHE E 133 -46.08 -2.17 -35.88
C PHE E 133 -46.61 -0.98 -35.05
N ALA E 134 -45.95 -0.71 -33.93
CA ALA E 134 -46.34 0.36 -33.00
C ALA E 134 -46.27 1.70 -33.74
N ARG E 135 -45.23 1.89 -34.58
CA ARG E 135 -45.01 3.12 -35.39
C ARG E 135 -46.18 3.34 -36.37
N ASN E 136 -46.70 2.25 -36.91
CA ASN E 136 -47.65 2.26 -38.05
C ASN E 136 -49.08 2.25 -37.47
N ARG E 137 -49.23 2.02 -36.17
CA ARG E 137 -50.53 1.64 -35.55
C ARG E 137 -51.28 2.90 -35.10
N GLY E 138 -50.58 3.85 -34.48
CA GLY E 138 -51.22 5.03 -33.88
C GLY E 138 -51.92 5.90 -34.91
N CYS E 139 -53.05 6.50 -34.55
CA CYS E 139 -53.56 7.64 -35.37
C CYS E 139 -54.17 8.70 -34.48
N ALA E 140 -54.25 9.91 -35.02
CA ALA E 140 -54.69 11.14 -34.35
C ALA E 140 -55.94 11.60 -35.08
N PRO E 141 -56.98 12.05 -34.36
CA PRO E 141 -56.92 12.21 -32.90
C PRO E 141 -57.38 11.04 -32.01
N ARG E 142 -57.56 9.84 -32.54
CA ARG E 142 -58.11 8.69 -31.76
C ARG E 142 -57.24 8.46 -30.52
N ASP E 143 -55.92 8.37 -30.69
CA ASP E 143 -55.01 7.84 -29.63
C ASP E 143 -54.39 9.00 -28.84
N MET E 144 -54.26 10.18 -29.44
CA MET E 144 -53.61 11.39 -28.83
C MET E 144 -53.64 12.45 -29.93
N SER E 145 -53.25 13.68 -29.65
CA SER E 145 -53.25 14.77 -30.64
C SER E 145 -52.24 14.42 -31.73
N ALA E 146 -52.30 15.15 -32.84
CA ALA E 146 -51.44 14.99 -34.03
C ALA E 146 -49.99 15.13 -33.61
N GLN E 147 -49.67 16.20 -32.87
CA GLN E 147 -48.27 16.56 -32.57
C GLN E 147 -47.73 15.58 -31.51
N ALA E 148 -48.59 15.06 -30.64
CA ALA E 148 -48.24 13.98 -29.68
C ALA E 148 -47.86 12.73 -30.46
N LEU E 149 -48.63 12.38 -31.47
CA LEU E 149 -48.33 11.21 -32.35
C LEU E 149 -46.99 11.41 -33.06
N VAL E 150 -46.70 12.62 -33.51
CA VAL E 150 -45.41 12.95 -34.20
C VAL E 150 -44.24 12.66 -33.25
N GLU E 151 -44.36 13.05 -31.99
CA GLU E 151 -43.33 12.78 -30.96
C GLU E 151 -43.18 11.28 -30.72
N TYR E 152 -44.28 10.57 -30.49
CA TYR E 152 -44.35 9.10 -30.24
C TYR E 152 -43.67 8.37 -31.41
N ASN E 153 -44.08 8.72 -32.62
CA ASN E 153 -43.60 8.08 -33.87
C ASN E 153 -42.08 8.30 -34.02
N ALA E 154 -41.58 9.49 -33.75
CA ALA E 154 -40.16 9.86 -33.98
C ALA E 154 -39.27 9.01 -33.09
N LEU E 155 -39.70 8.78 -31.86
CA LEU E 155 -38.92 7.98 -30.88
C LEU E 155 -39.01 6.49 -31.26
N LEU E 156 -40.16 6.02 -31.76
CA LEU E 156 -40.25 4.63 -32.29
C LEU E 156 -39.27 4.47 -33.47
N ASP E 157 -39.17 5.47 -34.35
CA ASP E 157 -38.31 5.42 -35.55
C ASP E 157 -36.85 5.47 -35.11
N TYR E 158 -36.55 6.27 -34.10
CA TYR E 158 -35.19 6.34 -33.49
C TYR E 158 -34.80 4.94 -33.02
N ALA E 159 -35.67 4.23 -32.29
CA ALA E 159 -35.38 2.87 -31.78
C ALA E 159 -35.22 1.91 -32.99
N ILE E 160 -36.07 2.01 -34.00
CA ILE E 160 -35.98 1.11 -35.18
C ILE E 160 -34.61 1.33 -35.85
N ASN E 161 -34.21 2.60 -36.02
CA ASN E 161 -32.97 3.02 -36.72
C ASN E 161 -31.78 2.45 -35.94
N SER E 162 -31.84 2.44 -34.60
CA SER E 162 -30.75 1.91 -33.73
C SER E 162 -30.55 0.42 -34.02
N LEU E 163 -31.56 -0.29 -34.50
CA LEU E 163 -31.50 -1.77 -34.74
C LEU E 163 -31.45 -2.07 -36.25
N SER E 164 -31.23 -1.06 -37.11
CA SER E 164 -31.31 -1.19 -38.59
C SER E 164 -30.05 -0.57 -39.21
N MET F 1 -17.13 -49.90 27.21
CA MET F 1 -18.28 -50.67 26.69
C MET F 1 -18.82 -49.92 25.47
N LYS F 2 -18.56 -50.43 24.26
CA LYS F 2 -18.81 -49.69 23.01
C LYS F 2 -20.30 -49.33 22.87
N SER F 3 -20.57 -48.02 22.85
CA SER F 3 -21.85 -47.43 22.43
C SER F 3 -21.56 -46.17 21.61
N VAL F 4 -22.58 -45.46 21.14
CA VAL F 4 -22.40 -44.15 20.43
C VAL F 4 -21.55 -43.22 21.30
N VAL F 5 -21.95 -42.98 22.55
CA VAL F 5 -21.34 -41.92 23.38
C VAL F 5 -19.94 -42.34 23.87
N THR F 6 -19.73 -43.62 24.21
CA THR F 6 -18.38 -44.07 24.66
C THR F 6 -17.39 -44.00 23.48
N THR F 7 -17.83 -44.26 22.25
CA THR F 7 -16.95 -44.20 21.06
C THR F 7 -16.51 -42.74 20.86
N VAL F 8 -17.43 -41.77 20.91
CA VAL F 8 -17.04 -40.35 20.69
C VAL F 8 -16.23 -39.85 21.88
N ILE F 9 -16.52 -40.30 23.10
CA ILE F 9 -15.72 -39.84 24.27
C ILE F 9 -14.30 -40.35 24.16
N ALA F 10 -14.12 -41.64 23.86
CA ALA F 10 -12.80 -42.27 23.70
C ALA F 10 -12.03 -41.51 22.62
N ALA F 11 -12.67 -41.23 21.48
CA ALA F 11 -12.03 -40.43 20.40
C ALA F 11 -11.67 -39.03 20.91
N ALA F 12 -12.55 -38.36 21.66
CA ALA F 12 -12.30 -37.01 22.20
C ALA F 12 -11.10 -37.05 23.16
N ASP F 13 -11.09 -38.04 24.06
CA ASP F 13 -10.04 -38.17 25.10
C ASP F 13 -8.67 -38.45 24.44
N ALA F 14 -8.57 -39.34 23.46
CA ALA F 14 -7.28 -39.66 22.80
C ALA F 14 -6.68 -38.37 22.18
N ALA F 15 -7.50 -37.36 21.87
CA ALA F 15 -7.03 -36.08 21.28
C ALA F 15 -7.03 -34.94 22.32
N GLY F 16 -7.32 -35.20 23.58
CA GLY F 16 -7.43 -34.16 24.62
C GLY F 16 -8.54 -33.13 24.36
N ARG F 17 -9.68 -33.52 23.77
CA ARG F 17 -10.76 -32.58 23.33
C ARG F 17 -11.95 -32.62 24.31
N PHE F 18 -12.51 -31.45 24.63
CA PHE F 18 -13.94 -31.31 25.05
C PHE F 18 -14.86 -31.89 23.98
N PRO F 19 -16.06 -32.36 24.40
CA PRO F 19 -17.16 -32.63 23.48
C PRO F 19 -17.32 -31.44 22.52
N SER F 20 -17.47 -31.75 21.24
CA SER F 20 -17.60 -30.76 20.14
C SER F 20 -18.79 -31.18 19.27
N SER F 21 -19.03 -30.41 18.19
N SER F 21 -19.03 -30.41 18.20
CA SER F 21 -20.25 -30.51 17.35
CA SER F 21 -20.23 -30.50 17.34
C SER F 21 -20.53 -31.97 16.98
C SER F 21 -20.53 -31.94 16.94
N SER F 22 -19.53 -32.71 16.45
CA SER F 22 -19.75 -34.07 15.90
C SER F 22 -20.11 -35.07 17.02
N ASP F 23 -19.66 -34.81 18.24
CA ASP F 23 -19.96 -35.65 19.43
C ASP F 23 -21.44 -35.47 19.78
N LEU F 24 -21.93 -34.23 19.86
CA LEU F 24 -23.36 -33.95 20.17
C LEU F 24 -24.23 -34.53 19.06
N GLU F 25 -23.81 -34.37 17.80
CA GLU F 25 -24.60 -34.78 16.61
C GLU F 25 -24.72 -36.30 16.65
N SER F 26 -23.63 -37.00 17.00
CA SER F 26 -23.59 -38.48 17.10
C SER F 26 -24.70 -38.93 18.07
N VAL F 27 -24.77 -38.28 19.23
CA VAL F 27 -25.68 -38.63 20.36
C VAL F 27 -27.13 -38.32 19.93
N GLN F 28 -27.37 -37.28 19.14
CA GLN F 28 -28.73 -37.05 18.57
C GLN F 28 -29.15 -38.31 17.81
N GLY F 29 -28.19 -39.03 17.23
CA GLY F 29 -28.45 -40.30 16.54
C GLY F 29 -29.04 -41.34 17.47
N SER F 30 -28.49 -41.47 18.68
CA SER F 30 -29.06 -42.32 19.77
C SER F 30 -30.47 -41.86 20.15
N ILE F 31 -30.70 -40.56 20.30
CA ILE F 31 -32.06 -40.06 20.64
C ILE F 31 -33.03 -40.59 19.57
N GLN F 32 -32.67 -40.53 18.30
CA GLN F 32 -33.60 -40.83 17.18
C GLN F 32 -33.81 -42.35 17.09
N ARG F 33 -32.74 -43.13 17.22
CA ARG F 33 -32.76 -44.58 16.95
C ARG F 33 -33.26 -45.31 18.20
N SER F 34 -33.17 -44.70 19.38
CA SER F 34 -33.50 -45.36 20.66
C SER F 34 -34.91 -45.96 20.60
N ALA F 35 -35.88 -45.31 19.97
CA ALA F 35 -37.28 -45.79 19.95
C ALA F 35 -37.32 -47.22 19.38
N ALA F 36 -36.69 -47.44 18.21
CA ALA F 36 -36.68 -48.76 17.53
C ALA F 36 -35.98 -49.79 18.42
N ARG F 37 -34.76 -49.52 18.90
CA ARG F 37 -33.96 -50.55 19.63
C ARG F 37 -34.49 -50.77 21.05
N LEU F 38 -35.04 -49.75 21.74
CA LEU F 38 -35.64 -49.97 23.08
C LEU F 38 -37.01 -50.69 22.95
N GLU F 39 -37.70 -50.57 21.83
CA GLU F 39 -38.92 -51.40 21.59
C GLU F 39 -38.49 -52.88 21.52
N ALA F 40 -37.47 -53.20 20.73
CA ALA F 40 -36.93 -54.58 20.57
C ALA F 40 -36.47 -55.05 21.93
N ALA F 41 -35.73 -54.23 22.68
CA ALA F 41 -35.23 -54.57 24.04
C ALA F 41 -36.42 -54.96 24.94
N GLU F 42 -37.52 -54.21 24.89
CA GLU F 42 -38.71 -54.43 25.75
C GLU F 42 -39.32 -55.78 25.37
N LYS F 43 -39.52 -56.03 24.09
CA LYS F 43 -40.16 -57.29 23.63
C LYS F 43 -39.28 -58.47 24.02
N LEU F 44 -37.99 -58.42 23.68
CA LEU F 44 -37.04 -59.53 23.96
C LEU F 44 -36.91 -59.74 25.47
N GLY F 45 -36.81 -58.66 26.25
CA GLY F 45 -36.75 -58.74 27.73
C GLY F 45 -37.98 -59.44 28.31
N ALA F 46 -39.16 -59.12 27.79
CA ALA F 46 -40.45 -59.70 28.24
C ALA F 46 -40.59 -61.16 27.78
N ASN F 47 -39.98 -61.56 26.66
CA ASN F 47 -40.24 -62.91 26.10
C ASN F 47 -38.95 -63.73 25.91
N LEU F 48 -37.92 -63.46 26.69
CA LEU F 48 -36.56 -64.06 26.52
C LEU F 48 -36.64 -65.60 26.55
N ASP F 49 -37.35 -66.14 27.53
CA ASP F 49 -37.43 -67.61 27.75
C ASP F 49 -38.00 -68.28 26.49
N ASN F 50 -39.13 -67.79 25.98
CA ASN F 50 -39.81 -68.41 24.81
C ASN F 50 -38.90 -68.25 23.59
N VAL F 51 -38.33 -67.06 23.38
CA VAL F 51 -37.47 -66.77 22.19
C VAL F 51 -36.28 -67.75 22.17
N ALA F 52 -35.60 -67.92 23.31
CA ALA F 52 -34.37 -68.72 23.42
C ALA F 52 -34.73 -70.21 23.30
N GLN F 53 -35.76 -70.64 23.98
CA GLN F 53 -36.20 -72.05 24.01
C GLN F 53 -36.36 -72.54 22.57
N GLU F 54 -37.02 -71.72 21.75
CA GLU F 54 -37.37 -72.13 20.36
C GLU F 54 -36.11 -72.03 19.48
N ALA F 55 -35.18 -71.10 19.76
CA ALA F 55 -33.87 -71.08 19.07
C ALA F 55 -33.06 -72.32 19.48
N TYR F 56 -32.99 -72.64 20.78
CA TYR F 56 -32.35 -73.90 21.27
C TYR F 56 -32.98 -75.12 20.58
N ASN F 57 -34.31 -75.20 20.51
CA ASN F 57 -35.06 -76.33 19.91
C ASN F 57 -34.67 -76.50 18.41
N ALA F 58 -34.49 -75.40 17.69
CA ALA F 58 -34.09 -75.40 16.26
C ALA F 58 -32.70 -76.02 16.09
N CYS F 59 -31.77 -75.70 16.99
CA CYS F 59 -30.37 -76.16 16.79
C CYS F 59 -30.29 -77.68 17.04
N ILE F 60 -31.02 -78.16 18.03
CA ILE F 60 -31.12 -79.62 18.36
C ILE F 60 -31.88 -80.31 17.22
N GLN F 61 -32.95 -79.72 16.71
CA GLN F 61 -33.70 -80.34 15.60
C GLN F 61 -32.73 -80.49 14.42
N LYS F 62 -31.90 -79.48 14.18
CA LYS F 62 -30.96 -79.49 13.02
C LYS F 62 -29.86 -80.52 13.27
N TYR F 63 -29.44 -80.72 14.52
CA TYR F 63 -28.25 -81.54 14.92
C TYR F 63 -28.63 -82.61 15.93
N PRO F 64 -29.51 -83.58 15.56
CA PRO F 64 -29.95 -84.60 16.52
C PRO F 64 -28.79 -85.44 17.08
N TYR F 65 -27.70 -85.60 16.34
CA TYR F 65 -26.52 -86.36 16.82
C TYR F 65 -26.07 -85.86 18.21
N LEU F 66 -26.33 -84.58 18.55
CA LEU F 66 -25.96 -83.98 19.88
C LEU F 66 -26.62 -84.78 21.00
N ASN F 67 -27.76 -85.41 20.71
CA ASN F 67 -28.53 -86.21 21.69
C ASN F 67 -27.82 -87.54 21.96
N ASN F 68 -26.97 -88.04 21.05
CA ASN F 68 -26.31 -89.37 21.20
C ASN F 68 -25.34 -89.29 22.39
N ALA F 69 -25.29 -90.36 23.20
CA ALA F 69 -24.34 -90.57 24.33
C ALA F 69 -23.00 -89.90 24.02
N GLY F 70 -22.45 -89.14 24.96
CA GLY F 70 -21.10 -88.55 24.83
C GLY F 70 -21.09 -87.22 24.09
N GLU F 71 -22.12 -86.87 23.33
CA GLU F 71 -22.16 -85.60 22.55
C GLU F 71 -22.66 -84.47 23.46
N ALA F 72 -22.68 -83.23 22.98
CA ALA F 72 -22.80 -82.03 23.83
C ALA F 72 -24.21 -81.83 24.39
N ASN F 73 -25.23 -82.56 23.91
CA ASN F 73 -26.64 -82.38 24.39
C ASN F 73 -27.16 -83.71 24.98
N SER F 74 -26.25 -84.58 25.44
CA SER F 74 -26.53 -86.04 25.63
C SER F 74 -27.13 -86.32 27.03
N ASN F 75 -26.82 -85.50 28.03
CA ASN F 75 -27.35 -85.65 29.41
C ASN F 75 -28.10 -84.38 29.83
N ASP F 76 -28.70 -84.37 31.02
CA ASP F 76 -29.62 -83.30 31.49
C ASP F 76 -28.83 -82.04 31.83
N THR F 77 -27.62 -82.19 32.35
CA THR F 77 -26.72 -81.06 32.71
C THR F 77 -26.34 -80.31 31.42
N TYR F 78 -26.03 -81.07 30.35
CA TYR F 78 -25.57 -80.57 29.04
C TYR F 78 -26.73 -79.82 28.35
N LYS F 79 -27.93 -80.40 28.36
CA LYS F 79 -29.15 -79.78 27.78
C LYS F 79 -29.46 -78.44 28.48
N ALA F 80 -29.45 -78.40 29.82
CA ALA F 80 -29.68 -77.17 30.62
C ALA F 80 -28.59 -76.13 30.32
N LYS F 81 -27.32 -76.51 30.24
CA LYS F 81 -26.23 -75.55 29.96
C LYS F 81 -26.34 -75.02 28.52
N CYS F 82 -26.83 -75.85 27.59
CA CYS F 82 -26.95 -75.45 26.16
C CYS F 82 -28.09 -74.43 26.00
N LEU F 83 -29.27 -74.74 26.54
CA LEU F 83 -30.41 -73.80 26.58
C LEU F 83 -29.94 -72.53 27.28
N ARG F 84 -29.30 -72.65 28.44
CA ARG F 84 -28.74 -71.50 29.20
C ARG F 84 -27.81 -70.65 28.32
N ASP F 85 -26.98 -71.25 27.46
CA ASP F 85 -26.00 -70.50 26.62
C ASP F 85 -26.77 -69.67 25.59
N VAL F 86 -27.76 -70.29 24.94
CA VAL F 86 -28.66 -69.61 23.96
C VAL F 86 -29.31 -68.41 24.66
N LYS F 87 -29.82 -68.59 25.87
CA LYS F 87 -30.44 -67.49 26.64
C LYS F 87 -29.41 -66.42 26.96
N HIS F 88 -28.14 -66.79 27.25
CA HIS F 88 -27.04 -65.83 27.56
C HIS F 88 -26.82 -64.95 26.33
N TYR F 89 -26.64 -65.53 25.16
CA TYR F 89 -26.48 -64.72 23.92
C TYR F 89 -27.70 -63.80 23.75
N MET F 90 -28.92 -64.31 23.92
CA MET F 90 -30.13 -63.46 23.67
C MET F 90 -30.18 -62.34 24.73
N ARG F 91 -29.77 -62.62 25.97
CA ARG F 91 -29.80 -61.60 27.05
C ARG F 91 -28.75 -60.53 26.69
N LEU F 92 -27.59 -60.94 26.15
CA LEU F 92 -26.53 -60.00 25.77
C LEU F 92 -27.03 -59.19 24.57
N ILE F 93 -27.82 -59.79 23.68
CA ILE F 93 -28.43 -59.02 22.55
C ILE F 93 -29.40 -57.97 23.09
N GLN F 94 -30.17 -58.28 24.15
CA GLN F 94 -31.09 -57.32 24.81
C GLN F 94 -30.28 -56.15 25.36
N TYR F 95 -29.16 -56.43 26.04
CA TYR F 95 -28.20 -55.41 26.55
C TYR F 95 -27.70 -54.53 25.40
N CYS F 96 -27.34 -55.11 24.24
CA CYS F 96 -26.85 -54.32 23.08
C CYS F 96 -27.97 -53.38 22.59
N LEU F 97 -29.24 -53.83 22.66
CA LEU F 97 -30.38 -53.00 22.20
C LEU F 97 -30.56 -51.84 23.19
N VAL F 98 -30.39 -52.12 24.48
CA VAL F 98 -30.47 -51.08 25.55
C VAL F 98 -29.39 -50.02 25.31
N VAL F 99 -28.17 -50.48 25.04
CA VAL F 99 -26.92 -49.63 24.96
C VAL F 99 -26.85 -48.93 23.59
N GLY F 100 -27.35 -49.59 22.54
CA GLY F 100 -27.18 -49.12 21.16
C GLY F 100 -25.75 -49.29 20.63
N GLY F 101 -24.97 -50.18 21.22
CA GLY F 101 -23.67 -50.63 20.68
C GLY F 101 -23.50 -52.13 20.92
N THR F 102 -22.40 -52.71 20.45
CA THR F 102 -22.13 -54.16 20.59
C THR F 102 -21.34 -54.43 21.88
N GLY F 103 -21.01 -53.39 22.67
CA GLY F 103 -20.19 -53.50 23.89
C GLY F 103 -20.48 -54.80 24.68
N PRO F 104 -21.73 -55.02 25.13
CA PRO F 104 -22.03 -56.15 26.00
C PRO F 104 -21.78 -57.53 25.35
N LEU F 105 -22.07 -57.65 24.06
CA LEU F 105 -21.82 -58.87 23.28
C LEU F 105 -20.32 -59.08 23.17
N ASP F 106 -19.60 -58.02 22.82
CA ASP F 106 -18.14 -57.99 22.62
C ASP F 106 -17.45 -58.47 23.90
N GLU F 107 -17.71 -57.81 25.03
CA GLU F 107 -16.98 -58.02 26.32
C GLU F 107 -17.39 -59.33 26.99
N TRP F 108 -18.68 -59.67 27.00
CA TRP F 108 -19.24 -60.77 27.82
C TRP F 108 -19.64 -62.00 27.01
N GLY F 109 -19.68 -61.91 25.68
CA GLY F 109 -20.09 -63.03 24.80
C GLY F 109 -18.95 -63.51 23.94
N ILE F 110 -18.44 -62.63 23.06
CA ILE F 110 -17.50 -62.98 21.94
C ILE F 110 -16.09 -63.23 22.50
N ALA F 111 -15.56 -62.33 23.31
CA ALA F 111 -14.21 -62.41 23.89
C ALA F 111 -14.08 -63.74 24.65
N GLY F 112 -13.20 -64.62 24.18
CA GLY F 112 -12.95 -65.92 24.81
C GLY F 112 -13.86 -67.03 24.28
N GLN F 113 -14.86 -66.76 23.46
CA GLN F 113 -15.87 -67.81 23.09
C GLN F 113 -15.18 -68.95 22.31
N ARG F 114 -14.26 -68.60 21.43
CA ARG F 114 -13.57 -69.56 20.53
C ARG F 114 -12.68 -70.49 21.38
N GLU F 115 -11.93 -69.93 22.34
CA GLU F 115 -11.03 -70.71 23.24
C GLU F 115 -11.88 -71.60 24.16
N VAL F 116 -13.00 -71.08 24.69
CA VAL F 116 -13.87 -71.91 25.57
C VAL F 116 -14.39 -73.11 24.76
N TYR F 117 -14.97 -72.89 23.57
CA TYR F 117 -15.70 -73.96 22.85
C TYR F 117 -14.66 -74.97 22.35
N ARG F 118 -13.46 -74.51 21.98
CA ARG F 118 -12.36 -75.41 21.55
C ARG F 118 -12.03 -76.33 22.72
N ALA F 119 -11.86 -75.76 23.91
CA ALA F 119 -11.39 -76.46 25.12
C ALA F 119 -12.45 -77.45 25.59
N LEU F 120 -13.72 -77.08 25.50
CA LEU F 120 -14.84 -77.94 25.94
C LEU F 120 -15.34 -78.85 24.81
N SER F 121 -14.73 -78.82 23.62
CA SER F 121 -15.20 -79.57 22.41
C SER F 121 -16.68 -79.28 22.15
N LEU F 122 -17.14 -78.06 22.41
CA LEU F 122 -18.51 -77.62 22.04
C LEU F 122 -18.48 -77.18 20.58
N PRO F 123 -19.21 -77.87 19.68
CA PRO F 123 -19.28 -77.44 18.29
C PRO F 123 -19.91 -76.05 18.14
N THR F 124 -19.44 -75.34 17.13
CA THR F 124 -19.82 -73.94 16.79
C THR F 124 -21.21 -73.94 16.10
N ALA F 125 -21.46 -74.95 15.24
CA ALA F 125 -22.58 -74.95 14.28
C ALA F 125 -23.90 -74.82 15.02
N PRO F 126 -24.09 -75.52 16.16
CA PRO F 126 -25.35 -75.43 16.89
C PRO F 126 -25.61 -74.01 17.42
N TYR F 127 -24.56 -73.32 17.91
CA TYR F 127 -24.64 -71.91 18.36
C TYR F 127 -25.10 -71.09 17.17
N VAL F 128 -24.46 -71.27 16.01
CA VAL F 128 -24.76 -70.50 14.76
C VAL F 128 -26.23 -70.77 14.33
N GLU F 129 -26.66 -72.02 14.35
CA GLU F 129 -28.06 -72.38 13.96
C GLU F 129 -29.08 -71.76 14.92
N ALA F 130 -28.85 -71.80 16.24
CA ALA F 130 -29.77 -71.19 17.23
C ALA F 130 -29.97 -69.71 16.85
N LEU F 131 -28.87 -69.00 16.63
CA LEU F 131 -28.90 -67.54 16.34
C LEU F 131 -29.44 -67.32 14.93
N SER F 132 -29.09 -68.20 13.99
CA SER F 132 -29.61 -68.17 12.61
C SER F 132 -31.15 -68.28 12.63
N PHE F 133 -31.68 -69.30 13.29
CA PHE F 133 -33.14 -69.51 13.43
C PHE F 133 -33.72 -68.20 13.99
N ALA F 134 -33.13 -67.66 15.07
CA ALA F 134 -33.65 -66.44 15.75
C ALA F 134 -33.70 -65.27 14.75
N ARG F 135 -32.67 -65.11 13.93
CA ARG F 135 -32.52 -64.10 12.83
C ARG F 135 -33.65 -64.21 11.78
N ASN F 136 -33.95 -65.44 11.35
CA ASN F 136 -34.89 -65.70 10.22
C ASN F 136 -36.35 -65.63 10.71
N ARG F 137 -36.58 -65.68 12.02
CA ARG F 137 -37.89 -66.02 12.62
C ARG F 137 -38.81 -64.79 12.73
N GLY F 138 -38.24 -63.63 13.02
CA GLY F 138 -39.05 -62.44 13.37
C GLY F 138 -39.69 -61.85 12.15
N CYS F 139 -40.89 -61.28 12.32
CA CYS F 139 -41.55 -60.51 11.24
C CYS F 139 -42.23 -59.29 11.86
N ALA F 140 -42.25 -58.18 11.12
CA ALA F 140 -42.96 -56.92 11.46
C ALA F 140 -44.24 -56.81 10.63
N PRO F 141 -45.37 -56.34 11.19
CA PRO F 141 -45.46 -55.85 12.57
C PRO F 141 -45.86 -56.84 13.66
N ARG F 142 -45.97 -58.14 13.34
CA ARG F 142 -46.46 -59.15 14.31
C ARG F 142 -45.65 -59.06 15.61
N ASP F 143 -44.32 -59.16 15.50
CA ASP F 143 -43.40 -59.34 16.65
C ASP F 143 -43.02 -57.98 17.27
N MET F 144 -42.87 -56.96 16.44
CA MET F 144 -42.37 -55.60 16.81
C MET F 144 -42.43 -54.79 15.52
N SER F 145 -42.18 -53.48 15.58
CA SER F 145 -42.16 -52.61 14.37
C SER F 145 -40.98 -52.97 13.46
N ALA F 146 -41.04 -52.55 12.20
CA ALA F 146 -40.07 -52.87 11.14
C ALA F 146 -38.65 -52.42 11.58
N GLN F 147 -38.52 -51.24 12.19
CA GLN F 147 -37.18 -50.72 12.58
C GLN F 147 -36.69 -51.41 13.88
N ALA F 148 -37.58 -51.79 14.80
CA ALA F 148 -37.19 -52.63 15.96
C ALA F 148 -36.59 -53.93 15.42
N LEU F 149 -37.22 -54.52 14.39
CA LEU F 149 -36.79 -55.82 13.84
C LEU F 149 -35.42 -55.66 13.19
N VAL F 150 -35.19 -54.56 12.46
CA VAL F 150 -33.88 -54.26 11.81
C VAL F 150 -32.80 -54.27 12.89
N GLU F 151 -33.07 -53.66 14.04
CA GLU F 151 -32.11 -53.52 15.17
C GLU F 151 -31.80 -54.91 15.76
N TYR F 152 -32.86 -55.70 15.96
CA TYR F 152 -32.82 -57.07 16.48
C TYR F 152 -32.02 -57.95 15.51
N ASN F 153 -32.40 -57.93 14.24
CA ASN F 153 -31.74 -58.78 13.20
C ASN F 153 -30.26 -58.42 13.11
N ALA F 154 -29.91 -57.13 13.12
CA ALA F 154 -28.51 -56.64 12.97
C ALA F 154 -27.63 -57.21 14.08
N LEU F 155 -28.11 -57.24 15.34
CA LEU F 155 -27.30 -57.78 16.44
C LEU F 155 -27.22 -59.30 16.34
N LEU F 156 -28.30 -59.96 15.90
CA LEU F 156 -28.23 -61.43 15.71
C LEU F 156 -27.19 -61.72 14.62
N ASP F 157 -27.17 -60.95 13.53
CA ASP F 157 -26.16 -61.13 12.44
C ASP F 157 -24.73 -60.85 12.95
N TYR F 158 -24.58 -59.87 13.83
CA TYR F 158 -23.29 -59.54 14.50
C TYR F 158 -22.82 -60.76 15.29
N ALA F 159 -23.70 -61.33 16.11
CA ALA F 159 -23.42 -62.54 16.90
C ALA F 159 -22.97 -63.70 15.98
N ILE F 160 -23.73 -63.95 14.91
CA ILE F 160 -23.44 -65.04 13.92
C ILE F 160 -22.05 -64.78 13.29
N ASN F 161 -21.75 -63.53 12.93
CA ASN F 161 -20.49 -63.15 12.26
C ASN F 161 -19.32 -63.38 13.21
N SER F 162 -19.51 -63.22 14.52
CA SER F 162 -18.45 -63.49 15.53
C SER F 162 -18.10 -64.99 15.56
N LEU F 163 -19.00 -65.88 15.17
CA LEU F 163 -18.76 -67.35 15.15
C LEU F 163 -18.54 -67.87 13.71
N SER F 164 -18.43 -67.01 12.67
CA SER F 164 -18.36 -67.38 11.22
C SER F 164 -17.09 -66.85 10.54
N MET G 1 -1.73 -9.50 -42.80
CA MET G 1 -2.52 -10.75 -42.91
C MET G 1 -1.99 -11.74 -41.86
N LYS G 2 -2.79 -12.03 -40.84
CA LYS G 2 -2.32 -12.76 -39.63
C LYS G 2 -2.03 -14.22 -39.98
N SER G 3 -0.79 -14.63 -39.73
CA SER G 3 -0.24 -15.99 -39.97
C SER G 3 0.85 -16.22 -38.93
N VAL G 4 1.44 -17.41 -38.87
CA VAL G 4 2.58 -17.65 -37.92
C VAL G 4 3.65 -16.59 -38.17
N VAL G 5 4.05 -16.45 -39.42
CA VAL G 5 5.30 -15.73 -39.73
C VAL G 5 5.03 -14.23 -39.63
N THR G 6 3.85 -13.76 -40.01
CA THR G 6 3.60 -12.28 -39.98
C THR G 6 3.37 -11.87 -38.52
N THR G 7 2.81 -12.74 -37.68
CA THR G 7 2.71 -12.48 -36.22
C THR G 7 4.12 -12.34 -35.60
N VAL G 8 5.09 -13.21 -35.90
CA VAL G 8 6.43 -13.07 -35.22
C VAL G 8 7.19 -11.85 -35.79
N ILE G 9 7.08 -11.57 -37.09
CA ILE G 9 7.73 -10.40 -37.73
C ILE G 9 7.17 -9.11 -37.12
N ALA G 10 5.85 -9.00 -36.94
CA ALA G 10 5.22 -7.75 -36.41
C ALA G 10 5.71 -7.55 -34.98
N ALA G 11 5.79 -8.61 -34.20
CA ALA G 11 6.28 -8.50 -32.81
C ALA G 11 7.78 -8.14 -32.83
N ALA G 12 8.56 -8.71 -33.73
CA ALA G 12 10.01 -8.40 -33.86
C ALA G 12 10.14 -6.93 -34.24
N ASP G 13 9.31 -6.45 -35.16
CA ASP G 13 9.47 -5.09 -35.74
C ASP G 13 9.08 -4.06 -34.66
N ALA G 14 8.00 -4.32 -33.90
CA ALA G 14 7.52 -3.45 -32.82
C ALA G 14 8.64 -3.24 -31.79
N ALA G 15 9.56 -4.19 -31.62
CA ALA G 15 10.64 -4.12 -30.63
C ALA G 15 12.00 -3.82 -31.28
N GLY G 16 12.05 -3.56 -32.60
CA GLY G 16 13.31 -3.24 -33.32
C GLY G 16 14.25 -4.44 -33.48
N ARG G 17 13.73 -5.68 -33.57
CA ARG G 17 14.54 -6.92 -33.40
C ARG G 17 14.76 -7.63 -34.75
N PHE G 18 15.98 -8.12 -34.97
CA PHE G 18 16.19 -9.21 -35.95
C PHE G 18 15.38 -10.46 -35.56
N PRO G 19 14.99 -11.29 -36.53
CA PRO G 19 14.44 -12.60 -36.20
C PRO G 19 15.43 -13.28 -35.25
N SER G 20 14.92 -13.96 -34.24
CA SER G 20 15.73 -14.66 -33.23
C SER G 20 15.13 -16.07 -33.00
N SER G 21 15.67 -16.84 -32.04
CA SER G 21 15.35 -18.28 -31.89
C SER G 21 13.83 -18.54 -31.84
N SER G 22 13.09 -17.79 -31.02
CA SER G 22 11.64 -18.01 -30.82
C SER G 22 10.90 -17.80 -32.16
N ASP G 23 11.41 -16.94 -33.03
CA ASP G 23 10.76 -16.67 -34.35
C ASP G 23 10.97 -17.86 -35.31
N LEU G 24 12.20 -18.38 -35.39
CA LEU G 24 12.52 -19.56 -36.23
C LEU G 24 11.70 -20.77 -35.71
N GLU G 25 11.66 -20.94 -34.39
CA GLU G 25 10.91 -22.05 -33.75
C GLU G 25 9.43 -21.94 -34.13
N SER G 26 8.88 -20.72 -34.16
CA SER G 26 7.44 -20.49 -34.48
C SER G 26 7.18 -21.01 -35.89
N VAL G 27 8.06 -20.67 -36.84
CA VAL G 27 7.90 -21.02 -38.28
C VAL G 27 8.14 -22.53 -38.45
N GLN G 28 8.99 -23.18 -37.65
CA GLN G 28 9.06 -24.66 -37.71
C GLN G 28 7.67 -25.26 -37.46
N GLY G 29 6.83 -24.62 -36.62
CA GLY G 29 5.43 -25.06 -36.39
C GLY G 29 4.63 -25.11 -37.68
N SER G 30 4.78 -24.08 -38.53
CA SER G 30 4.12 -24.01 -39.86
C SER G 30 4.58 -25.20 -40.72
N ILE G 31 5.87 -25.51 -40.66
CA ILE G 31 6.46 -26.63 -41.44
C ILE G 31 5.76 -27.93 -41.01
N GLN G 32 5.67 -28.17 -39.69
CA GLN G 32 5.06 -29.41 -39.11
C GLN G 32 3.57 -29.48 -39.45
N ARG G 33 2.83 -28.42 -39.18
CA ARG G 33 1.34 -28.39 -39.27
C ARG G 33 0.87 -28.16 -40.71
N SER G 34 1.75 -27.68 -41.61
CA SER G 34 1.41 -27.44 -43.04
C SER G 34 0.69 -28.63 -43.67
N ALA G 35 1.12 -29.87 -43.39
CA ALA G 35 0.59 -31.08 -44.06
C ALA G 35 -0.89 -31.28 -43.74
N ALA G 36 -1.27 -31.19 -42.47
CA ALA G 36 -2.68 -31.36 -42.06
C ALA G 36 -3.49 -30.28 -42.75
N ARG G 37 -3.06 -29.01 -42.65
CA ARG G 37 -3.95 -27.90 -43.12
C ARG G 37 -3.95 -27.81 -44.66
N LEU G 38 -2.85 -28.18 -45.32
CA LEU G 38 -2.80 -28.12 -46.81
C LEU G 38 -3.59 -29.27 -47.43
N GLU G 39 -3.71 -30.39 -46.73
CA GLU G 39 -4.61 -31.48 -47.17
C GLU G 39 -6.07 -30.99 -47.05
N ALA G 40 -6.48 -30.39 -45.92
CA ALA G 40 -7.85 -29.85 -45.77
C ALA G 40 -8.09 -28.87 -46.90
N ALA G 41 -7.12 -27.97 -47.19
CA ALA G 41 -7.28 -26.90 -48.21
C ALA G 41 -7.50 -27.55 -49.58
N GLU G 42 -6.82 -28.67 -49.82
CA GLU G 42 -6.91 -29.41 -51.11
C GLU G 42 -8.28 -30.07 -51.19
N LYS G 43 -8.76 -30.67 -50.10
CA LYS G 43 -10.09 -31.35 -50.09
C LYS G 43 -11.18 -30.30 -50.35
N LEU G 44 -11.12 -29.18 -49.62
CA LEU G 44 -12.13 -28.09 -49.70
C LEU G 44 -12.05 -27.42 -51.08
N GLY G 45 -10.84 -27.16 -51.58
CA GLY G 45 -10.62 -26.60 -52.92
C GLY G 45 -11.19 -27.46 -54.04
N ALA G 46 -11.13 -28.78 -53.89
CA ALA G 46 -11.62 -29.77 -54.89
C ALA G 46 -13.16 -29.79 -54.91
N ASN G 47 -13.84 -29.46 -53.80
CA ASN G 47 -15.30 -29.74 -53.71
C ASN G 47 -16.04 -28.57 -53.07
N LEU G 48 -15.55 -27.33 -53.25
CA LEU G 48 -16.13 -26.10 -52.63
C LEU G 48 -17.64 -25.99 -52.92
N ASP G 49 -18.03 -26.07 -54.19
CA ASP G 49 -19.44 -25.94 -54.63
C ASP G 49 -20.37 -26.88 -53.85
N ASN G 50 -20.08 -28.18 -53.79
CA ASN G 50 -20.94 -29.19 -53.13
C ASN G 50 -20.94 -29.02 -51.61
N VAL G 51 -19.78 -28.75 -51.01
CA VAL G 51 -19.66 -28.51 -49.54
C VAL G 51 -20.56 -27.33 -49.16
N ALA G 52 -20.47 -26.22 -49.90
CA ALA G 52 -21.21 -24.97 -49.65
C ALA G 52 -22.71 -25.18 -49.90
N GLN G 53 -23.04 -25.92 -50.97
CA GLN G 53 -24.43 -26.18 -51.43
C GLN G 53 -25.20 -26.88 -50.30
N GLU G 54 -24.65 -27.96 -49.78
CA GLU G 54 -25.36 -28.72 -48.70
C GLU G 54 -25.46 -27.85 -47.42
N ALA G 55 -24.47 -27.01 -47.11
CA ALA G 55 -24.50 -26.12 -45.92
C ALA G 55 -25.62 -25.07 -46.09
N TYR G 56 -25.73 -24.50 -47.30
CA TYR G 56 -26.82 -23.56 -47.66
C TYR G 56 -28.17 -24.30 -47.59
N ASN G 57 -28.27 -25.50 -48.19
CA ASN G 57 -29.52 -26.32 -48.12
C ASN G 57 -29.88 -26.54 -46.66
N ALA G 58 -28.89 -26.82 -45.80
CA ALA G 58 -29.13 -27.04 -44.35
C ALA G 58 -29.73 -25.77 -43.72
N CYS G 59 -29.24 -24.58 -44.04
CA CYS G 59 -29.66 -23.36 -43.29
C CYS G 59 -31.11 -22.98 -43.69
N ILE G 60 -31.50 -23.22 -44.95
CA ILE G 60 -32.89 -22.97 -45.47
C ILE G 60 -33.84 -24.05 -44.92
N GLN G 61 -33.39 -25.30 -44.82
CA GLN G 61 -34.18 -26.38 -44.17
C GLN G 61 -34.44 -25.99 -42.72
N LYS G 62 -33.45 -25.48 -42.01
CA LYS G 62 -33.66 -25.08 -40.60
C LYS G 62 -34.56 -23.84 -40.53
N TYR G 63 -34.48 -22.91 -41.49
CA TYR G 63 -35.22 -21.62 -41.39
C TYR G 63 -36.07 -21.39 -42.62
N PRO G 64 -37.10 -22.25 -42.87
CA PRO G 64 -37.96 -22.12 -44.04
C PRO G 64 -38.70 -20.78 -44.13
N TYR G 65 -38.79 -20.02 -43.05
CA TYR G 65 -39.46 -18.69 -43.06
C TYR G 65 -38.75 -17.75 -44.04
N LEU G 66 -37.46 -18.04 -44.34
CA LEU G 66 -36.63 -17.22 -45.26
C LEU G 66 -37.27 -17.23 -46.65
N ASN G 67 -38.06 -18.25 -46.95
CA ASN G 67 -38.76 -18.42 -48.26
C ASN G 67 -40.03 -17.57 -48.31
N ASN G 68 -40.57 -17.10 -47.18
CA ASN G 68 -41.83 -16.28 -47.21
C ASN G 68 -41.55 -14.95 -47.92
N ALA G 69 -42.61 -14.34 -48.46
CA ALA G 69 -42.53 -13.14 -49.32
C ALA G 69 -41.86 -12.01 -48.54
N GLY G 70 -40.87 -11.34 -49.10
CA GLY G 70 -40.14 -10.26 -48.41
C GLY G 70 -38.92 -10.75 -47.65
N GLU G 71 -38.81 -12.05 -47.37
CA GLU G 71 -37.70 -12.56 -46.51
C GLU G 71 -36.44 -12.81 -47.36
N ALA G 72 -35.31 -13.08 -46.69
CA ALA G 72 -33.98 -12.93 -47.30
C ALA G 72 -33.69 -14.09 -48.26
N ASN G 73 -34.55 -15.11 -48.37
CA ASN G 73 -34.35 -16.20 -49.38
C ASN G 73 -35.57 -16.31 -50.31
N SER G 74 -36.31 -15.21 -50.50
CA SER G 74 -37.73 -15.25 -50.99
C SER G 74 -37.83 -15.16 -52.53
N ASN G 75 -36.74 -14.79 -53.21
CA ASN G 75 -36.67 -14.70 -54.70
C ASN G 75 -35.34 -15.28 -55.16
N ASP G 76 -35.17 -15.44 -56.47
CA ASP G 76 -34.06 -16.19 -57.11
C ASP G 76 -32.73 -15.43 -56.92
N THR G 77 -32.73 -14.10 -56.94
CA THR G 77 -31.54 -13.23 -56.70
C THR G 77 -31.09 -13.43 -55.25
N TYR G 78 -31.99 -13.37 -54.28
CA TYR G 78 -31.66 -13.56 -52.85
C TYR G 78 -31.08 -14.97 -52.66
N LYS G 79 -31.68 -15.97 -53.31
CA LYS G 79 -31.28 -17.41 -53.19
C LYS G 79 -29.86 -17.58 -53.72
N ALA G 80 -29.57 -17.07 -54.91
CA ALA G 80 -28.23 -17.12 -55.52
C ALA G 80 -27.21 -16.41 -54.59
N LYS G 81 -27.55 -15.24 -54.04
CA LYS G 81 -26.62 -14.44 -53.19
C LYS G 81 -26.36 -15.14 -51.84
N CYS G 82 -27.40 -15.74 -51.27
CA CYS G 82 -27.25 -16.51 -50.02
C CYS G 82 -26.28 -17.68 -50.25
N LEU G 83 -26.45 -18.46 -51.32
CA LEU G 83 -25.52 -19.58 -51.64
C LEU G 83 -24.10 -19.02 -51.84
N ARG G 84 -23.98 -17.93 -52.58
CA ARG G 84 -22.72 -17.20 -52.86
C ARG G 84 -22.03 -16.82 -51.54
N ASP G 85 -22.78 -16.27 -50.57
CA ASP G 85 -22.24 -15.86 -49.24
C ASP G 85 -21.67 -17.09 -48.51
N VAL G 86 -22.36 -18.22 -48.59
CA VAL G 86 -21.89 -19.48 -47.95
C VAL G 86 -20.61 -19.93 -48.67
N LYS G 87 -20.58 -19.92 -50.01
CA LYS G 87 -19.35 -20.23 -50.79
C LYS G 87 -18.22 -19.25 -50.43
N HIS G 88 -18.52 -17.95 -50.27
CA HIS G 88 -17.55 -16.92 -49.82
C HIS G 88 -16.89 -17.37 -48.50
N TYR G 89 -17.66 -17.66 -47.45
CA TYR G 89 -17.11 -18.05 -46.12
C TYR G 89 -16.24 -19.29 -46.30
N MET G 90 -16.69 -20.29 -47.06
CA MET G 90 -15.92 -21.56 -47.25
C MET G 90 -14.62 -21.28 -48.03
N ARG G 91 -14.64 -20.40 -49.03
CA ARG G 91 -13.42 -19.99 -49.78
C ARG G 91 -12.41 -19.32 -48.83
N LEU G 92 -12.86 -18.43 -47.94
CA LEU G 92 -11.99 -17.70 -46.98
C LEU G 92 -11.43 -18.71 -45.98
N ILE G 93 -12.23 -19.72 -45.59
CA ILE G 93 -11.69 -20.86 -44.80
C ILE G 93 -10.59 -21.57 -45.59
N GLN G 94 -10.78 -21.86 -46.89
CA GLN G 94 -9.70 -22.50 -47.68
C GLN G 94 -8.45 -21.63 -47.62
N TYR G 95 -8.59 -20.31 -47.77
CA TYR G 95 -7.46 -19.35 -47.71
C TYR G 95 -6.77 -19.46 -46.33
N CYS G 96 -7.55 -19.57 -45.26
CA CYS G 96 -7.01 -19.64 -43.88
C CYS G 96 -6.18 -20.92 -43.72
N LEU G 97 -6.63 -22.02 -44.33
CA LEU G 97 -5.95 -23.34 -44.29
C LEU G 97 -4.65 -23.24 -45.10
N VAL G 98 -4.65 -22.45 -46.19
CA VAL G 98 -3.42 -22.23 -46.99
C VAL G 98 -2.41 -21.40 -46.18
N VAL G 99 -2.87 -20.37 -45.48
CA VAL G 99 -2.01 -19.36 -44.79
C VAL G 99 -1.57 -19.89 -43.41
N GLY G 100 -2.39 -20.74 -42.78
CA GLY G 100 -2.16 -21.21 -41.41
C GLY G 100 -2.41 -20.09 -40.39
N GLY G 101 -3.30 -19.15 -40.70
CA GLY G 101 -3.85 -18.17 -39.75
C GLY G 101 -5.22 -17.70 -40.19
N THR G 102 -5.85 -16.85 -39.38
CA THR G 102 -7.23 -16.34 -39.57
C THR G 102 -7.22 -15.08 -40.46
N GLY G 103 -6.07 -14.55 -40.84
CA GLY G 103 -6.00 -13.31 -41.62
C GLY G 103 -7.07 -13.18 -42.71
N PRO G 104 -7.19 -14.15 -43.65
CA PRO G 104 -8.15 -14.04 -44.76
C PRO G 104 -9.62 -13.86 -44.33
N LEU G 105 -10.05 -14.65 -43.35
CA LEU G 105 -11.41 -14.61 -42.75
C LEU G 105 -11.56 -13.24 -42.06
N ASP G 106 -10.58 -12.85 -41.24
CA ASP G 106 -10.55 -11.61 -40.41
C ASP G 106 -10.75 -10.39 -41.32
N GLU G 107 -9.92 -10.29 -42.36
CA GLU G 107 -9.86 -9.07 -43.20
C GLU G 107 -10.96 -9.12 -44.27
N TRP G 108 -11.30 -10.27 -44.85
CA TRP G 108 -12.20 -10.32 -46.04
C TRP G 108 -13.62 -10.79 -45.70
N GLY G 109 -13.88 -11.35 -44.52
CA GLY G 109 -15.24 -11.80 -44.17
C GLY G 109 -15.78 -11.19 -42.89
N ILE G 110 -15.01 -11.21 -41.80
CA ILE G 110 -15.55 -10.83 -40.46
C ILE G 110 -15.62 -9.32 -40.34
N ALA G 111 -14.61 -8.61 -40.81
CA ALA G 111 -14.56 -7.14 -40.66
C ALA G 111 -15.70 -6.55 -41.52
N GLY G 112 -16.58 -5.82 -40.85
CA GLY G 112 -17.76 -5.18 -41.45
C GLY G 112 -19.00 -6.06 -41.49
N GLN G 113 -18.90 -7.37 -41.24
CA GLN G 113 -20.00 -8.34 -41.48
C GLN G 113 -21.21 -7.89 -40.65
N ARG G 114 -21.06 -7.54 -39.38
CA ARG G 114 -22.25 -7.20 -38.56
C ARG G 114 -22.91 -5.92 -39.09
N GLU G 115 -22.15 -4.94 -39.61
CA GLU G 115 -22.70 -3.69 -40.18
C GLU G 115 -23.48 -4.03 -41.46
N VAL G 116 -22.89 -4.84 -42.34
CA VAL G 116 -23.51 -5.23 -43.63
C VAL G 116 -24.85 -5.93 -43.32
N TYR G 117 -24.85 -6.91 -42.40
CA TYR G 117 -26.05 -7.76 -42.17
C TYR G 117 -27.14 -6.95 -41.46
N ARG G 118 -26.77 -6.11 -40.48
CA ARG G 118 -27.70 -5.11 -39.87
C ARG G 118 -28.35 -4.24 -40.96
N ALA G 119 -27.56 -3.58 -41.81
CA ALA G 119 -28.06 -2.62 -42.83
C ALA G 119 -29.00 -3.30 -43.83
N LEU G 120 -28.71 -4.52 -44.26
CA LEU G 120 -29.55 -5.24 -45.27
C LEU G 120 -30.58 -6.14 -44.59
N SER G 121 -30.75 -5.98 -43.28
CA SER G 121 -31.67 -6.80 -42.45
C SER G 121 -31.48 -8.30 -42.73
N LEU G 122 -30.26 -8.77 -42.91
CA LEU G 122 -29.95 -10.21 -43.12
C LEU G 122 -29.82 -10.87 -41.75
N PRO G 123 -30.67 -11.84 -41.38
CA PRO G 123 -30.49 -12.53 -40.11
C PRO G 123 -29.15 -13.28 -40.08
N THR G 124 -28.55 -13.26 -38.90
CA THR G 124 -27.26 -13.92 -38.53
C THR G 124 -27.44 -15.43 -38.41
N ALA G 125 -28.56 -15.91 -37.84
CA ALA G 125 -28.68 -17.33 -37.42
C ALA G 125 -28.53 -18.29 -38.61
N PRO G 126 -29.03 -18.00 -39.84
CA PRO G 126 -28.84 -18.92 -40.98
C PRO G 126 -27.37 -19.03 -41.44
N TYR G 127 -26.58 -17.96 -41.38
CA TYR G 127 -25.09 -18.00 -41.54
C TYR G 127 -24.49 -18.98 -40.51
N VAL G 128 -24.87 -18.85 -39.23
CA VAL G 128 -24.37 -19.72 -38.13
C VAL G 128 -24.74 -21.19 -38.42
N GLU G 129 -25.98 -21.44 -38.86
CA GLU G 129 -26.47 -22.80 -39.16
C GLU G 129 -25.72 -23.38 -40.36
N ALA G 130 -25.48 -22.60 -41.41
CA ALA G 130 -24.73 -23.07 -42.60
C ALA G 130 -23.31 -23.52 -42.15
N LEU G 131 -22.62 -22.68 -41.38
CA LEU G 131 -21.24 -22.99 -40.89
C LEU G 131 -21.31 -24.15 -39.88
N SER G 132 -22.32 -24.14 -39.03
CA SER G 132 -22.53 -25.15 -37.97
C SER G 132 -22.76 -26.54 -38.60
N PHE G 133 -23.52 -26.62 -39.69
CA PHE G 133 -23.74 -27.89 -40.43
C PHE G 133 -22.40 -28.41 -40.96
N ALA G 134 -21.61 -27.53 -41.55
CA ALA G 134 -20.31 -27.87 -42.19
C ALA G 134 -19.33 -28.32 -41.10
N ARG G 135 -19.40 -27.74 -39.90
CA ARG G 135 -18.53 -28.09 -38.74
C ARG G 135 -18.88 -29.50 -38.20
N ASN G 136 -20.15 -29.89 -38.24
CA ASN G 136 -20.65 -31.18 -37.69
C ASN G 136 -20.63 -32.28 -38.76
N ARG G 137 -20.37 -31.91 -40.02
CA ARG G 137 -20.53 -32.77 -41.22
C ARG G 137 -19.32 -33.67 -41.46
N GLY G 138 -18.10 -33.11 -41.39
CA GLY G 138 -16.89 -33.83 -41.81
C GLY G 138 -16.55 -34.96 -40.85
N CYS G 139 -15.92 -36.03 -41.35
CA CYS G 139 -15.31 -37.07 -40.48
C CYS G 139 -14.07 -37.67 -41.16
N ALA G 140 -13.11 -38.09 -40.32
CA ALA G 140 -11.84 -38.73 -40.71
C ALA G 140 -12.00 -40.24 -40.50
N PRO G 141 -11.47 -41.11 -41.37
CA PRO G 141 -10.74 -40.71 -42.56
C PRO G 141 -11.58 -40.53 -43.82
N ARG G 142 -12.92 -40.49 -43.75
CA ARG G 142 -13.74 -40.46 -44.99
C ARG G 142 -13.40 -39.23 -45.85
N ASP G 143 -13.39 -38.02 -45.27
CA ASP G 143 -13.30 -36.75 -46.05
C ASP G 143 -11.84 -36.28 -46.13
N MET G 144 -11.04 -36.61 -45.12
CA MET G 144 -9.63 -36.20 -44.97
C MET G 144 -9.08 -36.89 -43.73
N SER G 145 -7.77 -36.81 -43.47
CA SER G 145 -7.13 -37.32 -42.22
C SER G 145 -7.66 -36.58 -41.00
N ALA G 146 -7.49 -37.17 -39.81
CA ALA G 146 -7.94 -36.65 -38.49
C ALA G 146 -7.46 -35.20 -38.25
N GLN G 147 -6.21 -34.87 -38.55
CA GLN G 147 -5.62 -33.56 -38.18
C GLN G 147 -6.03 -32.50 -39.22
N ALA G 148 -6.22 -32.92 -40.47
CA ALA G 148 -6.85 -32.08 -41.52
C ALA G 148 -8.24 -31.68 -41.03
N LEU G 149 -9.03 -32.61 -40.49
CA LEU G 149 -10.40 -32.29 -40.02
C LEU G 149 -10.33 -31.33 -38.82
N VAL G 150 -9.37 -31.49 -37.90
CA VAL G 150 -9.16 -30.55 -36.75
C VAL G 150 -8.91 -29.14 -37.30
N GLU G 151 -8.14 -28.99 -38.37
CA GLU G 151 -7.81 -27.66 -38.96
C GLU G 151 -9.07 -27.05 -39.59
N TYR G 152 -9.79 -27.84 -40.38
CA TYR G 152 -11.06 -27.47 -41.04
C TYR G 152 -12.05 -27.01 -39.96
N ASN G 153 -12.26 -27.84 -38.94
CA ASN G 153 -13.26 -27.59 -37.86
C ASN G 153 -12.90 -26.35 -37.05
N ALA G 154 -11.62 -26.16 -36.70
CA ALA G 154 -11.18 -25.03 -35.86
C ALA G 154 -11.52 -23.71 -36.60
N LEU G 155 -11.33 -23.64 -37.92
CA LEU G 155 -11.62 -22.39 -38.68
C LEU G 155 -13.13 -22.18 -38.82
N LEU G 156 -13.93 -23.23 -39.01
CA LEU G 156 -15.40 -23.12 -39.02
C LEU G 156 -15.91 -22.61 -37.65
N ASP G 157 -15.36 -23.11 -36.53
CA ASP G 157 -15.77 -22.64 -35.18
C ASP G 157 -15.30 -21.20 -34.98
N TYR G 158 -14.18 -20.84 -35.56
CA TYR G 158 -13.69 -19.45 -35.51
C TYR G 158 -14.69 -18.53 -36.21
N ALA G 159 -15.14 -18.88 -37.41
CA ALA G 159 -16.19 -18.11 -38.13
C ALA G 159 -17.49 -18.06 -37.30
N ILE G 160 -17.87 -19.18 -36.69
CA ILE G 160 -19.16 -19.27 -35.95
C ILE G 160 -19.05 -18.34 -34.74
N ASN G 161 -17.90 -18.33 -34.07
CA ASN G 161 -17.64 -17.49 -32.88
C ASN G 161 -17.75 -16.00 -33.26
N SER G 162 -17.32 -15.62 -34.47
CA SER G 162 -17.34 -14.22 -34.99
C SER G 162 -18.79 -13.74 -35.13
N LEU G 163 -19.76 -14.64 -35.35
CA LEU G 163 -21.20 -14.31 -35.55
C LEU G 163 -22.04 -14.55 -34.28
N SER G 164 -21.47 -15.12 -33.21
CA SER G 164 -22.18 -15.62 -32.00
C SER G 164 -21.70 -14.88 -30.76
N MET H 1 11.71 30.18 -9.12
CA MET H 1 11.89 31.67 -9.10
C MET H 1 12.99 32.01 -10.10
N LYS H 2 12.65 32.69 -11.20
CA LYS H 2 13.59 32.88 -12.31
C LYS H 2 14.70 33.82 -11.86
N SER H 3 15.95 33.30 -11.84
CA SER H 3 17.24 34.00 -11.65
C SER H 3 18.24 33.46 -12.68
N VAL H 4 19.46 33.97 -12.69
CA VAL H 4 20.59 33.36 -13.44
C VAL H 4 20.69 31.86 -13.17
N VAL H 5 20.88 31.48 -11.90
CA VAL H 5 21.28 30.10 -11.52
C VAL H 5 20.09 29.14 -11.65
N THR H 6 18.85 29.56 -11.39
CA THR H 6 17.68 28.65 -11.55
C THR H 6 17.42 28.45 -13.05
N THR H 7 17.64 29.46 -13.88
CA THR H 7 17.47 29.29 -15.32
C THR H 7 18.42 28.19 -15.83
N VAL H 8 19.71 28.25 -15.49
CA VAL H 8 20.72 27.28 -16.01
C VAL H 8 20.49 25.89 -15.39
N ILE H 9 20.15 25.82 -14.09
CA ILE H 9 19.81 24.53 -13.42
C ILE H 9 18.61 23.87 -14.12
N ALA H 10 17.57 24.63 -14.48
CA ALA H 10 16.35 24.00 -15.04
C ALA H 10 16.66 23.48 -16.44
N ALA H 11 17.46 24.21 -17.24
CA ALA H 11 17.94 23.82 -18.59
C ALA H 11 18.86 22.58 -18.48
N ALA H 12 19.77 22.57 -17.51
CA ALA H 12 20.61 21.40 -17.19
C ALA H 12 19.71 20.21 -16.82
N ASP H 13 18.75 20.42 -15.92
CA ASP H 13 17.89 19.32 -15.42
C ASP H 13 17.07 18.72 -16.57
N ALA H 14 16.46 19.56 -17.42
CA ALA H 14 15.61 19.10 -18.53
C ALA H 14 16.45 18.22 -19.48
N ALA H 15 17.78 18.32 -19.47
CA ALA H 15 18.64 17.53 -20.37
C ALA H 15 19.33 16.41 -19.61
N GLY H 16 19.13 16.33 -18.30
CA GLY H 16 19.84 15.38 -17.42
C GLY H 16 21.34 15.66 -17.31
N ARG H 17 21.76 16.91 -17.26
CA ARG H 17 23.19 17.32 -17.29
C ARG H 17 23.67 17.78 -15.91
N PHE H 18 24.89 17.43 -15.56
CA PHE H 18 25.66 18.16 -14.52
C PHE H 18 25.85 19.61 -14.97
N PRO H 19 26.01 20.56 -14.03
CA PRO H 19 26.43 21.91 -14.38
C PRO H 19 27.73 21.78 -15.19
N SER H 20 27.85 22.53 -16.26
CA SER H 20 29.01 22.49 -17.19
C SER H 20 29.52 23.91 -17.39
N SER H 21 30.45 24.12 -18.31
CA SER H 21 31.20 25.40 -18.48
C SER H 21 30.23 26.59 -18.58
N SER H 22 29.19 26.50 -19.44
CA SER H 22 28.26 27.64 -19.72
C SER H 22 27.44 27.92 -18.47
N ASP H 23 27.24 26.93 -17.60
CA ASP H 23 26.45 27.14 -16.36
C ASP H 23 27.30 27.94 -15.37
N LEU H 24 28.58 27.63 -15.21
CA LEU H 24 29.47 28.33 -14.25
C LEU H 24 29.69 29.76 -14.79
N GLU H 25 29.91 29.88 -16.10
CA GLU H 25 30.12 31.19 -16.76
C GLU H 25 28.89 32.09 -16.55
N SER H 26 27.67 31.54 -16.66
CA SER H 26 26.41 32.28 -16.36
C SER H 26 26.46 32.88 -14.95
N VAL H 27 26.84 32.06 -13.97
CA VAL H 27 26.83 32.48 -12.54
C VAL H 27 27.92 33.52 -12.30
N GLN H 28 29.04 33.49 -13.03
CA GLN H 28 30.08 34.56 -12.91
C GLN H 28 29.44 35.92 -13.22
N GLY H 29 28.47 35.98 -14.16
CA GLY H 29 27.67 37.18 -14.47
C GLY H 29 27.00 37.72 -13.21
N SER H 30 26.43 36.84 -12.37
CA SER H 30 25.81 37.20 -11.07
C SER H 30 26.86 37.76 -10.11
N ILE H 31 28.05 37.15 -10.07
CA ILE H 31 29.17 37.61 -9.21
C ILE H 31 29.49 39.05 -9.62
N GLN H 32 29.57 39.33 -10.92
CA GLN H 32 29.92 40.67 -11.47
C GLN H 32 28.80 41.69 -11.25
N ARG H 33 27.56 41.32 -11.54
CA ARG H 33 26.43 42.28 -11.65
C ARG H 33 25.79 42.49 -10.27
N SER H 34 26.07 41.61 -9.32
CA SER H 34 25.45 41.62 -7.98
C SER H 34 25.68 42.95 -7.26
N ALA H 35 26.89 43.51 -7.34
CA ALA H 35 27.27 44.77 -6.64
C ALA H 35 26.23 45.86 -6.96
N ALA H 36 25.99 46.14 -8.24
CA ALA H 36 25.07 47.19 -8.72
C ALA H 36 23.63 46.92 -8.25
N ARG H 37 23.11 45.70 -8.45
CA ARG H 37 21.70 45.39 -8.13
C ARG H 37 21.48 45.26 -6.62
N LEU H 38 22.46 44.78 -5.84
CA LEU H 38 22.29 44.70 -4.37
C LEU H 38 22.34 46.13 -3.81
N GLU H 39 23.17 47.01 -4.38
CA GLU H 39 23.20 48.44 -4.00
C GLU H 39 21.79 49.00 -4.23
N ALA H 40 21.22 48.76 -5.42
CA ALA H 40 19.86 49.25 -5.75
C ALA H 40 18.88 48.69 -4.70
N ALA H 41 18.99 47.40 -4.35
CA ALA H 41 18.08 46.73 -3.37
C ALA H 41 18.17 47.44 -2.01
N GLU H 42 19.38 47.76 -1.58
CA GLU H 42 19.66 48.44 -0.30
C GLU H 42 19.07 49.86 -0.34
N LYS H 43 19.25 50.59 -1.45
CA LYS H 43 18.75 51.97 -1.58
C LYS H 43 17.21 51.95 -1.55
N LEU H 44 16.57 51.11 -2.37
CA LEU H 44 15.09 50.98 -2.42
C LEU H 44 14.55 50.42 -1.09
N GLY H 45 15.23 49.44 -0.51
CA GLY H 45 14.83 48.82 0.75
C GLY H 45 14.78 49.84 1.88
N ALA H 46 15.79 50.70 1.97
CA ALA H 46 15.89 51.82 2.95
C ALA H 46 14.78 52.88 2.78
N ASN H 47 14.28 53.14 1.57
CA ASN H 47 13.45 54.36 1.35
C ASN H 47 12.14 53.98 0.67
N LEU H 48 11.65 52.75 0.86
CA LEU H 48 10.49 52.18 0.11
C LEU H 48 9.28 53.13 0.22
N ASP H 49 8.94 53.56 1.43
CA ASP H 49 7.76 54.42 1.74
C ASP H 49 7.79 55.74 0.95
N ASN H 50 8.90 56.51 0.98
CA ASN H 50 9.01 57.81 0.25
C ASN H 50 9.02 57.58 -1.27
N VAL H 51 9.73 56.55 -1.74
CA VAL H 51 9.77 56.26 -3.21
C VAL H 51 8.33 55.94 -3.69
N ALA H 52 7.59 55.12 -2.94
CA ALA H 52 6.23 54.68 -3.30
C ALA H 52 5.24 55.84 -3.09
N GLN H 53 5.39 56.61 -2.02
CA GLN H 53 4.48 57.76 -1.74
C GLN H 53 4.52 58.71 -2.96
N GLU H 54 5.68 59.06 -3.47
CA GLU H 54 5.70 60.08 -4.57
C GLU H 54 5.21 59.44 -5.87
N ALA H 55 5.39 58.15 -6.11
CA ALA H 55 4.87 57.53 -7.36
C ALA H 55 3.34 57.51 -7.33
N TYR H 56 2.75 57.13 -6.18
CA TYR H 56 1.31 57.22 -5.90
C TYR H 56 0.80 58.66 -6.12
N ASN H 57 1.41 59.64 -5.43
CA ASN H 57 1.08 61.09 -5.57
C ASN H 57 1.08 61.44 -7.05
N ALA H 58 2.10 61.04 -7.80
CA ALA H 58 2.16 61.34 -9.24
C ALA H 58 0.98 60.73 -10.01
N CYS H 59 0.52 59.49 -9.70
CA CYS H 59 -0.55 58.80 -10.50
C CYS H 59 -1.89 59.49 -10.20
N ILE H 60 -2.12 59.96 -8.97
CA ILE H 60 -3.38 60.66 -8.61
C ILE H 60 -3.40 62.06 -9.23
N GLN H 61 -2.25 62.75 -9.18
CA GLN H 61 -2.03 64.07 -9.86
C GLN H 61 -2.36 63.96 -11.35
N LYS H 62 -2.07 62.84 -12.02
CA LYS H 62 -2.31 62.72 -13.47
C LYS H 62 -3.79 62.39 -13.73
N TYR H 63 -4.46 61.78 -12.75
CA TYR H 63 -5.84 61.22 -12.85
C TYR H 63 -6.68 61.61 -11.63
N PRO H 64 -6.98 62.91 -11.43
CA PRO H 64 -7.81 63.34 -10.30
C PRO H 64 -9.24 62.77 -10.33
N TYR H 65 -9.78 62.41 -11.50
CA TYR H 65 -11.11 61.76 -11.65
C TYR H 65 -11.25 60.63 -10.62
N LEU H 66 -10.15 59.98 -10.25
CA LEU H 66 -10.11 58.82 -9.31
C LEU H 66 -10.61 59.25 -7.93
N ASN H 67 -10.51 60.54 -7.59
CA ASN H 67 -10.96 61.08 -6.27
C ASN H 67 -12.47 61.26 -6.23
N ASN H 68 -13.15 61.35 -7.39
CA ASN H 68 -14.62 61.53 -7.51
C ASN H 68 -15.35 60.33 -6.90
N ALA H 69 -16.50 60.57 -6.29
CA ALA H 69 -17.42 59.54 -5.77
C ALA H 69 -17.56 58.44 -6.82
N GLY H 70 -17.41 57.18 -6.42
CA GLY H 70 -17.60 56.01 -7.30
C GLY H 70 -16.33 55.58 -8.03
N GLU H 71 -15.20 56.27 -7.85
CA GLU H 71 -13.92 55.90 -8.53
C GLU H 71 -12.93 55.28 -7.53
N ALA H 72 -11.76 54.85 -8.03
CA ALA H 72 -10.88 53.88 -7.34
C ALA H 72 -10.04 54.52 -6.22
N ASN H 73 -9.90 55.84 -6.16
CA ASN H 73 -9.10 56.53 -5.11
C ASN H 73 -10.01 57.36 -4.19
N SER H 74 -11.33 57.13 -4.20
CA SER H 74 -12.37 58.09 -3.70
C SER H 74 -12.66 57.95 -2.20
N ASN H 75 -12.09 56.98 -1.48
CA ASN H 75 -12.34 56.86 -0.02
C ASN H 75 -11.04 56.41 0.65
N ASP H 76 -10.93 56.56 1.97
CA ASP H 76 -9.67 56.37 2.71
C ASP H 76 -9.21 54.90 2.63
N THR H 77 -10.11 53.93 2.45
CA THR H 77 -9.73 52.52 2.24
C THR H 77 -9.08 52.34 0.86
N TYR H 78 -9.73 52.86 -0.18
CA TYR H 78 -9.27 52.90 -1.59
C TYR H 78 -7.89 53.59 -1.66
N LYS H 79 -7.78 54.77 -1.07
CA LYS H 79 -6.52 55.56 -1.03
C LYS H 79 -5.42 54.68 -0.43
N ALA H 80 -5.66 54.10 0.74
CA ALA H 80 -4.68 53.27 1.45
C ALA H 80 -4.33 52.03 0.59
N LYS H 81 -5.29 51.43 -0.11
CA LYS H 81 -4.99 50.18 -0.89
C LYS H 81 -4.19 50.58 -2.14
N CYS H 82 -4.44 51.77 -2.69
CA CYS H 82 -3.75 52.22 -3.92
C CYS H 82 -2.26 52.42 -3.62
N LEU H 83 -1.95 53.15 -2.53
CA LEU H 83 -0.57 53.37 -2.05
C LEU H 83 0.11 52.03 -1.72
N ARG H 84 -0.55 51.19 -0.91
CA ARG H 84 -0.17 49.77 -0.65
C ARG H 84 0.24 49.07 -1.96
N ASP H 85 -0.60 49.13 -3.00
CA ASP H 85 -0.35 48.41 -4.28
C ASP H 85 0.96 48.92 -4.88
N VAL H 86 1.22 50.25 -4.88
CA VAL H 86 2.43 50.87 -5.50
C VAL H 86 3.65 50.41 -4.70
N LYS H 87 3.51 50.33 -3.38
CA LYS H 87 4.48 49.77 -2.41
C LYS H 87 4.79 48.30 -2.72
N HIS H 88 3.75 47.49 -3.02
CA HIS H 88 3.90 46.05 -3.36
C HIS H 88 4.77 45.92 -4.62
N TYR H 89 4.44 46.65 -5.67
CA TYR H 89 5.23 46.60 -6.92
C TYR H 89 6.67 46.96 -6.61
N MET H 90 6.90 48.01 -5.82
CA MET H 90 8.27 48.50 -5.56
C MET H 90 9.02 47.46 -4.73
N ARG H 91 8.33 46.83 -3.80
CA ARG H 91 8.94 45.80 -2.93
C ARG H 91 9.32 44.58 -3.79
N LEU H 92 8.48 44.19 -4.75
CA LEU H 92 8.77 43.02 -5.61
C LEU H 92 9.96 43.41 -6.50
N ILE H 93 10.01 44.67 -6.94
CA ILE H 93 11.20 45.21 -7.66
C ILE H 93 12.43 45.05 -6.76
N GLN H 94 12.33 45.40 -5.48
CA GLN H 94 13.44 45.16 -4.52
C GLN H 94 13.82 43.66 -4.54
N TYR H 95 12.84 42.75 -4.51
CA TYR H 95 13.13 41.30 -4.49
C TYR H 95 13.88 40.90 -5.77
N CYS H 96 13.47 41.43 -6.91
CA CYS H 96 14.06 41.17 -8.25
C CYS H 96 15.54 41.60 -8.27
N LEU H 97 15.87 42.66 -7.55
CA LEU H 97 17.26 43.17 -7.47
C LEU H 97 18.08 42.24 -6.58
N VAL H 98 17.51 41.77 -5.48
CA VAL H 98 18.19 40.78 -4.60
C VAL H 98 18.48 39.50 -5.42
N VAL H 99 17.54 39.03 -6.25
CA VAL H 99 17.58 37.69 -6.90
C VAL H 99 18.36 37.77 -8.22
N GLY H 100 18.36 38.89 -8.95
CA GLY H 100 19.02 39.02 -10.26
C GLY H 100 18.18 38.44 -11.37
N GLY H 101 16.86 38.37 -11.17
CA GLY H 101 15.88 37.91 -12.17
C GLY H 101 14.51 38.45 -11.83
N THR H 102 13.56 38.27 -12.74
CA THR H 102 12.18 38.82 -12.66
C THR H 102 11.26 37.90 -11.83
N GLY H 103 11.70 36.74 -11.37
CA GLY H 103 10.87 35.72 -10.70
C GLY H 103 9.85 36.30 -9.72
N PRO H 104 10.31 37.03 -8.69
CA PRO H 104 9.41 37.55 -7.66
C PRO H 104 8.28 38.40 -8.26
N LEU H 105 8.60 39.24 -9.23
CA LEU H 105 7.60 40.09 -9.91
C LEU H 105 6.67 39.21 -10.76
N ASP H 106 7.24 38.28 -11.54
CA ASP H 106 6.44 37.34 -12.39
C ASP H 106 5.43 36.55 -11.56
N GLU H 107 5.89 35.97 -10.46
CA GLU H 107 5.07 35.02 -9.65
C GLU H 107 4.10 35.82 -8.79
N TRP H 108 4.52 36.96 -8.23
CA TRP H 108 3.77 37.54 -7.07
C TRP H 108 3.05 38.84 -7.49
N GLY H 109 3.49 39.47 -8.56
CA GLY H 109 2.91 40.74 -9.03
C GLY H 109 2.16 40.57 -10.34
N ILE H 110 2.80 39.98 -11.35
CA ILE H 110 2.27 40.02 -12.74
C ILE H 110 1.18 38.94 -12.92
N ALA H 111 1.43 37.72 -12.46
CA ALA H 111 0.48 36.60 -12.58
C ALA H 111 -0.84 36.96 -11.88
N GLY H 112 -1.93 37.06 -12.67
CA GLY H 112 -3.28 37.38 -12.16
C GLY H 112 -3.61 38.87 -12.13
N GLN H 113 -2.67 39.79 -12.40
CA GLN H 113 -2.92 41.24 -12.16
C GLN H 113 -4.07 41.72 -13.04
N ARG H 114 -4.09 41.29 -14.31
CA ARG H 114 -5.08 41.76 -15.32
C ARG H 114 -6.46 41.22 -14.96
N GLU H 115 -6.55 39.98 -14.47
CA GLU H 115 -7.81 39.38 -13.95
C GLU H 115 -8.27 40.16 -12.71
N VAL H 116 -7.36 40.49 -11.79
CA VAL H 116 -7.72 41.19 -10.52
C VAL H 116 -8.27 42.57 -10.86
N TYR H 117 -7.54 43.37 -11.65
CA TYR H 117 -7.89 44.77 -11.98
C TYR H 117 -9.18 44.79 -12.82
N ARG H 118 -9.37 43.83 -13.74
CA ARG H 118 -10.64 43.73 -14.52
C ARG H 118 -11.79 43.52 -13.52
N ALA H 119 -11.68 42.52 -12.64
CA ALA H 119 -12.75 42.09 -11.70
C ALA H 119 -13.16 43.26 -10.77
N LEU H 120 -12.22 44.10 -10.37
CA LEU H 120 -12.50 45.18 -9.40
C LEU H 120 -12.61 46.52 -10.13
N SER H 121 -12.65 46.51 -11.46
CA SER H 121 -12.78 47.75 -12.27
C SER H 121 -11.63 48.71 -11.96
N LEU H 122 -10.42 48.22 -11.69
CA LEU H 122 -9.30 49.13 -11.37
C LEU H 122 -8.62 49.50 -12.68
N PRO H 123 -8.60 50.78 -13.07
CA PRO H 123 -7.95 51.17 -14.31
C PRO H 123 -6.43 50.93 -14.18
N THR H 124 -5.85 50.63 -15.32
CA THR H 124 -4.46 50.16 -15.54
C THR H 124 -3.52 51.38 -15.61
N ALA H 125 -3.99 52.46 -16.26
CA ALA H 125 -3.18 53.67 -16.56
C ALA H 125 -2.54 54.26 -15.30
N PRO H 126 -3.22 54.38 -14.14
CA PRO H 126 -2.59 54.93 -12.93
C PRO H 126 -1.42 54.09 -12.39
N TYR H 127 -1.55 52.76 -12.51
CA TYR H 127 -0.46 51.81 -12.17
C TYR H 127 0.70 52.11 -13.10
N VAL H 128 0.47 52.22 -14.41
CA VAL H 128 1.54 52.55 -15.40
C VAL H 128 2.14 53.94 -15.06
N GLU H 129 1.33 54.93 -14.68
CA GLU H 129 1.84 56.28 -14.36
C GLU H 129 2.69 56.23 -13.09
N ALA H 130 2.29 55.46 -12.07
CA ALA H 130 3.10 55.33 -10.83
C ALA H 130 4.46 54.75 -11.22
N LEU H 131 4.49 53.66 -11.99
CA LEU H 131 5.79 53.03 -12.30
C LEU H 131 6.56 53.94 -13.26
N SER H 132 5.88 54.56 -14.21
CA SER H 132 6.48 55.50 -15.19
C SER H 132 7.17 56.68 -14.46
N PHE H 133 6.49 57.31 -13.50
CA PHE H 133 7.09 58.37 -12.66
C PHE H 133 8.36 57.85 -11.99
N ALA H 134 8.33 56.65 -11.42
CA ALA H 134 9.46 56.08 -10.64
C ALA H 134 10.63 55.87 -11.60
N ARG H 135 10.30 55.49 -12.85
CA ARG H 135 11.26 55.18 -13.95
C ARG H 135 11.97 56.47 -14.40
N ASN H 136 11.29 57.60 -14.40
CA ASN H 136 11.87 58.84 -14.97
C ASN H 136 12.58 59.62 -13.87
N ARG H 137 12.47 59.22 -12.59
CA ARG H 137 12.73 60.06 -11.39
C ARG H 137 14.17 59.91 -10.88
N GLY H 138 14.73 58.69 -10.90
CA GLY H 138 16.06 58.41 -10.34
C GLY H 138 17.17 59.04 -11.18
N CYS H 139 18.25 59.50 -10.56
CA CYS H 139 19.50 59.80 -11.29
C CYS H 139 20.68 59.37 -10.43
N ALA H 140 21.76 59.06 -11.11
CA ALA H 140 22.97 58.48 -10.51
C ALA H 140 24.07 59.52 -10.65
N PRO H 141 24.98 59.67 -9.67
CA PRO H 141 25.01 58.87 -8.46
C PRO H 141 24.11 59.37 -7.31
N ARG H 142 23.31 60.43 -7.48
CA ARG H 142 22.51 61.01 -6.36
C ARG H 142 21.81 59.87 -5.60
N ASP H 143 21.08 59.02 -6.31
CA ASP H 143 20.13 58.08 -5.67
C ASP H 143 20.85 56.75 -5.43
N MET H 144 21.81 56.45 -6.30
CA MET H 144 22.53 55.15 -6.36
C MET H 144 23.51 55.26 -7.50
N SER H 145 24.50 54.36 -7.58
CA SER H 145 25.50 54.32 -8.67
C SER H 145 24.80 54.17 -10.02
N ALA H 146 25.53 54.41 -11.11
CA ALA H 146 24.98 54.37 -12.48
C ALA H 146 24.47 52.96 -12.79
N GLN H 147 25.16 51.90 -12.37
CA GLN H 147 24.78 50.55 -12.83
C GLN H 147 23.63 50.04 -11.95
N ALA H 148 23.59 50.47 -10.68
CA ALA H 148 22.45 50.24 -9.79
C ALA H 148 21.16 50.75 -10.45
N LEU H 149 21.20 51.96 -11.02
CA LEU H 149 20.03 52.67 -11.62
C LEU H 149 19.63 51.99 -12.92
N VAL H 150 20.59 51.57 -13.76
CA VAL H 150 20.29 50.71 -14.95
C VAL H 150 19.44 49.51 -14.48
N GLU H 151 19.78 48.87 -13.35
CA GLU H 151 19.10 47.63 -12.86
C GLU H 151 17.70 47.98 -12.30
N TYR H 152 17.59 49.09 -11.57
CA TYR H 152 16.33 49.60 -11.00
C TYR H 152 15.36 49.94 -12.15
N ASN H 153 15.86 50.66 -13.14
CA ASN H 153 15.10 51.16 -14.31
C ASN H 153 14.62 49.98 -15.17
N ALA H 154 15.47 48.98 -15.37
CA ALA H 154 15.15 47.82 -16.24
C ALA H 154 13.92 47.12 -15.65
N LEU H 155 13.89 46.95 -14.33
CA LEU H 155 12.82 46.20 -13.66
C LEU H 155 11.55 47.03 -13.61
N LEU H 156 11.64 48.36 -13.45
CA LEU H 156 10.43 49.23 -13.56
C LEU H 156 9.87 49.12 -14.97
N ASP H 157 10.71 49.19 -15.99
CA ASP H 157 10.29 49.07 -17.41
C ASP H 157 9.67 47.68 -17.63
N TYR H 158 10.22 46.62 -17.00
CA TYR H 158 9.67 45.24 -17.10
C TYR H 158 8.21 45.27 -16.60
N ALA H 159 7.98 45.89 -15.44
CA ALA H 159 6.65 46.01 -14.79
C ALA H 159 5.71 46.82 -15.68
N ILE H 160 6.20 47.94 -16.21
CA ILE H 160 5.44 48.80 -17.16
C ILE H 160 5.02 47.98 -18.40
N ASN H 161 5.93 47.20 -19.00
CA ASN H 161 5.68 46.41 -20.23
C ASN H 161 4.61 45.36 -19.93
N SER H 162 4.57 44.80 -18.70
CA SER H 162 3.62 43.76 -18.26
C SER H 162 2.19 44.32 -18.26
N LEU H 163 2.04 45.62 -18.03
CA LEU H 163 0.73 46.30 -17.87
C LEU H 163 0.36 47.03 -19.17
N SER H 164 1.29 47.08 -20.15
CA SER H 164 1.19 47.80 -21.46
C SER H 164 1.19 46.80 -22.63
N MET I 1 -20.31 29.91 -35.70
CA MET I 1 -21.07 31.09 -35.17
C MET I 1 -22.14 30.58 -34.20
N LYS I 2 -21.94 30.75 -32.88
CA LYS I 2 -22.83 30.14 -31.85
C LYS I 2 -24.24 30.71 -31.98
N SER I 3 -25.18 29.81 -32.25
CA SER I 3 -26.65 30.02 -32.21
C SER I 3 -27.26 28.71 -31.70
N VAL I 4 -28.57 28.68 -31.57
CA VAL I 4 -29.31 27.46 -31.16
C VAL I 4 -28.95 26.30 -32.10
N VAL I 5 -29.08 26.49 -33.40
CA VAL I 5 -29.03 25.34 -34.35
C VAL I 5 -27.57 24.91 -34.48
N THR I 6 -26.62 25.84 -34.46
CA THR I 6 -25.21 25.43 -34.71
C THR I 6 -24.72 24.71 -33.45
N THR I 7 -25.24 25.11 -32.27
CA THR I 7 -24.90 24.45 -30.98
C THR I 7 -25.38 23.00 -31.02
N VAL I 8 -26.62 22.77 -31.43
CA VAL I 8 -27.19 21.38 -31.42
C VAL I 8 -26.54 20.54 -32.54
N ILE I 9 -26.22 21.16 -33.67
CA ILE I 9 -25.54 20.46 -34.80
C ILE I 9 -24.12 20.10 -34.36
N ALA I 10 -23.42 21.01 -33.68
CA ALA I 10 -22.06 20.72 -33.18
C ALA I 10 -22.11 19.57 -32.17
N ALA I 11 -23.06 19.56 -31.23
CA ALA I 11 -23.20 18.47 -30.25
C ALA I 11 -23.53 17.13 -30.94
N ALA I 12 -24.41 17.13 -31.94
CA ALA I 12 -24.80 15.92 -32.69
C ALA I 12 -23.57 15.39 -33.45
N ASP I 13 -22.83 16.30 -34.06
CA ASP I 13 -21.69 15.92 -34.96
C ASP I 13 -20.57 15.31 -34.12
N ALA I 14 -20.26 15.87 -32.97
CA ALA I 14 -19.21 15.35 -32.07
C ALA I 14 -19.58 13.92 -31.64
N ALA I 15 -20.87 13.57 -31.60
CA ALA I 15 -21.37 12.23 -31.19
C ALA I 15 -21.73 11.40 -32.41
N GLY I 16 -21.61 11.95 -33.63
CA GLY I 16 -21.94 11.21 -34.87
C GLY I 16 -23.44 10.96 -34.99
N ARG I 17 -24.28 11.86 -34.48
CA ARG I 17 -25.77 11.64 -34.45
C ARG I 17 -26.48 12.45 -35.56
N PHE I 18 -27.48 11.83 -36.18
CA PHE I 18 -28.58 12.54 -36.87
C PHE I 18 -29.26 13.46 -35.86
N PRO I 19 -29.83 14.57 -36.34
CA PRO I 19 -30.73 15.36 -35.53
C PRO I 19 -31.81 14.45 -34.95
N SER I 20 -32.14 14.63 -33.67
CA SER I 20 -33.14 13.84 -32.93
C SER I 20 -34.08 14.78 -32.16
N SER I 21 -35.02 14.20 -31.40
CA SER I 21 -36.07 14.95 -30.65
C SER I 21 -35.53 16.24 -30.03
N SER I 22 -34.47 16.18 -29.21
CA SER I 22 -34.01 17.36 -28.45
C SER I 22 -33.47 18.44 -29.39
N ASP I 23 -32.93 18.06 -30.56
CA ASP I 23 -32.42 19.05 -31.54
C ASP I 23 -33.62 19.78 -32.18
N LEU I 24 -34.68 19.06 -32.56
CA LEU I 24 -35.87 19.74 -33.15
C LEU I 24 -36.56 20.65 -32.10
N GLU I 25 -36.73 20.15 -30.89
CA GLU I 25 -37.26 20.96 -29.73
C GLU I 25 -36.45 22.25 -29.53
N SER I 26 -35.12 22.18 -29.56
CA SER I 26 -34.22 23.33 -29.38
C SER I 26 -34.56 24.40 -30.43
N VAL I 27 -34.68 23.99 -31.69
CA VAL I 27 -34.95 24.90 -32.85
C VAL I 27 -36.38 25.47 -32.74
N GLN I 28 -37.33 24.75 -32.16
CA GLN I 28 -38.69 25.31 -31.87
C GLN I 28 -38.54 26.56 -30.98
N GLY I 29 -37.55 26.56 -30.09
CA GLY I 29 -37.27 27.71 -29.22
C GLY I 29 -36.94 28.94 -30.03
N SER I 30 -36.12 28.77 -31.08
CA SER I 30 -35.76 29.82 -32.08
C SER I 30 -37.01 30.34 -32.77
N ILE I 31 -37.91 29.46 -33.17
CA ILE I 31 -39.17 29.85 -33.84
C ILE I 31 -39.99 30.72 -32.90
N GLN I 32 -40.14 30.26 -31.65
CA GLN I 32 -40.85 30.98 -30.56
C GLN I 32 -40.19 32.36 -30.29
N ARG I 33 -38.87 32.43 -30.14
CA ARG I 33 -38.19 33.63 -29.59
C ARG I 33 -37.86 34.63 -30.71
N SER I 34 -37.82 34.19 -31.96
CA SER I 34 -37.46 35.03 -33.14
C SER I 34 -38.25 36.34 -33.11
N ALA I 35 -39.56 36.33 -32.82
CA ALA I 35 -40.43 37.53 -32.93
C ALA I 35 -39.89 38.61 -32.00
N ALA I 36 -39.64 38.28 -30.73
CA ALA I 36 -39.08 39.25 -29.76
C ALA I 36 -37.74 39.79 -30.27
N ARG I 37 -36.80 38.93 -30.66
CA ARG I 37 -35.42 39.46 -30.92
C ARG I 37 -35.31 40.03 -32.33
N LEU I 38 -36.13 39.56 -33.28
CA LEU I 38 -36.17 40.20 -34.63
C LEU I 38 -36.81 41.60 -34.53
N GLU I 39 -37.76 41.80 -33.60
CA GLU I 39 -38.33 43.13 -33.30
C GLU I 39 -37.19 44.04 -32.82
N ALA I 40 -36.46 43.62 -31.81
CA ALA I 40 -35.29 44.35 -31.26
C ALA I 40 -34.28 44.65 -32.38
N ALA I 41 -33.96 43.66 -33.20
CA ALA I 41 -32.98 43.76 -34.30
C ALA I 41 -33.40 44.86 -35.28
N GLU I 42 -34.69 44.92 -35.58
CA GLU I 42 -35.32 45.91 -36.50
C GLU I 42 -35.23 47.32 -35.89
N LYS I 43 -35.57 47.45 -34.60
CA LYS I 43 -35.58 48.78 -33.94
C LYS I 43 -34.14 49.29 -33.79
N LEU I 44 -33.21 48.43 -33.37
CA LEU I 44 -31.77 48.80 -33.25
C LEU I 44 -31.24 49.14 -34.64
N GLY I 45 -31.56 48.31 -35.64
CA GLY I 45 -31.08 48.46 -37.03
C GLY I 45 -31.46 49.81 -37.62
N ALA I 46 -32.66 50.28 -37.36
CA ALA I 46 -33.18 51.53 -37.96
C ALA I 46 -32.67 52.77 -37.19
N ASN I 47 -32.22 52.63 -35.94
CA ASN I 47 -32.00 53.76 -34.99
C ASN I 47 -30.58 53.71 -34.39
N LEU I 48 -29.63 52.98 -35.02
CA LEU I 48 -28.31 52.62 -34.43
C LEU I 48 -27.48 53.87 -34.15
N ASP I 49 -27.45 54.82 -35.10
CA ASP I 49 -26.69 56.10 -34.97
C ASP I 49 -27.20 56.87 -33.74
N ASN I 50 -28.50 56.98 -33.55
CA ASN I 50 -29.07 57.70 -32.39
C ASN I 50 -28.75 56.93 -31.10
N VAL I 51 -29.02 55.62 -31.05
CA VAL I 51 -28.76 54.76 -29.85
C VAL I 51 -27.28 54.85 -29.43
N ALA I 52 -26.32 54.66 -30.36
CA ALA I 52 -24.86 54.69 -30.13
C ALA I 52 -24.39 56.08 -29.68
N GLN I 53 -24.86 57.14 -30.36
CA GLN I 53 -24.51 58.55 -30.07
C GLN I 53 -24.77 58.81 -28.57
N GLU I 54 -25.98 58.56 -28.07
CA GLU I 54 -26.30 58.91 -26.67
C GLU I 54 -25.45 58.02 -25.73
N ALA I 55 -25.06 56.80 -26.15
CA ALA I 55 -24.17 55.91 -25.39
C ALA I 55 -22.75 56.49 -25.32
N TYR I 56 -22.19 56.90 -26.46
CA TYR I 56 -20.90 57.62 -26.57
C TYR I 56 -20.91 58.87 -25.66
N ASN I 57 -21.93 59.72 -25.79
CA ASN I 57 -22.05 61.01 -25.05
C ASN I 57 -22.06 60.73 -23.53
N ALA I 58 -22.81 59.73 -23.08
CA ALA I 58 -22.90 59.37 -21.63
C ALA I 58 -21.52 58.93 -21.10
N CYS I 59 -20.69 58.29 -21.93
CA CYS I 59 -19.36 57.80 -21.48
C CYS I 59 -18.37 58.97 -21.40
N ILE I 60 -18.47 59.97 -22.27
CA ILE I 60 -17.56 61.16 -22.26
C ILE I 60 -18.02 62.08 -21.14
N GLN I 61 -19.34 62.23 -20.91
CA GLN I 61 -19.85 63.02 -19.76
C GLN I 61 -19.35 62.42 -18.43
N LYS I 62 -19.37 61.09 -18.30
CA LYS I 62 -18.87 60.40 -17.08
C LYS I 62 -17.35 60.58 -16.94
N TYR I 63 -16.59 60.65 -18.04
CA TYR I 63 -15.10 60.72 -18.03
C TYR I 63 -14.56 61.89 -18.84
N PRO I 64 -14.78 63.18 -18.46
CA PRO I 64 -14.15 64.30 -19.16
C PRO I 64 -12.61 64.27 -19.27
N TYR I 65 -11.90 63.56 -18.40
CA TYR I 65 -10.42 63.46 -18.45
C TYR I 65 -9.99 62.92 -19.82
N LEU I 66 -10.87 62.20 -20.53
CA LEU I 66 -10.62 61.63 -21.88
C LEU I 66 -10.36 62.72 -22.93
N ASN I 67 -10.86 63.94 -22.70
CA ASN I 67 -10.67 65.10 -23.62
C ASN I 67 -9.27 65.72 -23.43
N ASN I 68 -8.56 65.42 -22.34
CA ASN I 68 -7.19 65.98 -22.11
C ASN I 68 -6.24 65.56 -23.24
N ALA I 69 -5.40 66.50 -23.68
CA ALA I 69 -4.26 66.26 -24.59
C ALA I 69 -3.66 64.89 -24.29
N GLY I 70 -3.46 64.05 -25.30
CA GLY I 70 -2.81 62.73 -25.17
C GLY I 70 -3.73 61.62 -24.70
N GLU I 71 -4.96 61.91 -24.24
CA GLU I 71 -5.93 60.92 -23.69
C GLU I 71 -6.77 60.37 -24.85
N ALA I 72 -7.68 59.43 -24.57
CA ALA I 72 -8.26 58.54 -25.61
C ALA I 72 -9.32 59.28 -26.44
N ASN I 73 -9.81 60.44 -26.00
CA ASN I 73 -10.89 61.18 -26.71
C ASN I 73 -10.40 62.60 -27.03
N SER I 74 -9.08 62.80 -27.01
CA SER I 74 -8.41 64.12 -26.91
C SER I 74 -8.24 64.83 -28.27
N ASN I 75 -8.40 64.12 -29.40
CA ASN I 75 -8.32 64.66 -30.78
C ASN I 75 -9.45 64.04 -31.62
N ASP I 76 -9.71 64.61 -32.81
CA ASP I 76 -10.94 64.33 -33.61
C ASP I 76 -10.92 62.93 -34.25
N THR I 77 -9.76 62.42 -34.70
CA THR I 77 -9.57 61.01 -35.16
C THR I 77 -10.02 60.06 -34.03
N TYR I 78 -9.38 60.15 -32.85
CA TYR I 78 -9.66 59.34 -31.63
C TYR I 78 -11.17 59.42 -31.29
N LYS I 79 -11.74 60.64 -31.32
CA LYS I 79 -13.19 60.94 -31.11
C LYS I 79 -14.06 60.11 -32.05
N ALA I 80 -13.76 60.16 -33.36
CA ALA I 80 -14.53 59.43 -34.39
C ALA I 80 -14.40 57.94 -34.10
N LYS I 81 -13.19 57.48 -33.76
CA LYS I 81 -12.87 56.04 -33.55
C LYS I 81 -13.64 55.51 -32.33
N CYS I 82 -13.89 56.40 -31.36
CA CYS I 82 -14.53 56.01 -30.07
C CYS I 82 -16.02 55.75 -30.29
N LEU I 83 -16.71 56.71 -30.91
CA LEU I 83 -18.13 56.58 -31.31
C LEU I 83 -18.26 55.40 -32.28
N ARG I 84 -17.35 55.28 -33.25
CA ARG I 84 -17.27 54.14 -34.20
C ARG I 84 -17.28 52.84 -33.41
N ASP I 85 -16.49 52.75 -32.35
CA ASP I 85 -16.33 51.51 -31.54
C ASP I 85 -17.63 51.24 -30.76
N VAL I 86 -18.32 52.28 -30.27
CA VAL I 86 -19.67 52.13 -29.64
C VAL I 86 -20.64 51.59 -30.71
N LYS I 87 -20.64 52.15 -31.92
CA LYS I 87 -21.53 51.70 -33.03
C LYS I 87 -21.20 50.25 -33.43
N HIS I 88 -19.92 49.90 -33.47
CA HIS I 88 -19.46 48.52 -33.81
C HIS I 88 -20.09 47.55 -32.81
N TYR I 89 -19.98 47.83 -31.51
CA TYR I 89 -20.57 46.96 -30.46
C TYR I 89 -22.11 46.87 -30.69
N MET I 90 -22.81 47.97 -30.96
CA MET I 90 -24.30 47.96 -31.12
C MET I 90 -24.69 47.18 -32.40
N ARG I 91 -23.94 47.35 -33.50
CA ARG I 91 -24.12 46.62 -34.79
C ARG I 91 -23.94 45.12 -34.52
N LEU I 92 -22.88 44.75 -33.80
CA LEU I 92 -22.59 43.35 -33.41
C LEU I 92 -23.74 42.84 -32.53
N ILE I 93 -24.26 43.68 -31.64
CA ILE I 93 -25.45 43.33 -30.83
C ILE I 93 -26.66 43.12 -31.76
N GLN I 94 -26.84 43.98 -32.77
CA GLN I 94 -27.91 43.79 -33.78
C GLN I 94 -27.77 42.40 -34.42
N TYR I 95 -26.55 42.01 -34.79
CA TYR I 95 -26.21 40.72 -35.44
C TYR I 95 -26.59 39.54 -34.54
N CYS I 96 -26.24 39.60 -33.24
CA CYS I 96 -26.61 38.56 -32.24
C CYS I 96 -28.13 38.46 -32.13
N LEU I 97 -28.87 39.58 -32.22
CA LEU I 97 -30.36 39.58 -32.18
C LEU I 97 -30.90 38.88 -33.42
N VAL I 98 -30.31 39.12 -34.58
CA VAL I 98 -30.73 38.42 -35.83
C VAL I 98 -30.45 36.92 -35.65
N VAL I 99 -29.31 36.55 -35.08
CA VAL I 99 -28.83 35.13 -35.08
C VAL I 99 -29.40 34.36 -33.86
N GLY I 100 -29.72 35.08 -32.79
CA GLY I 100 -30.22 34.48 -31.52
C GLY I 100 -29.10 33.74 -30.80
N GLY I 101 -27.86 34.16 -31.03
CA GLY I 101 -26.70 33.70 -30.26
C GLY I 101 -25.65 34.79 -30.15
N THR I 102 -24.67 34.58 -29.26
CA THR I 102 -23.59 35.55 -28.95
C THR I 102 -22.47 35.46 -29.99
N GLY I 103 -22.57 34.55 -30.97
CA GLY I 103 -21.52 34.28 -31.98
C GLY I 103 -20.91 35.54 -32.60
N PRO I 104 -21.70 36.44 -33.20
CA PRO I 104 -21.11 37.60 -33.87
C PRO I 104 -20.34 38.54 -32.93
N LEU I 105 -20.79 38.67 -31.69
CA LEU I 105 -20.09 39.44 -30.62
C LEU I 105 -18.84 38.65 -30.19
N ASP I 106 -19.00 37.34 -29.91
CA ASP I 106 -17.90 36.46 -29.47
C ASP I 106 -16.75 36.54 -30.48
N GLU I 107 -17.01 36.34 -31.77
CA GLU I 107 -15.98 36.16 -32.83
C GLU I 107 -15.44 37.51 -33.30
N TRP I 108 -16.25 38.57 -33.40
CA TRP I 108 -15.88 39.85 -34.07
C TRP I 108 -15.77 41.02 -33.10
N GLY I 109 -16.14 40.87 -31.82
CA GLY I 109 -16.01 41.96 -30.83
C GLY I 109 -15.13 41.59 -29.66
N ILE I 110 -15.40 40.46 -29.00
CA ILE I 110 -14.80 40.12 -27.68
C ILE I 110 -13.40 39.51 -27.88
N ALA I 111 -13.23 38.63 -28.87
CA ALA I 111 -11.94 38.02 -29.24
C ALA I 111 -10.91 39.13 -29.50
N GLY I 112 -9.87 39.22 -28.69
CA GLY I 112 -8.76 40.18 -28.91
C GLY I 112 -9.05 41.58 -28.38
N GLN I 113 -10.27 41.89 -27.89
CA GLN I 113 -10.58 43.26 -27.39
C GLN I 113 -9.60 43.62 -26.25
N ARG I 114 -9.35 42.67 -25.35
CA ARG I 114 -8.55 42.91 -24.12
C ARG I 114 -7.09 43.21 -24.56
N GLU I 115 -6.57 42.48 -25.55
CA GLU I 115 -5.20 42.65 -26.11
C GLU I 115 -5.08 44.01 -26.84
N VAL I 116 -6.07 44.37 -27.67
CA VAL I 116 -6.09 45.62 -28.49
C VAL I 116 -6.08 46.83 -27.56
N TYR I 117 -6.98 46.88 -26.58
CA TYR I 117 -7.19 48.08 -25.73
C TYR I 117 -5.93 48.26 -24.88
N ARG I 118 -5.39 47.18 -24.30
CA ARG I 118 -4.10 47.20 -23.53
C ARG I 118 -3.02 47.84 -24.41
N ALA I 119 -2.76 47.29 -25.60
CA ALA I 119 -1.69 47.73 -26.55
C ALA I 119 -1.79 49.24 -26.83
N LEU I 120 -2.99 49.75 -27.08
CA LEU I 120 -3.25 51.17 -27.46
C LEU I 120 -3.53 52.02 -26.21
N SER I 121 -3.39 51.45 -25.01
CA SER I 121 -3.69 52.13 -23.72
C SER I 121 -5.08 52.80 -23.78
N LEU I 122 -6.10 52.06 -24.26
CA LEU I 122 -7.53 52.49 -24.27
C LEU I 122 -8.18 52.01 -22.99
N PRO I 123 -8.65 52.94 -22.11
CA PRO I 123 -9.34 52.55 -20.89
C PRO I 123 -10.60 51.72 -21.19
N THR I 124 -10.84 50.71 -20.34
CA THR I 124 -12.00 49.76 -20.36
C THR I 124 -13.29 50.45 -19.86
N ALA I 125 -13.21 51.31 -18.84
CA ALA I 125 -14.36 51.88 -18.10
C ALA I 125 -15.29 52.68 -19.04
N PRO I 126 -14.75 53.55 -19.91
CA PRO I 126 -15.56 54.28 -20.89
C PRO I 126 -16.43 53.41 -21.82
N TYR I 127 -15.92 52.26 -22.32
CA TYR I 127 -16.71 51.27 -23.12
C TYR I 127 -17.81 50.70 -22.23
N VAL I 128 -17.44 50.28 -21.02
CA VAL I 128 -18.40 49.77 -20.01
C VAL I 128 -19.50 50.80 -19.78
N GLU I 129 -19.17 52.09 -19.65
CA GLU I 129 -20.18 53.14 -19.38
C GLU I 129 -21.11 53.31 -20.60
N ALA I 130 -20.57 53.32 -21.81
CA ALA I 130 -21.41 53.42 -23.04
C ALA I 130 -22.42 52.26 -23.08
N LEU I 131 -21.96 51.02 -22.91
CA LEU I 131 -22.87 49.84 -22.99
C LEU I 131 -23.82 49.87 -21.77
N SER I 132 -23.32 50.25 -20.59
CA SER I 132 -24.11 50.33 -19.34
C SER I 132 -25.22 51.37 -19.50
N PHE I 133 -24.91 52.53 -20.06
CA PHE I 133 -25.94 53.55 -20.35
C PHE I 133 -27.00 52.93 -21.26
N ALA I 134 -26.60 52.26 -22.34
CA ALA I 134 -27.54 51.66 -23.32
C ALA I 134 -28.44 50.65 -22.61
N ARG I 135 -27.88 49.86 -21.69
CA ARG I 135 -28.55 48.75 -20.95
C ARG I 135 -29.61 49.32 -19.97
N ASN I 136 -29.35 50.48 -19.38
CA ASN I 136 -30.21 51.14 -18.36
C ASN I 136 -31.23 52.04 -19.06
N ARG I 137 -31.04 52.36 -20.33
CA ARG I 137 -31.82 53.38 -21.07
C ARG I 137 -33.20 52.87 -21.50
N GLY I 138 -33.30 51.62 -21.96
CA GLY I 138 -34.52 51.13 -22.62
C GLY I 138 -35.62 50.86 -21.62
N CYS I 139 -36.87 51.06 -22.03
CA CYS I 139 -38.05 50.54 -21.26
C CYS I 139 -39.14 50.06 -22.20
N ALA I 140 -39.87 49.03 -21.76
CA ALA I 140 -41.00 48.41 -22.48
C ALA I 140 -42.30 48.85 -21.83
N PRO I 141 -43.40 49.08 -22.59
CA PRO I 141 -43.42 48.94 -24.06
C PRO I 141 -43.05 50.16 -24.92
N ARG I 142 -42.50 51.21 -24.33
CA ARG I 142 -42.20 52.45 -25.10
C ARG I 142 -41.25 52.15 -26.26
N ASP I 143 -40.06 51.59 -25.97
CA ASP I 143 -38.98 51.45 -26.97
C ASP I 143 -39.20 50.18 -27.80
N MET I 144 -39.89 49.16 -27.27
CA MET I 144 -40.08 47.84 -27.92
C MET I 144 -40.85 46.94 -26.94
N SER I 145 -41.28 45.75 -27.36
CA SER I 145 -41.96 44.79 -26.43
C SER I 145 -41.06 44.37 -25.25
N ALA I 146 -41.67 43.99 -24.12
CA ALA I 146 -40.96 43.45 -22.94
C ALA I 146 -39.84 42.49 -23.41
N GLN I 147 -40.22 41.46 -24.18
CA GLN I 147 -39.33 40.33 -24.52
C GLN I 147 -38.28 40.78 -25.55
N ALA I 148 -38.61 41.73 -26.42
CA ALA I 148 -37.59 42.38 -27.28
C ALA I 148 -36.55 43.04 -26.37
N LEU I 149 -36.96 43.72 -25.29
CA LEU I 149 -36.04 44.48 -24.42
C LEU I 149 -35.19 43.51 -23.58
N VAL I 150 -35.79 42.42 -23.09
CA VAL I 150 -35.04 41.34 -22.38
C VAL I 150 -33.93 40.82 -23.31
N GLU I 151 -34.21 40.68 -24.60
CA GLU I 151 -33.21 40.17 -25.57
C GLU I 151 -32.13 41.24 -25.80
N TYR I 152 -32.51 42.49 -26.08
CA TYR I 152 -31.59 43.65 -26.23
C TYR I 152 -30.66 43.69 -25.01
N ASN I 153 -31.24 43.71 -23.82
CA ASN I 153 -30.53 43.93 -22.53
C ASN I 153 -29.57 42.76 -22.27
N ALA I 154 -29.93 41.52 -22.62
CA ALA I 154 -29.13 40.32 -22.28
C ALA I 154 -27.79 40.42 -23.00
N LEU I 155 -27.83 40.93 -24.23
CA LEU I 155 -26.64 41.05 -25.09
C LEU I 155 -25.78 42.23 -24.65
N LEU I 156 -26.38 43.34 -24.20
CA LEU I 156 -25.61 44.47 -23.62
C LEU I 156 -24.93 44.00 -22.33
N ASP I 157 -25.64 43.23 -21.51
CA ASP I 157 -25.03 42.65 -20.27
C ASP I 157 -23.94 41.63 -20.65
N TYR I 158 -24.14 40.83 -21.72
CA TYR I 158 -23.10 39.89 -22.18
C TYR I 158 -21.81 40.67 -22.50
N ALA I 159 -21.92 41.72 -23.31
CA ALA I 159 -20.79 42.58 -23.72
C ALA I 159 -20.09 43.22 -22.50
N ILE I 160 -20.86 43.83 -21.59
CA ILE I 160 -20.37 44.45 -20.32
C ILE I 160 -19.59 43.38 -19.56
N ASN I 161 -20.18 42.19 -19.40
CA ASN I 161 -19.55 41.03 -18.72
C ASN I 161 -18.22 40.67 -19.41
N SER I 162 -18.14 40.70 -20.74
CA SER I 162 -16.87 40.41 -21.46
C SER I 162 -15.76 41.41 -21.05
N LEU I 163 -16.08 42.65 -20.70
CA LEU I 163 -15.10 43.73 -20.44
C LEU I 163 -14.92 43.92 -18.93
N SER I 164 -15.55 43.06 -18.11
CA SER I 164 -15.66 43.16 -16.63
C SER I 164 -15.15 41.87 -16.00
N MET J 1 -14.21 34.74 23.23
CA MET J 1 -15.05 33.53 23.39
C MET J 1 -14.55 32.74 24.61
N LYS J 2 -15.36 32.64 25.66
CA LYS J 2 -14.87 32.19 26.99
C LYS J 2 -14.40 30.74 26.91
N SER J 3 -13.10 30.52 27.17
CA SER J 3 -12.47 29.20 27.32
C SER J 3 -11.51 29.28 28.50
N VAL J 4 -10.84 28.18 28.85
CA VAL J 4 -9.73 28.22 29.86
C VAL J 4 -8.72 29.30 29.45
N VAL J 5 -8.24 29.24 28.22
CA VAL J 5 -7.05 30.03 27.79
C VAL J 5 -7.47 31.50 27.59
N THR J 6 -8.68 31.79 27.09
CA THR J 6 -9.07 33.19 26.82
C THR J 6 -9.35 33.89 28.15
N THR J 7 -9.92 33.17 29.13
CA THR J 7 -10.11 33.72 30.48
C THR J 7 -8.75 34.11 31.06
N VAL J 8 -7.74 33.25 31.01
CA VAL J 8 -6.47 33.60 31.71
C VAL J 8 -5.73 34.70 30.94
N ILE J 9 -5.83 34.73 29.61
CA ILE J 9 -5.19 35.81 28.82
C ILE J 9 -5.86 37.15 29.13
N ALA J 10 -7.20 37.21 29.17
CA ALA J 10 -7.95 38.45 29.51
C ALA J 10 -7.56 38.95 30.93
N ALA J 11 -7.50 38.08 31.92
CA ALA J 11 -7.07 38.44 33.30
C ALA J 11 -5.64 38.98 33.25
N ALA J 12 -4.77 38.36 32.44
CA ALA J 12 -3.35 38.75 32.39
C ALA J 12 -3.29 40.13 31.72
N ASP J 13 -4.05 40.29 30.65
CA ASP J 13 -4.01 41.49 29.80
C ASP J 13 -4.53 42.68 30.61
N ALA J 14 -5.62 42.50 31.38
CA ALA J 14 -6.24 43.57 32.20
C ALA J 14 -5.24 44.05 33.27
N ALA J 15 -4.29 43.19 33.70
CA ALA J 15 -3.23 43.50 34.67
C ALA J 15 -1.90 43.80 33.98
N GLY J 16 -1.85 43.93 32.65
CA GLY J 16 -0.59 44.14 31.92
C GLY J 16 0.47 43.05 32.17
N ARG J 17 0.08 41.77 32.32
CA ARG J 17 1.04 40.67 32.70
C ARG J 17 1.36 39.74 31.53
N PHE J 18 2.61 39.31 31.46
CA PHE J 18 3.01 38.10 30.72
C PHE J 18 2.25 36.90 31.34
N PRO J 19 1.98 35.85 30.54
CA PRO J 19 1.57 34.55 31.08
C PRO J 19 2.57 34.16 32.16
N SER J 20 2.06 33.63 33.27
CA SER J 20 2.82 33.25 34.49
C SER J 20 2.33 31.87 34.93
N SER J 21 2.86 31.39 36.06
N SER J 21 2.82 31.39 36.08
CA SER J 21 2.66 30.00 36.57
CA SER J 21 2.67 29.98 36.52
C SER J 21 1.17 29.62 36.53
C SER J 21 1.18 29.58 36.61
N SER J 22 0.30 30.44 37.11
CA SER J 22 -1.15 30.12 37.25
C SER J 22 -1.79 30.00 35.86
N ASP J 23 -1.31 30.76 34.88
CA ASP J 23 -1.87 30.68 33.51
C ASP J 23 -1.50 29.33 32.86
N LEU J 24 -0.22 28.93 32.88
CA LEU J 24 0.22 27.63 32.30
C LEU J 24 -0.51 26.49 33.01
N GLU J 25 -0.70 26.62 34.31
CA GLU J 25 -1.31 25.55 35.15
C GLU J 25 -2.79 25.43 34.75
N SER J 26 -3.52 26.54 34.55
CA SER J 26 -4.92 26.52 34.06
C SER J 26 -4.98 25.69 32.76
N VAL J 27 -4.06 25.96 31.84
CA VAL J 27 -4.07 25.33 30.49
C VAL J 27 -3.71 23.85 30.61
N GLN J 28 -2.91 23.43 31.61
CA GLN J 28 -2.73 21.98 31.89
C GLN J 28 -4.09 21.33 32.15
N GLY J 29 -5.01 22.04 32.81
CA GLY J 29 -6.36 21.54 33.12
C GLY J 29 -7.08 21.15 31.85
N SER J 30 -6.96 21.99 30.82
CA SER J 30 -7.49 21.76 29.46
C SER J 30 -6.86 20.48 28.87
N ILE J 31 -5.54 20.33 28.98
CA ILE J 31 -4.83 19.15 28.44
C ILE J 31 -5.44 17.91 29.07
N GLN J 32 -5.67 17.92 30.38
CA GLN J 32 -6.18 16.77 31.14
C GLN J 32 -7.68 16.53 30.83
N ARG J 33 -8.49 17.58 30.84
CA ARG J 33 -9.96 17.43 30.78
C ARG J 33 -10.40 17.20 29.33
N SER J 34 -9.51 17.49 28.38
CA SER J 34 -9.83 17.45 26.93
C SER J 34 -10.35 16.07 26.54
N ALA J 35 -9.80 15.01 27.12
CA ALA J 35 -10.12 13.60 26.80
C ALA J 35 -11.63 13.40 26.95
N ALA J 36 -12.18 13.76 28.10
CA ALA J 36 -13.60 13.54 28.45
C ALA J 36 -14.47 14.38 27.50
N ARG J 37 -14.18 15.67 27.35
CA ARG J 37 -15.12 16.56 26.60
C ARG J 37 -15.03 16.31 25.10
N LEU J 38 -13.86 15.98 24.56
CA LEU J 38 -13.70 15.72 23.09
C LEU J 38 -14.37 14.39 22.74
N GLU J 39 -14.31 13.42 23.65
CA GLU J 39 -15.09 12.16 23.53
C GLU J 39 -16.58 12.55 23.38
N ALA J 40 -17.12 13.32 24.31
CA ALA J 40 -18.54 13.78 24.28
C ALA J 40 -18.83 14.51 22.94
N ALA J 41 -17.88 15.35 22.50
CA ALA J 41 -17.98 16.13 21.27
C ALA J 41 -18.09 15.18 20.07
N GLU J 42 -17.35 14.08 20.08
CA GLU J 42 -17.36 13.12 18.95
C GLU J 42 -18.67 12.33 18.95
N LYS J 43 -19.14 11.90 20.12
CA LYS J 43 -20.40 11.12 20.23
C LYS J 43 -21.55 12.02 19.76
N LEU J 44 -21.64 13.25 20.29
CA LEU J 44 -22.70 14.24 19.92
C LEU J 44 -22.56 14.61 18.45
N GLY J 45 -21.33 14.89 18.02
CA GLY J 45 -20.97 15.10 16.60
C GLY J 45 -21.50 14.01 15.68
N ALA J 46 -21.31 12.75 16.01
CA ALA J 46 -21.71 11.59 15.15
C ALA J 46 -23.24 11.44 15.10
N ASN J 47 -23.99 11.88 16.13
CA ASN J 47 -25.40 11.45 16.29
C ASN J 47 -26.34 12.63 16.54
N LEU J 48 -26.02 13.82 16.06
CA LEU J 48 -26.72 15.06 16.47
C LEU J 48 -28.20 14.97 16.06
N ASP J 49 -28.47 14.60 14.83
CA ASP J 49 -29.84 14.56 14.25
C ASP J 49 -30.76 13.75 15.15
N ASN J 50 -30.36 12.51 15.49
CA ASN J 50 -31.18 11.57 16.31
C ASN J 50 -31.24 12.06 17.77
N VAL J 51 -30.14 12.61 18.33
CA VAL J 51 -30.15 13.12 19.74
C VAL J 51 -31.15 14.27 19.89
N ALA J 52 -31.15 15.20 18.94
CA ALA J 52 -32.04 16.39 18.90
C ALA J 52 -33.50 15.96 18.65
N GLN J 53 -33.70 15.10 17.65
CA GLN J 53 -35.01 14.52 17.25
C GLN J 53 -35.74 13.97 18.49
N GLU J 54 -35.08 13.12 19.28
CA GLU J 54 -35.79 12.51 20.43
C GLU J 54 -36.04 13.58 21.49
N ALA J 55 -35.19 14.60 21.63
CA ALA J 55 -35.39 15.71 22.59
C ALA J 55 -36.60 16.54 22.15
N TYR J 56 -36.64 16.89 20.87
CA TYR J 56 -37.79 17.58 20.23
C TYR J 56 -39.05 16.73 20.42
N ASN J 57 -38.96 15.44 20.15
CA ASN J 57 -40.15 14.56 20.26
C ASN J 57 -40.65 14.66 21.70
N ALA J 58 -39.76 14.63 22.69
CA ALA J 58 -40.15 14.61 24.12
C ALA J 58 -40.87 15.92 24.51
N CYS J 59 -40.42 17.05 23.97
CA CYS J 59 -40.97 18.38 24.36
C CYS J 59 -42.35 18.55 23.71
N ILE J 60 -42.57 17.98 22.52
CA ILE J 60 -43.92 18.02 21.89
C ILE J 60 -44.85 17.08 22.67
N GLN J 61 -44.35 15.92 23.10
CA GLN J 61 -45.14 14.94 23.86
C GLN J 61 -45.54 15.56 25.20
N LYS J 62 -44.64 16.28 25.88
CA LYS J 62 -44.99 16.95 27.15
C LYS J 62 -46.12 17.97 26.89
N TYR J 63 -46.07 18.70 25.78
CA TYR J 63 -46.89 19.91 25.51
C TYR J 63 -47.62 19.80 24.19
N PRO J 64 -48.52 18.80 24.04
CA PRO J 64 -49.31 18.61 22.80
C PRO J 64 -50.20 19.81 22.40
N TYR J 65 -50.51 20.74 23.32
CA TYR J 65 -51.26 21.99 23.02
C TYR J 65 -50.54 22.78 21.92
N LEU J 66 -49.20 22.61 21.84
CA LEU J 66 -48.35 23.25 20.81
C LEU J 66 -48.85 22.86 19.43
N ASN J 67 -49.58 21.74 19.30
CA ASN J 67 -50.04 21.25 17.97
C ASN J 67 -51.36 21.92 17.53
N ASN J 68 -52.14 22.49 18.44
CA ASN J 68 -53.44 23.17 18.09
C ASN J 68 -53.17 24.39 17.19
N ALA J 69 -54.06 24.67 16.23
CA ALA J 69 -53.96 25.79 15.26
C ALA J 69 -53.54 27.08 15.96
N GLY J 70 -52.59 27.82 15.41
CA GLY J 70 -52.06 29.05 16.02
C GLY J 70 -50.99 28.84 17.09
N GLU J 71 -50.82 27.63 17.64
CA GLU J 71 -49.75 27.37 18.64
C GLU J 71 -48.42 27.07 17.92
N ALA J 72 -47.30 27.07 18.65
CA ALA J 72 -45.93 27.22 18.08
C ALA J 72 -45.45 25.96 17.35
N ASN J 73 -46.15 24.82 17.45
CA ASN J 73 -45.78 23.58 16.71
C ASN J 73 -46.92 23.15 15.77
N SER J 74 -47.73 24.10 15.28
CA SER J 74 -49.06 23.79 14.66
C SER J 74 -49.02 23.73 13.13
N ASN J 75 -47.92 24.09 12.47
CA ASN J 75 -47.82 23.97 10.98
C ASN J 75 -46.45 23.39 10.65
N ASP J 76 -46.20 22.97 9.42
CA ASP J 76 -44.96 22.23 9.06
C ASP J 76 -43.72 23.14 9.14
N THR J 77 -43.86 24.43 8.89
CA THR J 77 -42.77 25.43 9.04
C THR J 77 -42.38 25.54 10.52
N TYR J 78 -43.33 25.78 11.42
CA TYR J 78 -43.14 25.83 12.90
C TYR J 78 -42.46 24.54 13.42
N LYS J 79 -42.93 23.36 12.97
CA LYS J 79 -42.40 22.03 13.36
C LYS J 79 -40.91 21.95 12.97
N ALA J 80 -40.58 22.35 11.77
CA ALA J 80 -39.20 22.27 11.27
C ALA J 80 -38.33 23.31 11.97
N LYS J 81 -38.86 24.50 12.28
CA LYS J 81 -38.05 25.52 13.01
C LYS J 81 -37.82 25.07 14.46
N CYS J 82 -38.83 24.45 15.06
CA CYS J 82 -38.74 23.96 16.46
C CYS J 82 -37.67 22.87 16.61
N LEU J 83 -37.72 21.84 15.75
CA LEU J 83 -36.68 20.79 15.65
C LEU J 83 -35.30 21.42 15.33
N ARG J 84 -35.23 22.31 14.32
CA ARG J 84 -33.99 23.08 14.03
C ARG J 84 -33.46 23.80 15.29
N ASP J 85 -34.30 24.48 16.08
CA ASP J 85 -33.87 25.20 17.31
C ASP J 85 -33.20 24.23 18.28
N VAL J 86 -33.75 23.04 18.48
CA VAL J 86 -33.20 22.03 19.42
C VAL J 86 -31.85 21.59 18.89
N LYS J 87 -31.75 21.31 17.60
CA LYS J 87 -30.45 20.95 16.97
C LYS J 87 -29.45 22.09 17.18
N HIS J 88 -29.88 23.36 17.01
CA HIS J 88 -29.00 24.55 17.22
C HIS J 88 -28.44 24.49 18.65
N TYR J 89 -29.28 24.41 19.70
CA TYR J 89 -28.77 24.30 21.09
C TYR J 89 -27.81 23.11 21.20
N MET J 90 -28.13 21.93 20.66
CA MET J 90 -27.24 20.76 20.81
C MET J 90 -25.92 20.97 20.02
N ARG J 91 -25.98 21.65 18.87
CA ARG J 91 -24.77 21.98 18.06
C ARG J 91 -23.88 22.94 18.90
N LEU J 92 -24.46 23.92 19.60
CA LEU J 92 -23.71 24.88 20.44
C LEU J 92 -23.06 24.14 21.62
N ILE J 93 -23.79 23.21 22.22
CA ILE J 93 -23.21 22.30 23.25
C ILE J 93 -22.01 21.53 22.67
N GLN J 94 -22.09 21.01 21.44
CA GLN J 94 -20.90 20.31 20.86
C GLN J 94 -19.70 21.27 20.83
N TYR J 95 -19.94 22.49 20.38
CA TYR J 95 -18.93 23.57 20.27
C TYR J 95 -18.31 23.86 21.63
N CYS J 96 -19.13 23.94 22.69
CA CYS J 96 -18.66 24.19 24.07
C CYS J 96 -17.77 23.02 24.50
N LEU J 97 -18.08 21.80 24.06
CA LEU J 97 -17.26 20.62 24.42
C LEU J 97 -15.90 20.67 23.72
N VAL J 98 -15.86 21.11 22.46
CA VAL J 98 -14.61 21.31 21.68
C VAL J 98 -13.77 22.41 22.33
N VAL J 99 -14.39 23.51 22.76
CA VAL J 99 -13.71 24.75 23.25
C VAL J 99 -13.28 24.60 24.73
N GLY J 100 -14.05 23.85 25.52
CA GLY J 100 -13.88 23.68 26.98
C GLY J 100 -14.34 24.90 27.76
N GLY J 101 -15.27 25.67 27.22
CA GLY J 101 -15.92 26.81 27.91
C GLY J 101 -17.30 27.06 27.31
N THR J 102 -18.09 27.92 27.93
CA THR J 102 -19.49 28.19 27.54
C THR J 102 -19.55 29.21 26.40
N GLY J 103 -18.39 29.71 25.96
CA GLY J 103 -18.30 30.76 24.93
C GLY J 103 -19.36 30.61 23.82
N PRO J 104 -19.33 29.52 23.02
CA PRO J 104 -20.20 29.39 21.86
C PRO J 104 -21.69 29.47 22.22
N LEU J 105 -22.06 28.84 23.33
CA LEU J 105 -23.44 28.86 23.85
C LEU J 105 -23.77 30.28 24.33
N ASP J 106 -22.88 30.96 25.05
CA ASP J 106 -23.18 32.33 25.59
C ASP J 106 -23.44 33.28 24.43
N GLU J 107 -22.59 33.25 23.39
CA GLU J 107 -22.59 34.29 22.33
C GLU J 107 -23.63 33.96 21.27
N TRP J 108 -23.77 32.67 20.91
CA TRP J 108 -24.61 32.27 19.76
C TRP J 108 -25.98 31.70 20.18
N GLY J 109 -26.19 31.27 21.42
CA GLY J 109 -27.51 30.74 21.83
C GLY J 109 -28.21 31.63 22.86
N ILE J 110 -27.56 31.89 24.00
CA ILE J 110 -28.18 32.53 25.19
C ILE J 110 -28.40 34.03 24.94
N ALA J 111 -27.40 34.78 24.46
CA ALA J 111 -27.52 36.25 24.20
C ALA J 111 -28.69 36.50 23.24
N GLY J 112 -29.71 37.22 23.72
CA GLY J 112 -30.90 37.58 22.95
C GLY J 112 -31.99 36.52 22.92
N GLN J 113 -31.79 35.33 23.49
CA GLN J 113 -32.81 34.23 23.39
C GLN J 113 -34.12 34.71 24.03
N ARG J 114 -34.05 35.35 25.20
CA ARG J 114 -35.25 35.80 25.94
C ARG J 114 -35.97 36.88 25.09
N GLU J 115 -35.27 37.79 24.40
CA GLU J 115 -35.98 38.84 23.63
C GLU J 115 -36.65 38.17 22.41
N VAL J 116 -35.97 37.23 21.75
CA VAL J 116 -36.50 36.52 20.56
C VAL J 116 -37.76 35.72 20.95
N TYR J 117 -37.72 34.93 22.02
CA TYR J 117 -38.85 34.02 22.37
C TYR J 117 -40.05 34.86 22.84
N ARG J 118 -39.84 35.93 23.60
CA ARG J 118 -40.94 36.89 23.98
C ARG J 118 -41.54 37.56 22.73
N ALA J 119 -40.72 38.12 21.83
CA ALA J 119 -41.18 38.82 20.61
C ALA J 119 -42.03 37.89 19.74
N LEU J 120 -41.68 36.61 19.63
CA LEU J 120 -42.41 35.65 18.76
C LEU J 120 -43.44 34.82 19.55
N SER J 121 -43.72 35.17 20.80
CA SER J 121 -44.63 34.37 21.70
C SER J 121 -44.24 32.88 21.69
N LEU J 122 -42.96 32.53 21.73
CA LEU J 122 -42.51 31.13 21.76
C LEU J 122 -42.40 30.79 23.24
N PRO J 123 -43.18 29.82 23.77
CA PRO J 123 -43.05 29.45 25.16
C PRO J 123 -41.67 28.83 25.44
N THR J 124 -41.16 29.10 26.62
CA THR J 124 -39.81 28.72 27.12
C THR J 124 -39.83 27.24 27.52
N ALA J 125 -40.91 26.77 28.17
CA ALA J 125 -40.98 25.45 28.85
C ALA J 125 -40.64 24.34 27.87
N PRO J 126 -41.14 24.36 26.60
CA PRO J 126 -40.75 23.33 25.64
C PRO J 126 -39.24 23.26 25.41
N TYR J 127 -38.56 24.40 25.30
CA TYR J 127 -37.07 24.44 25.17
C TYR J 127 -36.45 23.76 26.39
N VAL J 128 -36.93 24.10 27.58
CA VAL J 128 -36.37 23.53 28.84
C VAL J 128 -36.57 22.01 28.82
N GLU J 129 -37.73 21.56 28.34
CA GLU J 129 -38.13 20.14 28.41
C GLU J 129 -37.24 19.38 27.42
N ALA J 130 -36.99 19.94 26.24
CA ALA J 130 -36.15 19.27 25.23
C ALA J 130 -34.77 19.03 25.87
N LEU J 131 -34.18 20.07 26.44
CA LEU J 131 -32.84 20.02 27.09
C LEU J 131 -32.87 19.10 28.32
N SER J 132 -33.94 19.19 29.10
CA SER J 132 -34.17 18.39 30.33
C SER J 132 -34.23 16.91 29.93
N PHE J 133 -34.96 16.58 28.87
CA PHE J 133 -34.94 15.20 28.33
C PHE J 133 -33.49 14.79 28.02
N ALA J 134 -32.76 15.59 27.24
CA ALA J 134 -31.39 15.26 26.80
C ALA J 134 -30.47 15.05 28.02
N ARG J 135 -30.66 15.85 29.08
CA ARG J 135 -29.88 15.81 30.35
C ARG J 135 -30.15 14.51 31.12
N ASN J 136 -31.39 14.00 31.12
CA ASN J 136 -31.77 12.81 31.94
C ASN J 136 -31.50 11.52 31.12
N ARG J 137 -31.21 11.63 29.82
CA ARG J 137 -31.24 10.50 28.86
C ARG J 137 -29.94 9.70 28.86
N GLY J 138 -28.79 10.36 28.91
CA GLY J 138 -27.52 9.68 28.60
C GLY J 138 -27.13 8.81 29.76
N CYS J 139 -26.53 7.66 29.51
CA CYS J 139 -25.88 6.87 30.58
C CYS J 139 -24.54 6.31 30.09
N ALA J 140 -23.59 6.17 31.02
CA ALA J 140 -22.28 5.55 30.72
C ALA J 140 -22.25 4.15 31.35
N PRO J 141 -21.53 3.18 30.74
CA PRO J 141 -20.71 3.40 29.56
C PRO J 141 -21.42 3.30 28.21
N ARG J 142 -22.75 3.16 28.20
CA ARG J 142 -23.52 2.90 26.96
C ARG J 142 -23.24 3.99 25.92
N ASP J 143 -23.50 5.26 26.23
CA ASP J 143 -23.46 6.32 25.18
C ASP J 143 -22.04 6.92 25.08
N MET J 144 -21.27 6.87 26.17
CA MET J 144 -19.91 7.47 26.29
C MET J 144 -19.39 7.11 27.68
N SER J 145 -18.12 7.38 27.99
CA SER J 145 -17.51 7.15 29.32
C SER J 145 -18.13 8.08 30.37
N ALA J 146 -17.92 7.76 31.64
CA ALA J 146 -18.53 8.46 32.78
C ALA J 146 -18.20 9.96 32.73
N GLN J 147 -16.96 10.33 32.44
CA GLN J 147 -16.53 11.75 32.56
C GLN J 147 -16.99 12.51 31.32
N ALA J 148 -17.05 11.80 30.19
CA ALA J 148 -17.62 12.34 28.95
C ALA J 148 -19.04 12.84 29.24
N LEU J 149 -19.85 12.01 29.92
CA LEU J 149 -21.28 12.30 30.20
C LEU J 149 -21.39 13.45 31.21
N VAL J 150 -20.51 13.50 32.20
CA VAL J 150 -20.44 14.63 33.18
C VAL J 150 -20.29 15.93 32.38
N GLU J 151 -19.41 15.95 31.37
CA GLU J 151 -19.15 17.13 30.51
C GLU J 151 -20.42 17.53 29.74
N TYR J 152 -21.01 16.60 29.01
CA TYR J 152 -22.26 16.74 28.21
C TYR J 152 -23.36 17.31 29.13
N ASN J 153 -23.59 16.65 30.27
CA ASN J 153 -24.67 16.95 31.24
C ASN J 153 -24.49 18.36 31.83
N ALA J 154 -23.25 18.77 32.13
CA ALA J 154 -23.01 20.08 32.78
C ALA J 154 -23.43 21.18 31.81
N LEU J 155 -23.14 21.00 30.52
CA LEU J 155 -23.42 22.01 29.48
C LEU J 155 -24.93 22.05 29.21
N LEU J 156 -25.62 20.90 29.24
CA LEU J 156 -27.10 20.85 29.17
C LEU J 156 -27.69 21.61 30.37
N ASP J 157 -27.16 21.38 31.56
CA ASP J 157 -27.62 22.05 32.81
C ASP J 157 -27.39 23.56 32.70
N TYR J 158 -26.30 23.97 32.05
CA TYR J 158 -25.97 25.39 31.80
C TYR J 158 -27.02 26.04 30.87
N ALA J 159 -27.37 25.38 29.77
CA ALA J 159 -28.42 25.84 28.83
C ALA J 159 -29.75 25.92 29.58
N ILE J 160 -30.07 24.91 30.41
CA ILE J 160 -31.36 24.87 31.16
C ILE J 160 -31.42 26.08 32.11
N ASN J 161 -30.36 26.31 32.86
CA ASN J 161 -30.26 27.42 33.85
C ASN J 161 -30.49 28.77 33.16
N SER J 162 -29.99 28.93 31.92
CA SER J 162 -30.08 30.17 31.12
C SER J 162 -31.55 30.48 30.81
N LEU J 163 -32.42 29.47 30.77
CA LEU J 163 -33.85 29.62 30.38
C LEU J 163 -34.76 29.52 31.63
N SER J 164 -34.19 29.34 32.82
CA SER J 164 -34.91 29.07 34.09
C SER J 164 -34.53 30.14 35.11
N MET K 1 23.17 25.10 -30.34
CA MET K 1 24.46 24.63 -29.79
C MET K 1 24.70 25.29 -28.42
N LYS K 2 24.81 24.49 -27.36
CA LYS K 2 24.84 25.01 -25.98
C LYS K 2 26.00 26.01 -25.77
N SER K 3 25.62 27.25 -25.46
CA SER K 3 26.52 28.31 -24.94
C SER K 3 25.76 29.11 -23.88
N VAL K 4 26.41 30.06 -23.20
CA VAL K 4 25.70 30.91 -22.20
C VAL K 4 24.45 31.49 -22.88
N VAL K 5 24.62 32.14 -24.01
CA VAL K 5 23.56 32.97 -24.62
C VAL K 5 22.47 32.07 -25.25
N THR K 6 22.83 30.93 -25.83
CA THR K 6 21.78 30.05 -26.43
C THR K 6 20.98 29.38 -25.33
N THR K 7 21.59 29.01 -24.20
CA THR K 7 20.80 28.47 -23.08
C THR K 7 19.74 29.52 -22.66
N VAL K 8 20.12 30.79 -22.45
CA VAL K 8 19.15 31.77 -21.89
C VAL K 8 18.12 32.10 -22.97
N ILE K 9 18.52 32.14 -24.24
CA ILE K 9 17.54 32.48 -25.33
C ILE K 9 16.54 31.32 -25.45
N ALA K 10 17.00 30.07 -25.40
CA ALA K 10 16.13 28.87 -25.49
C ALA K 10 15.14 28.91 -24.32
N ALA K 11 15.59 29.20 -23.10
CA ALA K 11 14.70 29.34 -21.92
C ALA K 11 13.67 30.46 -22.10
N ALA K 12 14.10 31.62 -22.60
CA ALA K 12 13.23 32.78 -22.87
C ALA K 12 12.19 32.42 -23.93
N ASP K 13 12.62 31.77 -25.01
CA ASP K 13 11.71 31.44 -26.14
C ASP K 13 10.63 30.45 -25.66
N ALA K 14 11.00 29.41 -24.91
CA ALA K 14 10.08 28.38 -24.37
C ALA K 14 9.00 29.06 -23.51
N ALA K 15 9.29 30.21 -22.88
CA ALA K 15 8.29 30.98 -22.10
C ALA K 15 7.70 32.17 -22.90
N GLY K 16 8.08 32.36 -24.16
CA GLY K 16 7.67 33.51 -25.00
C GLY K 16 8.09 34.86 -24.40
N ARG K 17 9.28 34.95 -23.82
CA ARG K 17 9.81 36.15 -23.12
C ARG K 17 10.84 36.90 -23.98
N PHE K 18 10.81 38.23 -23.93
CA PHE K 18 11.99 39.06 -24.28
C PHE K 18 13.12 38.71 -23.32
N PRO K 19 14.37 38.93 -23.77
CA PRO K 19 15.51 38.99 -22.86
C PRO K 19 15.16 39.93 -21.69
N SER K 20 15.48 39.47 -20.49
CA SER K 20 15.25 40.18 -19.20
C SER K 20 16.56 40.16 -18.38
N SER K 21 16.48 40.68 -17.16
CA SER K 21 17.65 41.01 -16.32
C SER K 21 18.57 39.81 -16.22
N SER K 22 18.04 38.60 -15.96
CA SER K 22 18.88 37.39 -15.71
C SER K 22 19.59 36.93 -16.99
N ASP K 23 19.00 37.17 -18.15
CA ASP K 23 19.61 36.89 -19.46
C ASP K 23 20.83 37.79 -19.63
N LEU K 24 20.70 39.10 -19.40
CA LEU K 24 21.82 40.04 -19.61
C LEU K 24 22.93 39.73 -18.60
N GLU K 25 22.54 39.42 -17.37
CA GLU K 25 23.46 39.11 -16.25
C GLU K 25 24.26 37.87 -16.64
N SER K 26 23.62 36.87 -17.26
CA SER K 26 24.26 35.58 -17.62
C SER K 26 25.38 35.88 -18.63
N VAL K 27 25.08 36.75 -19.61
CA VAL K 27 26.01 37.10 -20.71
C VAL K 27 27.15 37.96 -20.16
N GLN K 28 26.92 38.84 -19.18
CA GLN K 28 28.04 39.54 -18.48
C GLN K 28 29.02 38.47 -18.00
N GLY K 29 28.52 37.30 -17.60
CA GLY K 29 29.37 36.14 -17.24
C GLY K 29 30.35 35.75 -18.34
N SER K 30 29.87 35.66 -19.59
CA SER K 30 30.68 35.37 -20.79
C SER K 30 31.72 36.48 -21.00
N ILE K 31 31.32 37.75 -20.88
CA ILE K 31 32.28 38.87 -21.01
C ILE K 31 33.40 38.63 -20.00
N GLN K 32 33.11 38.37 -18.72
CA GLN K 32 34.17 38.23 -17.68
C GLN K 32 35.08 37.03 -17.98
N ARG K 33 34.50 35.86 -18.28
CA ARG K 33 35.21 34.55 -18.33
C ARG K 33 35.93 34.40 -19.67
N SER K 34 35.52 35.16 -20.70
CA SER K 34 36.00 35.05 -22.10
C SER K 34 37.54 35.10 -22.15
N ALA K 35 38.14 36.02 -21.39
CA ALA K 35 39.60 36.26 -21.43
C ALA K 35 40.34 34.96 -21.06
N ALA K 36 39.91 34.21 -20.03
CA ALA K 36 40.55 32.95 -19.61
C ALA K 36 40.40 31.91 -20.73
N ARG K 37 39.19 31.70 -21.26
CA ARG K 37 38.91 30.59 -22.22
C ARG K 37 39.39 30.97 -23.61
N LEU K 38 39.38 32.23 -24.00
CA LEU K 38 39.91 32.63 -25.32
C LEU K 38 41.45 32.55 -25.30
N GLU K 39 42.11 32.74 -24.15
CA GLU K 39 43.58 32.50 -24.03
C GLU K 39 43.89 31.01 -24.27
N ALA K 40 43.20 30.12 -23.54
CA ALA K 40 43.30 28.65 -23.72
C ALA K 40 43.06 28.31 -25.21
N ALA K 41 42.01 28.89 -25.83
CA ALA K 41 41.65 28.62 -27.24
C ALA K 41 42.77 29.10 -28.19
N GLU K 42 43.47 30.20 -27.88
CA GLU K 42 44.58 30.71 -28.73
C GLU K 42 45.76 29.76 -28.60
N LYS K 43 46.16 29.39 -27.38
CA LYS K 43 47.32 28.48 -27.18
C LYS K 43 47.01 27.15 -27.84
N LEU K 44 45.85 26.55 -27.55
CA LEU K 44 45.49 25.22 -28.10
C LEU K 44 45.40 25.26 -29.63
N GLY K 45 44.77 26.28 -30.19
CA GLY K 45 44.65 26.48 -31.64
C GLY K 45 46.01 26.61 -32.33
N ALA K 46 46.96 27.32 -31.70
CA ALA K 46 48.32 27.51 -32.27
C ALA K 46 49.14 26.22 -32.12
N ASN K 47 48.87 25.36 -31.14
CA ASN K 47 49.77 24.21 -30.88
C ASN K 47 49.01 22.88 -30.96
N LEU K 48 47.93 22.80 -31.73
CA LEU K 48 47.02 21.62 -31.74
C LEU K 48 47.82 20.37 -32.07
N ASP K 49 48.65 20.43 -33.12
CA ASP K 49 49.35 19.24 -33.68
C ASP K 49 50.20 18.64 -32.57
N ASN K 50 50.99 19.46 -31.87
CA ASN K 50 51.93 18.99 -30.81
C ASN K 50 51.16 18.47 -29.59
N VAL K 51 50.11 19.18 -29.15
CA VAL K 51 49.31 18.78 -27.95
C VAL K 51 48.70 17.40 -28.24
N ALA K 52 48.14 17.21 -29.44
CA ALA K 52 47.42 15.98 -29.82
C ALA K 52 48.42 14.84 -30.00
N GLN K 53 49.55 15.08 -30.68
CA GLN K 53 50.60 14.06 -30.96
C GLN K 53 51.03 13.41 -29.64
N GLU K 54 51.28 14.22 -28.62
CA GLU K 54 51.83 13.68 -27.35
C GLU K 54 50.69 12.96 -26.59
N ALA K 55 49.44 13.41 -26.73
CA ALA K 55 48.29 12.70 -26.15
C ALA K 55 48.15 11.33 -26.84
N TYR K 56 48.19 11.28 -28.18
CA TYR K 56 48.20 10.00 -28.95
C TYR K 56 49.37 9.12 -28.47
N ASN K 57 50.60 9.66 -28.49
CA ASN K 57 51.81 8.93 -28.05
C ASN K 57 51.51 8.31 -26.68
N ALA K 58 50.90 9.06 -25.76
CA ALA K 58 50.65 8.56 -24.37
C ALA K 58 49.66 7.39 -24.39
N CYS K 59 48.65 7.37 -25.27
CA CYS K 59 47.64 6.30 -25.19
C CYS K 59 48.23 4.99 -25.73
N ILE K 60 49.10 5.09 -26.76
CA ILE K 60 49.83 3.95 -27.39
C ILE K 60 50.86 3.40 -26.40
N GLN K 61 51.66 4.28 -25.77
CA GLN K 61 52.65 3.86 -24.76
C GLN K 61 51.93 3.08 -23.66
N LYS K 62 50.68 3.45 -23.33
CA LYS K 62 49.91 2.78 -22.25
C LYS K 62 49.36 1.44 -22.75
N TYR K 63 49.04 1.34 -24.03
CA TYR K 63 48.32 0.18 -24.61
C TYR K 63 49.09 -0.32 -25.84
N PRO K 64 50.35 -0.78 -25.68
CA PRO K 64 51.14 -1.28 -26.81
C PRO K 64 50.51 -2.43 -27.62
N TYR K 65 49.62 -3.23 -27.03
CA TYR K 65 48.90 -4.33 -27.72
C TYR K 65 48.14 -3.79 -28.95
N LEU K 66 47.82 -2.48 -28.98
CA LEU K 66 47.12 -1.85 -30.15
C LEU K 66 48.02 -1.97 -31.39
N ASN K 67 49.34 -2.08 -31.20
CA ASN K 67 50.34 -2.23 -32.30
C ASN K 67 50.32 -3.66 -32.89
N ASN K 68 49.83 -4.67 -32.15
CA ASN K 68 49.86 -6.09 -32.56
C ASN K 68 48.89 -6.26 -33.74
N ALA K 69 49.26 -7.07 -34.73
CA ALA K 69 48.46 -7.42 -35.93
C ALA K 69 46.98 -7.59 -35.58
N GLY K 70 46.07 -6.95 -36.33
CA GLY K 70 44.62 -7.07 -36.16
C GLY K 70 44.02 -6.01 -35.24
N GLU K 71 44.81 -5.41 -34.35
CA GLU K 71 44.33 -4.46 -33.31
C GLU K 71 44.19 -3.05 -33.92
N ALA K 72 43.66 -2.09 -33.15
CA ALA K 72 43.16 -0.79 -33.66
C ALA K 72 44.30 0.17 -34.08
N ASN K 73 45.57 -0.10 -33.77
CA ASN K 73 46.70 0.79 -34.17
C ASN K 73 47.76 0.02 -34.99
N SER K 74 47.38 -1.10 -35.60
CA SER K 74 48.31 -2.16 -36.09
C SER K 74 48.80 -1.90 -37.53
N ASN K 75 48.25 -0.90 -38.25
CA ASN K 75 48.67 -0.54 -39.64
C ASN K 75 48.64 1.00 -39.80
N ASP K 76 49.20 1.51 -40.89
CA ASP K 76 49.47 2.95 -41.06
C ASP K 76 48.15 3.72 -41.24
N THR K 77 47.12 3.11 -41.83
CA THR K 77 45.78 3.74 -41.97
C THR K 77 45.19 3.94 -40.56
N TYR K 78 45.16 2.87 -39.78
CA TYR K 78 44.69 2.85 -38.38
C TYR K 78 45.44 3.90 -37.54
N LYS K 79 46.77 3.96 -37.62
CA LYS K 79 47.58 4.88 -36.77
C LYS K 79 47.21 6.34 -37.11
N ALA K 80 47.01 6.64 -38.39
CA ALA K 80 46.67 7.99 -38.90
C ALA K 80 45.24 8.34 -38.44
N LYS K 81 44.31 7.38 -38.46
CA LYS K 81 42.90 7.66 -38.04
C LYS K 81 42.87 7.86 -36.52
N CYS K 82 43.75 7.20 -35.77
CA CYS K 82 43.79 7.32 -34.29
C CYS K 82 44.32 8.70 -33.91
N LEU K 83 45.47 9.10 -34.47
CA LEU K 83 46.05 10.45 -34.28
C LEU K 83 45.01 11.48 -34.71
N ARG K 84 44.44 11.32 -35.90
CA ARG K 84 43.32 12.16 -36.40
C ARG K 84 42.22 12.26 -35.32
N ASP K 85 41.80 11.16 -34.69
CA ASP K 85 40.64 11.19 -33.74
C ASP K 85 41.01 12.01 -32.50
N VAL K 86 42.22 11.83 -31.97
CA VAL K 86 42.71 12.61 -30.80
C VAL K 86 42.73 14.10 -31.20
N LYS K 87 43.16 14.43 -32.40
CA LYS K 87 43.15 15.84 -32.88
C LYS K 87 41.71 16.34 -32.99
N HIS K 88 40.78 15.52 -33.50
CA HIS K 88 39.34 15.88 -33.63
C HIS K 88 38.84 16.30 -32.24
N TYR K 89 39.05 15.49 -31.21
CA TYR K 89 38.59 15.83 -29.84
C TYR K 89 39.21 17.16 -29.40
N MET K 90 40.51 17.39 -29.64
CA MET K 90 41.21 18.60 -29.15
C MET K 90 40.70 19.82 -29.94
N ARG K 91 40.44 19.68 -31.24
CA ARG K 91 39.87 20.80 -32.06
C ARG K 91 38.47 21.12 -31.52
N LEU K 92 37.68 20.11 -31.16
CA LEU K 92 36.32 20.33 -30.58
C LEU K 92 36.44 21.01 -29.23
N ILE K 93 37.50 20.72 -28.47
CA ILE K 93 37.73 21.38 -27.16
C ILE K 93 38.12 22.83 -27.43
N GLN K 94 38.88 23.10 -28.49
CA GLN K 94 39.16 24.49 -28.95
C GLN K 94 37.84 25.21 -29.23
N TYR K 95 36.96 24.60 -30.01
CA TYR K 95 35.64 25.18 -30.34
C TYR K 95 34.85 25.47 -29.07
N CYS K 96 34.86 24.55 -28.07
CA CYS K 96 34.15 24.73 -26.77
C CYS K 96 34.71 25.95 -26.02
N LEU K 97 36.00 26.23 -26.14
CA LEU K 97 36.64 27.36 -25.42
C LEU K 97 36.24 28.66 -26.11
N VAL K 98 36.16 28.63 -27.43
CA VAL K 98 35.72 29.79 -28.24
C VAL K 98 34.28 30.12 -27.85
N VAL K 99 33.44 29.10 -27.71
CA VAL K 99 31.96 29.28 -27.60
C VAL K 99 31.57 29.51 -26.14
N GLY K 100 32.31 28.94 -25.20
CA GLY K 100 31.97 29.05 -23.77
C GLY K 100 30.86 28.07 -23.36
N GLY K 101 30.71 26.99 -24.10
CA GLY K 101 29.77 25.92 -23.74
C GLY K 101 30.25 24.61 -24.31
N THR K 102 29.55 23.52 -24.01
CA THR K 102 29.94 22.17 -24.50
C THR K 102 29.35 21.89 -25.89
N GLY K 103 28.53 22.78 -26.44
CA GLY K 103 27.77 22.47 -27.65
C GLY K 103 28.61 21.72 -28.70
N PRO K 104 29.78 22.28 -29.11
CA PRO K 104 30.55 21.69 -30.20
C PRO K 104 30.94 20.24 -29.89
N LEU K 105 31.31 19.97 -28.65
CA LEU K 105 31.71 18.62 -28.22
C LEU K 105 30.46 17.73 -28.20
N ASP K 106 29.37 18.22 -27.59
CA ASP K 106 28.08 17.49 -27.54
C ASP K 106 27.66 17.06 -28.95
N GLU K 107 27.59 17.98 -29.91
CA GLU K 107 26.95 17.71 -31.24
C GLU K 107 27.89 16.93 -32.16
N TRP K 108 29.18 17.20 -32.15
CA TRP K 108 30.12 16.70 -33.20
C TRP K 108 31.06 15.63 -32.66
N GLY K 109 31.18 15.51 -31.35
CA GLY K 109 32.06 14.53 -30.69
C GLY K 109 31.26 13.43 -30.03
N ILE K 110 30.47 13.78 -29.02
CA ILE K 110 29.86 12.81 -28.07
C ILE K 110 28.65 12.11 -28.72
N ALA K 111 27.72 12.81 -29.37
CA ALA K 111 26.55 12.19 -30.03
C ALA K 111 27.02 11.13 -31.04
N GLY K 112 26.64 9.88 -30.84
CA GLY K 112 26.98 8.78 -31.76
C GLY K 112 28.30 8.10 -31.44
N GLN K 113 29.13 8.64 -30.55
CA GLN K 113 30.49 8.11 -30.31
C GLN K 113 30.44 6.65 -29.81
N ARG K 114 29.52 6.31 -28.91
CA ARG K 114 29.39 4.95 -28.32
C ARG K 114 29.01 3.93 -29.40
N GLU K 115 28.07 4.26 -30.31
CA GLU K 115 27.59 3.36 -31.40
C GLU K 115 28.73 3.12 -32.41
N VAL K 116 29.45 4.19 -32.79
CA VAL K 116 30.60 4.12 -33.74
C VAL K 116 31.68 3.18 -33.17
N TYR K 117 32.12 3.39 -31.91
CA TYR K 117 33.30 2.66 -31.37
C TYR K 117 32.92 1.19 -31.15
N ARG K 118 31.68 0.93 -30.71
CA ARG K 118 31.12 -0.43 -30.59
C ARG K 118 31.13 -1.10 -31.97
N ALA K 119 30.61 -0.44 -33.00
CA ALA K 119 30.44 -1.02 -34.36
C ALA K 119 31.82 -1.26 -34.99
N LEU K 120 32.80 -0.39 -34.77
CA LEU K 120 34.16 -0.54 -35.36
C LEU K 120 35.08 -1.29 -34.38
N SER K 121 34.56 -1.80 -33.26
CA SER K 121 35.34 -2.50 -32.20
C SER K 121 36.53 -1.65 -31.74
N LEU K 122 36.40 -0.33 -31.72
CA LEU K 122 37.46 0.57 -31.20
C LEU K 122 37.31 0.64 -29.70
N PRO K 123 38.32 0.21 -28.93
CA PRO K 123 38.24 0.31 -27.47
C PRO K 123 38.17 1.78 -26.99
N THR K 124 37.42 1.97 -25.93
CA THR K 124 37.17 3.29 -25.28
C THR K 124 38.46 3.74 -24.54
N ALA K 125 39.21 2.83 -23.92
CA ALA K 125 40.22 3.15 -22.89
C ALA K 125 41.30 4.06 -23.48
N PRO K 126 41.78 3.81 -24.72
CA PRO K 126 42.85 4.64 -25.28
C PRO K 126 42.41 6.09 -25.50
N TYR K 127 41.14 6.29 -25.86
CA TYR K 127 40.56 7.64 -26.06
C TYR K 127 40.63 8.32 -24.69
N VAL K 128 40.19 7.59 -23.65
CA VAL K 128 40.20 8.07 -22.25
C VAL K 128 41.66 8.36 -21.83
N GLU K 129 42.60 7.47 -22.11
CA GLU K 129 44.00 7.72 -21.72
C GLU K 129 44.55 8.97 -22.44
N ALA K 130 44.27 9.15 -23.73
CA ALA K 130 44.80 10.29 -24.52
C ALA K 130 44.32 11.59 -23.86
N LEU K 131 43.02 11.67 -23.53
CA LEU K 131 42.39 12.88 -22.95
C LEU K 131 42.86 13.03 -21.50
N SER K 132 42.99 11.92 -20.78
CA SER K 132 43.53 11.84 -19.40
C SER K 132 44.94 12.47 -19.32
N PHE K 133 45.86 11.98 -20.15
CA PHE K 133 47.22 12.53 -20.26
C PHE K 133 47.13 14.06 -20.46
N ALA K 134 46.33 14.54 -21.41
CA ALA K 134 46.23 15.98 -21.81
C ALA K 134 45.71 16.82 -20.64
N ARG K 135 44.83 16.23 -19.83
CA ARG K 135 44.25 16.81 -18.59
C ARG K 135 45.34 16.96 -17.51
N ASN K 136 46.21 15.97 -17.37
CA ASN K 136 47.26 15.91 -16.30
C ASN K 136 48.52 16.69 -16.71
N ARG K 137 48.68 16.98 -17.99
CA ARG K 137 49.94 17.46 -18.60
C ARG K 137 50.16 18.96 -18.32
N GLY K 138 49.11 19.77 -18.42
CA GLY K 138 49.24 21.23 -18.42
C GLY K 138 49.59 21.82 -17.06
N CYS K 139 50.35 22.90 -17.05
CA CYS K 139 50.59 23.63 -15.78
C CYS K 139 50.64 25.13 -16.11
N ALA K 140 50.25 25.93 -15.12
CA ALA K 140 50.20 27.40 -15.16
C ALA K 140 51.31 27.95 -14.26
N PRO K 141 52.04 29.01 -14.66
CA PRO K 141 51.83 29.72 -15.93
C PRO K 141 52.65 29.25 -17.15
N ARG K 142 53.36 28.13 -17.06
CA ARG K 142 54.19 27.69 -18.21
C ARG K 142 53.34 27.69 -19.48
N ASP K 143 52.20 26.98 -19.48
CA ASP K 143 51.45 26.67 -20.72
C ASP K 143 50.47 27.80 -21.04
N MET K 144 49.89 28.41 -20.02
CA MET K 144 48.79 29.40 -20.09
C MET K 144 48.55 29.88 -18.66
N SER K 145 47.73 30.91 -18.45
CA SER K 145 47.38 31.41 -17.09
C SER K 145 46.59 30.34 -16.31
N ALA K 146 46.57 30.44 -14.98
CA ALA K 146 45.83 29.56 -14.06
C ALA K 146 44.36 29.42 -14.51
N GLN K 147 43.68 30.50 -14.87
CA GLN K 147 42.24 30.41 -15.20
C GLN K 147 42.04 29.83 -16.60
N ALA K 148 42.95 30.08 -17.55
CA ALA K 148 42.97 29.47 -18.90
C ALA K 148 43.03 27.93 -18.73
N LEU K 149 43.82 27.45 -17.79
CA LEU K 149 44.08 26.01 -17.55
C LEU K 149 42.84 25.34 -16.93
N VAL K 150 42.21 26.01 -15.95
CA VAL K 150 40.92 25.58 -15.35
C VAL K 150 39.92 25.31 -16.47
N GLU K 151 39.81 26.23 -17.44
CA GLU K 151 38.83 26.13 -18.56
C GLU K 151 39.19 24.95 -19.47
N TYR K 152 40.48 24.84 -19.81
CA TYR K 152 41.05 23.76 -20.64
C TYR K 152 40.77 22.44 -19.93
N ASN K 153 41.13 22.37 -18.64
CA ASN K 153 41.01 21.12 -17.87
C ASN K 153 39.52 20.72 -17.76
N ALA K 154 38.62 21.65 -17.48
CA ALA K 154 37.17 21.38 -17.32
C ALA K 154 36.61 20.72 -18.59
N LEU K 155 37.05 21.17 -19.78
CA LEU K 155 36.52 20.59 -21.04
C LEU K 155 37.10 19.19 -21.25
N LEU K 156 38.37 18.97 -20.89
CA LEU K 156 38.98 17.63 -21.06
C LEU K 156 38.22 16.66 -20.13
N ASP K 157 37.96 17.08 -18.89
CA ASP K 157 37.23 16.23 -17.91
C ASP K 157 35.80 15.98 -18.41
N TYR K 158 35.22 16.94 -19.12
CA TYR K 158 33.88 16.81 -19.73
C TYR K 158 33.93 15.68 -20.76
N ALA K 159 34.89 15.72 -21.68
CA ALA K 159 35.10 14.70 -22.73
C ALA K 159 35.33 13.32 -22.07
N ILE K 160 36.16 13.25 -21.04
CA ILE K 160 36.47 11.99 -20.31
C ILE K 160 35.18 11.47 -19.66
N ASN K 161 34.41 12.34 -19.03
CA ASN K 161 33.08 12.00 -18.44
C ASN K 161 32.18 11.37 -19.50
N SER K 162 32.15 11.88 -20.72
CA SER K 162 31.25 11.36 -21.78
C SER K 162 31.62 9.93 -22.19
N LEU K 163 32.87 9.48 -21.97
CA LEU K 163 33.34 8.13 -22.35
C LEU K 163 33.49 7.25 -21.10
N SER K 164 33.07 7.71 -19.92
CA SER K 164 33.31 7.09 -18.59
C SER K 164 32.00 6.84 -17.85
N MET L 1 19.65 -27.08 36.11
CA MET L 1 19.70 -25.59 35.89
C MET L 1 20.85 -25.24 34.93
N LYS L 2 20.54 -24.85 33.70
CA LYS L 2 21.55 -24.73 32.61
C LYS L 2 22.56 -23.61 32.93
N SER L 3 23.83 -23.98 33.09
CA SER L 3 25.01 -23.10 33.18
C SER L 3 26.16 -23.76 32.41
N VAL L 4 27.32 -23.13 32.36
CA VAL L 4 28.50 -23.79 31.73
C VAL L 4 28.74 -25.16 32.35
N VAL L 5 28.88 -25.22 33.67
CA VAL L 5 29.40 -26.45 34.33
C VAL L 5 28.34 -27.56 34.29
N THR L 6 27.05 -27.25 34.38
CA THR L 6 26.01 -28.31 34.44
C THR L 6 25.81 -28.88 33.03
N THR L 7 25.96 -28.07 31.98
CA THR L 7 25.90 -28.53 30.57
C THR L 7 27.02 -29.53 30.31
N VAL L 8 28.25 -29.23 30.71
CA VAL L 8 29.39 -30.17 30.49
C VAL L 8 29.25 -31.40 31.41
N ILE L 9 28.73 -31.23 32.61
CA ILE L 9 28.52 -32.41 33.50
C ILE L 9 27.45 -33.28 32.86
N ALA L 10 26.37 -32.68 32.37
CA ALA L 10 25.24 -33.45 31.81
C ALA L 10 25.72 -34.19 30.56
N ALA L 11 26.53 -33.55 29.72
CA ALA L 11 27.11 -34.19 28.53
C ALA L 11 28.07 -35.31 28.96
N ALA L 12 28.92 -35.09 29.96
CA ALA L 12 29.86 -36.12 30.45
C ALA L 12 29.07 -37.32 30.97
N ASP L 13 28.05 -37.05 31.77
CA ASP L 13 27.26 -38.12 32.44
C ASP L 13 26.52 -38.97 31.40
N ALA L 14 25.91 -38.36 30.38
CA ALA L 14 25.20 -39.09 29.32
C ALA L 14 26.15 -40.09 28.63
N ALA L 15 27.45 -39.80 28.53
CA ALA L 15 28.42 -40.68 27.86
C ALA L 15 29.26 -41.45 28.89
N GLY L 16 28.91 -41.38 30.19
CA GLY L 16 29.60 -42.12 31.28
C GLY L 16 31.06 -41.68 31.49
N ARG L 17 31.40 -40.41 31.25
CA ARG L 17 32.79 -39.87 31.25
C ARG L 17 33.07 -39.05 32.53
N PHE L 18 34.28 -39.19 33.05
CA PHE L 18 34.97 -38.22 33.93
C PHE L 18 35.12 -36.91 33.17
N PRO L 19 35.10 -35.77 33.90
CA PRO L 19 35.56 -34.50 33.33
C PRO L 19 36.90 -34.72 32.61
N SER L 20 37.01 -34.18 31.39
CA SER L 20 38.22 -34.21 30.53
C SER L 20 38.55 -32.79 30.07
N SER L 21 39.52 -32.67 29.17
CA SER L 21 40.10 -31.36 28.76
C SER L 21 39.01 -30.37 28.33
N SER L 22 38.07 -30.76 27.47
CA SER L 22 37.03 -29.81 26.96
C SER L 22 36.12 -29.34 28.10
N ASP L 23 35.95 -30.16 29.16
CA ASP L 23 35.09 -29.80 30.32
C ASP L 23 35.79 -28.73 31.20
N LEU L 24 37.07 -28.91 31.51
CA LEU L 24 37.83 -27.89 32.30
C LEU L 24 37.99 -26.60 31.47
N GLU L 25 38.32 -26.73 30.19
CA GLU L 25 38.39 -25.57 29.27
C GLU L 25 37.06 -24.76 29.29
N SER L 26 35.91 -25.42 29.19
CA SER L 26 34.59 -24.73 29.25
C SER L 26 34.50 -23.90 30.54
N VAL L 27 34.86 -24.48 31.69
CA VAL L 27 34.71 -23.83 33.03
C VAL L 27 35.68 -22.63 33.13
N GLN L 28 36.85 -22.70 32.50
CA GLN L 28 37.79 -21.54 32.42
C GLN L 28 37.04 -20.35 31.83
N GLY L 29 36.16 -20.63 30.87
CA GLY L 29 35.29 -19.62 30.25
C GLY L 29 34.45 -18.90 31.28
N SER L 30 33.83 -19.64 32.18
CA SER L 30 33.06 -19.13 33.34
C SER L 30 33.95 -18.29 34.25
N ILE L 31 35.18 -18.73 34.50
CA ILE L 31 36.17 -17.95 35.29
C ILE L 31 36.44 -16.60 34.60
N GLN L 32 36.64 -16.60 33.28
CA GLN L 32 36.95 -15.35 32.53
C GLN L 32 35.76 -14.39 32.56
N ARG L 33 34.56 -14.91 32.33
CA ARG L 33 33.35 -14.10 32.01
C ARG L 33 32.67 -13.64 33.30
N SER L 34 32.94 -14.36 34.40
CA SER L 34 32.35 -14.10 35.72
C SER L 34 32.44 -12.61 36.05
N ALA L 35 33.57 -11.93 35.77
CA ALA L 35 33.78 -10.55 36.23
C ALA L 35 32.71 -9.66 35.59
N ALA L 36 32.56 -9.71 34.26
CA ALA L 36 31.57 -8.93 33.50
C ALA L 36 30.13 -9.20 33.99
N ARG L 37 29.70 -10.46 34.09
CA ARG L 37 28.27 -10.75 34.40
C ARG L 37 28.00 -10.56 35.89
N LEU L 38 28.99 -10.75 36.76
CA LEU L 38 28.85 -10.50 38.22
C LEU L 38 28.78 -8.99 38.45
N GLU L 39 29.44 -8.20 37.62
CA GLU L 39 29.32 -6.71 37.66
C GLU L 39 27.86 -6.38 37.33
N ALA L 40 27.30 -6.96 36.26
CA ALA L 40 25.93 -6.64 35.82
C ALA L 40 24.94 -7.07 36.90
N ALA L 41 25.18 -8.23 37.52
CA ALA L 41 24.33 -8.81 38.59
C ALA L 41 24.29 -7.84 39.79
N GLU L 42 25.41 -7.25 40.18
CA GLU L 42 25.46 -6.32 41.36
C GLU L 42 24.73 -5.03 41.00
N LYS L 43 24.99 -4.47 39.82
CA LYS L 43 24.32 -3.22 39.37
C LYS L 43 22.80 -3.47 39.38
N LEU L 44 22.38 -4.58 38.77
CA LEU L 44 20.95 -4.93 38.58
C LEU L 44 20.31 -5.17 39.95
N GLY L 45 20.98 -5.97 40.80
CA GLY L 45 20.53 -6.25 42.19
C GLY L 45 20.34 -4.98 42.99
N ALA L 46 21.25 -4.04 42.90
CA ALA L 46 21.21 -2.82 43.73
C ALA L 46 20.10 -1.86 43.23
N ASN L 47 19.69 -1.93 41.96
CA ASN L 47 18.84 -0.87 41.35
C ASN L 47 17.61 -1.47 40.65
N LEU L 48 17.20 -2.69 41.03
CA LEU L 48 16.12 -3.51 40.39
C LEU L 48 14.82 -2.69 40.34
N ASP L 49 14.37 -2.14 41.47
CA ASP L 49 13.11 -1.35 41.58
C ASP L 49 13.11 -0.22 40.53
N ASN L 50 14.18 0.56 40.45
CA ASN L 50 14.28 1.70 39.50
C ASN L 50 14.33 1.19 38.05
N VAL L 51 15.15 0.17 37.77
CA VAL L 51 15.31 -0.36 36.38
C VAL L 51 13.95 -0.89 35.88
N ALA L 52 13.25 -1.63 36.73
CA ALA L 52 11.96 -2.28 36.42
C ALA L 52 10.87 -1.20 36.24
N GLN L 53 10.92 -0.16 37.06
CA GLN L 53 9.90 0.92 37.13
C GLN L 53 9.86 1.64 35.77
N GLU L 54 11.02 2.02 35.24
CA GLU L 54 11.04 2.81 34.00
C GLU L 54 10.62 1.89 32.84
N ALA L 55 10.95 0.59 32.89
CA ALA L 55 10.50 -0.42 31.90
C ALA L 55 8.97 -0.57 31.92
N TYR L 56 8.37 -0.79 33.11
CA TYR L 56 6.89 -0.83 33.29
C TYR L 56 6.25 0.45 32.74
N ASN L 57 6.75 1.61 33.16
CA ASN L 57 6.24 2.94 32.70
C ASN L 57 6.27 2.99 31.16
N ALA L 58 7.38 2.58 30.53
CA ALA L 58 7.55 2.61 29.07
C ALA L 58 6.44 1.79 28.38
N CYS L 59 6.09 0.63 28.94
CA CYS L 59 5.12 -0.31 28.33
C CYS L 59 3.71 0.25 28.49
N ILE L 60 3.40 0.95 29.58
CA ILE L 60 2.06 1.59 29.78
C ILE L 60 1.97 2.86 28.92
N GLN L 61 3.06 3.65 28.81
CA GLN L 61 3.13 4.81 27.89
C GLN L 61 2.91 4.37 26.43
N LYS L 62 3.54 3.29 25.98
CA LYS L 62 3.30 2.76 24.60
C LYS L 62 1.84 2.29 24.41
N TYR L 63 1.20 1.68 25.43
CA TYR L 63 -0.17 1.09 25.35
C TYR L 63 -1.15 1.62 26.41
N PRO L 64 -1.56 2.91 26.36
CA PRO L 64 -2.58 3.39 27.31
C PRO L 64 -3.90 2.58 27.29
N TYR L 65 -4.31 2.00 26.17
CA TYR L 65 -5.59 1.23 26.13
C TYR L 65 -5.66 0.28 27.34
N LEU L 66 -4.51 -0.20 27.85
CA LEU L 66 -4.39 -1.11 29.03
C LEU L 66 -5.08 -0.52 30.26
N ASN L 67 -5.17 0.82 30.34
CA ASN L 67 -5.79 1.56 31.48
C ASN L 67 -7.33 1.51 31.39
N ASN L 68 -7.89 1.30 30.21
CA ASN L 68 -9.37 1.20 30.03
C ASN L 68 -9.94 0.11 30.95
N ALA L 69 -11.10 0.38 31.53
CA ALA L 69 -11.90 -0.57 32.33
C ALA L 69 -11.92 -1.94 31.66
N GLY L 70 -11.62 -3.00 32.43
CA GLY L 70 -11.62 -4.38 31.94
C GLY L 70 -10.27 -4.84 31.38
N GLU L 71 -9.37 -3.91 31.02
CA GLU L 71 -8.04 -4.22 30.38
C GLU L 71 -6.99 -4.46 31.48
N ALA L 72 -5.76 -4.78 31.08
CA ALA L 72 -4.79 -5.51 31.93
C ALA L 72 -4.12 -4.61 32.97
N ASN L 73 -4.27 -3.28 32.90
CA ASN L 73 -3.59 -2.32 33.81
C ASN L 73 -4.63 -1.36 34.40
N SER L 74 -5.89 -1.81 34.47
CA SER L 74 -7.11 -0.97 34.60
C SER L 74 -7.62 -0.83 36.04
N ASN L 75 -6.92 -1.39 37.05
CA ASN L 75 -7.26 -1.37 38.50
C ASN L 75 -5.95 -1.62 39.24
N ASP L 76 -5.83 -1.22 40.51
CA ASP L 76 -4.49 -1.15 41.18
C ASP L 76 -3.90 -2.55 41.39
N THR L 77 -4.75 -3.57 41.65
CA THR L 77 -4.30 -4.97 41.77
C THR L 77 -3.58 -5.34 40.47
N TYR L 78 -4.25 -5.14 39.33
CA TYR L 78 -3.69 -5.43 37.98
C TYR L 78 -2.37 -4.64 37.82
N LYS L 79 -2.35 -3.35 38.19
CA LYS L 79 -1.18 -2.42 38.04
C LYS L 79 0.01 -2.99 38.80
N ALA L 80 -0.19 -3.30 40.09
CA ALA L 80 0.86 -3.80 41.01
C ALA L 80 1.38 -5.15 40.50
N LYS L 81 0.51 -6.03 39.98
CA LYS L 81 0.92 -7.35 39.41
C LYS L 81 1.73 -7.15 38.11
N CYS L 82 1.42 -6.11 37.35
CA CYS L 82 2.12 -5.86 36.07
C CYS L 82 3.57 -5.42 36.35
N LEU L 83 3.75 -4.42 37.19
CA LEU L 83 5.08 -3.99 37.67
C LEU L 83 5.81 -5.17 38.30
N ARG L 84 5.14 -5.89 39.20
CA ARG L 84 5.68 -7.11 39.84
C ARG L 84 6.18 -8.06 38.75
N ASP L 85 5.39 -8.29 37.69
CA ASP L 85 5.80 -9.23 36.61
C ASP L 85 7.10 -8.71 35.94
N VAL L 86 7.24 -7.38 35.72
CA VAL L 86 8.45 -6.77 35.08
C VAL L 86 9.66 -7.00 36.00
N LYS L 87 9.48 -6.78 37.31
CA LYS L 87 10.52 -7.02 38.34
C LYS L 87 10.85 -8.51 38.43
N HIS L 88 9.87 -9.40 38.28
CA HIS L 88 10.09 -10.87 38.27
C HIS L 88 11.12 -11.15 37.17
N TYR L 89 10.83 -10.74 35.95
CA TYR L 89 11.70 -10.99 34.78
C TYR L 89 13.09 -10.43 35.08
N MET L 90 13.20 -9.19 35.58
CA MET L 90 14.51 -8.55 35.87
C MET L 90 15.25 -9.32 36.98
N ARG L 91 14.51 -9.89 37.94
CA ARG L 91 15.09 -10.71 39.03
C ARG L 91 15.65 -12.00 38.40
N LEU L 92 14.90 -12.65 37.50
CA LEU L 92 15.34 -13.91 36.87
C LEU L 92 16.57 -13.62 36.00
N ILE L 93 16.61 -12.44 35.38
CA ILE L 93 17.78 -12.02 34.59
C ILE L 93 18.97 -11.86 35.55
N GLN L 94 18.78 -11.23 36.71
CA GLN L 94 19.88 -11.10 37.71
C GLN L 94 20.38 -12.51 38.07
N TYR L 95 19.45 -13.46 38.22
CA TYR L 95 19.79 -14.87 38.53
C TYR L 95 20.62 -15.46 37.39
N CYS L 96 20.22 -15.24 36.14
CA CYS L 96 20.95 -15.76 34.95
C CYS L 96 22.38 -15.19 34.95
N LEU L 97 22.58 -13.93 35.39
CA LEU L 97 23.90 -13.24 35.36
C LEU L 97 24.77 -13.86 36.44
N VAL L 98 24.16 -14.19 37.57
CA VAL L 98 24.86 -14.90 38.67
C VAL L 98 25.30 -16.28 38.15
N VAL L 99 24.41 -17.05 37.52
CA VAL L 99 24.68 -18.48 37.15
C VAL L 99 25.53 -18.57 35.87
N GLY L 100 25.45 -17.55 35.00
CA GLY L 100 26.05 -17.53 33.65
C GLY L 100 25.36 -18.50 32.69
N GLY L 101 24.05 -18.69 32.84
CA GLY L 101 23.21 -19.38 31.83
C GLY L 101 21.74 -19.01 32.03
N THR L 102 20.87 -19.58 31.19
CA THR L 102 19.44 -19.19 31.04
C THR L 102 18.54 -19.98 32.01
N GLY L 103 19.07 -20.97 32.73
CA GLY L 103 18.31 -21.88 33.62
C GLY L 103 17.24 -21.16 34.45
N PRO L 104 17.61 -20.17 35.28
CA PRO L 104 16.64 -19.50 36.13
C PRO L 104 15.46 -18.94 35.33
N LEU L 105 15.76 -18.33 34.18
CA LEU L 105 14.72 -17.71 33.29
C LEU L 105 13.91 -18.84 32.62
N ASP L 106 14.59 -19.85 32.08
CA ASP L 106 13.98 -21.01 31.38
C ASP L 106 12.99 -21.67 32.33
N GLU L 107 13.45 -22.05 33.52
CA GLU L 107 12.69 -22.90 34.47
C GLU L 107 11.62 -22.10 35.21
N TRP L 108 11.89 -20.86 35.61
CA TRP L 108 10.97 -20.08 36.48
C TRP L 108 10.34 -18.88 35.76
N GLY L 109 10.76 -18.57 34.53
CA GLY L 109 10.20 -17.45 33.74
C GLY L 109 9.39 -17.92 32.54
N ILE L 110 10.06 -18.64 31.65
CA ILE L 110 9.60 -18.91 30.26
C ILE L 110 8.65 -20.12 30.22
N ALA L 111 8.96 -21.18 30.97
CA ALA L 111 8.11 -22.39 31.08
C ALA L 111 6.72 -21.96 31.55
N GLY L 112 5.69 -22.20 30.74
CA GLY L 112 4.30 -21.92 31.11
C GLY L 112 3.87 -20.48 30.85
N GLN L 113 4.77 -19.55 30.49
CA GLN L 113 4.37 -18.12 30.33
C GLN L 113 3.28 -18.03 29.24
N ARG L 114 3.44 -18.75 28.13
CA ARG L 114 2.53 -18.66 26.95
C ARG L 114 1.13 -19.10 27.41
N GLU L 115 1.05 -20.18 28.18
CA GLU L 115 -0.20 -20.82 28.70
C GLU L 115 -0.85 -19.87 29.72
N VAL L 116 -0.07 -19.25 30.59
CA VAL L 116 -0.61 -18.35 31.64
C VAL L 116 -1.22 -17.12 30.99
N TYR L 117 -0.54 -16.45 30.06
CA TYR L 117 -1.00 -15.10 29.58
C TYR L 117 -2.22 -15.32 28.67
N ARG L 118 -2.18 -16.38 27.87
CA ARG L 118 -3.35 -16.84 27.07
C ARG L 118 -4.59 -17.05 27.95
N ALA L 119 -4.52 -17.87 29.02
CA ALA L 119 -5.70 -18.22 29.86
C ALA L 119 -6.25 -16.94 30.53
N LEU L 120 -5.36 -16.03 30.96
CA LEU L 120 -5.75 -14.79 31.67
C LEU L 120 -5.92 -13.62 30.70
N SER L 121 -5.94 -13.90 29.39
CA SER L 121 -5.95 -12.88 28.29
C SER L 121 -5.01 -11.69 28.63
N LEU L 122 -3.75 -11.96 28.96
CA LEU L 122 -2.73 -10.89 29.15
C LEU L 122 -2.01 -10.70 27.84
N PRO L 123 -2.04 -9.48 27.26
CA PRO L 123 -1.36 -9.24 25.99
C PRO L 123 0.16 -9.41 26.18
N THR L 124 0.79 -10.05 25.18
CA THR L 124 2.25 -10.31 25.03
C THR L 124 3.02 -8.97 24.84
N ALA L 125 2.52 -8.05 24.00
CA ALA L 125 3.25 -6.86 23.49
C ALA L 125 3.76 -5.96 24.61
N PRO L 126 2.98 -5.71 25.68
CA PRO L 126 3.46 -4.85 26.78
C PRO L 126 4.64 -5.46 27.55
N TYR L 127 4.68 -6.79 27.77
CA TYR L 127 5.87 -7.48 28.33
C TYR L 127 7.07 -7.25 27.40
N VAL L 128 6.85 -7.45 26.10
CA VAL L 128 7.91 -7.29 25.07
C VAL L 128 8.41 -5.83 25.11
N GLU L 129 7.52 -4.86 25.28
CA GLU L 129 7.90 -3.43 25.25
C GLU L 129 8.69 -3.06 26.51
N ALA L 130 8.29 -3.58 27.69
CA ALA L 130 9.05 -3.35 28.94
C ALA L 130 10.48 -3.88 28.77
N LEU L 131 10.63 -5.13 28.35
CA LEU L 131 11.97 -5.77 28.22
C LEU L 131 12.75 -5.06 27.11
N SER L 132 12.07 -4.74 26.02
CA SER L 132 12.62 -3.99 24.86
C SER L 132 13.14 -2.63 25.34
N PHE L 133 12.41 -1.95 26.21
CA PHE L 133 12.85 -0.64 26.71
C PHE L 133 14.12 -0.83 27.52
N ALA L 134 14.15 -1.87 28.37
CA ALA L 134 15.29 -2.15 29.27
C ALA L 134 16.51 -2.52 28.39
N ARG L 135 16.26 -3.23 27.30
CA ARG L 135 17.31 -3.67 26.34
C ARG L 135 17.94 -2.46 25.63
N ASN L 136 17.15 -1.48 25.22
CA ASN L 136 17.61 -0.31 24.43
C ASN L 136 18.20 0.76 25.36
N ARG L 137 17.95 0.70 26.67
CA ARG L 137 18.20 1.79 27.65
C ARG L 137 19.69 1.87 28.05
N GLY L 138 20.37 0.74 28.23
CA GLY L 138 21.72 0.72 28.79
C GLY L 138 22.76 1.26 27.83
N CYS L 139 23.80 1.90 28.36
CA CYS L 139 25.05 2.17 27.59
C CYS L 139 26.25 2.08 28.53
N ALA L 140 27.38 1.73 27.92
CA ALA L 140 28.68 1.51 28.56
C ALA L 140 29.65 2.57 28.06
N PRO L 141 30.52 3.12 28.93
CA PRO L 141 30.68 2.62 30.29
C PRO L 141 29.78 3.32 31.33
N ARG L 142 28.82 4.14 30.90
CA ARG L 142 28.03 4.91 31.90
C ARG L 142 27.42 3.97 32.94
N ASP L 143 26.61 3.00 32.51
CA ASP L 143 25.77 2.19 33.42
C ASP L 143 26.57 0.98 33.96
N MET L 144 27.55 0.49 33.21
CA MET L 144 28.42 -0.65 33.59
C MET L 144 29.48 -0.81 32.48
N SER L 145 30.46 -1.70 32.65
CA SER L 145 31.47 -2.02 31.59
C SER L 145 30.78 -2.56 30.32
N ALA L 146 31.44 -2.41 29.17
CA ALA L 146 30.95 -2.88 27.86
C ALA L 146 30.49 -4.34 27.96
N GLN L 147 31.29 -5.19 28.59
CA GLN L 147 31.04 -6.65 28.60
C GLN L 147 29.97 -6.99 29.63
N ALA L 148 29.86 -6.22 30.72
CA ALA L 148 28.71 -6.32 31.62
C ALA L 148 27.43 -6.09 30.80
N LEU L 149 27.40 -5.06 29.95
CA LEU L 149 26.21 -4.65 29.18
C LEU L 149 25.84 -5.72 28.13
N VAL L 150 26.84 -6.33 27.49
CA VAL L 150 26.65 -7.46 26.51
C VAL L 150 25.90 -8.59 27.24
N GLU L 151 26.27 -8.87 28.48
CA GLU L 151 25.67 -9.97 29.28
C GLU L 151 24.22 -9.61 29.67
N TYR L 152 24.00 -8.40 30.16
CA TYR L 152 22.68 -7.83 30.49
C TYR L 152 21.77 -7.93 29.25
N ASN L 153 22.21 -7.34 28.14
CA ASN L 153 21.40 -7.23 26.90
C ASN L 153 21.08 -8.62 26.34
N ALA L 154 22.01 -9.57 26.41
CA ALA L 154 21.85 -10.93 25.85
C ALA L 154 20.67 -11.59 26.53
N LEU L 155 20.58 -11.49 27.85
CA LEU L 155 19.49 -12.10 28.62
C LEU L 155 18.17 -11.36 28.35
N LEU L 156 18.18 -10.03 28.28
CA LEU L 156 16.96 -9.26 27.89
C LEU L 156 16.46 -9.74 26.52
N ASP L 157 17.35 -9.86 25.53
CA ASP L 157 17.02 -10.39 24.17
C ASP L 157 16.54 -11.86 24.26
N TYR L 158 17.19 -12.71 25.08
CA TYR L 158 16.74 -14.10 25.28
C TYR L 158 15.25 -14.11 25.70
N ALA L 159 14.90 -13.27 26.69
CA ALA L 159 13.54 -13.18 27.24
C ALA L 159 12.56 -12.66 26.18
N ILE L 160 12.97 -11.63 25.42
CA ILE L 160 12.17 -11.05 24.30
C ILE L 160 11.93 -12.15 23.27
N ASN L 161 12.99 -12.88 22.91
CA ASN L 161 12.94 -14.04 21.98
C ASN L 161 11.90 -15.09 22.43
N SER L 162 11.78 -15.35 23.74
CA SER L 162 10.84 -16.39 24.28
C SER L 162 9.39 -15.94 24.05
N LEU L 163 9.13 -14.64 23.93
CA LEU L 163 7.77 -14.04 23.84
C LEU L 163 7.47 -13.63 22.39
N SER L 164 8.36 -13.95 21.44
CA SER L 164 8.30 -13.47 20.02
C SER L 164 8.44 -14.66 19.08
N MET M 1 5.45 -11.59 -18.79
CA MET M 1 4.79 -12.86 -18.37
C MET M 1 5.77 -14.03 -18.50
N LEU M 2 5.52 -15.06 -17.71
CA LEU M 2 6.26 -16.35 -17.77
C LEU M 2 5.40 -17.42 -18.43
N ASP M 3 6.04 -18.53 -18.77
CA ASP M 3 5.40 -19.77 -19.25
C ASP M 3 5.99 -20.87 -18.36
N ALA M 4 5.61 -22.14 -18.53
CA ALA M 4 6.16 -23.23 -17.68
C ALA M 4 7.69 -23.23 -17.79
N PHE M 5 8.30 -22.96 -18.94
CA PHE M 5 9.78 -23.07 -19.08
C PHE M 5 10.45 -21.87 -18.38
N SER M 6 10.03 -20.62 -18.62
CA SER M 6 10.66 -19.45 -17.94
C SER M 6 10.45 -19.57 -16.43
N ARG M 7 9.40 -20.28 -16.02
CA ARG M 7 9.14 -20.51 -14.58
C ARG M 7 10.30 -21.35 -14.02
N ALA M 8 10.70 -22.44 -14.69
CA ALA M 8 11.84 -23.29 -14.25
C ALA M 8 13.12 -22.43 -14.18
N VAL M 9 13.32 -21.59 -15.18
CA VAL M 9 14.50 -20.71 -15.28
C VAL M 9 14.50 -19.70 -14.13
N VAL M 10 13.36 -19.12 -13.77
CA VAL M 10 13.31 -18.14 -12.65
C VAL M 10 13.74 -18.85 -11.37
N GLN M 11 13.34 -20.12 -11.18
CA GLN M 11 13.71 -20.96 -10.02
C GLN M 11 15.22 -21.17 -10.01
N ALA M 12 15.80 -21.55 -11.16
CA ALA M 12 17.25 -21.85 -11.24
C ALA M 12 18.05 -20.55 -11.06
N ASP M 13 17.56 -19.43 -11.54
CA ASP M 13 18.23 -18.12 -11.34
C ASP M 13 18.30 -17.75 -9.84
N ALA M 14 17.30 -18.11 -9.03
CA ALA M 14 17.26 -17.76 -7.59
C ALA M 14 18.50 -18.35 -6.88
N SER M 15 19.08 -19.43 -7.40
CA SER M 15 20.30 -20.07 -6.81
C SER M 15 21.49 -19.87 -7.75
N THR M 16 21.35 -19.00 -8.75
CA THR M 16 22.29 -18.80 -9.88
C THR M 16 22.85 -20.16 -10.32
N SER M 17 21.98 -21.14 -10.61
CA SER M 17 22.42 -22.47 -11.06
C SER M 17 21.86 -22.75 -12.45
N VAL M 18 22.40 -23.75 -13.10
CA VAL M 18 21.89 -24.27 -14.40
C VAL M 18 20.55 -24.93 -14.11
N VAL M 19 19.67 -24.98 -15.09
CA VAL M 19 18.46 -25.86 -15.04
C VAL M 19 18.99 -27.29 -15.14
N GLY M 20 19.00 -27.99 -14.01
CA GLY M 20 19.70 -29.29 -13.86
C GLY M 20 18.85 -30.46 -14.33
N ASP M 21 17.54 -30.43 -14.08
CA ASP M 21 16.61 -31.56 -14.35
C ASP M 21 15.52 -31.06 -15.31
N VAL M 22 15.53 -31.54 -16.55
CA VAL M 22 14.63 -31.08 -17.65
C VAL M 22 13.55 -32.14 -17.93
N SER M 23 13.65 -33.32 -17.30
CA SER M 23 12.70 -34.43 -17.48
C SER M 23 11.28 -33.88 -17.32
N ALA M 24 11.01 -33.07 -16.29
CA ALA M 24 9.69 -32.43 -16.07
C ALA M 24 9.30 -31.63 -17.32
N LEU M 25 10.29 -31.00 -17.98
CA LEU M 25 10.02 -30.11 -19.14
C LEU M 25 9.81 -30.97 -20.38
N LYS M 26 10.57 -32.06 -20.50
CA LYS M 26 10.36 -33.09 -21.56
C LYS M 26 8.97 -33.73 -21.44
N GLN M 27 8.46 -33.87 -20.22
CA GLN M 27 7.12 -34.44 -19.96
C GLN M 27 6.07 -33.42 -20.46
N PHE M 28 6.28 -32.14 -20.17
CA PHE M 28 5.48 -31.00 -20.70
C PHE M 28 5.47 -31.06 -22.23
N ILE M 29 6.62 -31.27 -22.88
CA ILE M 29 6.70 -31.33 -24.38
C ILE M 29 5.80 -32.49 -24.87
N ALA M 30 5.95 -33.69 -24.27
CA ALA M 30 5.17 -34.92 -24.63
C ALA M 30 3.67 -34.68 -24.49
N GLN M 31 3.24 -33.91 -23.50
CA GLN M 31 1.83 -33.51 -23.27
C GLN M 31 1.44 -32.38 -24.26
N GLY M 32 2.39 -31.80 -25.01
CA GLY M 32 2.20 -30.58 -25.82
C GLY M 32 0.99 -30.63 -26.73
N ASN M 33 0.81 -31.72 -27.48
CA ASN M 33 -0.28 -31.85 -28.48
C ASN M 33 -1.61 -31.82 -27.73
N ARG M 34 -1.70 -32.48 -26.57
CA ARG M 34 -3.01 -32.52 -25.90
C ARG M 34 -3.26 -31.15 -25.24
N ARG M 35 -2.22 -30.42 -24.83
CA ARG M 35 -2.42 -29.05 -24.36
C ARG M 35 -2.97 -28.18 -25.51
N LEU M 36 -2.46 -28.33 -26.75
CA LEU M 36 -3.02 -27.56 -27.90
C LEU M 36 -4.48 -27.98 -28.13
N ASP M 37 -4.83 -29.27 -27.93
CA ASP M 37 -6.24 -29.74 -28.06
C ASP M 37 -7.08 -29.15 -26.93
N ALA M 38 -6.56 -29.05 -25.71
CA ALA M 38 -7.31 -28.45 -24.60
C ALA M 38 -7.62 -26.98 -24.95
N VAL M 39 -6.62 -26.24 -25.40
CA VAL M 39 -6.81 -24.79 -25.73
C VAL M 39 -7.82 -24.68 -26.89
N ASN M 40 -7.69 -25.51 -27.93
CA ASN M 40 -8.61 -25.52 -29.07
C ASN M 40 -10.04 -25.81 -28.59
N ALA M 41 -10.22 -26.75 -27.66
CA ALA M 41 -11.55 -27.14 -27.14
C ALA M 41 -12.22 -25.95 -26.48
N ILE M 42 -11.48 -25.10 -25.78
CA ILE M 42 -12.09 -23.94 -25.10
C ILE M 42 -12.33 -22.82 -26.12
N ALA M 43 -11.29 -22.38 -26.80
CA ALA M 43 -11.36 -21.24 -27.74
C ALA M 43 -12.51 -21.49 -28.70
N SER M 44 -12.60 -22.70 -29.25
CA SER M 44 -13.57 -23.09 -30.31
C SER M 44 -15.01 -22.99 -29.76
N ASN M 45 -15.19 -23.11 -28.44
CA ASN M 45 -16.53 -23.19 -27.82
C ASN M 45 -16.80 -21.96 -26.94
N ALA M 46 -15.93 -20.95 -26.99
CA ALA M 46 -15.91 -19.79 -26.07
C ALA M 46 -17.25 -19.05 -26.02
N SER M 47 -17.83 -18.71 -27.17
CA SER M 47 -19.12 -17.97 -27.31
C SER M 47 -20.22 -18.73 -26.61
N CYS M 48 -20.40 -19.99 -26.95
CA CYS M 48 -21.38 -20.88 -26.27
C CYS M 48 -21.14 -20.96 -24.74
N MET M 49 -19.88 -21.05 -24.30
CA MET M 49 -19.52 -21.16 -22.86
C MET M 49 -19.96 -19.88 -22.12
N VAL M 50 -19.58 -18.73 -22.64
CA VAL M 50 -19.82 -17.41 -21.99
C VAL M 50 -21.34 -17.16 -21.95
N SER M 51 -22.06 -17.38 -23.04
CA SER M 51 -23.52 -17.08 -23.03
C SER M 51 -24.25 -18.05 -22.10
N ASP M 52 -23.91 -19.33 -22.13
CA ASP M 52 -24.50 -20.36 -21.23
C ASP M 52 -24.15 -20.01 -19.77
N ALA M 53 -22.90 -19.66 -19.47
CA ALA M 53 -22.45 -19.43 -18.08
C ALA M 53 -23.18 -18.19 -17.50
N ILE M 54 -23.29 -17.12 -18.27
CA ILE M 54 -23.93 -15.88 -17.76
C ILE M 54 -25.44 -16.16 -17.67
N ALA M 55 -26.00 -16.88 -18.62
CA ALA M 55 -27.43 -17.26 -18.59
C ALA M 55 -27.67 -18.18 -17.37
N GLY M 56 -26.70 -19.03 -17.00
CA GLY M 56 -26.79 -19.89 -15.80
C GLY M 56 -26.77 -19.07 -14.52
N MET M 57 -25.86 -18.11 -14.42
CA MET M 57 -25.81 -17.15 -13.28
C MET M 57 -27.19 -16.47 -13.13
N ILE M 58 -27.76 -15.97 -14.23
CA ILE M 58 -29.05 -15.22 -14.26
C ILE M 58 -30.20 -16.17 -13.91
N CYS M 59 -30.25 -17.38 -14.44
CA CYS M 59 -31.41 -18.29 -14.25
C CYS M 59 -31.46 -18.78 -12.79
N GLU M 60 -30.35 -18.66 -12.06
CA GLU M 60 -30.23 -18.98 -10.62
C GLU M 60 -30.49 -17.76 -9.74
N ASN M 61 -30.56 -16.56 -10.31
CA ASN M 61 -30.71 -15.30 -9.54
C ASN M 61 -31.31 -14.23 -10.45
N GLN M 62 -32.64 -14.26 -10.60
CA GLN M 62 -33.45 -13.33 -11.42
C GLN M 62 -33.33 -11.89 -10.94
N GLY M 63 -32.93 -11.68 -9.68
CA GLY M 63 -32.64 -10.35 -9.11
C GLY M 63 -31.69 -9.56 -10.01
N LEU M 64 -30.73 -10.23 -10.66
CA LEU M 64 -29.70 -9.57 -11.50
C LEU M 64 -30.35 -8.86 -12.72
N ILE M 65 -31.52 -9.29 -13.19
CA ILE M 65 -32.18 -8.75 -14.42
C ILE M 65 -33.47 -8.01 -14.04
N GLN M 66 -33.62 -7.60 -12.78
CA GLN M 66 -34.72 -6.74 -12.32
C GLN M 66 -34.14 -5.36 -12.00
N ALA M 67 -35.01 -4.36 -11.81
CA ALA M 67 -34.68 -2.99 -11.38
C ALA M 67 -33.65 -3.07 -10.26
N GLY M 68 -32.54 -2.36 -10.34
CA GLY M 68 -31.50 -2.39 -9.28
C GLY M 68 -30.49 -3.52 -9.44
N GLY M 69 -30.78 -4.56 -10.22
CA GLY M 69 -29.88 -5.70 -10.43
C GLY M 69 -28.73 -5.34 -11.36
N MEN M 70 -27.60 -6.05 -11.23
CA MEN M 70 -26.38 -5.60 -11.87
C MEN M 70 -26.21 -6.07 -13.32
O MEN M 70 -25.24 -5.67 -13.94
CB MEN M 70 -25.16 -5.92 -10.99
CG MEN M 70 -23.97 -5.03 -11.34
OD1 MEN M 70 -22.91 -5.44 -11.90
ND2 MEN M 70 -24.16 -3.76 -10.96
CE2 MEN M 70 -23.19 -2.70 -11.18
N CYS M 71 -27.15 -6.87 -13.84
CA CYS M 71 -27.21 -7.15 -15.28
C CYS M 71 -28.37 -6.38 -15.97
N TYR M 72 -28.90 -5.35 -15.30
CA TYR M 72 -29.95 -4.43 -15.81
C TYR M 72 -29.39 -3.02 -15.86
N PRO M 73 -29.64 -2.22 -16.92
CA PRO M 73 -30.31 -2.68 -18.12
C PRO M 73 -29.29 -3.25 -19.15
N ASN M 74 -29.56 -3.05 -20.44
CA ASN M 74 -28.84 -3.74 -21.55
C ASN M 74 -27.33 -3.48 -21.38
N ARG M 75 -26.94 -2.22 -21.16
CA ARG M 75 -25.52 -1.81 -21.06
C ARG M 75 -24.81 -2.75 -20.06
N ARG M 76 -25.49 -3.10 -18.97
CA ARG M 76 -24.92 -3.86 -17.83
C ARG M 76 -24.82 -5.33 -18.22
N MET M 77 -25.87 -5.89 -18.84
CA MET M 77 -25.82 -7.26 -19.38
C MET M 77 -24.64 -7.38 -20.35
N ALA M 78 -24.37 -6.33 -21.15
CA ALA M 78 -23.32 -6.32 -22.19
C ALA M 78 -21.95 -6.27 -21.52
N ALA M 79 -21.80 -5.41 -20.53
CA ALA M 79 -20.59 -5.30 -19.70
C ALA M 79 -20.27 -6.67 -19.07
N CYS M 80 -21.29 -7.38 -18.62
CA CYS M 80 -21.14 -8.67 -17.92
C CYS M 80 -20.67 -9.77 -18.89
N LEU M 81 -21.29 -9.84 -20.08
CA LEU M 81 -20.95 -10.82 -21.14
C LEU M 81 -19.47 -10.61 -21.51
N ARG M 82 -19.11 -9.34 -21.68
CA ARG M 82 -17.76 -8.88 -22.05
C ARG M 82 -16.79 -9.39 -20.98
N ASP M 83 -17.11 -9.20 -19.71
CA ASP M 83 -16.29 -9.68 -18.57
C ASP M 83 -16.15 -11.21 -18.58
N GLY M 84 -17.22 -11.94 -18.81
CA GLY M 84 -17.17 -13.41 -18.96
C GLY M 84 -16.17 -13.81 -20.03
N GLU M 85 -16.21 -13.13 -21.16
CA GLU M 85 -15.31 -13.40 -22.31
C GLU M 85 -13.86 -13.09 -21.95
N ILE M 86 -13.59 -11.93 -21.36
CA ILE M 86 -12.23 -11.47 -20.94
C ILE M 86 -11.67 -12.47 -19.95
N ILE M 87 -12.44 -12.86 -18.94
CA ILE M 87 -11.95 -13.83 -17.92
C ILE M 87 -11.62 -15.17 -18.62
N LEU M 88 -12.48 -15.68 -19.49
CA LEU M 88 -12.21 -16.97 -20.17
C LEU M 88 -10.95 -16.88 -21.06
N ARG M 89 -10.78 -15.74 -21.74
CA ARG M 89 -9.62 -15.49 -22.65
C ARG M 89 -8.32 -15.64 -21.85
N TYR M 90 -8.23 -14.97 -20.69
CA TYR M 90 -6.99 -14.97 -19.87
C TYR M 90 -6.77 -16.38 -19.31
N VAL M 91 -7.82 -17.10 -18.90
CA VAL M 91 -7.68 -18.53 -18.48
C VAL M 91 -7.08 -19.34 -19.66
N THR M 92 -7.60 -19.10 -20.85
CA THR M 92 -7.09 -19.83 -22.04
C THR M 92 -5.62 -19.49 -22.25
N TYR M 93 -5.19 -18.24 -22.05
CA TYR M 93 -3.77 -17.83 -22.22
C TYR M 93 -2.93 -18.59 -21.18
N ALA M 94 -3.38 -18.65 -19.94
CA ALA M 94 -2.72 -19.38 -18.83
C ALA M 94 -2.56 -20.86 -19.19
N LEU M 95 -3.60 -21.49 -19.75
CA LEU M 95 -3.56 -22.91 -20.17
C LEU M 95 -2.54 -23.09 -21.31
N LEU M 96 -2.45 -22.16 -22.25
CA LEU M 96 -1.53 -22.32 -23.41
C LEU M 96 -0.09 -22.20 -22.88
N ALA M 97 0.16 -21.25 -21.98
CA ALA M 97 1.52 -20.98 -21.45
C ALA M 97 1.92 -22.06 -20.40
N GLY M 98 0.94 -22.66 -19.74
CA GLY M 98 1.17 -23.58 -18.60
C GLY M 98 1.65 -22.80 -17.39
N ASP M 99 1.18 -21.57 -17.23
CA ASP M 99 1.55 -20.75 -16.06
C ASP M 99 0.52 -19.66 -15.89
N ALA M 100 0.14 -19.38 -14.63
CA ALA M 100 -0.94 -18.46 -14.25
C ALA M 100 -0.49 -17.00 -14.39
N SER M 101 0.81 -16.72 -14.58
CA SER M 101 1.34 -15.33 -14.47
C SER M 101 0.59 -14.31 -15.38
N VAL M 102 0.27 -14.62 -16.63
CA VAL M 102 -0.50 -13.68 -17.53
C VAL M 102 -1.89 -13.39 -16.94
N LEU M 103 -2.54 -14.41 -16.37
CA LEU M 103 -3.89 -14.28 -15.76
C LEU M 103 -3.77 -13.37 -14.52
N ASP M 104 -2.76 -13.61 -13.67
CA ASP M 104 -2.50 -12.80 -12.45
C ASP M 104 -2.21 -11.34 -12.82
N ASP M 105 -1.28 -11.12 -13.74
CA ASP M 105 -0.69 -9.78 -14.01
C ASP M 105 -1.63 -8.95 -14.89
N ARG M 106 -2.41 -9.59 -15.78
CA ARG M 106 -3.19 -8.82 -16.79
C ARG M 106 -4.69 -8.81 -16.49
N CYS M 107 -5.20 -9.67 -15.60
CA CYS M 107 -6.66 -9.85 -15.43
C CYS M 107 -7.08 -9.71 -13.96
N LEU M 108 -6.51 -10.52 -13.07
CA LEU M 108 -7.00 -10.65 -11.67
C LEU M 108 -6.44 -9.56 -10.75
N ASN M 109 -5.25 -9.02 -11.02
CA ASN M 109 -4.58 -8.09 -10.08
C ASN M 109 -5.42 -6.81 -10.03
N GLY M 110 -6.13 -6.57 -8.92
CA GLY M 110 -6.94 -5.36 -8.73
C GLY M 110 -8.40 -5.56 -9.14
N LEU M 111 -8.76 -6.74 -9.64
CA LEU M 111 -10.11 -6.97 -10.19
C LEU M 111 -11.14 -6.89 -9.06
N LYS M 112 -10.88 -7.48 -7.89
CA LYS M 112 -11.87 -7.45 -6.79
C LYS M 112 -12.13 -5.99 -6.35
N GLU M 113 -11.10 -5.15 -6.25
CA GLU M 113 -11.18 -3.72 -5.85
C GLU M 113 -11.99 -2.94 -6.90
N THR M 114 -11.76 -3.21 -8.18
CA THR M 114 -12.52 -2.63 -9.33
C THR M 114 -14.02 -2.93 -9.18
N TYR M 115 -14.39 -4.20 -8.99
CA TYR M 115 -15.78 -4.67 -8.82
C TYR M 115 -16.42 -4.05 -7.56
N ALA M 116 -15.65 -3.87 -6.48
CA ALA M 116 -16.18 -3.25 -5.24
C ALA M 116 -16.54 -1.80 -5.51
N ALA M 117 -15.65 -1.07 -6.18
CA ALA M 117 -15.88 0.32 -6.62
C ALA M 117 -17.16 0.36 -7.48
N LEU M 118 -17.34 -0.58 -8.43
CA LEU M 118 -18.42 -0.48 -9.45
C LEU M 118 -19.78 -0.94 -8.92
N GLY M 119 -19.85 -1.70 -7.82
CA GLY M 119 -21.11 -2.35 -7.41
C GLY M 119 -21.35 -3.69 -8.10
N VAL M 120 -20.31 -4.31 -8.68
CA VAL M 120 -20.45 -5.63 -9.37
C VAL M 120 -20.43 -6.74 -8.32
N PRO M 121 -21.51 -7.51 -8.16
CA PRO M 121 -21.55 -8.56 -7.15
C PRO M 121 -20.53 -9.67 -7.50
N THR M 122 -19.54 -9.86 -6.64
CA THR M 122 -18.48 -10.89 -6.82
C THR M 122 -19.08 -12.29 -6.62
N THR M 123 -20.09 -12.46 -5.76
CA THR M 123 -20.75 -13.77 -5.54
C THR M 123 -21.39 -14.27 -6.85
N SER M 124 -22.06 -13.40 -7.59
CA SER M 124 -22.71 -13.75 -8.88
C SER M 124 -21.62 -14.05 -9.92
N THR M 125 -20.57 -13.24 -9.97
CA THR M 125 -19.39 -13.43 -10.88
C THR M 125 -18.78 -14.81 -10.64
N VAL M 126 -18.56 -15.17 -9.37
CA VAL M 126 -17.98 -16.46 -8.95
C VAL M 126 -18.85 -17.57 -9.54
N ARG M 127 -20.17 -17.45 -9.45
CA ARG M 127 -21.07 -18.49 -9.99
C ARG M 127 -20.86 -18.64 -11.51
N ALA M 128 -20.72 -17.53 -12.25
CA ALA M 128 -20.49 -17.61 -13.71
C ALA M 128 -19.16 -18.33 -13.97
N VAL M 129 -18.11 -18.04 -13.17
CA VAL M 129 -16.74 -18.61 -13.38
C VAL M 129 -16.79 -20.12 -13.10
N GLN M 130 -17.55 -20.52 -12.09
CA GLN M 130 -17.80 -21.92 -11.71
C GLN M 130 -18.45 -22.68 -12.86
N ILE M 131 -19.46 -22.10 -13.52
CA ILE M 131 -20.12 -22.80 -14.66
C ILE M 131 -19.06 -22.88 -15.78
N MET M 132 -18.32 -21.83 -16.03
CA MET M 132 -17.27 -21.90 -17.09
C MET M 132 -16.27 -23.01 -16.76
N LYS M 133 -15.91 -23.19 -15.49
CA LYS M 133 -14.98 -24.26 -15.02
C LYS M 133 -15.55 -25.64 -15.38
N ALA M 134 -16.83 -25.85 -15.12
CA ALA M 134 -17.50 -27.13 -15.44
C ALA M 134 -17.49 -27.33 -16.95
N GLN M 135 -17.76 -26.28 -17.73
CA GLN M 135 -17.89 -26.37 -19.21
C GLN M 135 -16.53 -26.76 -19.79
N ALA M 136 -15.47 -26.08 -19.37
CA ALA M 136 -14.09 -26.28 -19.85
C ALA M 136 -13.65 -27.73 -19.58
N ALA M 137 -13.92 -28.24 -18.36
CA ALA M 137 -13.63 -29.64 -17.96
C ALA M 137 -14.26 -30.62 -18.98
N ALA M 138 -15.54 -30.42 -19.32
CA ALA M 138 -16.28 -31.31 -20.24
C ALA M 138 -15.71 -31.19 -21.66
N HIS M 139 -15.38 -29.96 -22.13
CA HIS M 139 -14.83 -29.71 -23.48
C HIS M 139 -13.41 -30.27 -23.58
N ILE M 140 -12.57 -30.14 -22.54
CA ILE M 140 -11.22 -30.75 -22.50
C ILE M 140 -11.35 -32.29 -22.54
N LYS M 141 -12.31 -32.89 -21.82
CA LYS M 141 -12.50 -34.38 -21.83
C LYS M 141 -13.24 -34.78 -23.12
N ASP M 142 -13.74 -33.81 -23.89
CA ASP M 142 -14.62 -34.04 -25.05
C ASP M 142 -15.84 -34.87 -24.63
N THR M 143 -16.32 -34.73 -23.40
CA THR M 143 -17.58 -35.39 -22.92
C THR M 143 -18.65 -34.37 -22.57
N PRO M 144 -18.97 -33.37 -23.43
CA PRO M 144 -20.10 -32.48 -23.16
C PRO M 144 -21.40 -33.26 -23.30
N SER M 145 -22.41 -32.96 -22.50
CA SER M 145 -23.73 -33.64 -22.55
C SER M 145 -24.64 -32.92 -23.53
N GLU M 146 -25.38 -33.70 -24.32
CA GLU M 146 -26.54 -33.28 -25.13
C GLU M 146 -27.54 -32.52 -24.22
N ALA M 147 -27.67 -32.92 -22.95
CA ALA M 147 -28.60 -32.33 -21.96
C ALA M 147 -28.28 -30.83 -21.77
N ARG M 148 -27.00 -30.45 -21.68
CA ARG M 148 -26.65 -29.01 -21.43
C ARG M 148 -26.52 -28.26 -22.76
N ALA M 149 -26.22 -28.94 -23.86
CA ALA M 149 -25.83 -28.30 -25.14
C ALA M 149 -27.01 -28.19 -26.12
N GLY M 150 -27.92 -29.18 -26.12
CA GLY M 150 -28.98 -29.30 -27.15
C GLY M 150 -28.40 -29.28 -28.57
N ALA M 151 -28.94 -28.45 -29.45
CA ALA M 151 -28.54 -28.37 -30.87
C ALA M 151 -27.11 -27.80 -31.03
N LYS M 152 -26.48 -27.27 -29.98
CA LYS M 152 -25.16 -26.61 -30.06
C LYS M 152 -24.05 -27.54 -29.59
N LEU M 153 -24.34 -28.81 -29.30
CA LEU M 153 -23.32 -29.81 -28.87
C LEU M 153 -22.18 -29.78 -29.88
N ARG M 154 -20.94 -29.76 -29.38
CA ARG M 154 -19.74 -29.89 -30.25
C ARG M 154 -18.91 -31.04 -29.73
N LYS M 155 -18.39 -31.83 -30.67
CA LYS M 155 -17.40 -32.91 -30.45
C LYS M 155 -16.10 -32.53 -31.19
N MET M 156 -14.94 -32.73 -30.55
CA MET M 156 -13.61 -32.26 -31.00
C MET M 156 -12.90 -33.37 -31.81
N GLY M 157 -13.15 -34.63 -31.50
CA GLY M 157 -12.54 -35.77 -32.23
C GLY M 157 -11.05 -35.95 -31.95
N SER M 158 -10.58 -35.64 -30.73
CA SER M 158 -9.17 -35.85 -30.30
C SER M 158 -8.97 -37.34 -30.04
N PRO M 159 -7.75 -37.91 -30.24
CA PRO M 159 -7.51 -39.32 -29.98
C PRO M 159 -7.75 -39.59 -28.50
N VAL M 160 -8.55 -40.61 -28.15
CA VAL M 160 -9.07 -40.79 -26.77
C VAL M 160 -8.04 -41.55 -25.93
N VAL M 161 -7.70 -41.05 -24.74
CA VAL M 161 -7.03 -41.85 -23.66
C VAL M 161 -7.99 -42.00 -22.47
N GLU M 162 -7.77 -43.03 -21.66
CA GLU M 162 -8.64 -43.47 -20.53
C GLU M 162 -8.84 -42.30 -19.54
N ASP M 163 -7.75 -41.64 -19.14
CA ASP M 163 -7.74 -40.49 -18.18
C ASP M 163 -8.39 -39.23 -18.78
N ARG M 164 -8.60 -39.21 -20.10
CA ARG M 164 -9.24 -38.06 -20.78
C ARG M 164 -8.57 -36.73 -20.38
N CYS M 165 -7.23 -36.73 -20.30
CA CYS M 165 -6.39 -35.53 -20.02
C CYS M 165 -6.71 -34.97 -18.63
N SER M 166 -6.91 -35.83 -17.64
CA SER M 166 -7.28 -35.47 -16.25
C SER M 166 -6.29 -34.44 -15.71
N SER M 167 -5.04 -34.50 -16.14
CA SER M 167 -3.99 -33.55 -15.67
C SER M 167 -4.31 -32.13 -16.19
N LEU M 168 -4.61 -31.99 -17.48
CA LEU M 168 -5.02 -30.69 -18.07
C LEU M 168 -6.40 -30.22 -17.54
N VAL M 169 -7.32 -31.13 -17.21
CA VAL M 169 -8.62 -30.76 -16.58
C VAL M 169 -8.31 -30.16 -15.21
N ALA M 170 -7.44 -30.80 -14.42
CA ALA M 170 -7.11 -30.28 -13.08
C ALA M 170 -6.36 -28.95 -13.24
N GLU M 171 -5.45 -28.83 -14.21
CA GLU M 171 -4.69 -27.58 -14.42
C GLU M 171 -5.66 -26.43 -14.81
N ALA M 172 -6.48 -26.63 -15.83
CA ALA M 172 -7.52 -25.67 -16.27
C ALA M 172 -8.39 -25.27 -15.06
N SER M 173 -8.82 -26.26 -14.27
CA SER M 173 -9.74 -26.04 -13.14
C SER M 173 -9.06 -25.17 -12.09
N SER M 174 -7.75 -25.33 -11.91
CA SER M 174 -6.93 -24.56 -10.95
C SER M 174 -6.85 -23.09 -11.40
N TYR M 175 -6.83 -22.82 -12.72
CA TYR M 175 -6.88 -21.42 -13.25
C TYR M 175 -8.23 -20.77 -12.88
N PHE M 176 -9.34 -21.45 -13.14
CA PHE M 176 -10.69 -20.97 -12.75
C PHE M 176 -10.72 -20.81 -11.23
N ASP M 177 -10.15 -21.76 -10.47
CA ASP M 177 -10.17 -21.66 -8.99
C ASP M 177 -9.43 -20.38 -8.58
N ARG M 178 -8.39 -20.04 -9.31
CA ARG M 178 -7.59 -18.83 -8.98
C ARG M 178 -8.41 -17.55 -9.25
N VAL M 179 -9.25 -17.54 -10.30
CA VAL M 179 -10.15 -16.38 -10.55
C VAL M 179 -11.12 -16.26 -9.36
N ILE M 180 -11.73 -17.37 -8.98
CA ILE M 180 -12.72 -17.41 -7.87
C ILE M 180 -12.04 -16.92 -6.58
N ALA M 181 -10.84 -17.42 -6.26
CA ALA M 181 -10.06 -16.97 -5.10
C ALA M 181 -9.84 -15.44 -5.14
N ALA M 182 -9.46 -14.88 -6.29
CA ALA M 182 -9.21 -13.43 -6.43
C ALA M 182 -10.51 -12.61 -6.21
N LEU M 183 -11.68 -13.17 -6.47
CA LEU M 183 -12.98 -12.44 -6.36
C LEU M 183 -13.73 -12.74 -5.06
N SER M 184 -13.23 -13.63 -4.21
CA SER M 184 -13.97 -14.06 -3.00
C SER M 184 -13.21 -13.58 -1.76
N MET N 1 -8.83 -38.52 6.38
CA MET N 1 -9.91 -39.17 5.65
C MET N 1 -11.00 -38.13 5.40
N LEU N 2 -11.58 -38.13 4.21
CA LEU N 2 -12.72 -37.28 3.85
C LEU N 2 -14.02 -38.12 3.83
N ASP N 3 -15.16 -37.42 3.92
CA ASP N 3 -16.50 -37.96 3.61
C ASP N 3 -17.09 -37.11 2.49
N ALA N 4 -18.31 -37.44 2.05
CA ALA N 4 -19.00 -36.72 0.96
C ALA N 4 -18.98 -35.21 1.23
N PHE N 5 -19.05 -34.81 2.50
CA PHE N 5 -19.20 -33.39 2.86
C PHE N 5 -17.84 -32.68 2.86
N SER N 6 -16.82 -33.26 3.46
CA SER N 6 -15.47 -32.63 3.51
C SER N 6 -14.86 -32.62 2.10
N ARG N 7 -15.26 -33.56 1.25
CA ARG N 7 -14.91 -33.55 -0.20
C ARG N 7 -15.37 -32.22 -0.83
N ALA N 8 -16.62 -31.79 -0.66
CA ALA N 8 -17.11 -30.49 -1.18
C ALA N 8 -16.30 -29.33 -0.59
N VAL N 9 -15.99 -29.37 0.72
CA VAL N 9 -15.19 -28.35 1.45
C VAL N 9 -13.77 -28.26 0.84
N VAL N 10 -13.09 -29.39 0.64
CA VAL N 10 -11.73 -29.40 -0.01
C VAL N 10 -11.86 -28.77 -1.40
N GLN N 11 -12.91 -29.07 -2.17
CA GLN N 11 -13.12 -28.47 -3.52
C GLN N 11 -13.28 -26.94 -3.38
N ALA N 12 -14.02 -26.48 -2.37
CA ALA N 12 -14.30 -25.05 -2.18
C ALA N 12 -13.05 -24.33 -1.67
N ASP N 13 -12.27 -25.01 -0.84
CA ASP N 13 -11.02 -24.45 -0.25
C ASP N 13 -9.95 -24.29 -1.34
N ALA N 14 -9.98 -25.09 -2.41
CA ALA N 14 -9.04 -24.91 -3.55
C ALA N 14 -9.21 -23.51 -4.17
N SER N 15 -10.33 -22.81 -3.91
CA SER N 15 -10.60 -21.43 -4.40
C SER N 15 -10.86 -20.47 -3.24
N THR N 16 -10.47 -20.85 -2.02
CA THR N 16 -10.71 -20.13 -0.74
C THR N 16 -12.09 -19.49 -0.75
N SER N 17 -13.11 -20.26 -1.11
CA SER N 17 -14.50 -19.75 -1.17
C SER N 17 -15.45 -20.65 -0.38
N VAL N 18 -16.58 -20.06 -0.05
CA VAL N 18 -17.65 -20.81 0.68
C VAL N 18 -18.13 -21.96 -0.21
N VAL N 19 -18.62 -23.02 0.42
CA VAL N 19 -19.42 -24.06 -0.28
C VAL N 19 -20.69 -23.34 -0.75
N GLY N 20 -20.95 -23.33 -2.06
CA GLY N 20 -22.02 -22.50 -2.66
C GLY N 20 -23.34 -23.23 -2.80
N ASP N 21 -23.34 -24.38 -3.47
CA ASP N 21 -24.53 -25.26 -3.63
C ASP N 21 -24.40 -26.43 -2.64
N VAL N 22 -25.34 -26.56 -1.70
CA VAL N 22 -25.45 -27.68 -0.74
C VAL N 22 -26.63 -28.58 -1.12
N SER N 23 -27.28 -28.33 -2.27
CA SER N 23 -28.48 -29.07 -2.73
C SER N 23 -28.10 -30.54 -2.93
N ALA N 24 -26.95 -30.81 -3.57
CA ALA N 24 -26.38 -32.17 -3.78
C ALA N 24 -26.21 -32.86 -2.42
N LEU N 25 -25.69 -32.13 -1.45
CA LEU N 25 -25.51 -32.58 -0.04
C LEU N 25 -26.89 -32.79 0.63
N LYS N 26 -27.89 -31.94 0.37
CA LYS N 26 -29.27 -32.15 0.89
C LYS N 26 -29.86 -33.45 0.32
N GLN N 27 -29.57 -33.80 -0.94
CA GLN N 27 -30.03 -35.06 -1.56
C GLN N 27 -29.33 -36.24 -0.89
N PHE N 28 -28.05 -36.09 -0.54
CA PHE N 28 -27.27 -37.10 0.21
C PHE N 28 -27.98 -37.38 1.54
N ILE N 29 -28.47 -36.36 2.24
CA ILE N 29 -29.16 -36.52 3.57
C ILE N 29 -30.50 -37.25 3.34
N ALA N 30 -31.28 -36.86 2.34
CA ALA N 30 -32.58 -37.52 2.01
C ALA N 30 -32.36 -39.01 1.70
N GLN N 31 -31.22 -39.36 1.09
CA GLN N 31 -30.80 -40.75 0.78
C GLN N 31 -30.21 -41.47 2.03
N GLY N 32 -30.06 -40.77 3.15
CA GLY N 32 -29.25 -41.23 4.31
C GLY N 32 -29.72 -42.59 4.81
N ASN N 33 -31.02 -42.75 5.01
CA ASN N 33 -31.54 -43.98 5.64
C ASN N 33 -31.23 -45.13 4.67
N ARG N 34 -31.42 -44.96 3.36
CA ARG N 34 -31.15 -46.11 2.47
C ARG N 34 -29.66 -46.43 2.54
N ARG N 35 -28.80 -45.43 2.77
CA ARG N 35 -27.32 -45.65 2.81
C ARG N 35 -27.01 -46.50 4.04
N LEU N 36 -27.62 -46.20 5.18
CA LEU N 36 -27.40 -46.99 6.42
C LEU N 36 -27.92 -48.42 6.18
N ASP N 37 -29.01 -48.62 5.42
CA ASP N 37 -29.50 -49.98 5.12
C ASP N 37 -28.48 -50.69 4.22
N ALA N 38 -27.94 -49.97 3.24
CA ALA N 38 -26.97 -50.56 2.29
C ALA N 38 -25.71 -51.02 3.06
N VAL N 39 -25.22 -50.23 4.01
CA VAL N 39 -24.01 -50.57 4.83
C VAL N 39 -24.34 -51.76 5.72
N ASN N 40 -25.52 -51.74 6.36
CA ASN N 40 -26.07 -52.82 7.23
C ASN N 40 -26.16 -54.13 6.46
N ALA N 41 -26.62 -54.08 5.20
CA ALA N 41 -26.82 -55.26 4.32
C ALA N 41 -25.47 -55.91 4.03
N ILE N 42 -24.41 -55.12 3.85
CA ILE N 42 -23.06 -55.70 3.55
C ILE N 42 -22.45 -56.20 4.86
N ALA N 43 -22.40 -55.36 5.90
CA ALA N 43 -21.80 -55.70 7.22
C ALA N 43 -22.45 -56.97 7.80
N SER N 44 -23.79 -57.08 7.77
CA SER N 44 -24.57 -58.22 8.35
C SER N 44 -24.24 -59.53 7.62
N ASN N 45 -23.80 -59.47 6.36
CA ASN N 45 -23.61 -60.63 5.46
C ASN N 45 -22.10 -60.82 5.15
N ALA N 46 -21.20 -60.08 5.80
CA ALA N 46 -19.77 -59.97 5.43
C ALA N 46 -19.05 -61.33 5.50
N SER N 47 -19.29 -62.13 6.54
CA SER N 47 -18.68 -63.47 6.71
C SER N 47 -19.09 -64.35 5.53
N CYS N 48 -20.38 -64.36 5.23
CA CYS N 48 -20.95 -65.17 4.14
C CYS N 48 -20.34 -64.71 2.81
N MET N 49 -20.24 -63.40 2.61
CA MET N 49 -19.69 -62.79 1.36
C MET N 49 -18.21 -63.17 1.19
N VAL N 50 -17.37 -62.97 2.21
CA VAL N 50 -15.90 -63.23 2.12
C VAL N 50 -15.64 -64.73 1.86
N SER N 51 -16.26 -65.63 2.62
CA SER N 51 -16.07 -67.10 2.43
C SER N 51 -16.58 -67.53 1.05
N ASP N 52 -17.75 -67.05 0.63
CA ASP N 52 -18.35 -67.39 -0.70
C ASP N 52 -17.51 -66.81 -1.87
N ALA N 53 -16.97 -65.60 -1.74
CA ALA N 53 -16.11 -64.97 -2.78
C ALA N 53 -14.78 -65.73 -2.90
N ILE N 54 -14.14 -66.04 -1.78
CA ILE N 54 -12.82 -66.73 -1.79
C ILE N 54 -13.03 -68.16 -2.28
N ALA N 55 -14.15 -68.80 -1.89
CA ALA N 55 -14.44 -70.19 -2.32
C ALA N 55 -14.73 -70.20 -3.83
N GLY N 56 -15.39 -69.15 -4.34
CA GLY N 56 -15.64 -68.96 -5.79
C GLY N 56 -14.38 -68.73 -6.59
N MET N 57 -13.54 -67.80 -6.14
CA MET N 57 -12.22 -67.58 -6.76
C MET N 57 -11.50 -68.93 -6.91
N ILE N 58 -11.59 -69.76 -5.87
CA ILE N 58 -10.88 -71.06 -5.79
C ILE N 58 -11.59 -72.09 -6.67
N CYS N 59 -12.92 -72.15 -6.65
CA CYS N 59 -13.64 -73.18 -7.43
C CYS N 59 -13.38 -72.93 -8.93
N GLU N 60 -13.09 -71.68 -9.32
CA GLU N 60 -12.77 -71.29 -10.73
C GLU N 60 -11.26 -71.31 -10.98
N ASN N 61 -10.42 -71.54 -9.97
CA ASN N 61 -8.93 -71.54 -10.15
C ASN N 61 -8.34 -72.54 -9.15
N GLN N 62 -8.48 -73.83 -9.46
CA GLN N 62 -8.08 -74.97 -8.61
C GLN N 62 -6.56 -74.98 -8.37
N GLY N 63 -5.74 -74.38 -9.25
CA GLY N 63 -4.28 -74.26 -9.03
C GLY N 63 -3.94 -73.63 -7.66
N LEU N 64 -4.79 -72.74 -7.15
CA LEU N 64 -4.58 -71.98 -5.88
C LEU N 64 -4.48 -72.91 -4.67
N ILE N 65 -5.10 -74.11 -4.72
CA ILE N 65 -5.17 -75.04 -3.55
C ILE N 65 -4.41 -76.33 -3.90
N GLN N 66 -3.40 -76.20 -4.76
CA GLN N 66 -2.41 -77.24 -5.08
C GLN N 66 -1.02 -76.71 -4.71
N ALA N 67 -0.02 -77.59 -4.67
CA ALA N 67 1.40 -77.24 -4.44
C ALA N 67 1.77 -76.02 -5.28
N GLY N 68 2.37 -75.02 -4.63
CA GLY N 68 2.83 -73.81 -5.31
C GLY N 68 1.71 -72.81 -5.56
N GLY N 69 0.45 -73.15 -5.27
CA GLY N 69 -0.69 -72.22 -5.35
C GLY N 69 -0.66 -71.23 -4.20
N MEN N 70 -1.12 -69.99 -4.42
CA MEN N 70 -1.00 -68.96 -3.39
C MEN N 70 -2.06 -69.03 -2.28
O MEN N 70 -2.05 -68.18 -1.39
CB MEN N 70 -0.97 -67.58 -4.04
CG MEN N 70 -0.24 -66.54 -3.23
OD1 MEN N 70 -0.84 -65.50 -2.87
ND2 MEN N 70 1.04 -66.83 -3.00
CE2 MEN N 70 1.89 -65.91 -2.27
N CYS N 71 -2.96 -70.05 -2.32
CA CYS N 71 -3.85 -70.35 -1.21
C CYS N 71 -3.41 -71.67 -0.54
N TYR N 72 -2.18 -72.09 -0.80
CA TYR N 72 -1.58 -73.31 -0.19
C TYR N 72 -0.29 -72.90 0.51
N PRO N 73 -0.01 -73.35 1.76
CA PRO N 73 -0.90 -74.21 2.52
C PRO N 73 -1.91 -73.43 3.40
N ASN N 74 -2.25 -73.95 4.57
CA ASN N 74 -3.29 -73.38 5.48
C ASN N 74 -2.97 -71.92 5.76
N ARG N 75 -1.72 -71.59 6.09
CA ARG N 75 -1.32 -70.21 6.46
C ARG N 75 -1.78 -69.28 5.32
N ARG N 76 -1.56 -69.67 4.06
CA ARG N 76 -1.80 -68.76 2.91
C ARG N 76 -3.32 -68.66 2.72
N MET N 77 -4.05 -69.77 2.89
CA MET N 77 -5.52 -69.69 2.75
C MET N 77 -6.03 -68.65 3.77
N ALA N 78 -5.55 -68.74 5.03
CA ALA N 78 -5.99 -67.88 6.14
C ALA N 78 -5.70 -66.43 5.76
N ALA N 79 -4.51 -66.18 5.23
CA ALA N 79 -4.06 -64.82 4.89
C ALA N 79 -4.99 -64.28 3.80
N CYS N 80 -5.42 -65.15 2.90
CA CYS N 80 -6.28 -64.75 1.77
C CYS N 80 -7.64 -64.33 2.30
N LEU N 81 -8.23 -65.19 3.14
CA LEU N 81 -9.53 -64.90 3.81
C LEU N 81 -9.45 -63.55 4.53
N ARG N 82 -8.34 -63.27 5.20
CA ARG N 82 -8.10 -62.02 5.96
C ARG N 82 -8.11 -60.85 4.96
N ASP N 83 -7.38 -60.98 3.86
CA ASP N 83 -7.34 -59.96 2.80
C ASP N 83 -8.74 -59.70 2.21
N GLY N 84 -9.57 -60.73 2.02
CA GLY N 84 -10.91 -60.51 1.46
C GLY N 84 -11.74 -59.63 2.40
N GLU N 85 -11.64 -59.91 3.69
CA GLU N 85 -12.37 -59.24 4.79
C GLU N 85 -11.87 -57.81 4.91
N ILE N 86 -10.56 -57.60 4.83
CA ILE N 86 -9.94 -56.24 4.86
C ILE N 86 -10.50 -55.40 3.71
N ILE N 87 -10.45 -55.91 2.48
CA ILE N 87 -10.87 -55.14 1.28
C ILE N 87 -12.36 -54.81 1.42
N LEU N 88 -13.19 -55.78 1.80
CA LEU N 88 -14.66 -55.56 1.90
C LEU N 88 -14.91 -54.51 2.99
N ARG N 89 -14.14 -54.57 4.08
CA ARG N 89 -14.28 -53.65 5.24
C ARG N 89 -14.06 -52.21 4.79
N TYR N 90 -13.02 -51.96 3.98
CA TYR N 90 -12.65 -50.61 3.48
C TYR N 90 -13.64 -50.15 2.42
N VAL N 91 -14.17 -51.05 1.61
CA VAL N 91 -15.25 -50.70 0.65
C VAL N 91 -16.43 -50.22 1.48
N THR N 92 -16.74 -50.93 2.57
CA THR N 92 -17.93 -50.64 3.39
C THR N 92 -17.75 -49.30 4.11
N TYR N 93 -16.53 -48.91 4.51
CA TYR N 93 -16.22 -47.59 5.12
C TYR N 93 -16.47 -46.51 4.07
N ALA N 94 -15.96 -46.70 2.85
CA ALA N 94 -16.19 -45.77 1.72
C ALA N 94 -17.69 -45.56 1.51
N LEU N 95 -18.45 -46.65 1.55
CA LEU N 95 -19.92 -46.57 1.31
C LEU N 95 -20.58 -45.80 2.47
N LEU N 96 -20.18 -46.07 3.72
CA LEU N 96 -20.71 -45.33 4.89
C LEU N 96 -20.40 -43.83 4.74
N ALA N 97 -19.19 -43.48 4.34
CA ALA N 97 -18.69 -42.10 4.23
C ALA N 97 -19.21 -41.41 2.97
N GLY N 98 -19.40 -42.18 1.89
CA GLY N 98 -19.74 -41.65 0.56
C GLY N 98 -18.55 -40.99 -0.08
N ASP N 99 -17.36 -41.56 0.10
CA ASP N 99 -16.13 -41.07 -0.58
C ASP N 99 -15.08 -42.19 -0.55
N ALA N 100 -14.27 -42.30 -1.60
CA ALA N 100 -13.26 -43.37 -1.78
C ALA N 100 -12.01 -43.10 -0.94
N SER N 101 -11.93 -41.91 -0.35
CA SER N 101 -10.74 -41.40 0.40
C SER N 101 -10.17 -42.48 1.34
N VAL N 102 -11.00 -43.05 2.22
CA VAL N 102 -10.50 -44.01 3.26
C VAL N 102 -10.00 -45.29 2.58
N LEU N 103 -10.67 -45.74 1.51
CA LEU N 103 -10.32 -46.96 0.71
C LEU N 103 -8.98 -46.75 0.00
N ASP N 104 -8.87 -45.67 -0.81
CA ASP N 104 -7.60 -45.23 -1.46
C ASP N 104 -6.47 -45.11 -0.43
N ASP N 105 -6.68 -44.35 0.64
CA ASP N 105 -5.57 -43.90 1.53
C ASP N 105 -5.11 -45.03 2.45
N ARG N 106 -6.03 -45.86 2.94
CA ARG N 106 -5.73 -46.84 4.03
C ARG N 106 -5.62 -48.26 3.48
N CYS N 107 -6.06 -48.53 2.27
CA CYS N 107 -6.11 -49.91 1.74
C CYS N 107 -5.36 -50.04 0.41
N LEU N 108 -5.67 -49.22 -0.60
CA LEU N 108 -5.19 -49.44 -1.98
C LEU N 108 -3.76 -48.89 -2.18
N ASN N 109 -3.43 -47.78 -1.53
CA ASN N 109 -2.17 -47.03 -1.75
C ASN N 109 -1.01 -47.99 -1.46
N GLY N 110 -0.29 -48.41 -2.50
CA GLY N 110 0.85 -49.33 -2.37
C GLY N 110 0.44 -50.79 -2.38
N LEU N 111 -0.85 -51.10 -2.55
CA LEU N 111 -1.31 -52.50 -2.34
C LEU N 111 -0.80 -53.36 -3.49
N LYS N 112 -0.86 -52.84 -4.72
CA LYS N 112 -0.44 -53.60 -5.92
C LYS N 112 1.04 -53.99 -5.82
N GLU N 113 1.90 -53.08 -5.35
CA GLU N 113 3.37 -53.30 -5.18
C GLU N 113 3.60 -54.31 -4.05
N THR N 114 2.78 -54.25 -3.00
CA THR N 114 2.88 -55.19 -1.86
C THR N 114 2.62 -56.62 -2.37
N TYR N 115 1.56 -56.78 -3.12
CA TYR N 115 1.15 -58.05 -3.75
C TYR N 115 2.25 -58.52 -4.70
N ALA N 116 2.82 -57.62 -5.52
CA ALA N 116 3.92 -57.95 -6.48
C ALA N 116 5.09 -58.53 -5.70
N ALA N 117 5.50 -57.88 -4.60
CA ALA N 117 6.62 -58.29 -3.72
C ALA N 117 6.31 -59.63 -3.04
N LEU N 118 5.03 -59.93 -2.77
CA LEU N 118 4.62 -61.20 -2.10
C LEU N 118 4.37 -62.32 -3.13
N GLY N 119 4.06 -61.97 -4.38
CA GLY N 119 3.60 -62.91 -5.40
C GLY N 119 2.14 -63.33 -5.22
N VAL N 120 1.33 -62.49 -4.60
CA VAL N 120 -0.16 -62.69 -4.56
C VAL N 120 -0.69 -62.44 -5.97
N PRO N 121 -1.39 -63.41 -6.59
CA PRO N 121 -1.85 -63.25 -7.98
C PRO N 121 -3.02 -62.27 -8.21
N THR N 122 -2.80 -61.40 -9.18
CA THR N 122 -3.67 -60.25 -9.55
C THR N 122 -5.04 -60.78 -9.98
N THR N 123 -5.04 -61.72 -10.92
CA THR N 123 -6.27 -62.18 -11.60
C THR N 123 -7.19 -62.81 -10.54
N SER N 124 -6.62 -63.61 -9.63
CA SER N 124 -7.41 -64.25 -8.57
C SER N 124 -7.93 -63.19 -7.57
N THR N 125 -7.12 -62.20 -7.21
CA THR N 125 -7.56 -61.14 -6.26
C THR N 125 -8.74 -60.38 -6.87
N VAL N 126 -8.56 -59.99 -8.12
CA VAL N 126 -9.58 -59.26 -8.91
C VAL N 126 -10.84 -60.12 -8.96
N ARG N 127 -10.70 -61.42 -9.22
CA ARG N 127 -11.88 -62.30 -9.30
C ARG N 127 -12.65 -62.27 -7.98
N ALA N 128 -11.95 -62.44 -6.86
CA ALA N 128 -12.60 -62.45 -5.54
C ALA N 128 -13.32 -61.11 -5.36
N VAL N 129 -12.72 -60.00 -5.80
CA VAL N 129 -13.33 -58.65 -5.64
C VAL N 129 -14.57 -58.56 -6.55
N GLN N 130 -14.53 -59.13 -7.75
CA GLN N 130 -15.70 -59.08 -8.67
C GLN N 130 -16.88 -59.83 -8.04
N ILE N 131 -16.63 -60.96 -7.38
CA ILE N 131 -17.72 -61.76 -6.75
C ILE N 131 -18.32 -60.93 -5.61
N MET N 132 -17.50 -60.25 -4.83
CA MET N 132 -17.96 -59.46 -3.66
C MET N 132 -18.79 -58.27 -4.19
N LYS N 133 -18.35 -57.67 -5.29
CA LYS N 133 -19.12 -56.60 -5.98
C LYS N 133 -20.52 -57.09 -6.31
N ALA N 134 -20.65 -58.29 -6.88
CA ALA N 134 -21.96 -58.86 -7.28
C ALA N 134 -22.76 -59.20 -6.02
N GLN N 135 -22.13 -59.79 -5.02
CA GLN N 135 -22.81 -60.11 -3.74
C GLN N 135 -23.38 -58.80 -3.16
N ALA N 136 -22.58 -57.76 -3.04
CA ALA N 136 -22.98 -56.49 -2.39
C ALA N 136 -24.17 -55.89 -3.15
N ALA N 137 -24.11 -55.89 -4.49
CA ALA N 137 -25.19 -55.39 -5.36
C ALA N 137 -26.50 -56.10 -5.00
N ALA N 138 -26.44 -57.44 -4.84
CA ALA N 138 -27.60 -58.30 -4.51
C ALA N 138 -28.09 -58.00 -3.07
N HIS N 139 -27.20 -57.83 -2.10
CA HIS N 139 -27.59 -57.54 -0.69
C HIS N 139 -28.14 -56.12 -0.58
N ILE N 140 -27.57 -55.14 -1.29
CA ILE N 140 -28.09 -53.74 -1.31
C ILE N 140 -29.52 -53.73 -1.87
N LYS N 141 -29.77 -54.40 -2.99
CA LYS N 141 -31.12 -54.46 -3.65
C LYS N 141 -32.05 -55.36 -2.84
N ASP N 142 -31.47 -56.14 -1.91
CA ASP N 142 -32.14 -57.20 -1.10
C ASP N 142 -32.81 -58.25 -2.02
N THR N 143 -32.12 -58.65 -3.09
CA THR N 143 -32.56 -59.70 -4.05
C THR N 143 -31.50 -60.78 -4.17
N PRO N 144 -30.92 -61.32 -3.08
CA PRO N 144 -30.03 -62.47 -3.21
C PRO N 144 -30.82 -63.70 -3.66
N SER N 145 -30.27 -64.51 -4.57
CA SER N 145 -30.88 -65.77 -5.07
C SER N 145 -30.69 -66.87 -4.01
N GLU N 146 -31.68 -67.74 -3.85
CA GLU N 146 -31.50 -68.97 -3.04
C GLU N 146 -30.47 -69.89 -3.72
N ALA N 147 -30.44 -69.91 -5.06
CA ALA N 147 -29.51 -70.73 -5.86
C ALA N 147 -28.08 -70.52 -5.35
N ARG N 148 -27.69 -69.26 -5.11
CA ARG N 148 -26.32 -68.89 -4.68
C ARG N 148 -26.14 -69.01 -3.17
N ALA N 149 -27.20 -69.02 -2.37
CA ALA N 149 -27.12 -68.88 -0.89
C ALA N 149 -27.56 -70.15 -0.17
N GLY N 150 -28.39 -71.00 -0.78
CA GLY N 150 -28.97 -72.16 -0.08
C GLY N 150 -29.44 -71.74 1.30
N ALA N 151 -29.06 -72.48 2.35
CA ALA N 151 -29.62 -72.34 3.71
C ALA N 151 -29.13 -71.04 4.38
N LYS N 152 -28.18 -70.33 3.78
CA LYS N 152 -27.55 -69.10 4.35
C LYS N 152 -28.23 -67.84 3.80
N LEU N 153 -29.32 -67.96 3.01
CA LEU N 153 -30.06 -66.81 2.45
C LEU N 153 -30.58 -65.92 3.60
N ARG N 154 -30.36 -64.60 3.49
CA ARG N 154 -30.83 -63.56 4.43
C ARG N 154 -31.62 -62.50 3.65
N LYS N 155 -32.78 -62.09 4.16
CA LYS N 155 -33.55 -60.92 3.66
C LYS N 155 -33.56 -59.82 4.73
N MET N 156 -33.45 -58.56 4.30
CA MET N 156 -33.24 -57.39 5.19
C MET N 156 -34.57 -56.77 5.63
N GLY N 157 -35.62 -56.86 4.81
CA GLY N 157 -36.93 -56.20 5.06
C GLY N 157 -36.86 -54.67 5.13
N SER N 158 -36.15 -53.98 4.21
CA SER N 158 -36.15 -52.50 4.06
C SER N 158 -37.36 -52.08 3.22
N PRO N 159 -37.96 -50.90 3.43
CA PRO N 159 -39.08 -50.43 2.60
C PRO N 159 -38.68 -50.48 1.12
N VAL N 160 -39.44 -51.18 0.28
CA VAL N 160 -39.05 -51.51 -1.13
C VAL N 160 -39.40 -50.33 -2.03
N VAL N 161 -38.48 -49.91 -2.90
CA VAL N 161 -38.77 -48.96 -4.01
C VAL N 161 -38.37 -49.65 -5.31
N GLU N 162 -38.92 -49.15 -6.42
CA GLU N 162 -38.80 -49.73 -7.78
C GLU N 162 -37.33 -49.85 -8.19
N ASP N 163 -36.53 -48.80 -7.98
CA ASP N 163 -35.11 -48.74 -8.42
C ASP N 163 -34.22 -49.64 -7.54
N ARG N 164 -34.72 -50.06 -6.37
CA ARG N 164 -34.03 -50.96 -5.40
C ARG N 164 -32.68 -50.32 -5.03
N CYS N 165 -32.65 -48.99 -4.91
CA CYS N 165 -31.46 -48.16 -4.54
C CYS N 165 -30.35 -48.32 -5.57
N SER N 166 -30.68 -48.16 -6.86
CA SER N 166 -29.76 -48.36 -8.01
C SER N 166 -28.57 -47.39 -7.90
N SER N 167 -28.77 -46.21 -7.35
CA SER N 167 -27.68 -45.20 -7.20
C SER N 167 -26.62 -45.68 -6.17
N LEU N 168 -27.06 -46.25 -5.04
CA LEU N 168 -26.16 -46.86 -4.01
C LEU N 168 -25.46 -48.11 -4.60
N VAL N 169 -26.19 -48.95 -5.33
CA VAL N 169 -25.61 -50.14 -6.03
C VAL N 169 -24.46 -49.67 -6.93
N ALA N 170 -24.71 -48.66 -7.76
CA ALA N 170 -23.72 -48.11 -8.71
C ALA N 170 -22.53 -47.54 -7.94
N GLU N 171 -22.77 -46.81 -6.85
CA GLU N 171 -21.70 -46.21 -6.01
C GLU N 171 -20.89 -47.34 -5.37
N ALA N 172 -21.55 -48.30 -4.71
CA ALA N 172 -20.86 -49.46 -4.09
C ALA N 172 -20.02 -50.14 -5.16
N SER N 173 -20.61 -50.43 -6.31
CA SER N 173 -19.94 -51.12 -7.46
C SER N 173 -18.70 -50.34 -7.91
N SER N 174 -18.75 -49.01 -7.95
CA SER N 174 -17.62 -48.12 -8.36
C SER N 174 -16.46 -48.23 -7.37
N TYR N 175 -16.76 -48.45 -6.07
CA TYR N 175 -15.74 -48.66 -5.01
C TYR N 175 -15.02 -50.01 -5.25
N PHE N 176 -15.76 -51.10 -5.49
CA PHE N 176 -15.19 -52.40 -5.90
C PHE N 176 -14.34 -52.21 -7.17
N ASP N 177 -14.83 -51.44 -8.15
CA ASP N 177 -14.11 -51.16 -9.43
C ASP N 177 -12.78 -50.44 -9.16
N ARG N 178 -12.70 -49.55 -8.17
CA ARG N 178 -11.45 -48.85 -7.80
C ARG N 178 -10.40 -49.83 -7.32
N VAL N 179 -10.83 -50.82 -6.52
CA VAL N 179 -9.93 -51.92 -6.04
C VAL N 179 -9.40 -52.66 -7.28
N ILE N 180 -10.30 -53.07 -8.18
CA ILE N 180 -9.89 -53.90 -9.34
C ILE N 180 -8.92 -53.05 -10.19
N ALA N 181 -9.21 -51.77 -10.40
CA ALA N 181 -8.34 -50.83 -11.15
C ALA N 181 -7.01 -50.64 -10.43
N ALA N 182 -7.00 -50.54 -9.10
CA ALA N 182 -5.75 -50.35 -8.34
C ALA N 182 -4.90 -51.61 -8.41
N LEU N 183 -5.48 -52.80 -8.56
CA LEU N 183 -4.71 -54.07 -8.48
C LEU N 183 -4.33 -54.63 -9.86
N SER N 184 -4.94 -54.19 -10.94
CA SER N 184 -4.84 -54.90 -12.25
C SER N 184 -3.86 -54.14 -13.15
N MET O 1 -25.26 13.98 -17.08
CA MET O 1 -25.95 14.69 -15.98
C MET O 1 -27.47 14.52 -16.15
N LEU O 2 -28.22 14.84 -15.09
CA LEU O 2 -29.68 14.81 -15.06
C LEU O 2 -30.24 16.23 -15.06
N ASP O 3 -31.51 16.35 -15.44
CA ASP O 3 -32.33 17.58 -15.28
C ASP O 3 -33.54 17.15 -14.45
N ALA O 4 -34.45 18.07 -14.12
CA ALA O 4 -35.66 17.74 -13.33
C ALA O 4 -36.39 16.55 -13.96
N PHE O 5 -36.48 16.45 -15.28
CA PHE O 5 -37.32 15.43 -15.97
C PHE O 5 -36.60 14.07 -15.95
N SER O 6 -35.29 14.00 -16.24
CA SER O 6 -34.60 12.69 -16.19
C SER O 6 -34.40 12.27 -14.73
N ARG O 7 -34.35 13.20 -13.79
CA ARG O 7 -34.34 12.85 -12.35
C ARG O 7 -35.62 12.05 -12.03
N ALA O 8 -36.81 12.53 -12.46
CA ALA O 8 -38.08 11.79 -12.25
C ALA O 8 -38.01 10.41 -12.94
N VAL O 9 -37.39 10.35 -14.10
CA VAL O 9 -37.28 9.09 -14.90
C VAL O 9 -36.41 8.07 -14.13
N VAL O 10 -35.28 8.50 -13.56
CA VAL O 10 -34.37 7.65 -12.75
C VAL O 10 -35.16 7.09 -11.56
N GLN O 11 -36.00 7.86 -10.89
CA GLN O 11 -36.79 7.30 -9.76
C GLN O 11 -37.83 6.29 -10.27
N ALA O 12 -38.53 6.58 -11.37
CA ALA O 12 -39.50 5.64 -11.99
C ALA O 12 -38.79 4.36 -12.42
N ASP O 13 -37.60 4.47 -13.01
CA ASP O 13 -36.80 3.29 -13.45
C ASP O 13 -36.43 2.41 -12.25
N ALA O 14 -36.12 2.99 -11.08
CA ALA O 14 -35.72 2.27 -9.84
C ALA O 14 -36.74 1.17 -9.49
N SER O 15 -37.98 1.27 -9.96
CA SER O 15 -39.01 0.21 -9.82
C SER O 15 -39.60 -0.19 -11.20
N THR O 16 -38.76 -0.15 -12.24
CA THR O 16 -39.11 -0.39 -13.67
C THR O 16 -40.57 -0.02 -13.93
N SER O 17 -40.90 1.25 -13.69
CA SER O 17 -42.28 1.77 -13.72
C SER O 17 -42.37 2.96 -14.70
N VAL O 18 -43.48 3.11 -15.43
CA VAL O 18 -43.75 4.38 -16.18
C VAL O 18 -43.71 5.57 -15.21
N VAL O 19 -43.40 6.76 -15.72
CA VAL O 19 -43.66 8.02 -14.97
C VAL O 19 -45.17 8.22 -14.95
N GLY O 20 -45.80 8.11 -13.79
CA GLY O 20 -47.26 7.99 -13.68
C GLY O 20 -47.90 9.37 -13.63
N ASP O 21 -47.42 10.21 -12.72
CA ASP O 21 -47.96 11.57 -12.47
C ASP O 21 -47.06 12.59 -13.17
N VAL O 22 -47.54 13.18 -14.28
CA VAL O 22 -46.80 14.22 -15.05
C VAL O 22 -47.27 15.62 -14.59
N SER O 23 -48.11 15.68 -13.55
CA SER O 23 -48.74 16.90 -13.00
C SER O 23 -47.64 17.86 -12.52
N ALA O 24 -46.84 17.41 -11.56
CA ALA O 24 -45.63 18.12 -11.10
C ALA O 24 -44.83 18.58 -12.34
N LEU O 25 -44.62 17.70 -13.32
CA LEU O 25 -43.81 17.98 -14.53
C LEU O 25 -44.45 19.11 -15.35
N LYS O 26 -45.78 19.11 -15.48
CA LYS O 26 -46.56 20.20 -16.14
C LYS O 26 -46.38 21.53 -15.42
N GLN O 27 -46.33 21.52 -14.09
CA GLN O 27 -46.17 22.73 -13.25
C GLN O 27 -44.75 23.28 -13.46
N PHE O 28 -43.76 22.41 -13.62
CA PHE O 28 -42.35 22.79 -13.93
C PHE O 28 -42.32 23.54 -15.28
N ILE O 29 -43.08 23.05 -16.25
CA ILE O 29 -43.14 23.65 -17.62
C ILE O 29 -43.80 25.03 -17.50
N ALA O 30 -44.89 25.13 -16.72
CA ALA O 30 -45.63 26.39 -16.45
C ALA O 30 -44.71 27.41 -15.75
N GLN O 31 -43.80 26.95 -14.88
CA GLN O 31 -42.80 27.76 -14.14
C GLN O 31 -41.63 28.16 -15.07
N GLY O 32 -41.55 27.56 -16.28
CA GLY O 32 -40.35 27.56 -17.13
C GLY O 32 -39.91 28.97 -17.51
N ASN O 33 -40.83 29.82 -17.96
CA ASN O 33 -40.47 31.21 -18.33
C ASN O 33 -39.80 31.88 -17.11
N ARG O 34 -40.35 31.73 -15.91
CA ARG O 34 -39.74 32.43 -14.77
C ARG O 34 -38.39 31.78 -14.46
N ARG O 35 -38.20 30.49 -14.72
CA ARG O 35 -36.88 29.82 -14.51
C ARG O 35 -35.85 30.49 -15.43
N LEU O 36 -36.23 30.76 -16.68
CA LEU O 36 -35.33 31.37 -17.67
C LEU O 36 -35.01 32.80 -17.21
N ASP O 37 -35.97 33.53 -16.68
CA ASP O 37 -35.72 34.87 -16.08
C ASP O 37 -34.71 34.73 -14.93
N ALA O 38 -34.82 33.69 -14.10
CA ALA O 38 -33.96 33.53 -12.91
C ALA O 38 -32.50 33.32 -13.39
N VAL O 39 -32.32 32.47 -14.40
CA VAL O 39 -30.97 32.16 -14.96
C VAL O 39 -30.41 33.41 -15.66
N ASN O 40 -31.24 34.13 -16.41
CA ASN O 40 -30.83 35.36 -17.11
C ASN O 40 -30.30 36.35 -16.08
N ALA O 41 -31.01 36.47 -14.94
CA ALA O 41 -30.75 37.46 -13.87
C ALA O 41 -29.40 37.15 -13.20
N ILE O 42 -29.04 35.87 -13.07
CA ILE O 42 -27.75 35.49 -12.47
C ILE O 42 -26.64 35.68 -13.52
N ALA O 43 -26.80 35.06 -14.70
CA ALA O 43 -25.82 35.11 -15.82
C ALA O 43 -25.55 36.57 -16.23
N SER O 44 -26.56 37.42 -16.30
CA SER O 44 -26.39 38.82 -16.78
C SER O 44 -25.59 39.67 -15.77
N ASN O 45 -25.59 39.27 -14.51
CA ASN O 45 -24.98 40.02 -13.39
C ASN O 45 -23.80 39.23 -12.78
N ALA O 46 -23.32 38.18 -13.45
CA ALA O 46 -22.41 37.19 -12.83
C ALA O 46 -21.04 37.82 -12.50
N SER O 47 -20.46 38.67 -13.36
CA SER O 47 -19.15 39.33 -13.08
C SER O 47 -19.30 40.22 -11.84
N CYS O 48 -20.37 41.00 -11.81
CA CYS O 48 -20.62 41.91 -10.67
C CYS O 48 -20.86 41.06 -9.40
N MET O 49 -21.55 39.91 -9.52
CA MET O 49 -21.79 39.01 -8.35
C MET O 49 -20.46 38.50 -7.80
N VAL O 50 -19.62 37.90 -8.66
CA VAL O 50 -18.32 37.27 -8.28
C VAL O 50 -17.43 38.32 -7.61
N SER O 51 -17.24 39.48 -8.24
CA SER O 51 -16.27 40.48 -7.73
C SER O 51 -16.77 41.05 -6.39
N ASP O 52 -18.08 41.34 -6.29
CA ASP O 52 -18.71 41.82 -5.04
C ASP O 52 -18.66 40.75 -3.93
N ALA O 53 -18.80 39.46 -4.24
CA ALA O 53 -18.80 38.41 -3.19
C ALA O 53 -17.39 38.17 -2.65
N ILE O 54 -16.38 38.15 -3.52
CA ILE O 54 -14.94 37.96 -3.14
C ILE O 54 -14.48 39.22 -2.37
N ALA O 55 -14.75 40.42 -2.89
CA ALA O 55 -14.45 41.69 -2.19
C ALA O 55 -15.12 41.67 -0.81
N GLY O 56 -16.31 41.07 -0.71
CA GLY O 56 -17.09 41.02 0.54
C GLY O 56 -16.49 40.07 1.56
N MET O 57 -16.09 38.89 1.10
CA MET O 57 -15.34 37.90 1.90
C MET O 57 -14.12 38.63 2.48
N ILE O 58 -13.39 39.33 1.62
CA ILE O 58 -12.16 40.09 2.01
C ILE O 58 -12.51 41.23 2.97
N CYS O 59 -13.57 42.02 2.77
CA CYS O 59 -13.74 43.18 3.69
C CYS O 59 -14.27 42.68 5.03
N GLU O 60 -14.68 41.40 5.12
CA GLU O 60 -15.04 40.73 6.40
C GLU O 60 -13.83 40.04 7.04
N ASN O 61 -12.81 39.70 6.25
CA ASN O 61 -11.59 39.01 6.75
C ASN O 61 -10.37 39.56 6.00
N GLN O 62 -9.78 40.62 6.56
CA GLN O 62 -8.61 41.35 6.03
C GLN O 62 -7.39 40.43 5.94
N GLY O 63 -7.36 39.39 6.77
CA GLY O 63 -6.31 38.37 6.82
C GLY O 63 -5.97 37.83 5.44
N LEU O 64 -6.98 37.71 4.58
CA LEU O 64 -6.89 37.11 3.22
C LEU O 64 -5.95 37.94 2.34
N ILE O 65 -5.82 39.24 2.62
CA ILE O 65 -5.02 40.17 1.76
C ILE O 65 -3.78 40.66 2.53
N GLN O 66 -3.44 40.01 3.64
CA GLN O 66 -2.24 40.35 4.45
C GLN O 66 -1.20 39.24 4.25
N ALA O 67 0.04 39.48 4.69
CA ALA O 67 1.13 38.47 4.69
C ALA O 67 0.53 37.10 5.01
N GLY O 68 0.79 36.09 4.19
CA GLY O 68 0.44 34.68 4.46
C GLY O 68 -1.03 34.39 4.21
N GLY O 69 -1.84 35.39 3.84
CA GLY O 69 -3.28 35.19 3.58
C GLY O 69 -3.52 34.55 2.23
N MEN O 70 -4.61 33.76 2.11
CA MEN O 70 -4.87 32.98 0.91
C MEN O 70 -5.38 33.74 -0.32
O MEN O 70 -5.50 33.15 -1.39
CB MEN O 70 -5.70 31.75 1.32
CG MEN O 70 -5.46 30.58 0.38
OD1 MEN O 70 -6.34 30.22 -0.45
ND2 MEN O 70 -4.24 30.04 0.44
CE2 MEN O 70 -3.75 29.02 -0.48
N CYS O 71 -5.63 35.06 -0.20
CA CYS O 71 -5.84 35.88 -1.40
C CYS O 71 -4.61 36.75 -1.70
N TYR O 72 -3.48 36.45 -1.06
CA TYR O 72 -2.17 37.14 -1.27
C TYR O 72 -1.18 36.16 -1.91
N PRO O 73 -0.43 36.50 -2.98
CA PRO O 73 -0.51 37.80 -3.65
C PRO O 73 -1.49 37.79 -4.86
N ASN O 74 -1.21 38.55 -5.92
CA ASN O 74 -2.13 38.74 -7.09
C ASN O 74 -2.61 37.39 -7.66
N ARG O 75 -1.70 36.45 -7.85
CA ARG O 75 -1.97 35.09 -8.41
C ARG O 75 -3.10 34.43 -7.60
N ARG O 76 -3.07 34.59 -6.28
CA ARG O 76 -4.02 33.89 -5.37
C ARG O 76 -5.37 34.58 -5.44
N MET O 77 -5.38 35.92 -5.49
CA MET O 77 -6.64 36.68 -5.60
C MET O 77 -7.29 36.26 -6.93
N ALA O 78 -6.49 36.15 -7.99
CA ALA O 78 -6.96 35.80 -9.35
C ALA O 78 -7.54 34.38 -9.30
N ALA O 79 -6.88 33.46 -8.59
CA ALA O 79 -7.31 32.04 -8.44
C ALA O 79 -8.67 32.01 -7.76
N CYS O 80 -8.82 32.87 -6.75
CA CYS O 80 -10.04 32.92 -5.93
C CYS O 80 -11.20 33.50 -6.74
N LEU O 81 -10.99 34.59 -7.50
CA LEU O 81 -12.01 35.17 -8.41
C LEU O 81 -12.47 34.08 -9.41
N ARG O 82 -11.53 33.30 -9.91
CA ARG O 82 -11.79 32.19 -10.87
C ARG O 82 -12.68 31.14 -10.22
N ASP O 83 -12.36 30.72 -8.99
CA ASP O 83 -13.16 29.69 -8.26
C ASP O 83 -14.58 30.22 -8.01
N GLY O 84 -14.72 31.50 -7.67
CA GLY O 84 -16.04 32.15 -7.46
C GLY O 84 -16.88 32.05 -8.73
N GLU O 85 -16.27 32.37 -9.87
CA GLU O 85 -16.91 32.27 -11.21
C GLU O 85 -17.28 30.80 -11.49
N ILE O 86 -16.38 29.85 -11.24
CA ILE O 86 -16.64 28.39 -11.51
C ILE O 86 -17.85 27.93 -10.68
N ILE O 87 -17.86 28.23 -9.40
CA ILE O 87 -18.94 27.77 -8.49
C ILE O 87 -20.26 28.39 -8.95
N LEU O 88 -20.27 29.68 -9.23
CA LEU O 88 -21.52 30.37 -9.63
C LEU O 88 -22.01 29.79 -10.96
N ARG O 89 -21.09 29.43 -11.85
CA ARG O 89 -21.42 28.88 -13.20
C ARG O 89 -22.14 27.52 -13.01
N TYR O 90 -21.63 26.65 -12.15
CA TYR O 90 -22.20 25.30 -11.93
C TYR O 90 -23.54 25.43 -11.21
N VAL O 91 -23.68 26.43 -10.34
CA VAL O 91 -24.95 26.71 -9.61
C VAL O 91 -25.99 27.15 -10.64
N THR O 92 -25.62 28.04 -11.58
CA THR O 92 -26.51 28.56 -12.66
C THR O 92 -26.94 27.38 -13.56
N TYR O 93 -26.04 26.48 -13.92
CA TYR O 93 -26.39 25.25 -14.69
C TYR O 93 -27.44 24.45 -13.91
N ALA O 94 -27.25 24.23 -12.61
CA ALA O 94 -28.20 23.43 -11.81
C ALA O 94 -29.57 24.09 -11.87
N LEU O 95 -29.62 25.43 -11.80
CA LEU O 95 -30.91 26.15 -11.77
C LEU O 95 -31.54 26.03 -13.16
N LEU O 96 -30.74 26.03 -14.22
CA LEU O 96 -31.26 25.92 -15.60
C LEU O 96 -31.81 24.48 -15.78
N ALA O 97 -31.09 23.48 -15.29
CA ALA O 97 -31.45 22.04 -15.39
C ALA O 97 -32.62 21.73 -14.45
N GLY O 98 -32.74 22.45 -13.34
CA GLY O 98 -33.70 22.08 -12.27
C GLY O 98 -33.23 20.85 -11.51
N ASP O 99 -31.90 20.62 -11.41
CA ASP O 99 -31.33 19.49 -10.65
C ASP O 99 -29.86 19.78 -10.31
N ALA O 100 -29.37 19.27 -9.17
CA ALA O 100 -28.01 19.49 -8.61
C ALA O 100 -26.96 18.55 -9.22
N SER O 101 -27.37 17.52 -9.95
CA SER O 101 -26.54 16.54 -10.72
C SER O 101 -25.27 17.19 -11.31
N VAL O 102 -25.40 18.20 -12.17
CA VAL O 102 -24.21 18.78 -12.87
C VAL O 102 -23.32 19.46 -11.82
N LEU O 103 -23.92 20.07 -10.79
CA LEU O 103 -23.18 20.78 -9.73
C LEU O 103 -22.38 19.75 -8.91
N ASP O 104 -23.06 18.70 -8.44
CA ASP O 104 -22.45 17.59 -7.65
C ASP O 104 -21.28 16.99 -8.44
N ASP O 105 -21.52 16.57 -9.69
CA ASP O 105 -20.60 15.68 -10.45
C ASP O 105 -19.43 16.45 -11.04
N ARG O 106 -19.62 17.68 -11.48
CA ARG O 106 -18.59 18.40 -12.24
C ARG O 106 -17.85 19.41 -11.36
N CYS O 107 -18.39 19.76 -10.19
CA CYS O 107 -17.83 20.86 -9.36
C CYS O 107 -17.54 20.43 -7.91
N LEU O 108 -18.51 19.85 -7.20
CA LEU O 108 -18.39 19.59 -5.75
C LEU O 108 -17.62 18.30 -5.44
N ASN O 109 -17.78 17.26 -6.25
CA ASN O 109 -17.13 15.93 -6.01
C ASN O 109 -15.60 16.10 -5.99
N GLY O 110 -14.96 15.90 -4.83
CA GLY O 110 -13.51 16.07 -4.61
C GLY O 110 -13.09 17.49 -4.24
N LEU O 111 -14.00 18.47 -4.13
CA LEU O 111 -13.59 19.90 -3.95
C LEU O 111 -13.02 20.12 -2.54
N LYS O 112 -13.66 19.54 -1.52
CA LYS O 112 -13.18 19.67 -0.13
C LYS O 112 -11.73 19.18 -0.06
N GLU O 113 -11.43 17.97 -0.54
CA GLU O 113 -10.07 17.36 -0.50
C GLU O 113 -9.09 18.30 -1.22
N THR O 114 -9.46 18.79 -2.39
CA THR O 114 -8.67 19.75 -3.22
C THR O 114 -8.33 20.97 -2.37
N TYR O 115 -9.30 21.63 -1.77
CA TYR O 115 -9.02 22.85 -0.99
C TYR O 115 -8.14 22.49 0.21
N ALA O 116 -8.32 21.29 0.77
CA ALA O 116 -7.59 20.80 1.96
C ALA O 116 -6.11 20.63 1.61
N ALA O 117 -5.82 20.09 0.43
CA ALA O 117 -4.44 19.85 -0.06
C ALA O 117 -3.76 21.18 -0.37
N LEU O 118 -4.52 22.22 -0.74
CA LEU O 118 -4.01 23.53 -1.20
C LEU O 118 -3.89 24.53 -0.03
N GLY O 119 -4.67 24.34 1.03
CA GLY O 119 -4.74 25.28 2.17
C GLY O 119 -5.74 26.39 1.93
N VAL O 120 -6.68 26.21 1.00
CA VAL O 120 -7.75 27.23 0.74
C VAL O 120 -8.71 27.20 1.92
N PRO O 121 -8.88 28.32 2.65
CA PRO O 121 -9.61 28.29 3.91
C PRO O 121 -11.12 28.11 3.67
N THR O 122 -11.71 27.19 4.45
CA THR O 122 -13.13 26.77 4.41
C THR O 122 -14.00 27.95 4.82
N THR O 123 -13.70 28.60 5.92
CA THR O 123 -14.60 29.67 6.43
C THR O 123 -14.77 30.70 5.31
N SER O 124 -13.69 31.17 4.70
CA SER O 124 -13.76 32.28 3.71
C SER O 124 -14.52 31.81 2.45
N THR O 125 -14.29 30.60 1.98
CA THR O 125 -14.95 30.10 0.75
C THR O 125 -16.46 30.06 1.00
N VAL O 126 -16.85 29.52 2.14
CA VAL O 126 -18.27 29.43 2.55
C VAL O 126 -18.86 30.83 2.62
N ARG O 127 -18.13 31.80 3.14
CA ARG O 127 -18.65 33.17 3.26
C ARG O 127 -18.86 33.74 1.84
N ALA O 128 -17.94 33.50 0.89
CA ALA O 128 -18.12 34.01 -0.49
C ALA O 128 -19.44 33.46 -1.04
N VAL O 129 -19.69 32.17 -0.85
CA VAL O 129 -20.88 31.46 -1.39
C VAL O 129 -22.13 32.04 -0.71
N GLN O 130 -22.07 32.31 0.59
CA GLN O 130 -23.19 32.93 1.35
C GLN O 130 -23.56 34.29 0.75
N ILE O 131 -22.61 35.11 0.35
CA ILE O 131 -22.92 36.44 -0.29
C ILE O 131 -23.54 36.18 -1.67
N MET O 132 -22.99 35.24 -2.45
CA MET O 132 -23.52 34.89 -3.80
C MET O 132 -24.95 34.37 -3.65
N LYS O 133 -25.27 33.63 -2.57
CA LYS O 133 -26.67 33.16 -2.34
C LYS O 133 -27.60 34.37 -2.15
N ALA O 134 -27.17 35.36 -1.35
CA ALA O 134 -27.89 36.61 -1.08
C ALA O 134 -28.01 37.43 -2.38
N GLN O 135 -26.97 37.51 -3.19
CA GLN O 135 -27.01 38.31 -4.46
C GLN O 135 -28.01 37.67 -5.43
N ALA O 136 -27.95 36.34 -5.61
CA ALA O 136 -28.79 35.57 -6.55
C ALA O 136 -30.25 35.74 -6.16
N ALA O 137 -30.56 35.70 -4.86
CA ALA O 137 -31.94 35.89 -4.34
C ALA O 137 -32.44 37.30 -4.74
N ALA O 138 -31.67 38.35 -4.48
CA ALA O 138 -32.14 39.73 -4.78
C ALA O 138 -32.33 39.88 -6.31
N HIS O 139 -31.48 39.23 -7.14
CA HIS O 139 -31.54 39.32 -8.63
C HIS O 139 -32.72 38.51 -9.19
N ILE O 140 -33.00 37.34 -8.63
CA ILE O 140 -34.18 36.53 -9.01
C ILE O 140 -35.45 37.29 -8.65
N LYS O 141 -35.48 37.94 -7.48
CA LYS O 141 -36.63 38.79 -7.04
C LYS O 141 -36.63 40.14 -7.77
N ASP O 142 -35.53 40.53 -8.39
CA ASP O 142 -35.37 41.83 -9.10
C ASP O 142 -35.57 42.98 -8.10
N THR O 143 -35.07 42.81 -6.87
CA THR O 143 -35.01 43.85 -5.81
C THR O 143 -33.57 44.06 -5.31
N PRO O 144 -32.55 44.20 -6.20
CA PRO O 144 -31.20 44.60 -5.77
C PRO O 144 -31.17 46.08 -5.31
N SER O 145 -30.38 46.42 -4.27
CA SER O 145 -30.24 47.79 -3.71
C SER O 145 -29.13 48.58 -4.41
N GLU O 146 -29.42 49.87 -4.62
CA GLU O 146 -28.45 50.97 -4.91
C GLU O 146 -27.33 50.94 -3.85
N ALA O 147 -27.68 50.72 -2.59
CA ALA O 147 -26.73 50.73 -1.45
C ALA O 147 -25.60 49.73 -1.70
N ARG O 148 -25.90 48.54 -2.22
CA ARG O 148 -24.86 47.48 -2.42
C ARG O 148 -24.26 47.58 -3.83
N ALA O 149 -24.93 48.20 -4.79
CA ALA O 149 -24.54 48.13 -6.23
C ALA O 149 -23.96 49.45 -6.73
N GLY O 150 -24.35 50.61 -6.19
CA GLY O 150 -23.97 51.93 -6.73
C GLY O 150 -24.34 52.09 -8.20
N ALA O 151 -23.42 52.64 -9.02
CA ALA O 151 -23.55 52.86 -10.49
C ALA O 151 -23.75 51.54 -11.27
N LYS O 152 -23.55 50.38 -10.64
CA LYS O 152 -23.54 49.04 -11.30
C LYS O 152 -24.91 48.36 -11.16
N LEU O 153 -25.89 49.02 -10.55
CA LEU O 153 -27.27 48.50 -10.34
C LEU O 153 -27.84 48.02 -11.68
N ARG O 154 -28.52 46.87 -11.69
CA ARG O 154 -29.22 46.34 -12.87
C ARG O 154 -30.64 45.91 -12.46
N LYS O 155 -31.65 46.39 -13.19
CA LYS O 155 -33.08 45.95 -13.05
C LYS O 155 -33.48 45.19 -14.32
N MET O 156 -34.06 43.99 -14.16
CA MET O 156 -34.38 43.05 -15.26
C MET O 156 -35.74 43.41 -15.89
N GLY O 157 -36.68 43.97 -15.12
CA GLY O 157 -38.00 44.36 -15.64
C GLY O 157 -38.87 43.20 -16.08
N SER O 158 -38.83 42.05 -15.38
CA SER O 158 -39.75 40.90 -15.59
C SER O 158 -41.11 41.16 -14.94
N PRO O 159 -42.18 40.48 -15.40
CA PRO O 159 -43.51 40.67 -14.81
C PRO O 159 -43.56 40.23 -13.33
N VAL O 160 -43.89 41.17 -12.44
CA VAL O 160 -43.82 41.03 -10.95
C VAL O 160 -45.02 40.21 -10.47
N VAL O 161 -44.81 39.12 -9.75
CA VAL O 161 -45.90 38.45 -8.96
C VAL O 161 -45.62 38.64 -7.48
N GLU O 162 -46.67 38.48 -6.68
CA GLU O 162 -46.71 38.68 -5.21
C GLU O 162 -45.52 37.96 -4.57
N ASP O 163 -45.29 36.69 -4.95
CA ASP O 163 -44.28 35.80 -4.30
C ASP O 163 -42.86 36.11 -4.82
N ARG O 164 -42.74 36.87 -5.91
CA ARG O 164 -41.45 37.19 -6.57
C ARG O 164 -40.63 35.91 -6.71
N CYS O 165 -41.25 34.85 -7.24
CA CYS O 165 -40.59 33.56 -7.60
C CYS O 165 -39.88 32.97 -6.35
N SER O 166 -40.56 32.96 -5.22
CA SER O 166 -39.98 32.50 -3.94
C SER O 166 -39.55 31.02 -4.07
N SER O 167 -40.22 30.23 -4.89
CA SER O 167 -39.86 28.80 -5.07
C SER O 167 -38.49 28.69 -5.79
N LEU O 168 -38.27 29.52 -6.81
CA LEU O 168 -36.96 29.52 -7.52
C LEU O 168 -35.88 30.08 -6.60
N VAL O 169 -36.21 31.09 -5.80
CA VAL O 169 -35.23 31.65 -4.82
C VAL O 169 -34.82 30.52 -3.88
N ALA O 170 -35.79 29.77 -3.36
CA ALA O 170 -35.55 28.66 -2.40
C ALA O 170 -34.64 27.62 -3.06
N GLU O 171 -34.95 27.27 -4.30
CA GLU O 171 -34.22 26.24 -5.07
C GLU O 171 -32.79 26.71 -5.38
N ALA O 172 -32.60 27.92 -5.91
CA ALA O 172 -31.24 28.47 -6.18
C ALA O 172 -30.44 28.47 -4.87
N SER O 173 -31.08 28.86 -3.77
CA SER O 173 -30.46 28.91 -2.43
C SER O 173 -30.05 27.50 -1.99
N SER O 174 -30.85 26.47 -2.29
CA SER O 174 -30.52 25.07 -1.90
C SER O 174 -29.26 24.62 -2.64
N TYR O 175 -29.01 25.10 -3.87
CA TYR O 175 -27.78 24.74 -4.64
C TYR O 175 -26.55 25.39 -4.00
N PHE O 176 -26.58 26.68 -3.65
CA PHE O 176 -25.48 27.32 -2.88
C PHE O 176 -25.31 26.59 -1.55
N ASP O 177 -26.40 26.16 -0.88
CA ASP O 177 -26.30 25.36 0.38
C ASP O 177 -25.61 24.01 0.10
N ARG O 178 -25.78 23.44 -1.08
CA ARG O 178 -25.06 22.16 -1.40
C ARG O 178 -23.56 22.40 -1.55
N VAL O 179 -23.17 23.54 -2.09
CA VAL O 179 -21.74 23.93 -2.11
C VAL O 179 -21.27 23.97 -0.65
N ILE O 180 -21.99 24.67 0.22
CA ILE O 180 -21.54 24.92 1.61
C ILE O 180 -21.44 23.55 2.31
N ALA O 181 -22.48 22.73 2.18
CA ALA O 181 -22.50 21.36 2.74
C ALA O 181 -21.26 20.60 2.26
N ALA O 182 -20.90 20.70 0.98
CA ALA O 182 -19.79 19.90 0.40
C ALA O 182 -18.47 20.38 1.03
N LEU O 183 -18.36 21.67 1.34
CA LEU O 183 -17.11 22.24 1.89
C LEU O 183 -17.00 22.01 3.41
N SER O 184 -18.09 21.65 4.10
CA SER O 184 -18.16 21.49 5.59
C SER O 184 -17.59 20.14 6.03
N MET P 1 -15.20 -47.77 29.59
CA MET P 1 -16.07 -46.89 30.35
C MET P 1 -17.54 -47.26 30.12
N LEU P 2 -18.41 -46.78 30.98
CA LEU P 2 -19.88 -46.95 30.87
C LEU P 2 -20.56 -45.59 30.58
N ASP P 3 -21.83 -45.67 30.22
CA ASP P 3 -22.75 -44.54 30.01
C ASP P 3 -24.00 -44.92 30.83
N ALA P 4 -24.99 -44.07 30.89
CA ALA P 4 -26.21 -44.31 31.70
C ALA P 4 -26.78 -45.70 31.36
N PHE P 5 -26.77 -46.09 30.08
CA PHE P 5 -27.48 -47.32 29.61
C PHE P 5 -26.65 -48.55 30.01
N SER P 6 -25.34 -48.55 29.78
CA SER P 6 -24.46 -49.71 30.10
C SER P 6 -24.32 -49.86 31.62
N ARG P 7 -24.50 -48.78 32.39
CA ARG P 7 -24.57 -48.86 33.87
C ARG P 7 -25.79 -49.74 34.27
N ALA P 8 -26.99 -49.51 33.72
CA ALA P 8 -28.20 -50.33 33.98
C ALA P 8 -27.95 -51.78 33.54
N VAL P 9 -27.27 -51.97 32.40
CA VAL P 9 -26.84 -53.31 31.87
C VAL P 9 -25.95 -54.05 32.88
N VAL P 10 -24.92 -53.38 33.42
CA VAL P 10 -23.96 -53.96 34.40
C VAL P 10 -24.75 -54.41 35.64
N GLN P 11 -25.69 -53.59 36.09
CA GLN P 11 -26.52 -53.85 37.29
C GLN P 11 -27.41 -55.07 37.00
N ALA P 12 -28.02 -55.15 35.81
CA ALA P 12 -28.90 -56.27 35.41
C ALA P 12 -28.05 -57.55 35.33
N ASP P 13 -26.86 -57.49 34.73
CA ASP P 13 -25.93 -58.64 34.61
C ASP P 13 -25.54 -59.19 35.99
N ALA P 14 -25.47 -58.34 37.03
CA ALA P 14 -25.05 -58.73 38.40
C ALA P 14 -25.98 -59.83 38.93
N SER P 15 -27.20 -59.91 38.38
CA SER P 15 -28.22 -60.94 38.70
C SER P 15 -28.68 -61.74 37.45
N THR P 16 -27.79 -61.93 36.47
CA THR P 16 -28.05 -62.56 35.13
C THR P 16 -29.51 -62.30 34.70
N SER P 17 -29.95 -61.05 34.69
CA SER P 17 -31.34 -60.68 34.32
C SER P 17 -31.32 -59.74 33.11
N VAL P 18 -32.40 -59.77 32.35
CA VAL P 18 -32.72 -58.78 31.31
C VAL P 18 -32.82 -57.42 31.99
N VAL P 19 -32.53 -56.34 31.27
CA VAL P 19 -32.83 -54.97 31.76
C VAL P 19 -34.35 -54.87 31.79
N GLY P 20 -34.90 -54.66 32.99
CA GLY P 20 -36.31 -54.84 33.33
C GLY P 20 -37.15 -53.65 32.93
N ASP P 21 -36.83 -52.45 33.42
CA ASP P 21 -37.73 -51.28 33.23
C ASP P 21 -37.15 -50.38 32.13
N VAL P 22 -37.49 -50.67 30.88
CA VAL P 22 -37.01 -49.92 29.68
C VAL P 22 -37.84 -48.63 29.53
N SER P 23 -39.11 -48.66 29.95
CA SER P 23 -39.98 -47.47 30.12
C SER P 23 -39.15 -46.30 30.70
N ALA P 24 -38.43 -46.50 31.81
CA ALA P 24 -37.68 -45.44 32.52
C ALA P 24 -36.43 -45.01 31.72
N LEU P 25 -35.86 -45.88 30.88
CA LEU P 25 -34.71 -45.48 30.01
C LEU P 25 -35.20 -44.59 28.86
N LYS P 26 -36.45 -44.79 28.40
CA LYS P 26 -37.16 -43.94 27.39
C LYS P 26 -37.22 -42.48 27.87
N GLN P 27 -37.24 -42.25 29.19
CA GLN P 27 -37.37 -40.91 29.82
C GLN P 27 -36.01 -40.24 29.83
N PHE P 28 -34.94 -40.98 30.12
CA PHE P 28 -33.56 -40.47 29.97
C PHE P 28 -33.39 -39.97 28.52
N ILE P 29 -33.92 -40.72 27.56
CA ILE P 29 -33.81 -40.39 26.11
C ILE P 29 -34.61 -39.12 25.81
N ALA P 30 -35.78 -38.95 26.43
CA ALA P 30 -36.66 -37.77 26.26
C ALA P 30 -35.98 -36.48 26.74
N GLN P 31 -35.10 -36.57 27.75
CA GLN P 31 -34.28 -35.48 28.36
C GLN P 31 -33.09 -35.21 27.41
N GLY P 32 -32.92 -36.01 26.36
CA GLY P 32 -31.67 -36.08 25.56
C GLY P 32 -31.22 -34.71 25.05
N ASN P 33 -32.11 -33.97 24.43
CA ASN P 33 -31.76 -32.68 23.81
C ASN P 33 -31.23 -31.76 24.91
N ARG P 34 -31.90 -31.71 26.05
CA ARG P 34 -31.50 -30.76 27.11
C ARG P 34 -30.15 -31.23 27.67
N ARG P 35 -29.87 -32.53 27.63
CA ARG P 35 -28.53 -33.01 28.04
C ARG P 35 -27.48 -32.46 27.04
N LEU P 36 -27.78 -32.41 25.74
CA LEU P 36 -26.77 -31.94 24.78
C LEU P 36 -26.61 -30.42 24.98
N ASP P 37 -27.67 -29.69 25.32
CA ASP P 37 -27.55 -28.24 25.58
C ASP P 37 -26.70 -28.00 26.84
N ALA P 38 -26.85 -28.82 27.88
CA ALA P 38 -26.04 -28.67 29.11
C ALA P 38 -24.56 -28.90 28.77
N VAL P 39 -24.24 -29.92 27.96
CA VAL P 39 -22.85 -30.19 27.52
C VAL P 39 -22.38 -28.98 26.70
N ASN P 40 -23.20 -28.53 25.75
CA ASN P 40 -22.87 -27.39 24.87
C ASN P 40 -22.56 -26.15 25.73
N ALA P 41 -23.32 -25.95 26.80
CA ALA P 41 -23.22 -24.75 27.68
C ALA P 41 -21.91 -24.76 28.46
N ILE P 42 -21.40 -25.93 28.88
CA ILE P 42 -20.09 -26.02 29.62
C ILE P 42 -18.94 -25.96 28.61
N ALA P 43 -18.89 -26.83 27.61
CA ALA P 43 -17.84 -26.84 26.56
C ALA P 43 -17.68 -25.42 25.98
N SER P 44 -18.75 -24.74 25.60
CA SER P 44 -18.67 -23.45 24.85
C SER P 44 -18.08 -22.36 25.75
N ASN P 45 -18.17 -22.53 27.08
CA ASN P 45 -17.75 -21.51 28.06
C ASN P 45 -16.55 -22.02 28.87
N ALA P 46 -15.83 -23.06 28.38
CA ALA P 46 -14.83 -23.79 29.19
C ALA P 46 -13.59 -22.90 29.51
N SER P 47 -13.08 -22.10 28.57
CA SER P 47 -11.90 -21.21 28.82
C SER P 47 -12.27 -20.18 29.88
N CYS P 48 -13.42 -19.55 29.72
CA CYS P 48 -13.90 -18.52 30.65
C CYS P 48 -14.14 -19.16 32.03
N MET P 49 -14.59 -20.41 32.08
CA MET P 49 -14.84 -21.11 33.37
C MET P 49 -13.50 -21.37 34.08
N VAL P 50 -12.55 -21.97 33.37
CA VAL P 50 -11.28 -22.44 33.99
C VAL P 50 -10.49 -21.21 34.48
N SER P 51 -10.34 -20.19 33.62
CA SER P 51 -9.52 -19.02 33.98
C SER P 51 -10.18 -18.30 35.16
N ASP P 52 -11.51 -18.13 35.15
CA ASP P 52 -12.25 -17.45 36.25
C ASP P 52 -12.16 -18.30 37.53
N ALA P 53 -12.19 -19.64 37.44
CA ALA P 53 -12.13 -20.57 38.59
C ALA P 53 -10.74 -20.53 39.23
N ILE P 54 -9.66 -20.57 38.44
CA ILE P 54 -8.25 -20.52 38.93
C ILE P 54 -7.97 -19.09 39.45
N ALA P 55 -8.43 -18.02 38.78
CA ALA P 55 -8.23 -16.65 39.31
C ALA P 55 -9.01 -16.50 40.61
N GLY P 56 -10.17 -17.15 40.74
CA GLY P 56 -10.97 -17.11 41.97
C GLY P 56 -10.22 -17.72 43.14
N MET P 57 -9.77 -18.96 43.00
CA MET P 57 -8.99 -19.70 44.01
C MET P 57 -7.83 -18.82 44.47
N ILE P 58 -7.15 -18.15 43.53
CA ILE P 58 -5.95 -17.30 43.81
C ILE P 58 -6.36 -16.02 44.54
N CYS P 59 -7.43 -15.34 44.12
CA CYS P 59 -7.85 -14.04 44.71
C CYS P 59 -8.30 -14.24 46.17
N GLU P 60 -8.61 -15.49 46.58
CA GLU P 60 -8.95 -15.85 47.97
C GLU P 60 -7.72 -16.32 48.74
N ASN P 61 -6.59 -16.63 48.07
CA ASN P 61 -5.36 -17.14 48.74
C ASN P 61 -4.10 -16.69 47.97
N GLN P 62 -3.74 -15.42 48.17
CA GLN P 62 -2.51 -14.77 47.62
C GLN P 62 -1.26 -15.61 47.90
N GLY P 63 -1.25 -16.45 48.94
CA GLY P 63 -0.14 -17.37 49.24
C GLY P 63 0.26 -18.24 48.04
N LEU P 64 -0.69 -18.59 47.17
CA LEU P 64 -0.43 -19.49 46.02
C LEU P 64 0.55 -18.82 45.04
N ILE P 65 0.61 -17.48 45.02
CA ILE P 65 1.41 -16.74 44.01
C ILE P 65 2.57 -15.98 44.67
N GLN P 66 3.15 -16.55 45.72
CA GLN P 66 4.32 -15.97 46.44
C GLN P 66 5.35 -17.08 46.61
N ALA P 67 6.62 -16.73 46.86
CA ALA P 67 7.69 -17.71 47.12
C ALA P 67 7.10 -18.86 47.94
N GLY P 68 7.35 -20.11 47.53
CA GLY P 68 6.83 -21.34 48.16
C GLY P 68 5.39 -21.70 47.77
N GLY P 69 4.62 -20.79 47.18
CA GLY P 69 3.22 -21.06 46.76
C GLY P 69 3.17 -22.01 45.58
N MEN P 70 2.12 -22.84 45.51
CA MEN P 70 2.06 -23.89 44.49
C MEN P 70 1.57 -23.44 43.11
O MEN P 70 1.49 -24.27 42.21
CB MEN P 70 1.28 -25.06 45.09
CG MEN P 70 1.71 -26.40 44.47
OD1 MEN P 70 0.93 -27.10 43.79
ND2 MEN P 70 2.98 -26.74 44.71
CE2 MEN P 70 3.61 -27.90 44.13
N CYS P 71 1.28 -22.13 42.93
CA CYS P 71 1.05 -21.54 41.61
C CYS P 71 2.20 -20.58 41.23
N TYR P 72 3.37 -20.75 41.85
CA TYR P 72 4.59 -19.97 41.57
C TYR P 72 5.75 -20.94 41.31
N PRO P 73 6.56 -20.71 40.26
CA PRO P 73 6.42 -19.55 39.38
C PRO P 73 5.51 -19.84 38.16
N ASN P 74 5.85 -19.34 36.97
CA ASN P 74 5.02 -19.52 35.75
C ASN P 74 4.72 -21.02 35.53
N ARG P 75 5.72 -21.91 35.60
CA ARG P 75 5.52 -23.35 35.31
C ARG P 75 4.35 -23.87 36.17
N ARG P 76 4.27 -23.45 37.42
CA ARG P 76 3.30 -24.08 38.37
C ARG P 76 1.90 -23.52 38.10
N MET P 77 1.77 -22.20 37.91
CA MET P 77 0.49 -21.57 37.47
C MET P 77 -0.04 -22.27 36.20
N ALA P 78 0.85 -22.53 35.22
CA ALA P 78 0.47 -23.15 33.93
C ALA P 78 -0.01 -24.59 34.15
N ALA P 79 0.70 -25.38 34.97
CA ALA P 79 0.30 -26.77 35.34
C ALA P 79 -1.11 -26.73 35.95
N CYS P 80 -1.40 -25.78 36.84
CA CYS P 80 -2.69 -25.68 37.56
C CYS P 80 -3.83 -25.36 36.57
N LEU P 81 -3.68 -24.34 35.73
CA LEU P 81 -4.69 -24.00 34.69
C LEU P 81 -4.96 -25.23 33.82
N ARG P 82 -3.92 -25.99 33.52
CA ARG P 82 -4.00 -27.25 32.74
C ARG P 82 -4.87 -28.24 33.50
N ASP P 83 -4.61 -28.44 34.80
CA ASP P 83 -5.38 -29.37 35.68
C ASP P 83 -6.87 -28.99 35.69
N GLY P 84 -7.20 -27.70 35.86
CA GLY P 84 -8.59 -27.20 35.83
C GLY P 84 -9.28 -27.59 34.54
N GLU P 85 -8.60 -27.41 33.40
CA GLU P 85 -9.15 -27.79 32.08
C GLU P 85 -9.33 -29.31 32.02
N ILE P 86 -8.35 -30.08 32.47
CA ILE P 86 -8.44 -31.57 32.47
C ILE P 86 -9.67 -32.02 33.29
N ILE P 87 -9.82 -31.55 34.52
CA ILE P 87 -10.91 -31.92 35.44
C ILE P 87 -12.24 -31.59 34.76
N LEU P 88 -12.37 -30.40 34.22
CA LEU P 88 -13.66 -29.96 33.64
C LEU P 88 -13.97 -30.79 32.39
N ARG P 89 -12.95 -31.11 31.57
CA ARG P 89 -13.09 -31.96 30.36
C ARG P 89 -13.71 -33.30 30.80
N TYR P 90 -13.15 -33.96 31.82
CA TYR P 90 -13.64 -35.30 32.29
C TYR P 90 -15.03 -35.17 32.91
N VAL P 91 -15.35 -34.06 33.59
CA VAL P 91 -16.73 -33.83 34.12
C VAL P 91 -17.70 -33.69 32.93
N THR P 92 -17.32 -32.95 31.87
CA THR P 92 -18.18 -32.77 30.68
C THR P 92 -18.40 -34.12 30.02
N TYR P 93 -17.37 -34.99 29.94
CA TYR P 93 -17.54 -36.36 29.39
C TYR P 93 -18.59 -37.11 30.19
N ALA P 94 -18.48 -37.06 31.52
CA ALA P 94 -19.40 -37.76 32.44
C ALA P 94 -20.82 -37.22 32.23
N LEU P 95 -20.98 -35.91 31.98
CA LEU P 95 -22.32 -35.33 31.75
C LEU P 95 -22.90 -35.83 30.41
N LEU P 96 -22.07 -35.93 29.36
CA LEU P 96 -22.50 -36.37 28.00
C LEU P 96 -22.94 -37.83 28.11
N ALA P 97 -22.26 -38.62 28.94
CA ALA P 97 -22.47 -40.08 29.06
C ALA P 97 -23.58 -40.41 30.05
N GLY P 98 -23.91 -39.48 30.95
CA GLY P 98 -24.81 -39.68 32.10
C GLY P 98 -24.24 -40.71 33.07
N ASP P 99 -22.92 -40.75 33.24
CA ASP P 99 -22.24 -41.67 34.21
C ASP P 99 -20.81 -41.16 34.46
N ALA P 100 -20.36 -41.31 35.71
CA ALA P 100 -19.07 -40.89 36.31
C ALA P 100 -17.89 -41.81 35.98
N SER P 101 -18.15 -43.00 35.43
CA SER P 101 -17.17 -44.06 35.08
C SER P 101 -15.91 -43.45 34.41
N VAL P 102 -16.09 -42.66 33.35
CA VAL P 102 -14.90 -42.15 32.58
C VAL P 102 -14.10 -41.19 33.48
N LEU P 103 -14.81 -40.34 34.23
CA LEU P 103 -14.24 -39.43 35.25
C LEU P 103 -13.46 -40.24 36.30
N ASP P 104 -14.09 -41.26 36.88
CA ASP P 104 -13.46 -42.18 37.87
C ASP P 104 -12.20 -42.83 37.27
N ASP P 105 -12.32 -43.52 36.14
CA ASP P 105 -11.25 -44.39 35.63
C ASP P 105 -10.10 -43.56 35.05
N ARG P 106 -10.37 -42.43 34.39
CA ARG P 106 -9.32 -41.78 33.57
C ARG P 106 -8.80 -40.51 34.25
N CYS P 107 -9.49 -40.03 35.30
CA CYS P 107 -9.16 -38.73 35.95
C CYS P 107 -8.93 -38.87 37.47
N LEU P 108 -9.89 -39.40 38.23
CA LEU P 108 -9.85 -39.34 39.72
C LEU P 108 -8.97 -40.45 40.33
N ASN P 109 -8.89 -41.62 39.68
CA ASN P 109 -8.20 -42.81 40.21
C ASN P 109 -6.70 -42.46 40.29
N GLY P 110 -6.12 -42.41 41.49
CA GLY P 110 -4.69 -42.06 41.67
C GLY P 110 -4.43 -40.56 41.80
N LEU P 111 -5.44 -39.71 41.65
CA LEU P 111 -5.24 -38.24 41.63
C LEU P 111 -4.79 -37.73 43.01
N LYS P 112 -5.43 -38.21 44.08
CA LYS P 112 -5.08 -37.89 45.49
C LYS P 112 -3.58 -38.13 45.74
N GLU P 113 -3.09 -39.32 45.39
CA GLU P 113 -1.71 -39.79 45.69
C GLU P 113 -0.71 -38.99 44.84
N THR P 114 -1.09 -38.75 43.59
CA THR P 114 -0.32 -37.90 42.65
C THR P 114 -0.11 -36.53 43.28
N TYR P 115 -1.19 -35.88 43.73
CA TYR P 115 -1.12 -34.51 44.32
C TYR P 115 -0.27 -34.49 45.60
N ALA P 116 -0.39 -35.54 46.43
CA ALA P 116 0.31 -35.68 47.74
C ALA P 116 1.83 -35.76 47.46
N ALA P 117 2.23 -36.59 46.49
CA ALA P 117 3.63 -36.70 46.02
C ALA P 117 4.14 -35.34 45.52
N LEU P 118 3.33 -34.59 44.76
CA LEU P 118 3.81 -33.31 44.14
C LEU P 118 3.73 -32.18 45.17
N GLY P 119 2.98 -32.38 46.25
CA GLY P 119 2.71 -31.32 47.25
C GLY P 119 1.74 -30.30 46.71
N VAL P 120 0.86 -30.68 45.79
CA VAL P 120 -0.25 -29.78 45.32
C VAL P 120 -1.25 -29.63 46.45
N PRO P 121 -1.64 -28.40 46.87
CA PRO P 121 -2.54 -28.22 48.00
C PRO P 121 -3.97 -28.64 47.66
N THR P 122 -4.50 -29.60 48.45
CA THR P 122 -5.88 -30.13 48.36
C THR P 122 -6.92 -29.02 48.55
N THR P 123 -6.74 -28.15 49.56
CA THR P 123 -7.66 -27.04 49.91
C THR P 123 -7.93 -26.18 48.67
N SER P 124 -6.87 -25.66 48.06
CA SER P 124 -6.98 -24.69 46.95
C SER P 124 -7.57 -25.42 45.73
N THR P 125 -7.20 -26.68 45.47
CA THR P 125 -7.79 -27.48 44.34
C THR P 125 -9.31 -27.54 44.53
N VAL P 126 -9.76 -27.83 45.76
CA VAL P 126 -11.21 -27.94 46.08
C VAL P 126 -11.92 -26.64 45.73
N ARG P 127 -11.36 -25.49 46.11
CA ARG P 127 -11.99 -24.18 45.86
C ARG P 127 -12.13 -23.94 44.35
N ALA P 128 -11.10 -24.22 43.55
CA ALA P 128 -11.18 -24.15 42.07
C ALA P 128 -12.38 -24.98 41.59
N VAL P 129 -12.54 -26.19 42.11
CA VAL P 129 -13.59 -27.10 41.59
C VAL P 129 -14.96 -26.60 42.05
N GLN P 130 -15.03 -26.03 43.27
CA GLN P 130 -16.30 -25.47 43.82
C GLN P 130 -16.80 -24.35 42.91
N ILE P 131 -15.91 -23.46 42.46
CA ILE P 131 -16.29 -22.31 41.60
C ILE P 131 -16.76 -22.85 40.23
N MET P 132 -16.05 -23.86 39.70
CA MET P 132 -16.45 -24.53 38.44
C MET P 132 -17.85 -25.15 38.59
N LYS P 133 -18.14 -25.75 39.74
CA LYS P 133 -19.48 -26.33 40.03
C LYS P 133 -20.53 -25.20 39.91
N ALA P 134 -20.31 -24.09 40.59
CA ALA P 134 -21.25 -22.94 40.60
C ALA P 134 -21.40 -22.37 39.18
N GLN P 135 -20.28 -22.18 38.47
CA GLN P 135 -20.31 -21.68 37.07
C GLN P 135 -21.18 -22.62 36.21
N ALA P 136 -20.94 -23.94 36.28
CA ALA P 136 -21.63 -24.94 35.46
C ALA P 136 -23.13 -24.87 35.73
N ALA P 137 -23.52 -24.75 37.01
CA ALA P 137 -24.94 -24.67 37.41
C ALA P 137 -25.58 -23.50 36.65
N ALA P 138 -24.93 -22.33 36.70
CA ALA P 138 -25.47 -21.10 36.09
C ALA P 138 -25.55 -21.26 34.55
N HIS P 139 -24.55 -21.87 33.93
CA HIS P 139 -24.50 -22.04 32.45
C HIS P 139 -25.57 -23.05 31.99
N ILE P 140 -25.84 -24.10 32.75
CA ILE P 140 -26.91 -25.10 32.40
C ILE P 140 -28.28 -24.45 32.58
N LYS P 141 -28.46 -23.61 33.61
CA LYS P 141 -29.73 -22.86 33.83
C LYS P 141 -29.84 -21.74 32.80
N ASP P 142 -28.75 -21.45 32.08
CA ASP P 142 -28.60 -20.23 31.22
C ASP P 142 -28.99 -19.00 32.04
N THR P 143 -28.48 -18.86 33.26
CA THR P 143 -28.69 -17.66 34.10
C THR P 143 -27.36 -17.20 34.66
N PRO P 144 -26.28 -17.09 33.86
CA PRO P 144 -25.08 -16.39 34.33
C PRO P 144 -25.43 -14.92 34.67
N SER P 145 -24.82 -14.39 35.73
CA SER P 145 -24.96 -12.96 36.14
C SER P 145 -23.95 -12.13 35.34
N GLU P 146 -24.38 -10.95 34.91
CA GLU P 146 -23.47 -9.87 34.43
C GLU P 146 -22.43 -9.54 35.52
N ALA P 147 -22.79 -9.56 36.81
CA ALA P 147 -21.85 -9.26 37.92
C ALA P 147 -20.59 -10.15 37.78
N ARG P 148 -20.73 -11.45 37.52
CA ARG P 148 -19.58 -12.39 37.49
C ARG P 148 -18.93 -12.47 36.09
N ALA P 149 -19.63 -12.07 35.04
CA ALA P 149 -19.18 -12.30 33.65
C ALA P 149 -18.66 -11.00 33.00
N GLY P 150 -19.26 -9.87 33.35
CA GLY P 150 -19.09 -8.59 32.64
C GLY P 150 -19.28 -8.78 31.13
N ALA P 151 -18.26 -8.46 30.37
CA ALA P 151 -18.28 -8.38 28.89
C ALA P 151 -18.18 -9.78 28.28
N LYS P 152 -17.90 -10.81 29.08
CA LYS P 152 -17.74 -12.21 28.61
C LYS P 152 -19.02 -12.99 28.85
N LEU P 153 -20.08 -12.30 29.30
CA LEU P 153 -21.43 -12.90 29.49
C LEU P 153 -21.86 -13.60 28.20
N ARG P 154 -22.35 -14.84 28.28
CA ARG P 154 -22.93 -15.58 27.14
C ARG P 154 -24.32 -16.11 27.50
N LYS P 155 -25.27 -15.97 26.57
CA LYS P 155 -26.64 -16.55 26.62
C LYS P 155 -26.79 -17.58 25.50
N MET P 156 -27.39 -18.74 25.79
CA MET P 156 -27.42 -19.91 24.86
C MET P 156 -28.71 -19.95 24.04
N GLY P 157 -29.85 -19.44 24.55
CA GLY P 157 -31.14 -19.42 23.82
C GLY P 157 -31.89 -20.74 23.73
N SER P 158 -31.72 -21.68 24.67
CA SER P 158 -32.47 -22.97 24.68
C SER P 158 -33.95 -22.74 25.03
N PRO P 159 -34.87 -23.59 24.51
CA PRO P 159 -36.27 -23.58 24.93
C PRO P 159 -36.41 -23.63 26.47
N VAL P 160 -37.10 -22.65 27.07
CA VAL P 160 -37.14 -22.51 28.55
C VAL P 160 -38.21 -23.43 29.15
N VAL P 161 -37.80 -24.19 30.19
CA VAL P 161 -38.71 -24.94 31.11
C VAL P 161 -38.63 -24.30 32.51
N GLU P 162 -39.66 -24.55 33.33
CA GLU P 162 -39.87 -23.88 34.65
C GLU P 162 -38.69 -24.24 35.58
N ASP P 163 -38.30 -25.51 35.61
CA ASP P 163 -37.21 -26.02 36.48
C ASP P 163 -35.82 -25.62 35.95
N ARG P 164 -35.71 -25.13 34.71
CA ARG P 164 -34.42 -24.76 34.05
C ARG P 164 -33.42 -25.93 34.13
N CYS P 165 -33.88 -27.17 33.95
CA CYS P 165 -33.04 -28.39 33.91
C CYS P 165 -32.41 -28.67 35.29
N SER P 166 -33.21 -28.57 36.35
CA SER P 166 -32.75 -28.72 37.76
C SER P 166 -32.10 -30.08 37.95
N SER P 167 -32.62 -31.12 37.31
CA SER P 167 -32.09 -32.51 37.38
C SER P 167 -30.66 -32.58 36.80
N LEU P 168 -30.44 -32.02 35.61
CA LEU P 168 -29.08 -31.95 35.03
C LEU P 168 -28.17 -31.08 35.91
N VAL P 169 -28.68 -29.98 36.45
CA VAL P 169 -27.90 -29.15 37.43
C VAL P 169 -27.38 -30.09 38.55
N ALA P 170 -28.25 -30.92 39.10
CA ALA P 170 -27.95 -31.76 40.29
C ALA P 170 -26.93 -32.82 39.89
N GLU P 171 -27.14 -33.42 38.73
CA GLU P 171 -26.25 -34.44 38.13
C GLU P 171 -24.86 -33.82 37.93
N ALA P 172 -24.75 -32.70 37.20
CA ALA P 172 -23.45 -32.01 36.95
C ALA P 172 -22.82 -31.67 38.29
N SER P 173 -23.61 -31.14 39.23
CA SER P 173 -23.09 -30.79 40.58
C SER P 173 -22.51 -32.02 41.27
N SER P 174 -23.12 -33.20 41.12
CA SER P 174 -22.61 -34.44 41.78
C SER P 174 -21.28 -34.88 41.15
N TYR P 175 -21.03 -34.55 39.88
CA TYR P 175 -19.75 -34.89 39.22
C TYR P 175 -18.64 -34.02 39.82
N PHE P 176 -18.85 -32.70 39.98
CA PHE P 176 -17.87 -31.82 40.65
C PHE P 176 -17.64 -32.33 42.09
N ASP P 177 -18.71 -32.65 42.83
CA ASP P 177 -18.58 -33.16 44.22
C ASP P 177 -17.81 -34.48 44.19
N ARG P 178 -17.95 -35.27 43.11
CA ARG P 178 -17.22 -36.54 42.95
C ARG P 178 -15.72 -36.24 42.83
N VAL P 179 -15.35 -35.23 42.05
CA VAL P 179 -13.92 -34.82 41.92
C VAL P 179 -13.39 -34.47 43.33
N ILE P 180 -14.13 -33.66 44.08
CA ILE P 180 -13.67 -33.12 45.40
C ILE P 180 -13.54 -34.30 46.38
N ALA P 181 -14.50 -35.22 46.35
CA ALA P 181 -14.51 -36.45 47.17
C ALA P 181 -13.26 -37.29 46.85
N ALA P 182 -12.76 -37.26 45.61
CA ALA P 182 -11.61 -38.10 45.17
C ALA P 182 -10.29 -37.54 45.71
N LEU P 183 -10.29 -36.33 46.25
CA LEU P 183 -9.08 -35.67 46.83
C LEU P 183 -8.94 -35.95 48.33
N SER P 184 -9.86 -36.73 48.94
CA SER P 184 -9.77 -37.19 50.35
C SER P 184 -10.03 -38.70 50.46
N MET Q 1 1.01 -7.05 -43.62
CA MET Q 1 2.01 -7.61 -44.54
C MET Q 1 1.54 -8.99 -45.01
N LEU Q 2 2.09 -9.43 -46.15
CA LEU Q 2 1.82 -10.77 -46.75
C LEU Q 2 3.05 -11.64 -46.52
N ASP Q 3 2.87 -12.95 -46.65
CA ASP Q 3 3.97 -13.94 -46.68
C ASP Q 3 3.81 -14.69 -48.01
N ALA Q 4 4.71 -15.60 -48.36
CA ALA Q 4 4.61 -16.40 -49.61
C ALA Q 4 3.18 -16.97 -49.75
N PHE Q 5 2.56 -17.40 -48.65
CA PHE Q 5 1.27 -18.14 -48.69
C PHE Q 5 0.12 -17.16 -48.89
N SER Q 6 0.09 -16.04 -48.19
CA SER Q 6 -1.06 -15.10 -48.32
C SER Q 6 -0.93 -14.27 -49.62
N ARG Q 7 0.27 -14.14 -50.18
CA ARG Q 7 0.48 -13.60 -51.55
C ARG Q 7 -0.31 -14.47 -52.54
N ALA Q 8 -0.24 -15.80 -52.44
CA ALA Q 8 -0.97 -16.77 -53.30
C ALA Q 8 -2.48 -16.58 -53.12
N VAL Q 9 -2.89 -16.32 -51.88
CA VAL Q 9 -4.32 -16.10 -51.54
C VAL Q 9 -4.77 -14.78 -52.17
N VAL Q 10 -3.96 -13.73 -52.17
CA VAL Q 10 -4.35 -12.42 -52.79
C VAL Q 10 -4.60 -12.63 -54.29
N GLN Q 11 -3.69 -13.33 -54.95
CA GLN Q 11 -3.78 -13.73 -56.38
C GLN Q 11 -5.08 -14.52 -56.59
N ALA Q 12 -5.35 -15.55 -55.78
CA ALA Q 12 -6.58 -16.39 -55.94
C ALA Q 12 -7.84 -15.52 -55.78
N ASP Q 13 -7.85 -14.64 -54.79
CA ASP Q 13 -9.02 -13.78 -54.45
C ASP Q 13 -9.33 -12.83 -55.62
N ALA Q 14 -8.30 -12.33 -56.31
CA ALA Q 14 -8.43 -11.40 -57.47
C ALA Q 14 -9.34 -12.01 -58.53
N SER Q 15 -9.51 -13.33 -58.55
CA SER Q 15 -10.39 -14.04 -59.50
C SER Q 15 -11.47 -14.80 -58.71
N THR Q 16 -11.71 -14.37 -57.47
CA THR Q 16 -12.67 -14.97 -56.52
C THR Q 16 -12.63 -16.50 -56.62
N SER Q 17 -11.46 -17.15 -56.67
CA SER Q 17 -11.40 -18.64 -56.68
C SER Q 17 -10.56 -19.24 -55.53
N VAL Q 18 -10.80 -20.52 -55.27
CA VAL Q 18 -10.00 -21.37 -54.36
C VAL Q 18 -8.52 -21.34 -54.81
N VAL Q 19 -7.61 -21.48 -53.87
CA VAL Q 19 -6.19 -21.72 -54.24
C VAL Q 19 -6.14 -23.13 -54.84
N GLY Q 20 -6.08 -23.21 -56.17
CA GLY Q 20 -6.23 -24.47 -56.91
C GLY Q 20 -5.03 -25.37 -56.73
N ASP Q 21 -3.84 -24.90 -57.13
CA ASP Q 21 -2.60 -25.71 -57.09
C ASP Q 21 -1.81 -25.31 -55.86
N VAL Q 22 -1.45 -26.27 -55.00
CA VAL Q 22 -0.67 -26.00 -53.75
C VAL Q 22 0.75 -26.59 -53.86
N SER Q 23 1.11 -27.16 -55.02
CA SER Q 23 2.38 -27.90 -55.27
C SER Q 23 3.58 -26.98 -54.98
N ALA Q 24 3.59 -25.75 -55.50
CA ALA Q 24 4.63 -24.73 -55.21
C ALA Q 24 4.65 -24.40 -53.70
N LEU Q 25 3.50 -24.45 -53.02
CA LEU Q 25 3.39 -24.12 -51.58
C LEU Q 25 4.01 -25.27 -50.77
N LYS Q 26 3.74 -26.51 -51.18
CA LYS Q 26 4.38 -27.73 -50.65
C LYS Q 26 5.91 -27.69 -50.82
N GLN Q 27 6.42 -27.23 -51.97
CA GLN Q 27 7.88 -27.15 -52.23
C GLN Q 27 8.44 -26.06 -51.30
N PHE Q 28 7.71 -24.96 -51.11
CA PHE Q 28 8.08 -23.89 -50.14
C PHE Q 28 8.26 -24.54 -48.75
N ILE Q 29 7.30 -25.36 -48.32
CA ILE Q 29 7.38 -26.06 -47.00
C ILE Q 29 8.64 -26.95 -47.00
N ALA Q 30 8.85 -27.70 -48.07
CA ALA Q 30 9.97 -28.66 -48.19
C ALA Q 30 11.30 -27.91 -48.00
N GLN Q 31 11.34 -26.67 -48.48
CA GLN Q 31 12.49 -25.74 -48.44
C GLN Q 31 12.59 -25.02 -47.06
N GLY Q 32 11.56 -25.09 -46.21
CA GLY Q 32 11.43 -24.28 -44.98
C GLY Q 32 12.68 -24.35 -44.09
N ASN Q 33 13.18 -25.55 -43.79
CA ASN Q 33 14.38 -25.72 -42.91
C ASN Q 33 15.56 -24.95 -43.49
N ARG Q 34 15.79 -25.00 -44.82
CA ARG Q 34 16.93 -24.24 -45.40
C ARG Q 34 16.66 -22.72 -45.33
N ARG Q 35 15.39 -22.28 -45.40
CA ARG Q 35 15.04 -20.84 -45.27
C ARG Q 35 15.38 -20.38 -43.83
N LEU Q 36 15.07 -21.19 -42.81
CA LEU Q 36 15.38 -20.85 -41.38
C LEU Q 36 16.90 -20.77 -41.18
N ASP Q 37 17.67 -21.63 -41.83
CA ASP Q 37 19.16 -21.57 -41.81
C ASP Q 37 19.63 -20.30 -42.51
N ALA Q 38 18.96 -19.89 -43.59
CA ALA Q 38 19.37 -18.71 -44.36
C ALA Q 38 19.18 -17.48 -43.48
N VAL Q 39 18.02 -17.39 -42.82
CA VAL Q 39 17.69 -16.25 -41.91
C VAL Q 39 18.68 -16.25 -40.73
N ASN Q 40 18.93 -17.41 -40.12
CA ASN Q 40 19.89 -17.60 -39.01
C ASN Q 40 21.26 -17.11 -39.46
N ALA Q 41 21.63 -17.34 -40.73
CA ALA Q 41 22.99 -17.07 -41.24
C ALA Q 41 23.17 -15.54 -41.34
N ILE Q 42 22.09 -14.83 -41.63
CA ILE Q 42 22.16 -13.34 -41.74
C ILE Q 42 22.10 -12.71 -40.35
N ALA Q 43 21.04 -12.96 -39.59
CA ALA Q 43 20.83 -12.43 -38.21
C ALA Q 43 22.07 -12.71 -37.33
N SER Q 44 22.67 -13.89 -37.42
CA SER Q 44 23.78 -14.29 -36.49
C SER Q 44 25.04 -13.49 -36.83
N ASN Q 45 25.14 -13.00 -38.08
CA ASN Q 45 26.35 -12.31 -38.60
C ASN Q 45 26.01 -10.82 -38.82
N ALA Q 46 24.87 -10.34 -38.33
CA ALA Q 46 24.35 -8.98 -38.69
C ALA Q 46 25.32 -7.88 -38.28
N SER Q 47 25.86 -7.87 -37.05
CA SER Q 47 26.71 -6.73 -36.60
C SER Q 47 27.96 -6.66 -37.49
N CYS Q 48 28.60 -7.81 -37.67
CA CYS Q 48 29.80 -7.96 -38.53
C CYS Q 48 29.48 -7.55 -39.98
N MET Q 49 28.28 -7.82 -40.46
CA MET Q 49 27.89 -7.46 -41.85
C MET Q 49 27.77 -5.93 -41.95
N VAL Q 50 27.07 -5.30 -41.01
CA VAL Q 50 26.75 -3.85 -41.10
C VAL Q 50 28.06 -3.06 -40.97
N SER Q 51 28.91 -3.40 -40.00
CA SER Q 51 30.14 -2.61 -39.74
C SER Q 51 31.08 -2.73 -40.97
N ASP Q 52 31.24 -3.93 -41.53
CA ASP Q 52 32.15 -4.23 -42.67
C ASP Q 52 31.60 -3.55 -43.95
N ALA Q 53 30.28 -3.55 -44.14
CA ALA Q 53 29.61 -2.94 -45.30
C ALA Q 53 29.73 -1.41 -45.20
N ILE Q 54 29.47 -0.81 -44.04
CA ILE Q 54 29.63 0.67 -43.91
C ILE Q 54 31.11 1.04 -44.02
N ALA Q 55 32.02 0.32 -43.37
CA ALA Q 55 33.46 0.56 -43.52
C ALA Q 55 33.82 0.43 -45.01
N GLY Q 56 33.21 -0.54 -45.72
CA GLY Q 56 33.50 -0.83 -47.15
C GLY Q 56 33.11 0.34 -48.05
N MET Q 57 31.90 0.86 -47.84
CA MET Q 57 31.37 2.08 -48.51
C MET Q 57 32.36 3.23 -48.28
N ILE Q 58 32.84 3.36 -47.04
CA ILE Q 58 33.78 4.44 -46.64
C ILE Q 58 35.18 4.25 -47.24
N CYS Q 59 35.81 3.08 -47.15
CA CYS Q 59 37.19 2.89 -47.66
C CYS Q 59 37.25 3.07 -49.20
N GLU Q 60 36.10 3.08 -49.90
CA GLU Q 60 36.00 3.34 -51.36
C GLU Q 60 35.65 4.81 -51.61
N ASN Q 61 35.35 5.60 -50.57
CA ASN Q 61 35.04 7.04 -50.72
C ASN Q 61 35.32 7.79 -49.43
N GLN Q 62 36.59 8.21 -49.25
CA GLN Q 62 37.08 8.96 -48.07
C GLN Q 62 36.35 10.30 -47.95
N GLY Q 63 35.68 10.77 -49.01
CA GLY Q 63 34.87 12.02 -48.94
C GLY Q 63 33.87 12.01 -47.80
N LEU Q 64 33.29 10.85 -47.50
CA LEU Q 64 32.15 10.71 -46.55
C LEU Q 64 32.59 11.05 -45.12
N ILE Q 65 33.88 10.88 -44.81
CA ILE Q 65 34.44 11.03 -43.44
C ILE Q 65 35.31 12.29 -43.37
N GLN Q 66 35.16 13.21 -44.32
CA GLN Q 66 35.83 14.54 -44.26
C GLN Q 66 34.76 15.59 -44.03
N ALA Q 67 35.17 16.80 -43.67
CA ALA Q 67 34.29 17.98 -43.53
C ALA Q 67 33.33 18.09 -44.72
N GLY Q 68 32.05 18.30 -44.45
CA GLY Q 68 30.99 18.34 -45.47
C GLY Q 68 30.50 16.93 -45.84
N GLY Q 69 31.19 15.88 -45.40
CA GLY Q 69 30.84 14.49 -45.77
C GLY Q 69 29.63 13.98 -44.99
N MEN Q 70 28.90 13.02 -45.57
CA MEN Q 70 27.67 12.59 -44.94
C MEN Q 70 27.84 11.61 -43.78
O MEN Q 70 26.87 11.42 -43.05
CB MEN Q 70 26.65 12.15 -45.97
CG MEN Q 70 25.26 12.32 -45.38
OD1 MEN Q 70 24.48 11.40 -45.16
ND2 MEN Q 70 24.92 13.56 -45.08
CE2 MEN Q 70 23.61 13.87 -44.52
N CYS Q 71 29.05 11.07 -43.55
CA CYS Q 71 29.33 10.22 -42.41
C CYS Q 71 30.20 11.01 -41.40
N TYR Q 72 30.16 12.35 -41.48
CA TYR Q 72 30.94 13.26 -40.60
C TYR Q 72 29.96 14.23 -39.95
N PRO Q 73 30.03 14.47 -38.61
CA PRO Q 73 30.95 13.77 -37.70
C PRO Q 73 30.36 12.47 -37.13
N ASN Q 74 30.76 12.07 -35.89
CA ASN Q 74 30.30 10.85 -35.19
C ASN Q 74 28.78 10.70 -35.33
N ARG Q 75 28.02 11.78 -35.15
CA ARG Q 75 26.53 11.73 -35.10
C ARG Q 75 26.01 11.10 -36.40
N ARG Q 76 26.62 11.47 -37.53
CA ARG Q 76 26.20 11.01 -38.89
C ARG Q 76 26.66 9.56 -39.07
N MET Q 77 27.91 9.23 -38.68
CA MET Q 77 28.44 7.85 -38.81
C MET Q 77 27.49 6.91 -38.06
N ALA Q 78 27.10 7.27 -36.85
CA ALA Q 78 26.16 6.47 -36.04
C ALA Q 78 24.83 6.36 -36.77
N ALA Q 79 24.32 7.48 -37.29
CA ALA Q 79 23.03 7.50 -38.03
C ALA Q 79 23.10 6.51 -39.20
N CYS Q 80 24.22 6.49 -39.92
CA CYS Q 80 24.44 5.62 -41.10
C CYS Q 80 24.51 4.12 -40.69
N LEU Q 81 25.29 3.78 -39.66
CA LEU Q 81 25.32 2.41 -39.08
C LEU Q 81 23.89 1.98 -38.69
N ARG Q 82 23.10 2.88 -38.12
CA ARG Q 82 21.71 2.57 -37.70
C ARG Q 82 20.89 2.18 -38.95
N ASP Q 83 20.98 2.96 -40.04
CA ASP Q 83 20.27 2.69 -41.31
C ASP Q 83 20.71 1.36 -41.97
N GLY Q 84 21.99 1.03 -41.94
CA GLY Q 84 22.48 -0.24 -42.49
C GLY Q 84 21.79 -1.40 -41.77
N GLU Q 85 21.71 -1.33 -40.44
CA GLU Q 85 21.05 -2.35 -39.57
C GLU Q 85 19.54 -2.39 -39.85
N ILE Q 86 18.87 -1.25 -39.94
CA ILE Q 86 17.41 -1.18 -40.26
C ILE Q 86 17.13 -1.83 -41.63
N ILE Q 87 17.93 -1.55 -42.63
CA ILE Q 87 17.69 -2.07 -44.01
C ILE Q 87 17.88 -3.58 -43.97
N LEU Q 88 18.99 -4.06 -43.39
CA LEU Q 88 19.30 -5.52 -43.30
C LEU Q 88 18.18 -6.23 -42.54
N ARG Q 89 17.70 -5.61 -41.46
CA ARG Q 89 16.58 -6.11 -40.61
C ARG Q 89 15.34 -6.34 -41.51
N TYR Q 90 14.93 -5.36 -42.31
CA TYR Q 90 13.74 -5.52 -43.19
C TYR Q 90 13.99 -6.55 -44.29
N VAL Q 91 15.23 -6.65 -44.81
CA VAL Q 91 15.54 -7.71 -45.81
C VAL Q 91 15.40 -9.09 -45.14
N THR Q 92 15.93 -9.28 -43.93
CA THR Q 92 15.79 -10.58 -43.22
C THR Q 92 14.32 -10.91 -42.98
N TYR Q 93 13.46 -9.93 -42.68
CA TYR Q 93 12.00 -10.17 -42.51
C TYR Q 93 11.41 -10.70 -43.83
N ALA Q 94 11.79 -10.09 -44.97
CA ALA Q 94 11.33 -10.47 -46.32
C ALA Q 94 11.68 -11.94 -46.58
N LEU Q 95 12.90 -12.35 -46.25
CA LEU Q 95 13.41 -13.72 -46.48
C LEU Q 95 12.67 -14.68 -45.56
N LEU Q 96 12.38 -14.28 -44.32
CA LEU Q 96 11.63 -15.17 -43.40
C LEU Q 96 10.21 -15.38 -43.95
N ALA Q 97 9.55 -14.30 -44.39
CA ALA Q 97 8.17 -14.35 -44.91
C ALA Q 97 8.15 -14.99 -46.31
N GLY Q 98 9.27 -14.88 -47.02
CA GLY Q 98 9.32 -15.28 -48.45
C GLY Q 98 8.44 -14.38 -49.29
N ASP Q 99 8.38 -13.09 -48.92
CA ASP Q 99 7.67 -12.04 -49.69
C ASP Q 99 8.22 -10.66 -49.30
N ALA Q 100 8.25 -9.72 -50.27
CA ALA Q 100 8.88 -8.39 -50.18
C ALA Q 100 7.96 -7.36 -49.52
N SER Q 101 6.69 -7.66 -49.31
CA SER Q 101 5.66 -6.68 -48.89
C SER Q 101 6.10 -5.94 -47.60
N VAL Q 102 6.63 -6.67 -46.60
CA VAL Q 102 7.08 -6.07 -45.31
C VAL Q 102 8.15 -5.02 -45.62
N LEU Q 103 9.12 -5.38 -46.47
CA LEU Q 103 10.25 -4.51 -46.88
C LEU Q 103 9.72 -3.29 -47.66
N ASP Q 104 8.81 -3.52 -48.61
CA ASP Q 104 8.18 -2.44 -49.42
C ASP Q 104 7.43 -1.48 -48.50
N ASP Q 105 6.54 -2.00 -47.66
CA ASP Q 105 5.53 -1.20 -46.93
C ASP Q 105 6.17 -0.47 -45.75
N ARG Q 106 7.14 -1.09 -45.09
CA ARG Q 106 7.68 -0.60 -43.81
C ARG Q 106 9.02 0.13 -44.00
N CYS Q 107 9.76 -0.14 -45.07
CA CYS Q 107 11.15 0.38 -45.25
C CYS Q 107 11.32 1.23 -46.52
N LEU Q 108 10.94 0.71 -47.69
CA LEU Q 108 11.27 1.32 -49.02
C LEU Q 108 10.26 2.40 -49.44
N ASN Q 109 8.98 2.26 -49.10
CA ASN Q 109 7.92 3.25 -49.41
C ASN Q 109 8.35 4.61 -48.85
N GLY Q 110 8.71 5.56 -49.71
CA GLY Q 110 9.07 6.94 -49.33
C GLY Q 110 10.53 7.12 -48.92
N LEU Q 111 11.37 6.10 -49.06
CA LEU Q 111 12.76 6.16 -48.51
C LEU Q 111 13.63 7.07 -49.39
N LYS Q 112 13.50 6.98 -50.71
CA LYS Q 112 14.35 7.80 -51.62
C LYS Q 112 14.05 9.27 -51.33
N GLU Q 113 12.77 9.63 -51.18
CA GLU Q 113 12.33 11.03 -50.94
C GLU Q 113 12.81 11.49 -49.56
N THR Q 114 12.89 10.57 -48.60
CA THR Q 114 13.42 10.88 -47.25
C THR Q 114 14.90 11.24 -47.36
N TYR Q 115 15.68 10.39 -48.01
CA TYR Q 115 17.14 10.63 -48.18
C TYR Q 115 17.41 11.95 -48.95
N ALA Q 116 16.63 12.20 -50.01
CA ALA Q 116 16.66 13.44 -50.81
C ALA Q 116 16.49 14.63 -49.85
N ALA Q 117 15.46 14.61 -49.00
CA ALA Q 117 15.14 15.70 -48.03
C ALA Q 117 16.28 15.87 -47.02
N LEU Q 118 16.89 14.79 -46.53
CA LEU Q 118 17.99 14.89 -45.53
C LEU Q 118 19.30 15.25 -46.22
N GLY Q 119 19.45 14.90 -47.50
CA GLY Q 119 20.74 15.08 -48.19
C GLY Q 119 21.67 13.90 -47.97
N VAL Q 120 21.11 12.69 -47.81
CA VAL Q 120 21.89 11.44 -47.64
C VAL Q 120 22.29 10.97 -49.04
N PRO Q 121 23.58 10.72 -49.32
CA PRO Q 121 23.97 10.24 -50.65
C PRO Q 121 23.38 8.83 -50.89
N THR Q 122 22.48 8.78 -51.87
CA THR Q 122 21.75 7.56 -52.35
C THR Q 122 22.73 6.56 -53.00
N THR Q 123 23.70 7.03 -53.78
CA THR Q 123 24.71 6.16 -54.47
C THR Q 123 25.61 5.44 -53.45
N SER Q 124 26.05 6.13 -52.39
CA SER Q 124 26.87 5.54 -51.31
C SER Q 124 26.01 4.56 -50.51
N THR Q 125 24.73 4.86 -50.27
CA THR Q 125 23.80 3.95 -49.56
C THR Q 125 23.71 2.65 -50.39
N VAL Q 126 23.56 2.77 -51.70
CA VAL Q 126 23.49 1.60 -52.62
C VAL Q 126 24.75 0.75 -52.41
N ARG Q 127 25.90 1.39 -52.30
CA ARG Q 127 27.19 0.66 -52.13
C ARG Q 127 27.12 -0.17 -50.85
N ALA Q 128 26.78 0.44 -49.72
CA ALA Q 128 26.62 -0.24 -48.41
C ALA Q 128 25.75 -1.50 -48.60
N VAL Q 129 24.64 -1.34 -49.33
CA VAL Q 129 23.63 -2.41 -49.48
C VAL Q 129 24.20 -3.51 -50.37
N GLN Q 130 24.95 -3.13 -51.42
CA GLN Q 130 25.58 -4.08 -52.36
C GLN Q 130 26.54 -5.00 -51.60
N ILE Q 131 27.35 -4.46 -50.71
CA ILE Q 131 28.30 -5.23 -49.87
C ILE Q 131 27.49 -6.13 -48.93
N MET Q 132 26.42 -5.64 -48.30
CA MET Q 132 25.55 -6.52 -47.46
C MET Q 132 24.96 -7.68 -48.29
N LYS Q 133 24.52 -7.42 -49.52
CA LYS Q 133 24.01 -8.47 -50.44
C LYS Q 133 25.08 -9.54 -50.66
N ALA Q 134 26.30 -9.12 -50.99
CA ALA Q 134 27.41 -10.06 -51.25
C ALA Q 134 27.71 -10.85 -49.96
N GLN Q 135 27.77 -10.18 -48.81
CA GLN Q 135 28.03 -10.85 -47.50
C GLN Q 135 26.93 -11.91 -47.27
N ALA Q 136 25.68 -11.54 -47.51
CA ALA Q 136 24.51 -12.40 -47.23
C ALA Q 136 24.57 -13.65 -48.14
N ALA Q 137 24.87 -13.47 -49.43
CA ALA Q 137 25.11 -14.58 -50.38
C ALA Q 137 26.13 -15.56 -49.76
N ALA Q 138 27.26 -15.06 -49.27
CA ALA Q 138 28.37 -15.91 -48.79
C ALA Q 138 27.94 -16.65 -47.49
N HIS Q 139 27.22 -15.98 -46.61
CA HIS Q 139 26.77 -16.57 -45.32
C HIS Q 139 25.70 -17.64 -45.57
N ILE Q 140 24.81 -17.40 -46.53
CA ILE Q 140 23.73 -18.37 -46.86
C ILE Q 140 24.37 -19.64 -47.45
N LYS Q 141 25.31 -19.49 -48.38
CA LYS Q 141 26.07 -20.62 -48.99
C LYS Q 141 27.03 -21.22 -47.94
N ASP Q 142 27.30 -20.48 -46.85
CA ASP Q 142 28.32 -20.85 -45.85
C ASP Q 142 29.70 -20.93 -46.52
N THR Q 143 30.03 -20.00 -47.41
CA THR Q 143 31.40 -19.88 -48.00
C THR Q 143 31.95 -18.46 -47.76
N PRO Q 144 31.89 -17.89 -46.54
CA PRO Q 144 32.57 -16.62 -46.31
C PRO Q 144 34.08 -16.86 -46.45
N SER Q 145 34.84 -15.91 -46.99
CA SER Q 145 36.31 -16.03 -47.13
C SER Q 145 36.96 -15.53 -45.84
N GLU Q 146 38.00 -16.24 -45.39
CA GLU Q 146 38.92 -15.74 -44.34
C GLU Q 146 39.57 -14.41 -44.76
N ALA Q 147 39.81 -14.19 -46.06
CA ALA Q 147 40.45 -12.94 -46.54
C ALA Q 147 39.61 -11.74 -46.12
N ARG Q 148 38.28 -11.86 -46.22
CA ARG Q 148 37.33 -10.75 -45.91
C ARG Q 148 36.96 -10.72 -44.42
N ALA Q 149 37.09 -11.82 -43.67
CA ALA Q 149 36.57 -11.97 -42.29
C ALA Q 149 37.69 -11.96 -41.24
N GLY Q 150 38.90 -12.38 -41.60
CA GLY Q 150 39.99 -12.59 -40.64
C GLY Q 150 39.50 -13.35 -39.41
N ALA Q 151 39.78 -12.84 -38.21
CA ALA Q 151 39.49 -13.49 -36.92
C ALA Q 151 37.96 -13.52 -36.66
N LYS Q 152 37.17 -12.87 -37.51
CA LYS Q 152 35.69 -12.76 -37.28
C LYS Q 152 34.93 -13.77 -38.13
N LEU Q 153 35.66 -14.64 -38.86
CA LEU Q 153 35.09 -15.69 -39.74
C LEU Q 153 34.13 -16.56 -38.93
N ARG Q 154 32.94 -16.80 -39.46
CA ARG Q 154 31.95 -17.75 -38.87
C ARG Q 154 31.54 -18.81 -39.90
N LYS Q 155 31.51 -20.09 -39.48
CA LYS Q 155 30.87 -21.18 -40.24
C LYS Q 155 29.61 -21.65 -39.48
N MET Q 156 28.58 -22.00 -40.24
CA MET Q 156 27.21 -22.31 -39.73
C MET Q 156 27.00 -23.83 -39.60
N GLY Q 157 27.72 -24.66 -40.34
CA GLY Q 157 27.56 -26.14 -40.23
C GLY Q 157 26.15 -26.66 -40.58
N SER Q 158 25.48 -26.11 -41.60
CA SER Q 158 24.21 -26.64 -42.15
C SER Q 158 24.50 -27.85 -43.03
N PRO Q 159 23.58 -28.83 -43.19
CA PRO Q 159 23.81 -29.95 -44.11
C PRO Q 159 24.05 -29.40 -45.54
N VAL Q 160 25.14 -29.80 -46.16
CA VAL Q 160 25.66 -29.25 -47.45
C VAL Q 160 24.97 -29.96 -48.63
N VAL Q 161 24.47 -29.16 -49.58
CA VAL Q 161 24.03 -29.62 -50.94
C VAL Q 161 24.87 -28.86 -51.95
N GLU Q 162 25.03 -29.42 -53.15
CA GLU Q 162 25.97 -28.89 -54.17
C GLU Q 162 25.53 -27.50 -54.61
N ASP Q 163 24.23 -27.24 -54.75
CA ASP Q 163 23.70 -25.91 -55.16
C ASP Q 163 23.88 -24.87 -54.02
N ARG Q 164 24.18 -25.31 -52.80
CA ARG Q 164 24.38 -24.43 -51.61
C ARG Q 164 23.22 -23.43 -51.48
N CYS Q 165 21.97 -23.88 -51.65
CA CYS Q 165 20.73 -23.07 -51.49
C CYS Q 165 20.75 -21.92 -52.50
N SER Q 166 21.11 -22.21 -53.76
CA SER Q 166 21.19 -21.21 -54.86
C SER Q 166 19.87 -20.43 -54.98
N SER Q 167 18.74 -21.09 -54.85
CA SER Q 167 17.40 -20.43 -54.94
C SER Q 167 17.20 -19.44 -53.77
N LEU Q 168 17.61 -19.81 -52.55
CA LEU Q 168 17.54 -18.89 -51.38
C LEU Q 168 18.54 -17.75 -51.59
N VAL Q 169 19.73 -18.01 -52.15
CA VAL Q 169 20.71 -16.92 -52.47
C VAL Q 169 20.09 -15.94 -53.47
N ALA Q 170 19.54 -16.46 -54.57
CA ALA Q 170 18.87 -15.64 -55.62
C ALA Q 170 17.73 -14.81 -54.98
N GLU Q 171 16.92 -15.42 -54.11
CA GLU Q 171 15.75 -14.74 -53.46
C GLU Q 171 16.22 -13.66 -52.48
N ALA Q 172 17.18 -13.97 -51.62
CA ALA Q 172 17.77 -12.98 -50.70
C ALA Q 172 18.31 -11.81 -51.53
N SER Q 173 19.12 -12.11 -52.55
CA SER Q 173 19.82 -11.08 -53.34
C SER Q 173 18.78 -10.16 -54.00
N SER Q 174 17.62 -10.68 -54.40
CA SER Q 174 16.54 -9.93 -55.10
C SER Q 174 15.86 -8.97 -54.12
N TYR Q 175 15.85 -9.29 -52.82
CA TYR Q 175 15.34 -8.38 -51.76
C TYR Q 175 16.31 -7.20 -51.63
N PHE Q 176 17.61 -7.46 -51.62
CA PHE Q 176 18.64 -6.38 -51.61
C PHE Q 176 18.51 -5.56 -52.91
N ASP Q 177 18.30 -6.19 -54.06
CA ASP Q 177 18.22 -5.50 -55.38
C ASP Q 177 17.01 -4.56 -55.39
N ARG Q 178 15.91 -4.98 -54.76
CA ARG Q 178 14.71 -4.11 -54.55
C ARG Q 178 15.06 -2.87 -53.74
N VAL Q 179 15.86 -2.99 -52.69
CA VAL Q 179 16.28 -1.80 -51.88
C VAL Q 179 17.03 -0.84 -52.81
N ILE Q 180 17.99 -1.38 -53.56
CA ILE Q 180 18.86 -0.62 -54.50
C ILE Q 180 17.96 0.03 -55.58
N ALA Q 181 17.01 -0.71 -56.15
CA ALA Q 181 16.05 -0.18 -57.16
C ALA Q 181 15.20 0.92 -56.54
N ALA Q 182 14.77 0.79 -55.28
CA ALA Q 182 13.96 1.82 -54.57
C ALA Q 182 14.77 3.10 -54.37
N LEU Q 183 16.10 3.02 -54.43
CA LEU Q 183 16.98 4.21 -54.25
C LEU Q 183 17.46 4.74 -55.61
N SER Q 184 17.25 3.99 -56.70
CA SER Q 184 17.56 4.40 -58.11
C SER Q 184 16.66 5.56 -58.54
N MET R 1 11.92 26.39 -8.13
CA MET R 1 13.06 26.17 -7.26
C MET R 1 13.56 27.52 -6.70
N LEU R 2 14.19 27.52 -5.54
CA LEU R 2 14.90 28.70 -5.00
C LEU R 2 16.43 28.53 -5.07
N ASP R 3 17.12 29.67 -4.96
CA ASP R 3 18.59 29.79 -4.77
C ASP R 3 18.80 30.52 -3.43
N ALA R 4 20.04 30.80 -3.05
CA ALA R 4 20.37 31.51 -1.77
C ALA R 4 19.61 32.84 -1.71
N PHE R 5 19.42 33.50 -2.84
CA PHE R 5 18.86 34.87 -2.88
C PHE R 5 17.34 34.85 -2.78
N SER R 6 16.64 34.01 -3.54
CA SER R 6 15.16 33.94 -3.50
C SER R 6 14.70 33.31 -2.18
N ARG R 7 15.57 32.54 -1.53
CA ARG R 7 15.34 32.02 -0.16
C ARG R 7 15.21 33.24 0.77
N ALA R 8 16.13 34.22 0.75
CA ALA R 8 16.03 35.43 1.58
C ALA R 8 14.76 36.22 1.22
N VAL R 9 14.37 36.27 -0.07
CA VAL R 9 13.15 36.98 -0.55
C VAL R 9 11.89 36.30 0.00
N VAL R 10 11.81 34.97 -0.11
CA VAL R 10 10.65 34.21 0.44
C VAL R 10 10.53 34.51 1.95
N GLN R 11 11.63 34.58 2.70
CA GLN R 11 11.58 34.84 4.18
C GLN R 11 11.00 36.25 4.39
N ALA R 12 11.38 37.20 3.56
CA ALA R 12 10.99 38.61 3.76
C ALA R 12 9.49 38.75 3.40
N ASP R 13 9.06 37.95 2.43
CA ASP R 13 7.69 38.05 1.85
C ASP R 13 6.72 37.43 2.87
N ALA R 14 7.18 36.52 3.73
CA ALA R 14 6.37 36.00 4.85
C ALA R 14 5.89 37.13 5.77
N SER R 15 6.48 38.34 5.70
CA SER R 15 6.07 39.53 6.50
C SER R 15 5.82 40.75 5.60
N THR R 16 5.57 40.53 4.31
CA THR R 16 5.46 41.55 3.23
C THR R 16 6.42 42.70 3.50
N SER R 17 7.69 42.38 3.70
CA SER R 17 8.71 43.45 3.89
C SER R 17 9.92 43.26 2.99
N VAL R 18 10.60 44.38 2.80
CA VAL R 18 11.81 44.48 1.97
C VAL R 18 12.86 43.53 2.58
N VAL R 19 13.76 43.00 1.75
CA VAL R 19 14.94 42.26 2.27
C VAL R 19 15.81 43.31 3.00
N GLY R 20 15.96 43.14 4.32
CA GLY R 20 16.53 44.17 5.21
C GLY R 20 18.05 44.16 5.20
N ASP R 21 18.64 43.01 5.52
CA ASP R 21 20.11 42.82 5.57
C ASP R 21 20.51 41.91 4.40
N VAL R 22 21.37 42.40 3.51
CA VAL R 22 21.93 41.68 2.33
C VAL R 22 23.42 41.41 2.56
N SER R 23 23.94 41.64 3.77
CA SER R 23 25.39 41.50 4.06
C SER R 23 25.77 40.02 3.94
N ALA R 24 24.94 39.15 4.51
CA ALA R 24 24.93 37.68 4.28
C ALA R 24 25.09 37.37 2.80
N LEU R 25 24.29 38.03 1.96
CA LEU R 25 24.22 37.82 0.49
C LEU R 25 25.50 38.38 -0.17
N LYS R 26 25.97 39.55 0.25
CA LYS R 26 27.28 40.11 -0.20
C LYS R 26 28.42 39.13 0.11
N GLN R 27 28.38 38.41 1.23
CA GLN R 27 29.42 37.39 1.59
C GLN R 27 29.31 36.19 0.65
N PHE R 28 28.10 35.79 0.29
CA PHE R 28 27.82 34.68 -0.64
C PHE R 28 28.50 35.03 -1.97
N ILE R 29 28.43 36.29 -2.39
CA ILE R 29 29.03 36.76 -3.69
C ILE R 29 30.57 36.73 -3.57
N ALA R 30 31.15 37.23 -2.48
CA ALA R 30 32.63 37.21 -2.23
C ALA R 30 33.13 35.77 -2.24
N GLN R 31 32.30 34.83 -1.80
CA GLN R 31 32.59 33.36 -1.81
C GLN R 31 32.35 32.74 -3.20
N GLY R 32 31.77 33.48 -4.16
CA GLY R 32 31.19 32.95 -5.40
C GLY R 32 32.20 32.16 -6.21
N ASN R 33 33.38 32.70 -6.44
CA ASN R 33 34.40 32.04 -7.30
C ASN R 33 34.73 30.68 -6.68
N ARG R 34 34.88 30.59 -5.34
CA ARG R 34 35.26 29.30 -4.71
C ARG R 34 34.08 28.32 -4.81
N ARG R 35 32.83 28.82 -4.83
CA ARG R 35 31.60 28.00 -5.08
C ARG R 35 31.69 27.40 -6.49
N LEU R 36 31.97 28.20 -7.51
CA LEU R 36 32.11 27.70 -8.90
C LEU R 36 33.24 26.65 -8.94
N ASP R 37 34.34 26.83 -8.20
CA ASP R 37 35.44 25.83 -8.16
C ASP R 37 34.94 24.53 -7.51
N ALA R 38 34.21 24.63 -6.41
CA ALA R 38 33.67 23.46 -5.68
C ALA R 38 32.74 22.67 -6.61
N VAL R 39 31.87 23.35 -7.35
CA VAL R 39 30.93 22.68 -8.31
C VAL R 39 31.75 22.01 -9.43
N ASN R 40 32.71 22.73 -10.03
CA ASN R 40 33.65 22.20 -11.04
C ASN R 40 34.36 20.93 -10.52
N ALA R 41 34.76 20.93 -9.24
CA ALA R 41 35.51 19.81 -8.63
C ALA R 41 34.64 18.55 -8.60
N ILE R 42 33.35 18.71 -8.30
CA ILE R 42 32.42 17.56 -8.24
C ILE R 42 32.05 17.13 -9.68
N ALA R 43 31.54 18.06 -10.51
CA ALA R 43 31.11 17.78 -11.90
C ALA R 43 32.25 17.12 -12.69
N SER R 44 33.48 17.64 -12.59
CA SER R 44 34.65 17.18 -13.38
C SER R 44 35.06 15.76 -12.95
N ASN R 45 34.72 15.34 -11.73
CA ASN R 45 35.10 14.01 -11.17
C ASN R 45 33.86 13.09 -11.01
N ALA R 46 32.69 13.46 -11.56
CA ALA R 46 31.38 12.83 -11.25
C ALA R 46 31.37 11.34 -11.59
N SER R 47 31.91 10.94 -12.76
CA SER R 47 31.93 9.51 -13.22
C SER R 47 32.78 8.69 -12.24
N CYS R 48 33.97 9.19 -11.93
CA CYS R 48 34.89 8.49 -11.00
C CYS R 48 34.22 8.38 -9.61
N MET R 49 33.55 9.44 -9.16
CA MET R 49 32.86 9.45 -7.84
C MET R 49 31.74 8.40 -7.82
N VAL R 50 30.88 8.37 -8.84
CA VAL R 50 29.71 7.44 -8.85
C VAL R 50 30.22 5.99 -8.96
N SER R 51 31.21 5.70 -9.82
CA SER R 51 31.69 4.32 -10.07
C SER R 51 32.37 3.81 -8.80
N ASP R 52 33.20 4.66 -8.17
CA ASP R 52 33.95 4.37 -6.93
C ASP R 52 33.00 4.23 -5.72
N ALA R 53 31.95 5.04 -5.65
CA ALA R 53 30.96 5.01 -4.54
C ALA R 53 30.11 3.72 -4.62
N ILE R 54 29.56 3.43 -5.79
CA ILE R 54 28.72 2.22 -6.02
C ILE R 54 29.60 0.98 -5.79
N ALA R 55 30.81 0.96 -6.34
CA ALA R 55 31.78 -0.15 -6.17
C ALA R 55 32.12 -0.33 -4.68
N GLY R 56 32.21 0.76 -3.91
CA GLY R 56 32.49 0.70 -2.46
C GLY R 56 31.33 0.13 -1.67
N MET R 57 30.12 0.61 -1.94
CA MET R 57 28.87 0.07 -1.37
C MET R 57 28.89 -1.46 -1.55
N ILE R 58 29.27 -1.87 -2.75
CA ILE R 58 29.29 -3.30 -3.15
C ILE R 58 30.43 -4.04 -2.43
N CYS R 59 31.64 -3.49 -2.38
CA CYS R 59 32.78 -4.21 -1.77
C CYS R 59 32.51 -4.41 -0.26
N GLU R 60 31.68 -3.55 0.36
CA GLU R 60 31.26 -3.68 1.78
C GLU R 60 29.96 -4.50 1.92
N ASN R 61 29.27 -4.82 0.82
CA ASN R 61 28.00 -5.58 0.86
C ASN R 61 27.89 -6.50 -0.37
N GLN R 62 28.52 -7.66 -0.30
CA GLN R 62 28.68 -8.59 -1.44
C GLN R 62 27.35 -9.28 -1.76
N GLY R 63 26.39 -9.31 -0.83
CA GLY R 63 25.01 -9.78 -1.10
C GLY R 63 24.37 -9.05 -2.29
N LEU R 64 24.71 -7.78 -2.50
CA LEU R 64 24.09 -6.93 -3.56
C LEU R 64 24.34 -7.52 -4.95
N ILE R 65 25.40 -8.32 -5.13
CA ILE R 65 25.85 -8.83 -6.45
C ILE R 65 25.76 -10.36 -6.49
N GLN R 66 24.94 -10.93 -5.62
CA GLN R 66 24.54 -12.37 -5.65
C GLN R 66 23.04 -12.45 -5.95
N ALA R 67 22.54 -13.65 -6.26
CA ALA R 67 21.13 -13.90 -6.59
C ALA R 67 20.28 -13.26 -5.48
N GLY R 68 19.23 -12.56 -5.86
CA GLY R 68 18.34 -11.90 -4.90
C GLY R 68 18.88 -10.56 -4.47
N GLY R 69 20.15 -10.25 -4.76
CA GLY R 69 20.74 -8.94 -4.44
C GLY R 69 20.16 -7.83 -5.32
N MEN R 70 20.10 -6.61 -4.78
CA MEN R 70 19.49 -5.52 -5.54
C MEN R 70 20.38 -4.89 -6.62
O MEN R 70 19.91 -4.00 -7.34
CB MEN R 70 18.94 -4.46 -4.57
CG MEN R 70 17.70 -3.77 -5.08
OD1 MEN R 70 17.73 -2.51 -5.25
ND2 MEN R 70 16.66 -4.56 -5.36
CE2 MEN R 70 15.52 -4.02 -6.07
N CYS R 71 21.64 -5.33 -6.73
CA CYS R 71 22.51 -4.94 -7.84
C CYS R 71 22.68 -6.10 -8.83
N TYR R 72 21.79 -7.07 -8.78
CA TYR R 72 21.79 -8.28 -9.63
C TYR R 72 20.43 -8.38 -10.28
N PRO R 73 20.30 -8.62 -11.60
CA PRO R 73 21.45 -8.78 -12.49
C PRO R 73 21.90 -7.43 -13.12
N ASN R 74 22.50 -7.47 -14.31
CA ASN R 74 23.05 -6.29 -15.02
C ASN R 74 22.06 -5.12 -14.92
N ARG R 75 20.77 -5.36 -15.21
CA ARG R 75 19.73 -4.31 -15.33
C ARG R 75 19.68 -3.57 -13.98
N ARG R 76 19.77 -4.31 -12.87
CA ARG R 76 19.70 -3.69 -11.53
C ARG R 76 21.00 -2.91 -11.25
N MET R 77 22.18 -3.47 -11.58
CA MET R 77 23.44 -2.74 -11.40
C MET R 77 23.35 -1.40 -12.16
N ALA R 78 22.91 -1.45 -13.42
CA ALA R 78 22.81 -0.26 -14.30
C ALA R 78 21.90 0.75 -13.61
N ALA R 79 20.74 0.30 -13.13
CA ALA R 79 19.73 1.16 -12.48
C ALA R 79 20.40 1.83 -11.28
N CYS R 80 21.26 1.10 -10.57
CA CYS R 80 21.87 1.62 -9.33
C CYS R 80 22.85 2.74 -9.67
N LEU R 81 23.73 2.48 -10.62
CA LEU R 81 24.70 3.47 -11.16
C LEU R 81 23.98 4.77 -11.57
N ARG R 82 22.89 4.65 -12.31
CA ARG R 82 22.03 5.77 -12.75
C ARG R 82 21.48 6.52 -11.52
N ASP R 83 20.99 5.84 -10.50
CA ASP R 83 20.53 6.51 -9.25
C ASP R 83 21.67 7.27 -8.55
N GLY R 84 22.87 6.71 -8.47
CA GLY R 84 24.01 7.41 -7.82
C GLY R 84 24.35 8.69 -8.58
N GLU R 85 24.29 8.62 -9.91
CA GLU R 85 24.53 9.76 -10.82
C GLU R 85 23.43 10.81 -10.58
N ILE R 86 22.16 10.38 -10.55
CA ILE R 86 21.01 11.31 -10.34
C ILE R 86 21.17 12.05 -9.00
N ILE R 87 21.35 11.32 -7.89
CA ILE R 87 21.50 11.91 -6.53
C ILE R 87 22.67 12.91 -6.54
N LEU R 88 23.82 12.54 -7.11
CA LEU R 88 25.02 13.41 -7.12
C LEU R 88 24.71 14.69 -7.93
N ARG R 89 23.93 14.54 -9.00
CA ARG R 89 23.61 15.67 -9.92
C ARG R 89 22.79 16.70 -9.14
N TYR R 90 21.78 16.24 -8.40
CA TYR R 90 20.86 17.09 -7.59
C TYR R 90 21.62 17.71 -6.42
N VAL R 91 22.60 17.02 -5.85
CA VAL R 91 23.42 17.58 -4.74
C VAL R 91 24.22 18.74 -5.34
N THR R 92 24.75 18.53 -6.54
CA THR R 92 25.60 19.52 -7.23
C THR R 92 24.78 20.77 -7.59
N TYR R 93 23.50 20.62 -7.98
CA TYR R 93 22.56 21.74 -8.30
C TYR R 93 22.35 22.60 -7.04
N ALA R 94 22.06 21.92 -5.92
CA ALA R 94 21.90 22.54 -4.59
C ALA R 94 23.15 23.38 -4.25
N LEU R 95 24.34 22.80 -4.49
CA LEU R 95 25.60 23.52 -4.16
C LEU R 95 25.74 24.72 -5.10
N LEU R 96 25.41 24.59 -6.38
CA LEU R 96 25.52 25.72 -7.32
C LEU R 96 24.57 26.85 -6.87
N ALA R 97 23.34 26.50 -6.49
CA ALA R 97 22.26 27.44 -6.15
C ALA R 97 22.45 28.01 -4.75
N GLY R 98 23.11 27.23 -3.87
CA GLY R 98 23.26 27.58 -2.44
C GLY R 98 21.95 27.40 -1.70
N ASP R 99 21.17 26.38 -2.07
CA ASP R 99 19.90 26.05 -1.37
C ASP R 99 19.44 24.62 -1.74
N ALA R 100 18.83 23.94 -0.77
CA ALA R 100 18.44 22.52 -0.84
C ALA R 100 17.12 22.35 -1.63
N SER R 101 16.40 23.45 -1.86
CA SER R 101 15.13 23.52 -2.65
C SER R 101 15.12 22.52 -3.83
N VAL R 102 16.09 22.57 -4.75
CA VAL R 102 16.02 21.78 -6.01
C VAL R 102 16.17 20.29 -5.66
N LEU R 103 17.04 19.99 -4.69
CA LEU R 103 17.33 18.60 -4.19
C LEU R 103 16.09 18.03 -3.50
N ASP R 104 15.43 18.80 -2.61
CA ASP R 104 14.19 18.35 -1.89
C ASP R 104 13.05 18.12 -2.88
N ASP R 105 12.81 19.08 -3.77
CA ASP R 105 11.58 19.12 -4.60
C ASP R 105 11.65 18.14 -5.78
N ARG R 106 12.82 17.99 -6.41
CA ARG R 106 12.92 17.25 -7.69
C ARG R 106 13.53 15.86 -7.47
N CYS R 107 14.08 15.58 -6.29
CA CYS R 107 14.83 14.31 -6.04
C CYS R 107 14.33 13.56 -4.80
N LEU R 108 14.29 14.22 -3.63
CA LEU R 108 14.03 13.54 -2.34
C LEU R 108 12.53 13.37 -2.07
N ASN R 109 11.69 14.24 -2.60
CA ASN R 109 10.23 14.22 -2.31
C ASN R 109 9.68 12.90 -2.85
N GLY R 110 9.32 11.96 -1.97
CA GLY R 110 8.72 10.66 -2.32
C GLY R 110 9.76 9.58 -2.64
N LEU R 111 11.05 9.84 -2.45
CA LEU R 111 12.12 8.91 -2.90
C LEU R 111 12.06 7.68 -2.01
N LYS R 112 12.02 7.89 -0.69
CA LYS R 112 11.98 6.81 0.34
C LYS R 112 10.83 5.83 0.01
N GLU R 113 9.65 6.36 -0.30
CA GLU R 113 8.42 5.58 -0.59
C GLU R 113 8.57 4.84 -1.93
N THR R 114 9.20 5.47 -2.93
CA THR R 114 9.53 4.82 -4.23
C THR R 114 10.48 3.64 -4.00
N TYR R 115 11.53 3.84 -3.23
CA TYR R 115 12.53 2.78 -2.94
C TYR R 115 11.83 1.65 -2.17
N ALA R 116 10.97 1.94 -1.20
CA ALA R 116 10.19 0.92 -0.42
C ALA R 116 9.36 0.06 -1.37
N ALA R 117 8.60 0.67 -2.30
CA ALA R 117 7.77 -0.05 -3.30
C ALA R 117 8.67 -0.86 -4.23
N LEU R 118 9.88 -0.39 -4.53
CA LEU R 118 10.81 -1.11 -5.45
C LEU R 118 11.58 -2.20 -4.70
N GLY R 119 11.79 -2.05 -3.38
CA GLY R 119 12.69 -2.94 -2.60
C GLY R 119 14.16 -2.59 -2.77
N VAL R 120 14.47 -1.35 -3.17
CA VAL R 120 15.85 -0.81 -3.11
C VAL R 120 16.25 -0.67 -1.64
N PRO R 121 17.34 -1.34 -1.19
CA PRO R 121 17.78 -1.29 0.21
C PRO R 121 18.38 0.04 0.69
N THR R 122 17.80 0.55 1.77
CA THR R 122 18.09 1.84 2.46
C THR R 122 19.55 1.89 2.91
N THR R 123 19.99 0.92 3.69
CA THR R 123 21.34 0.94 4.31
C THR R 123 22.39 1.07 3.20
N SER R 124 22.19 0.37 2.09
CA SER R 124 23.12 0.38 0.94
C SER R 124 23.07 1.75 0.24
N THR R 125 21.89 2.30 -0.02
CA THR R 125 21.78 3.63 -0.69
C THR R 125 22.50 4.69 0.16
N VAL R 126 22.25 4.66 1.46
CA VAL R 126 22.87 5.61 2.45
C VAL R 126 24.39 5.46 2.39
N ARG R 127 24.90 4.23 2.26
CA ARG R 127 26.35 3.99 2.24
C ARG R 127 26.95 4.60 0.98
N ALA R 128 26.32 4.40 -0.17
CA ALA R 128 26.80 5.00 -1.44
C ALA R 128 26.81 6.54 -1.31
N VAL R 129 25.77 7.13 -0.72
CA VAL R 129 25.69 8.59 -0.48
C VAL R 129 26.79 9.01 0.50
N GLN R 130 27.07 8.23 1.52
CA GLN R 130 28.11 8.56 2.52
C GLN R 130 29.46 8.64 1.82
N ILE R 131 29.74 7.70 0.90
CA ILE R 131 31.05 7.65 0.18
C ILE R 131 31.13 8.90 -0.72
N MET R 132 30.02 9.29 -1.36
CA MET R 132 30.02 10.47 -2.27
C MET R 132 30.28 11.75 -1.46
N LYS R 133 29.68 11.83 -0.28
CA LYS R 133 29.93 12.93 0.68
C LYS R 133 31.43 13.05 0.95
N ALA R 134 32.09 11.95 1.29
CA ALA R 134 33.54 11.91 1.60
C ALA R 134 34.34 12.29 0.36
N GLN R 135 33.98 11.77 -0.81
CA GLN R 135 34.68 12.10 -2.08
C GLN R 135 34.57 13.60 -2.37
N ALA R 136 33.34 14.13 -2.27
CA ALA R 136 33.04 15.55 -2.57
C ALA R 136 33.89 16.44 -1.66
N ALA R 137 33.90 16.15 -0.35
CA ALA R 137 34.70 16.90 0.64
C ALA R 137 36.18 16.94 0.19
N ALA R 138 36.74 15.81 -0.23
CA ALA R 138 38.14 15.69 -0.68
C ALA R 138 38.36 16.51 -1.97
N HIS R 139 37.42 16.46 -2.92
CA HIS R 139 37.54 17.18 -4.22
C HIS R 139 37.37 18.70 -4.01
N ILE R 140 36.50 19.13 -3.11
CA ILE R 140 36.33 20.58 -2.80
C ILE R 140 37.62 21.15 -2.14
N LYS R 141 38.20 20.43 -1.17
CA LYS R 141 39.46 20.80 -0.46
C LYS R 141 40.65 20.61 -1.41
N ASP R 142 40.41 19.89 -2.51
CA ASP R 142 41.43 19.42 -3.48
C ASP R 142 42.52 18.62 -2.77
N THR R 143 42.16 17.77 -1.82
CA THR R 143 43.11 16.85 -1.16
C THR R 143 42.65 15.40 -1.31
N PRO R 144 42.33 14.92 -2.53
CA PRO R 144 42.05 13.50 -2.72
C PRO R 144 43.34 12.69 -2.50
N SER R 145 43.24 11.49 -1.94
CA SER R 145 44.40 10.61 -1.68
C SER R 145 44.68 9.77 -2.93
N GLU R 146 45.97 9.59 -3.20
CA GLU R 146 46.50 8.65 -4.23
C GLU R 146 45.98 7.25 -3.89
N ALA R 147 46.02 6.89 -2.61
CA ALA R 147 45.65 5.57 -2.07
C ALA R 147 44.25 5.21 -2.59
N ARG R 148 43.27 6.11 -2.46
CA ARG R 148 41.87 5.86 -2.90
C ARG R 148 41.70 6.05 -4.42
N ALA R 149 42.58 6.78 -5.13
CA ALA R 149 42.38 7.17 -6.55
C ALA R 149 43.25 6.39 -7.54
N GLY R 150 44.43 5.95 -7.12
CA GLY R 150 45.41 5.32 -8.02
C GLY R 150 45.66 6.20 -9.23
N ALA R 151 45.61 5.62 -10.42
CA ALA R 151 45.94 6.29 -11.70
C ALA R 151 44.88 7.34 -12.07
N LYS R 152 43.71 7.38 -11.40
CA LYS R 152 42.58 8.30 -11.72
C LYS R 152 42.64 9.57 -10.87
N LEU R 153 43.68 9.75 -10.05
CA LEU R 153 43.89 10.98 -9.22
C LEU R 153 43.81 12.25 -10.10
N ARG R 154 43.01 13.24 -9.65
CA ARG R 154 42.90 14.57 -10.32
C ARG R 154 43.20 15.68 -9.31
N LYS R 155 43.98 16.69 -9.73
CA LYS R 155 44.28 17.94 -8.98
C LYS R 155 43.65 19.12 -9.73
N MET R 156 42.98 20.05 -9.03
CA MET R 156 42.20 21.14 -9.67
C MET R 156 43.06 22.42 -9.78
N GLY R 157 44.07 22.57 -8.93
CA GLY R 157 44.93 23.77 -8.87
C GLY R 157 44.14 25.09 -8.73
N SER R 158 43.22 25.19 -7.76
CA SER R 158 42.57 26.46 -7.32
C SER R 158 43.52 27.15 -6.34
N PRO R 159 43.45 28.49 -6.15
CA PRO R 159 44.33 29.16 -5.19
C PRO R 159 44.01 28.62 -3.78
N VAL R 160 45.04 28.14 -3.08
CA VAL R 160 44.93 27.44 -1.76
C VAL R 160 44.75 28.49 -0.67
N VAL R 161 43.84 28.24 0.28
CA VAL R 161 43.71 28.97 1.58
C VAL R 161 43.77 27.94 2.71
N GLU R 162 44.05 28.38 3.93
CA GLU R 162 44.31 27.49 5.10
C GLU R 162 43.09 26.60 5.37
N ASP R 163 41.89 27.17 5.33
CA ASP R 163 40.62 26.49 5.72
C ASP R 163 40.14 25.56 4.58
N ARG R 164 40.71 25.69 3.38
CA ARG R 164 40.44 24.86 2.18
C ARG R 164 38.93 24.82 1.89
N CYS R 165 38.27 25.97 1.99
CA CYS R 165 36.81 26.13 1.77
C CYS R 165 36.03 25.20 2.69
N SER R 166 36.34 25.24 3.99
CA SER R 166 35.66 24.44 5.04
C SER R 166 34.15 24.75 5.10
N SER R 167 33.74 25.99 4.83
CA SER R 167 32.31 26.39 4.83
C SER R 167 31.54 25.73 3.66
N LEU R 168 32.14 25.69 2.46
CA LEU R 168 31.57 24.96 1.29
C LEU R 168 31.57 23.45 1.53
N VAL R 169 32.64 22.90 2.12
CA VAL R 169 32.73 21.47 2.52
C VAL R 169 31.54 21.15 3.44
N ALA R 170 31.28 21.99 4.45
CA ALA R 170 30.20 21.79 5.46
C ALA R 170 28.82 21.84 4.76
N GLU R 171 28.60 22.81 3.87
CA GLU R 171 27.33 22.99 3.11
C GLU R 171 27.11 21.77 2.20
N ALA R 172 28.10 21.44 1.38
CA ALA R 172 28.06 20.26 0.48
C ALA R 172 27.71 19.02 1.29
N SER R 173 28.40 18.83 2.42
CA SER R 173 28.19 17.68 3.33
C SER R 173 26.76 17.71 3.87
N SER R 174 26.18 18.88 4.14
CA SER R 174 24.79 19.01 4.67
C SER R 174 23.78 18.62 3.57
N TYR R 175 24.14 18.79 2.28
CA TYR R 175 23.27 18.37 1.16
C TYR R 175 23.22 16.84 1.13
N PHE R 176 24.37 16.18 1.28
CA PHE R 176 24.43 14.69 1.34
C PHE R 176 23.65 14.21 2.57
N ASP R 177 23.81 14.88 3.73
CA ASP R 177 23.16 14.44 5.00
C ASP R 177 21.65 14.51 4.83
N ARG R 178 21.19 15.48 4.05
CA ARG R 178 19.75 15.66 3.75
C ARG R 178 19.22 14.48 2.93
N VAL R 179 20.00 13.95 1.98
CA VAL R 179 19.61 12.74 1.21
C VAL R 179 19.48 11.58 2.19
N ILE R 180 20.51 11.38 3.02
CA ILE R 180 20.59 10.26 3.96
C ILE R 180 19.41 10.34 4.94
N ALA R 181 19.12 11.54 5.44
CA ALA R 181 18.00 11.82 6.38
C ALA R 181 16.68 11.47 5.68
N ALA R 182 16.54 11.79 4.41
CA ALA R 182 15.30 11.57 3.64
C ALA R 182 15.14 10.06 3.36
N LEU R 183 16.23 9.32 3.31
CA LEU R 183 16.18 7.90 2.87
C LEU R 183 16.16 6.95 4.07
N SER R 184 16.62 7.38 5.25
CA SER R 184 16.86 6.45 6.39
C SER R 184 15.63 6.42 7.32
N MET S 1 -19.54 26.95 -38.13
CA MET S 1 -20.53 26.84 -39.23
C MET S 1 -21.49 28.02 -39.11
N LEU S 2 -22.15 28.32 -40.23
CA LEU S 2 -23.24 29.32 -40.33
C LEU S 2 -24.59 28.59 -40.37
N ASP S 3 -25.64 29.34 -40.04
CA ASP S 3 -27.05 28.99 -40.36
C ASP S 3 -27.58 30.11 -41.27
N ALA S 4 -28.84 30.01 -41.68
CA ALA S 4 -29.50 30.96 -42.61
C ALA S 4 -29.39 32.39 -42.08
N PHE S 5 -29.38 32.58 -40.75
CA PHE S 5 -29.41 33.92 -40.12
C PHE S 5 -27.98 34.48 -40.04
N SER S 6 -27.01 33.65 -39.65
CA SER S 6 -25.59 34.09 -39.56
C SER S 6 -25.05 34.30 -40.98
N ARG S 7 -25.60 33.59 -41.98
CA ARG S 7 -25.28 33.85 -43.42
C ARG S 7 -25.54 35.31 -43.76
N ALA S 8 -26.76 35.79 -43.53
CA ALA S 8 -27.21 37.19 -43.74
C ALA S 8 -26.31 38.15 -42.96
N VAL S 9 -25.91 37.74 -41.77
CA VAL S 9 -25.11 38.60 -40.86
C VAL S 9 -23.72 38.76 -41.48
N VAL S 10 -23.15 37.67 -42.01
CA VAL S 10 -21.80 37.67 -42.66
C VAL S 10 -21.85 38.58 -43.90
N GLN S 11 -22.93 38.49 -44.69
CA GLN S 11 -23.20 39.38 -45.85
C GLN S 11 -23.15 40.84 -45.37
N ALA S 12 -23.92 41.18 -44.32
CA ALA S 12 -24.08 42.57 -43.83
C ALA S 12 -22.73 43.13 -43.34
N ASP S 13 -21.93 42.29 -42.66
CA ASP S 13 -20.64 42.72 -42.03
C ASP S 13 -19.62 43.02 -43.14
N ALA S 14 -19.72 42.37 -44.31
CA ALA S 14 -18.80 42.58 -45.47
C ALA S 14 -18.84 44.07 -45.88
N SER S 15 -19.91 44.80 -45.57
CA SER S 15 -20.01 46.28 -45.75
C SER S 15 -20.29 46.99 -44.43
N THR S 16 -19.92 46.36 -43.30
CA THR S 16 -20.09 46.88 -41.91
C THR S 16 -21.42 47.65 -41.80
N SER S 17 -22.52 47.01 -42.21
CA SER S 17 -23.90 47.57 -42.14
C SER S 17 -24.77 46.67 -41.24
N VAL S 18 -25.74 47.30 -40.58
CA VAL S 18 -26.83 46.59 -39.84
C VAL S 18 -27.51 45.63 -40.81
N VAL S 19 -28.05 44.51 -40.34
CA VAL S 19 -28.96 43.67 -41.17
C VAL S 19 -30.22 44.51 -41.42
N GLY S 20 -30.45 44.93 -42.67
CA GLY S 20 -31.44 45.95 -43.01
C GLY S 20 -32.85 45.39 -43.06
N ASP S 21 -33.06 44.36 -43.88
CA ASP S 21 -34.40 43.82 -44.22
C ASP S 21 -34.47 42.37 -43.72
N VAL S 22 -35.21 42.17 -42.63
CA VAL S 22 -35.39 40.86 -41.92
C VAL S 22 -36.68 40.16 -42.38
N SER S 23 -37.37 40.66 -43.42
CA SER S 23 -38.65 40.12 -43.95
C SER S 23 -38.44 38.69 -44.44
N ALA S 24 -37.40 38.45 -45.25
CA ALA S 24 -36.97 37.11 -45.74
C ALA S 24 -36.80 36.15 -44.55
N LEU S 25 -36.30 36.70 -43.43
CA LEU S 25 -35.96 35.94 -42.21
C LEU S 25 -37.24 35.60 -41.44
N LYS S 26 -38.25 36.45 -41.48
CA LYS S 26 -39.57 36.14 -40.87
C LYS S 26 -40.22 35.00 -41.68
N GLN S 27 -40.08 34.99 -43.01
CA GLN S 27 -40.64 33.89 -43.83
C GLN S 27 -39.96 32.58 -43.41
N PHE S 28 -38.62 32.57 -43.26
CA PHE S 28 -37.87 31.38 -42.79
C PHE S 28 -38.47 30.87 -41.46
N ILE S 29 -38.81 31.78 -40.54
CA ILE S 29 -39.50 31.49 -39.23
C ILE S 29 -40.90 30.91 -39.49
N ALA S 30 -41.70 31.53 -40.35
CA ALA S 30 -43.05 31.01 -40.67
C ALA S 30 -42.92 29.61 -41.30
N GLN S 31 -41.82 29.32 -41.99
CA GLN S 31 -41.56 28.00 -42.63
C GLN S 31 -40.95 27.06 -41.57
N GLY S 32 -40.76 27.53 -40.34
CA GLY S 32 -39.95 26.83 -39.33
C GLY S 32 -40.50 25.44 -38.99
N ASN S 33 -41.79 25.36 -38.70
CA ASN S 33 -42.39 24.05 -38.34
C ASN S 33 -42.26 23.07 -39.52
N ARG S 34 -42.48 23.52 -40.76
CA ARG S 34 -42.44 22.57 -41.89
C ARG S 34 -40.97 22.16 -42.11
N ARG S 35 -40.00 23.02 -41.77
CA ARG S 35 -38.57 22.64 -41.83
C ARG S 35 -38.30 21.53 -40.81
N LEU S 36 -38.85 21.60 -39.60
CA LEU S 36 -38.60 20.55 -38.59
C LEU S 36 -39.25 19.25 -39.07
N ASP S 37 -40.42 19.30 -39.70
CA ASP S 37 -41.03 18.10 -40.34
C ASP S 37 -40.09 17.52 -41.40
N ALA S 38 -39.53 18.37 -42.27
CA ALA S 38 -38.63 17.94 -43.36
C ALA S 38 -37.45 17.15 -42.79
N VAL S 39 -36.79 17.75 -41.79
CA VAL S 39 -35.65 17.10 -41.10
C VAL S 39 -36.13 15.81 -40.44
N ASN S 40 -37.23 15.85 -39.69
CA ASN S 40 -37.79 14.63 -39.05
C ASN S 40 -38.00 13.50 -40.09
N ALA S 41 -38.50 13.84 -41.29
CA ALA S 41 -38.81 12.89 -42.39
C ALA S 41 -37.52 12.21 -42.91
N ILE S 42 -36.40 12.92 -42.96
CA ILE S 42 -35.12 12.27 -43.38
C ILE S 42 -34.53 11.43 -42.23
N ALA S 43 -34.31 12.04 -41.05
CA ALA S 43 -33.67 11.34 -39.89
C ALA S 43 -34.49 10.08 -39.55
N SER S 44 -35.81 10.17 -39.57
CA SER S 44 -36.67 9.03 -39.18
C SER S 44 -36.50 7.87 -40.17
N ASN S 45 -36.14 8.13 -41.41
CA ASN S 45 -36.10 7.07 -42.44
C ASN S 45 -34.66 6.83 -42.93
N ALA S 46 -33.67 7.35 -42.18
CA ALA S 46 -32.25 7.40 -42.59
C ALA S 46 -31.71 5.98 -42.86
N SER S 47 -32.02 5.02 -41.99
CA SER S 47 -31.51 3.62 -42.12
C SER S 47 -32.07 3.01 -43.41
N CYS S 48 -33.38 3.07 -43.61
CA CYS S 48 -34.04 2.59 -44.85
C CYS S 48 -33.48 3.31 -46.10
N MET S 49 -33.27 4.62 -46.03
CA MET S 49 -32.73 5.42 -47.17
C MET S 49 -31.31 4.94 -47.51
N VAL S 50 -30.40 4.92 -46.54
CA VAL S 50 -28.97 4.59 -46.80
C VAL S 50 -28.92 3.15 -47.36
N SER S 51 -29.70 2.23 -46.83
CA SER S 51 -29.60 0.80 -47.24
C SER S 51 -30.19 0.61 -48.65
N ASP S 52 -31.35 1.19 -48.92
CA ASP S 52 -32.02 1.16 -50.24
C ASP S 52 -31.15 1.83 -51.31
N ALA S 53 -30.51 2.94 -50.99
CA ALA S 53 -29.69 3.70 -51.95
C ALA S 53 -28.40 2.92 -52.28
N ILE S 54 -27.72 2.33 -51.28
CA ILE S 54 -26.46 1.57 -51.50
C ILE S 54 -26.82 0.29 -52.28
N ALA S 55 -27.92 -0.36 -51.90
CA ALA S 55 -28.50 -1.55 -52.58
C ALA S 55 -28.81 -1.21 -54.04
N GLY S 56 -29.22 0.03 -54.30
CA GLY S 56 -29.67 0.52 -55.61
C GLY S 56 -28.47 0.77 -56.50
N MET S 57 -27.48 1.47 -55.96
CA MET S 57 -26.17 1.65 -56.63
C MET S 57 -25.65 0.25 -57.04
N ILE S 58 -25.75 -0.73 -56.15
CA ILE S 58 -25.17 -2.09 -56.36
C ILE S 58 -26.01 -2.86 -57.39
N CYS S 59 -27.33 -2.79 -57.32
CA CYS S 59 -28.20 -3.60 -58.22
C CYS S 59 -28.06 -3.08 -59.65
N GLU S 60 -27.65 -1.82 -59.81
CA GLU S 60 -27.36 -1.20 -61.12
C GLU S 60 -25.95 -1.54 -61.61
N ASN S 61 -25.03 -1.87 -60.70
CA ASN S 61 -23.61 -2.07 -61.07
C ASN S 61 -23.03 -3.19 -60.19
N GLN S 62 -23.25 -4.43 -60.61
CA GLN S 62 -22.82 -5.66 -59.90
C GLN S 62 -21.29 -5.80 -59.87
N GLY S 63 -20.57 -5.06 -60.75
CA GLY S 63 -19.10 -4.93 -60.72
C GLY S 63 -18.62 -4.52 -59.34
N LEU S 64 -19.41 -3.74 -58.60
CA LEU S 64 -19.05 -3.22 -57.24
C LEU S 64 -18.91 -4.37 -56.25
N ILE S 65 -19.60 -5.50 -56.46
CA ILE S 65 -19.64 -6.62 -55.48
C ILE S 65 -18.99 -7.88 -56.04
N GLN S 66 -18.12 -7.71 -57.03
CA GLN S 66 -17.28 -8.82 -57.56
C GLN S 66 -15.83 -8.51 -57.18
N ALA S 67 -14.94 -9.48 -57.37
CA ALA S 67 -13.49 -9.37 -57.09
C ALA S 67 -12.97 -8.14 -57.85
N GLY S 68 -12.18 -7.31 -57.15
CA GLY S 68 -11.68 -6.02 -57.65
C GLY S 68 -12.68 -4.89 -57.46
N GLY S 69 -13.94 -5.18 -57.12
CA GLY S 69 -14.97 -4.14 -56.93
C GLY S 69 -14.80 -3.40 -55.61
N MEN S 70 -15.21 -2.13 -55.61
CA MEN S 70 -15.08 -1.31 -54.43
C MEN S 70 -16.02 -1.53 -53.23
O MEN S 70 -15.77 -0.96 -52.17
CB MEN S 70 -15.04 0.15 -54.84
CG MEN S 70 -14.11 0.92 -53.91
OD1 MEN S 70 -14.40 1.90 -53.17
ND2 MEN S 70 -12.86 0.48 -53.87
CE2 MEN S 70 -11.94 1.04 -52.90
N CYS S 71 -17.07 -2.34 -53.40
CA CYS S 71 -17.90 -2.84 -52.30
C CYS S 71 -17.65 -4.33 -51.99
N TYR S 72 -16.49 -4.86 -52.39
CA TYR S 72 -15.99 -6.21 -52.09
C TYR S 72 -14.64 -6.07 -51.38
N PRO S 73 -14.35 -6.79 -50.28
CA PRO S 73 -15.29 -7.70 -49.63
C PRO S 73 -16.15 -6.96 -48.58
N ASN S 74 -16.55 -7.68 -47.54
CA ASN S 74 -17.44 -7.21 -46.44
C ASN S 74 -16.96 -5.87 -45.90
N ARG S 75 -15.66 -5.71 -45.66
CA ARG S 75 -15.04 -4.48 -45.09
C ARG S 75 -15.45 -3.29 -45.97
N ARG S 76 -15.29 -3.45 -47.29
CA ARG S 76 -15.58 -2.38 -48.27
C ARG S 76 -17.06 -2.00 -48.19
N MET S 77 -17.94 -3.00 -48.32
CA MET S 77 -19.40 -2.77 -48.25
C MET S 77 -19.71 -1.98 -46.97
N ALA S 78 -19.18 -2.39 -45.83
CA ALA S 78 -19.39 -1.71 -44.53
C ALA S 78 -18.87 -0.26 -44.58
N ALA S 79 -17.68 -0.02 -45.14
CA ALA S 79 -17.15 1.36 -45.33
C ALA S 79 -18.12 2.21 -46.18
N CYS S 80 -18.69 1.62 -47.22
CA CYS S 80 -19.56 2.34 -48.17
C CYS S 80 -20.89 2.67 -47.46
N LEU S 81 -21.53 1.71 -46.77
CA LEU S 81 -22.75 2.01 -45.96
C LEU S 81 -22.49 3.19 -45.02
N ARG S 82 -21.33 3.22 -44.37
CA ARG S 82 -20.89 4.26 -43.43
C ARG S 82 -20.80 5.63 -44.12
N ASP S 83 -20.19 5.70 -45.30
CA ASP S 83 -20.13 6.98 -46.07
C ASP S 83 -21.55 7.43 -46.44
N GLY S 84 -22.43 6.52 -46.86
CA GLY S 84 -23.82 6.86 -47.22
C GLY S 84 -24.49 7.62 -46.07
N GLU S 85 -24.32 7.07 -44.86
CA GLU S 85 -24.85 7.58 -43.59
C GLU S 85 -24.26 8.96 -43.28
N ILE S 86 -22.93 9.06 -43.34
CA ILE S 86 -22.17 10.32 -43.08
C ILE S 86 -22.68 11.41 -44.02
N ILE S 87 -22.75 11.10 -45.31
CA ILE S 87 -23.18 12.11 -46.32
C ILE S 87 -24.60 12.58 -45.97
N LEU S 88 -25.53 11.66 -45.78
CA LEU S 88 -26.93 12.02 -45.40
C LEU S 88 -26.96 12.86 -44.12
N ARG S 89 -26.20 12.46 -43.09
CA ARG S 89 -26.18 13.17 -41.78
C ARG S 89 -25.84 14.64 -42.07
N TYR S 90 -24.75 14.91 -42.80
CA TYR S 90 -24.33 16.33 -43.07
C TYR S 90 -25.38 17.06 -43.91
N VAL S 91 -25.99 16.38 -44.88
CA VAL S 91 -27.09 16.99 -45.68
C VAL S 91 -28.27 17.36 -44.73
N THR S 92 -28.61 16.50 -43.77
CA THR S 92 -29.71 16.73 -42.79
C THR S 92 -29.34 17.93 -41.88
N TYR S 93 -28.05 18.09 -41.54
CA TYR S 93 -27.58 19.22 -40.73
C TYR S 93 -27.78 20.50 -41.56
N ALA S 94 -27.46 20.45 -42.86
CA ALA S 94 -27.56 21.65 -43.71
C ALA S 94 -29.04 22.04 -43.74
N LEU S 95 -29.95 21.07 -43.91
CA LEU S 95 -31.41 21.37 -43.98
C LEU S 95 -31.90 21.96 -42.66
N LEU S 96 -31.41 21.49 -41.51
CA LEU S 96 -31.82 22.06 -40.20
C LEU S 96 -31.26 23.49 -40.05
N ALA S 97 -30.03 23.74 -40.47
CA ALA S 97 -29.39 25.07 -40.37
C ALA S 97 -29.97 26.02 -41.43
N GLY S 98 -30.52 25.46 -42.52
CA GLY S 98 -30.83 26.25 -43.73
C GLY S 98 -29.58 26.97 -44.24
N ASP S 99 -28.41 26.34 -44.16
CA ASP S 99 -27.19 26.81 -44.86
C ASP S 99 -26.28 25.60 -45.15
N ALA S 100 -25.56 25.62 -46.28
CA ALA S 100 -24.71 24.50 -46.72
C ALA S 100 -23.34 24.51 -46.02
N SER S 101 -22.99 25.58 -45.32
CA SER S 101 -21.66 25.77 -44.68
C SER S 101 -21.18 24.50 -43.93
N VAL S 102 -22.05 23.85 -43.14
CA VAL S 102 -21.66 22.67 -42.29
C VAL S 102 -21.31 21.50 -43.23
N LEU S 103 -22.07 21.34 -44.32
CA LEU S 103 -21.85 20.29 -45.36
C LEU S 103 -20.51 20.61 -46.05
N ASP S 104 -20.32 21.87 -46.46
CA ASP S 104 -19.10 22.28 -47.21
C ASP S 104 -17.88 22.05 -46.33
N ASP S 105 -17.90 22.55 -45.10
CA ASP S 105 -16.68 22.62 -44.27
C ASP S 105 -16.35 21.26 -43.69
N ARG S 106 -17.36 20.44 -43.34
CA ARG S 106 -17.11 19.25 -42.48
C ARG S 106 -17.12 17.99 -43.32
N CYS S 107 -17.70 18.05 -44.52
CA CYS S 107 -17.94 16.82 -45.32
C CYS S 107 -17.30 16.96 -46.72
N LEU S 108 -17.61 17.99 -47.50
CA LEU S 108 -17.31 17.95 -48.97
C LEU S 108 -15.87 18.38 -49.25
N ASN S 109 -15.27 19.21 -48.39
CA ASN S 109 -13.94 19.80 -48.63
C ASN S 109 -12.85 18.73 -48.44
N GLY S 110 -12.18 18.37 -49.53
CA GLY S 110 -11.09 17.39 -49.58
C GLY S 110 -11.64 16.04 -49.97
N LEU S 111 -12.96 15.93 -50.16
CA LEU S 111 -13.61 14.61 -50.23
C LEU S 111 -13.34 13.99 -51.61
N LYS S 112 -13.44 14.75 -52.69
CA LYS S 112 -13.17 14.20 -54.05
C LYS S 112 -11.72 13.70 -54.11
N GLU S 113 -10.76 14.48 -53.62
CA GLU S 113 -9.32 14.09 -53.57
C GLU S 113 -9.15 12.83 -52.70
N THR S 114 -9.85 12.75 -51.56
CA THR S 114 -9.79 11.57 -50.65
C THR S 114 -10.28 10.32 -51.38
N TYR S 115 -11.43 10.37 -52.05
CA TYR S 115 -11.94 9.21 -52.83
C TYR S 115 -10.93 8.80 -53.92
N ALA S 116 -10.30 9.77 -54.59
CA ALA S 116 -9.35 9.53 -55.70
C ALA S 116 -8.12 8.81 -55.15
N ALA S 117 -7.59 9.28 -54.02
CA ALA S 117 -6.47 8.62 -53.31
C ALA S 117 -6.82 7.16 -52.94
N LEU S 118 -8.03 6.87 -52.46
CA LEU S 118 -8.45 5.51 -51.99
C LEU S 118 -8.85 4.60 -53.16
N GLY S 119 -9.20 5.16 -54.32
CA GLY S 119 -9.79 4.43 -55.46
C GLY S 119 -11.28 4.18 -55.29
N VAL S 120 -11.98 4.98 -54.48
CA VAL S 120 -13.47 4.93 -54.37
C VAL S 120 -14.06 5.51 -55.66
N PRO S 121 -14.82 4.74 -56.45
CA PRO S 121 -15.49 5.29 -57.63
C PRO S 121 -16.51 6.38 -57.26
N THR S 122 -16.25 7.59 -57.77
CA THR S 122 -17.02 8.82 -57.50
C THR S 122 -18.35 8.74 -58.26
N THR S 123 -18.39 8.16 -59.46
CA THR S 123 -19.64 8.04 -60.27
C THR S 123 -20.65 7.15 -59.53
N SER S 124 -20.17 6.06 -58.93
CA SER S 124 -21.03 5.15 -58.13
C SER S 124 -21.49 5.89 -56.86
N THR S 125 -20.62 6.64 -56.21
CA THR S 125 -20.95 7.41 -54.98
C THR S 125 -22.04 8.44 -55.29
N VAL S 126 -21.83 9.24 -56.35
CA VAL S 126 -22.84 10.17 -56.92
C VAL S 126 -24.17 9.43 -57.13
N ARG S 127 -24.15 8.21 -57.66
CA ARG S 127 -25.44 7.52 -57.90
C ARG S 127 -26.17 7.27 -56.57
N ALA S 128 -25.46 6.82 -55.54
CA ALA S 128 -26.05 6.55 -54.21
C ALA S 128 -26.67 7.85 -53.69
N VAL S 129 -25.95 8.97 -53.80
CA VAL S 129 -26.43 10.30 -53.31
C VAL S 129 -27.68 10.77 -54.10
N GLN S 130 -27.69 10.46 -55.39
CA GLN S 130 -28.79 10.74 -56.37
C GLN S 130 -30.04 9.97 -55.93
N ILE S 131 -29.90 8.69 -55.61
CA ILE S 131 -31.05 7.91 -55.08
C ILE S 131 -31.49 8.55 -53.74
N MET S 132 -30.58 8.77 -52.80
CA MET S 132 -30.95 9.43 -51.52
C MET S 132 -31.67 10.76 -51.78
N LYS S 133 -31.29 11.55 -52.81
CA LYS S 133 -31.97 12.82 -53.17
C LYS S 133 -33.44 12.54 -53.47
N ALA S 134 -33.70 11.51 -54.26
CA ALA S 134 -35.05 11.17 -54.72
C ALA S 134 -35.84 10.72 -53.50
N GLN S 135 -35.21 9.91 -52.65
CA GLN S 135 -35.83 9.34 -51.43
C GLN S 135 -36.21 10.50 -50.50
N ALA S 136 -35.32 11.47 -50.33
CA ALA S 136 -35.55 12.64 -49.43
C ALA S 136 -36.75 13.44 -49.96
N ALA S 137 -36.79 13.73 -51.27
CA ALA S 137 -37.86 14.50 -51.92
C ALA S 137 -39.21 13.83 -51.60
N ALA S 138 -39.29 12.51 -51.77
CA ALA S 138 -40.52 11.75 -51.54
C ALA S 138 -40.92 11.82 -50.04
N HIS S 139 -39.96 11.65 -49.11
CA HIS S 139 -40.22 11.64 -47.65
C HIS S 139 -40.66 13.03 -47.16
N ILE S 140 -40.08 14.10 -47.70
CA ILE S 140 -40.47 15.48 -47.34
C ILE S 140 -41.90 15.74 -47.82
N LYS S 141 -42.24 15.30 -49.04
CA LYS S 141 -43.60 15.51 -49.63
C LYS S 141 -44.58 14.56 -48.94
N ASP S 142 -44.03 13.54 -48.25
CA ASP S 142 -44.78 12.42 -47.65
C ASP S 142 -45.56 11.69 -48.74
N THR S 143 -44.96 11.52 -49.92
CA THR S 143 -45.52 10.68 -51.02
C THR S 143 -44.55 9.56 -51.39
N PRO S 144 -43.95 8.80 -50.45
CA PRO S 144 -43.18 7.63 -50.86
C PRO S 144 -44.13 6.59 -51.45
N SER S 145 -43.66 5.80 -52.42
CA SER S 145 -44.46 4.76 -53.12
C SER S 145 -44.37 3.41 -52.41
N GLU S 146 -45.49 2.68 -52.36
CA GLU S 146 -45.51 1.28 -51.86
C GLU S 146 -44.57 0.43 -52.72
N ALA S 147 -44.49 0.75 -54.01
CA ALA S 147 -43.68 0.04 -55.03
C ALA S 147 -42.20 0.06 -54.61
N ARG S 148 -41.69 1.18 -54.11
CA ARG S 148 -40.27 1.28 -53.70
C ARG S 148 -40.09 0.83 -52.25
N ALA S 149 -41.11 0.91 -51.39
CA ALA S 149 -40.97 0.75 -49.92
C ALA S 149 -41.32 -0.66 -49.44
N GLY S 150 -42.30 -1.32 -50.08
CA GLY S 150 -42.82 -2.63 -49.59
C GLY S 150 -43.35 -2.54 -48.16
N ALA S 151 -43.00 -3.49 -47.31
CA ALA S 151 -43.46 -3.56 -45.90
C ALA S 151 -42.83 -2.41 -45.09
N LYS S 152 -41.83 -1.72 -45.64
CA LYS S 152 -41.02 -0.69 -44.95
C LYS S 152 -41.60 0.72 -45.16
N LEU S 153 -42.75 0.86 -45.86
CA LEU S 153 -43.41 2.15 -46.12
C LEU S 153 -43.64 2.90 -44.80
N ARG S 154 -43.30 4.20 -44.77
CA ARG S 154 -43.66 5.09 -43.64
C ARG S 154 -44.44 6.30 -44.18
N LYS S 155 -45.43 6.72 -43.42
CA LYS S 155 -46.19 7.98 -43.63
C LYS S 155 -45.90 8.90 -42.43
N MET S 156 -45.65 10.19 -42.66
CA MET S 156 -45.24 11.13 -41.57
C MET S 156 -46.49 11.76 -40.94
N GLY S 157 -47.54 12.02 -41.74
CA GLY S 157 -48.81 12.61 -41.27
C GLY S 157 -48.72 14.11 -40.93
N SER S 158 -47.80 14.86 -41.55
CA SER S 158 -47.71 16.34 -41.43
C SER S 158 -48.97 16.96 -42.02
N PRO S 159 -49.39 18.18 -41.59
CA PRO S 159 -50.52 18.87 -42.21
C PRO S 159 -50.26 19.15 -43.71
N VAL S 160 -51.20 18.79 -44.57
CA VAL S 160 -50.98 18.76 -46.05
C VAL S 160 -51.19 20.18 -46.59
N VAL S 161 -50.23 20.65 -47.41
CA VAL S 161 -50.40 21.83 -48.31
C VAL S 161 -50.27 21.33 -49.75
N GLU S 162 -50.97 21.99 -50.66
CA GLU S 162 -51.09 21.60 -52.10
C GLU S 162 -49.69 21.47 -52.69
N ASP S 163 -48.76 22.38 -52.40
CA ASP S 163 -47.38 22.32 -52.98
C ASP S 163 -46.54 21.24 -52.28
N ARG S 164 -47.00 20.66 -51.16
CA ARG S 164 -46.24 19.66 -50.36
C ARG S 164 -44.79 20.11 -50.08
N CYS S 165 -44.59 21.36 -49.66
CA CYS S 165 -43.29 21.93 -49.19
C CYS S 165 -42.27 21.90 -50.32
N SER S 166 -42.63 22.38 -51.50
CA SER S 166 -41.80 22.34 -52.72
C SER S 166 -40.55 23.20 -52.51
N SER S 167 -40.61 24.29 -51.75
CA SER S 167 -39.42 25.11 -51.45
C SER S 167 -38.39 24.32 -50.60
N LEU S 168 -38.87 23.61 -49.56
CA LEU S 168 -38.00 22.73 -48.74
C LEU S 168 -37.53 21.55 -49.59
N VAL S 169 -38.36 21.04 -50.51
CA VAL S 169 -37.92 19.94 -51.42
C VAL S 169 -36.76 20.46 -52.27
N ALA S 170 -36.88 21.67 -52.83
CA ALA S 170 -35.84 22.26 -53.71
C ALA S 170 -34.59 22.58 -52.88
N GLU S 171 -34.75 23.08 -51.66
CA GLU S 171 -33.58 23.39 -50.81
C GLU S 171 -32.85 22.08 -50.48
N ALA S 172 -33.54 21.08 -49.93
CA ALA S 172 -32.99 19.74 -49.65
C ALA S 172 -32.25 19.22 -50.90
N SER S 173 -32.90 19.25 -52.04
CA SER S 173 -32.34 18.76 -53.33
C SER S 173 -31.01 19.45 -53.65
N SER S 174 -30.92 20.76 -53.40
CA SER S 174 -29.70 21.55 -53.70
C SER S 174 -28.53 21.10 -52.80
N TYR S 175 -28.79 20.67 -51.56
CA TYR S 175 -27.75 20.08 -50.67
C TYR S 175 -27.22 18.79 -51.31
N PHE S 176 -28.07 17.86 -51.72
CA PHE S 176 -27.64 16.62 -52.41
C PHE S 176 -26.91 17.02 -53.71
N ASP S 177 -27.36 18.08 -54.40
CA ASP S 177 -26.72 18.55 -55.66
C ASP S 177 -25.28 19.02 -55.37
N ARG S 178 -25.06 19.57 -54.18
CA ARG S 178 -23.75 20.13 -53.76
C ARG S 178 -22.76 18.99 -53.49
N VAL S 179 -23.19 17.91 -52.82
CA VAL S 179 -22.38 16.66 -52.71
C VAL S 179 -22.00 16.23 -54.15
N ILE S 180 -22.99 16.14 -55.04
CA ILE S 180 -22.84 15.58 -56.41
C ILE S 180 -21.90 16.49 -57.22
N ALA S 181 -22.06 17.81 -57.11
CA ALA S 181 -21.13 18.82 -57.69
C ALA S 181 -19.71 18.59 -57.15
N ALA S 182 -19.54 18.46 -55.84
CA ALA S 182 -18.22 18.23 -55.20
C ALA S 182 -17.58 16.91 -55.68
N LEU S 183 -18.37 15.87 -56.00
CA LEU S 183 -17.83 14.52 -56.35
C LEU S 183 -17.75 14.33 -57.88
N SER S 184 -18.25 15.29 -58.64
CA SER S 184 -17.99 15.47 -60.10
C SER S 184 -16.74 16.37 -60.25
N MET T 1 -11.76 37.40 21.88
CA MET T 1 -10.60 36.73 21.25
C MET T 1 -10.94 35.24 21.05
N LEU T 2 -10.29 34.62 20.08
CA LEU T 2 -10.36 33.16 19.82
C LEU T 2 -9.06 32.48 20.24
N ASP T 3 -9.12 31.17 20.47
CA ASP T 3 -7.97 30.26 20.59
C ASP T 3 -8.04 29.25 19.43
N ALA T 4 -7.08 28.32 19.30
CA ALA T 4 -7.09 27.31 18.21
C ALA T 4 -8.45 26.57 18.18
N PHE T 5 -9.06 26.24 19.31
CA PHE T 5 -10.32 25.45 19.33
C PHE T 5 -11.51 26.31 18.90
N SER T 6 -11.70 27.51 19.47
CA SER T 6 -12.85 28.39 19.10
C SER T 6 -12.70 28.81 17.63
N ARG T 7 -11.49 28.75 17.09
CA ARG T 7 -11.26 29.04 15.64
C ARG T 7 -11.94 27.93 14.84
N ALA T 8 -11.70 26.64 15.19
CA ALA T 8 -12.36 25.47 14.54
C ALA T 8 -13.88 25.60 14.63
N VAL T 9 -14.37 26.11 15.76
CA VAL T 9 -15.83 26.24 16.00
C VAL T 9 -16.42 27.33 15.10
N VAL T 10 -15.72 28.45 14.91
CA VAL T 10 -16.22 29.56 14.03
C VAL T 10 -16.34 28.99 12.60
N GLN T 11 -15.35 28.17 12.19
CA GLN T 11 -15.33 27.49 10.87
C GLN T 11 -16.57 26.61 10.70
N ALA T 12 -16.87 25.74 11.67
CA ALA T 12 -17.98 24.78 11.58
C ALA T 12 -19.31 25.53 11.65
N ASP T 13 -19.37 26.61 12.42
CA ASP T 13 -20.58 27.47 12.51
C ASP T 13 -20.90 28.11 11.16
N ALA T 14 -19.89 28.44 10.33
CA ALA T 14 -20.05 29.12 9.02
C ALA T 14 -20.94 28.26 8.12
N SER T 15 -20.93 26.94 8.31
CA SER T 15 -21.78 25.98 7.54
C SER T 15 -22.88 25.36 8.42
N THR T 16 -23.13 25.95 9.60
CA THR T 16 -24.02 25.46 10.69
C THR T 16 -23.85 23.94 10.85
N SER T 17 -22.63 23.45 10.95
CA SER T 17 -22.39 22.00 11.10
C SER T 17 -21.65 21.76 12.41
N VAL T 18 -21.66 20.51 12.86
CA VAL T 18 -20.86 20.02 14.00
C VAL T 18 -19.38 20.12 13.61
N VAL T 19 -18.49 20.28 14.59
CA VAL T 19 -17.04 20.02 14.38
C VAL T 19 -16.91 18.51 14.16
N GLY T 20 -16.58 18.13 12.92
CA GLY T 20 -16.54 16.73 12.45
C GLY T 20 -15.20 16.08 12.74
N ASP T 21 -14.08 16.79 12.57
CA ASP T 21 -12.71 16.21 12.63
C ASP T 21 -11.96 16.80 13.83
N VAL T 22 -12.01 16.14 14.99
CA VAL T 22 -11.36 16.67 16.24
C VAL T 22 -9.87 16.27 16.24
N SER T 23 -9.44 15.46 15.24
CA SER T 23 -8.10 14.87 15.14
C SER T 23 -7.03 15.97 15.19
N ALA T 24 -7.16 17.03 14.37
CA ALA T 24 -6.22 18.17 14.38
C ALA T 24 -6.15 18.76 15.81
N LEU T 25 -7.25 18.64 16.58
CA LEU T 25 -7.36 19.26 17.93
C LEU T 25 -6.78 18.32 18.96
N LYS T 26 -7.00 17.01 18.84
CA LYS T 26 -6.32 15.99 19.68
C LYS T 26 -4.79 16.13 19.52
N GLN T 27 -4.33 16.50 18.34
CA GLN T 27 -2.90 16.69 17.99
C GLN T 27 -2.40 17.98 18.67
N PHE T 28 -3.23 19.03 18.68
CA PHE T 28 -3.02 20.27 19.46
C PHE T 28 -2.80 19.91 20.93
N ILE T 29 -3.68 19.09 21.50
CA ILE T 29 -3.61 18.67 22.93
C ILE T 29 -2.28 17.92 23.16
N ALA T 30 -1.89 17.01 22.27
CA ALA T 30 -0.66 16.19 22.40
C ALA T 30 0.59 17.09 22.46
N GLN T 31 0.60 18.14 21.65
CA GLN T 31 1.63 19.20 21.56
C GLN T 31 1.51 20.18 22.77
N GLY T 32 0.47 20.05 23.60
CA GLY T 32 0.11 20.99 24.68
C GLY T 32 1.30 21.33 25.57
N ASN T 33 1.93 20.32 26.16
CA ASN T 33 3.02 20.50 27.15
C ASN T 33 4.13 21.31 26.50
N ARG T 34 4.43 21.05 25.23
CA ARG T 34 5.59 21.72 24.63
C ARG T 34 5.16 23.15 24.27
N ARG T 35 3.87 23.40 24.03
CA ARG T 35 3.33 24.78 23.88
C ARG T 35 3.51 25.55 25.19
N LEU T 36 3.25 24.91 26.33
CA LEU T 36 3.43 25.58 27.64
C LEU T 36 4.94 25.86 27.85
N ASP T 37 5.83 24.96 27.39
CA ASP T 37 7.30 25.16 27.48
C ASP T 37 7.68 26.34 26.57
N ALA T 38 7.10 26.46 25.37
CA ALA T 38 7.51 27.54 24.46
C ALA T 38 7.14 28.87 25.13
N VAL T 39 5.92 28.98 25.68
CA VAL T 39 5.42 30.20 26.34
C VAL T 39 6.33 30.51 27.54
N ASN T 40 6.62 29.54 28.40
CA ASN T 40 7.54 29.72 29.55
C ASN T 40 8.92 30.19 29.06
N ALA T 41 9.42 29.68 27.94
CA ALA T 41 10.75 30.07 27.38
C ALA T 41 10.76 31.57 27.06
N ILE T 42 9.66 32.13 26.56
CA ILE T 42 9.66 33.56 26.18
C ILE T 42 9.45 34.41 27.43
N ALA T 43 8.37 34.15 28.17
CA ALA T 43 8.01 34.88 29.41
C ALA T 43 9.23 34.91 30.35
N SER T 44 9.88 33.79 30.56
CA SER T 44 10.96 33.67 31.57
C SER T 44 12.15 34.53 31.13
N ASN T 45 12.24 34.82 29.82
CA ASN T 45 13.44 35.50 29.22
C ASN T 45 13.07 36.88 28.68
N ALA T 46 11.85 37.37 28.93
CA ALA T 46 11.28 38.55 28.25
C ALA T 46 12.13 39.82 28.47
N SER T 47 12.54 40.11 29.71
CA SER T 47 13.30 41.32 30.09
C SER T 47 14.60 41.35 29.30
N CYS T 48 15.36 40.25 29.35
CA CYS T 48 16.62 40.09 28.58
C CYS T 48 16.37 40.26 27.06
N MET T 49 15.25 39.75 26.53
CA MET T 49 14.93 39.79 25.08
C MET T 49 14.67 41.25 24.66
N VAL T 50 13.78 41.91 25.36
CA VAL T 50 13.36 43.31 25.06
C VAL T 50 14.59 44.21 25.11
N SER T 51 15.39 44.17 26.18
CA SER T 51 16.50 45.15 26.30
C SER T 51 17.58 44.82 25.25
N ASP T 52 17.84 43.55 24.97
CA ASP T 52 18.83 43.14 23.91
C ASP T 52 18.29 43.51 22.52
N ALA T 53 16.98 43.38 22.26
CA ALA T 53 16.40 43.71 20.93
C ALA T 53 16.46 45.22 20.67
N ILE T 54 16.03 46.02 21.64
CA ILE T 54 16.07 47.51 21.53
C ILE T 54 17.53 47.95 21.48
N ALA T 55 18.40 47.36 22.27
CA ALA T 55 19.84 47.70 22.22
C ALA T 55 20.43 47.33 20.82
N GLY T 56 19.93 46.26 20.18
CA GLY T 56 20.42 45.82 18.85
C GLY T 56 19.97 46.78 17.76
N MET T 57 18.71 47.16 17.79
CA MET T 57 18.15 48.22 16.92
C MET T 57 19.00 49.49 17.04
N ILE T 58 19.35 49.91 18.25
CA ILE T 58 20.13 51.15 18.50
C ILE T 58 21.58 50.98 18.04
N CYS T 59 22.23 49.82 18.27
CA CYS T 59 23.66 49.64 17.96
C CYS T 59 23.86 49.49 16.45
N GLU T 60 22.77 49.32 15.68
CA GLU T 60 22.78 49.28 14.20
C GLU T 60 22.40 50.65 13.65
N ASN T 61 21.85 51.56 14.48
CA ASN T 61 21.39 52.89 14.01
C ASN T 61 21.49 53.92 15.15
N GLN T 62 22.68 54.49 15.33
CA GLN T 62 23.03 55.45 16.42
C GLN T 62 22.23 56.75 16.26
N GLY T 63 21.67 57.05 15.09
CA GLY T 63 20.77 58.18 14.83
C GLY T 63 19.60 58.19 15.83
N LEU T 64 19.13 57.00 16.21
CA LEU T 64 17.99 56.86 17.15
C LEU T 64 18.29 57.55 18.50
N ILE T 65 19.56 57.64 18.91
CA ILE T 65 19.95 58.12 20.28
C ILE T 65 20.76 59.42 20.20
N GLN T 66 20.59 60.20 19.14
CA GLN T 66 21.19 61.54 18.96
C GLN T 66 20.04 62.54 18.83
N ALA T 67 20.33 63.83 18.84
CA ALA T 67 19.32 64.91 18.75
C ALA T 67 18.43 64.63 17.53
N GLY T 68 17.11 64.72 17.72
CA GLY T 68 16.13 64.38 16.68
C GLY T 68 15.79 62.89 16.58
N GLY T 69 16.65 62.01 17.10
CA GLY T 69 16.41 60.54 17.11
C GLY T 69 15.20 60.15 17.95
N MEN T 70 14.53 59.05 17.57
CA MEN T 70 13.27 58.73 18.21
C MEN T 70 13.40 57.94 19.51
O MEN T 70 12.40 57.71 20.18
CB MEN T 70 12.28 58.11 17.21
CG MEN T 70 10.85 58.27 17.66
OD1 MEN T 70 10.13 57.32 18.01
ND2 MEN T 70 10.42 59.52 17.64
CE2 MEN T 70 9.08 59.88 18.10
N CYS T 71 14.62 57.52 19.88
CA CYS T 71 14.86 57.01 21.22
C CYS T 71 15.60 58.05 22.10
N TYR T 72 15.49 59.35 21.76
CA TYR T 72 16.09 60.51 22.49
C TYR T 72 14.97 61.47 22.83
N PRO T 73 14.86 62.00 24.06
CA PRO T 73 15.76 61.69 25.18
C PRO T 73 15.27 60.49 26.02
N ASN T 74 15.42 60.49 27.36
CA ASN T 74 15.12 59.33 28.25
C ASN T 74 13.64 58.93 28.06
N ARG T 75 12.70 59.90 28.04
CA ARG T 75 11.26 59.60 27.95
C ARG T 75 10.96 58.73 26.71
N ARG T 76 11.64 58.97 25.58
CA ARG T 76 11.47 58.24 24.29
C ARG T 76 12.10 56.86 24.40
N MET T 77 13.33 56.75 24.92
CA MET T 77 13.94 55.42 25.15
C MET T 77 13.02 54.57 26.03
N ALA T 78 12.38 55.16 27.05
CA ALA T 78 11.53 54.41 28.01
C ALA T 78 10.27 53.96 27.28
N ALA T 79 9.71 54.81 26.43
CA ALA T 79 8.48 54.53 25.64
C ALA T 79 8.71 53.36 24.69
N CYS T 80 9.90 53.33 24.09
CA CYS T 80 10.28 52.30 23.10
C CYS T 80 10.45 50.95 23.79
N LEU T 81 11.17 50.90 24.92
CA LEU T 81 11.33 49.69 25.77
C LEU T 81 9.93 49.18 26.14
N ARG T 82 9.06 50.06 26.60
CA ARG T 82 7.66 49.74 26.95
C ARG T 82 6.98 49.08 25.73
N ASP T 83 7.15 49.64 24.52
CA ASP T 83 6.56 49.10 23.26
C ASP T 83 7.08 47.71 22.92
N GLY T 84 8.39 47.49 22.96
CA GLY T 84 9.00 46.16 22.79
C GLY T 84 8.33 45.13 23.68
N GLU T 85 8.08 45.48 24.94
CA GLU T 85 7.50 44.60 25.98
C GLU T 85 6.03 44.34 25.64
N ILE T 86 5.29 45.36 25.22
CA ILE T 86 3.83 45.21 24.88
C ILE T 86 3.69 44.25 23.70
N ILE T 87 4.48 44.45 22.64
CA ILE T 87 4.41 43.62 21.41
C ILE T 87 4.79 42.18 21.80
N LEU T 88 5.86 41.98 22.59
CA LEU T 88 6.29 40.62 22.96
C LEU T 88 5.20 39.94 23.81
N ARG T 89 4.57 40.69 24.70
CA ARG T 89 3.47 40.17 25.56
C ARG T 89 2.34 39.64 24.67
N TYR T 90 1.92 40.42 23.68
CA TYR T 90 0.76 40.06 22.82
C TYR T 90 1.15 38.84 21.96
N VAL T 91 2.40 38.76 21.49
CA VAL T 91 2.93 37.59 20.74
C VAL T 91 2.86 36.37 21.69
N THR T 92 3.26 36.53 22.95
CA THR T 92 3.17 35.43 23.94
C THR T 92 1.69 35.04 24.14
N TYR T 93 0.75 35.97 24.18
CA TYR T 93 -0.69 35.60 24.31
C TYR T 93 -1.10 34.74 23.08
N ALA T 94 -0.69 35.15 21.89
CA ALA T 94 -1.04 34.47 20.63
C ALA T 94 -0.50 33.04 20.66
N LEU T 95 0.74 32.85 21.15
CA LEU T 95 1.38 31.53 21.21
C LEU T 95 0.65 30.68 22.27
N LEU T 96 0.23 31.26 23.39
CA LEU T 96 -0.52 30.48 24.42
C LEU T 96 -1.88 30.04 23.83
N ALA T 97 -2.56 30.88 23.05
CA ALA T 97 -3.93 30.58 22.57
C ALA T 97 -3.89 29.72 21.30
N GLY T 98 -2.77 29.73 20.59
CA GLY T 98 -2.60 29.06 19.28
C GLY T 98 -3.40 29.78 18.21
N ASP T 99 -3.63 31.09 18.37
CA ASP T 99 -4.36 31.93 17.39
C ASP T 99 -3.89 33.38 17.52
N ALA T 100 -3.79 34.09 16.38
CA ALA T 100 -3.30 35.48 16.22
C ALA T 100 -4.35 36.51 16.67
N SER T 101 -5.60 36.08 16.84
CA SER T 101 -6.77 36.95 17.14
C SER T 101 -6.44 38.01 18.23
N VAL T 102 -5.90 37.64 19.38
CA VAL T 102 -5.66 38.62 20.50
C VAL T 102 -4.60 39.65 20.05
N LEU T 103 -3.62 39.24 19.26
CA LEU T 103 -2.51 40.10 18.79
C LEU T 103 -3.06 41.11 17.77
N ASP T 104 -3.87 40.61 16.83
CA ASP T 104 -4.57 41.45 15.84
C ASP T 104 -5.46 42.47 16.56
N ASP T 105 -6.38 42.02 17.40
CA ASP T 105 -7.46 42.86 17.99
C ASP T 105 -6.94 43.82 19.06
N ARG T 106 -5.98 43.40 19.89
CA ARG T 106 -5.58 44.25 21.05
C ARG T 106 -4.29 45.02 20.79
N CYS T 107 -3.50 44.66 19.78
CA CYS T 107 -2.13 45.20 19.63
C CYS T 107 -1.95 45.88 18.28
N LEU T 108 -2.10 45.12 17.20
CA LEU T 108 -1.69 45.56 15.84
C LEU T 108 -2.72 46.46 15.18
N ASN T 109 -4.03 46.27 15.42
CA ASN T 109 -5.07 46.99 14.65
C ASN T 109 -4.87 48.48 14.94
N GLY T 110 -4.44 49.26 13.95
CA GLY T 110 -4.26 50.71 14.10
C GLY T 110 -2.86 51.08 14.57
N LEU T 111 -1.97 50.09 14.81
CA LEU T 111 -0.67 50.40 15.42
C LEU T 111 0.15 51.22 14.42
N LYS T 112 0.05 50.93 13.12
CA LYS T 112 0.90 51.60 12.09
C LYS T 112 0.53 53.10 12.01
N GLU T 113 -0.77 53.40 11.97
CA GLU T 113 -1.38 54.75 11.89
C GLU T 113 -1.01 55.54 13.16
N THR T 114 -1.06 54.89 14.33
CA THR T 114 -0.60 55.46 15.61
C THR T 114 0.85 55.92 15.49
N TYR T 115 1.74 55.01 15.06
CA TYR T 115 3.19 55.27 14.88
C TYR T 115 3.41 56.37 13.83
N ALA T 116 2.57 56.43 12.79
CA ALA T 116 2.60 57.50 11.75
C ALA T 116 2.40 58.86 12.43
N ALA T 117 1.33 58.96 13.21
CA ALA T 117 0.88 60.19 13.90
C ALA T 117 1.95 60.67 14.89
N LEU T 118 2.67 59.75 15.55
CA LEU T 118 3.63 60.07 16.64
C LEU T 118 5.01 60.38 16.08
N GLY T 119 5.30 59.98 14.85
CA GLY T 119 6.65 60.11 14.27
C GLY T 119 7.57 58.97 14.70
N VAL T 120 7.01 57.80 15.09
CA VAL T 120 7.82 56.64 15.53
C VAL T 120 8.27 55.90 14.27
N PRO T 121 9.58 55.71 14.04
CA PRO T 121 10.03 55.05 12.83
C PRO T 121 9.70 53.54 12.85
N THR T 122 8.93 53.11 11.85
CA THR T 122 8.39 51.73 11.70
C THR T 122 9.52 50.82 11.23
N THR T 123 10.46 51.32 10.43
CA THR T 123 11.62 50.52 9.94
C THR T 123 12.52 50.14 11.13
N SER T 124 12.73 51.05 12.08
CA SER T 124 13.56 50.77 13.28
C SER T 124 12.80 49.76 14.18
N THR T 125 11.49 49.95 14.36
CA THR T 125 10.60 49.04 15.11
C THR T 125 10.67 47.63 14.49
N VAL T 126 10.58 47.51 13.17
CA VAL T 126 10.61 46.20 12.47
C VAL T 126 11.91 45.49 12.84
N ARG T 127 13.03 46.21 12.88
CA ARG T 127 14.37 45.60 13.21
C ARG T 127 14.35 45.07 14.64
N ALA T 128 13.81 45.79 15.63
CA ALA T 128 13.71 45.26 17.02
C ALA T 128 12.83 44.00 17.04
N VAL T 129 11.72 43.99 16.30
CA VAL T 129 10.79 42.81 16.26
C VAL T 129 11.51 41.60 15.62
N GLN T 130 12.28 41.81 14.56
CA GLN T 130 13.10 40.78 13.87
C GLN T 130 14.05 40.18 14.91
N ILE T 131 14.65 41.00 15.78
CA ILE T 131 15.66 40.45 16.73
C ILE T 131 14.87 39.61 17.74
N MET T 132 13.76 40.13 18.26
CA MET T 132 12.92 39.35 19.21
C MET T 132 12.53 38.02 18.56
N LYS T 133 12.22 38.02 17.25
CA LYS T 133 11.87 36.79 16.51
C LYS T 133 13.02 35.79 16.56
N ALA T 134 14.25 36.24 16.31
CA ALA T 134 15.41 35.32 16.36
C ALA T 134 15.58 34.82 17.79
N GLN T 135 15.45 35.73 18.75
CA GLN T 135 15.59 35.41 20.20
C GLN T 135 14.56 34.33 20.61
N ALA T 136 13.30 34.49 20.23
CA ALA T 136 12.21 33.59 20.66
C ALA T 136 12.46 32.20 20.08
N ALA T 137 12.90 32.15 18.81
CA ALA T 137 13.31 30.92 18.09
C ALA T 137 14.38 30.18 18.89
N ALA T 138 15.48 30.83 19.28
CA ALA T 138 16.56 30.18 20.05
C ALA T 138 16.01 29.68 21.41
N HIS T 139 15.21 30.47 22.12
CA HIS T 139 14.69 30.10 23.48
C HIS T 139 13.70 28.94 23.36
N ILE T 140 12.83 28.93 22.33
CA ILE T 140 11.90 27.78 22.09
C ILE T 140 12.71 26.51 21.79
N LYS T 141 13.73 26.57 20.94
CA LYS T 141 14.63 25.41 20.63
C LYS T 141 15.57 25.15 21.82
N ASP T 142 15.68 26.11 22.75
CA ASP T 142 16.58 26.04 23.93
C ASP T 142 18.02 25.87 23.42
N THR T 143 18.34 26.55 22.32
CA THR T 143 19.70 26.63 21.74
C THR T 143 20.16 28.08 21.68
N PRO T 144 19.99 28.91 22.74
CA PRO T 144 20.57 30.26 22.74
C PRO T 144 22.09 30.15 22.78
N SER T 145 22.85 31.01 22.10
CA SER T 145 24.33 30.99 22.11
C SER T 145 24.88 31.79 23.28
N GLU T 146 26.00 31.34 23.85
CA GLU T 146 26.75 32.11 24.87
C GLU T 146 27.29 33.39 24.23
N ALA T 147 27.49 33.41 22.91
CA ALA T 147 27.97 34.57 22.15
C ALA T 147 26.96 35.73 22.27
N ARG T 148 25.66 35.48 22.11
CA ARG T 148 24.68 36.60 22.19
C ARG T 148 24.31 36.88 23.66
N ALA T 149 24.51 35.91 24.58
CA ALA T 149 23.91 35.96 25.94
C ALA T 149 24.93 36.36 26.99
N GLY T 150 26.15 35.83 26.90
CA GLY T 150 27.20 36.01 27.93
C GLY T 150 26.76 35.47 29.28
N ALA T 151 26.96 36.26 30.32
CA ALA T 151 26.63 35.91 31.71
C ALA T 151 25.12 35.70 31.87
N LYS T 152 24.28 36.16 30.93
CA LYS T 152 22.79 36.12 31.03
C LYS T 152 22.20 34.91 30.28
N LEU T 153 23.04 33.98 29.80
CA LEU T 153 22.61 32.72 29.15
C LEU T 153 21.57 32.00 30.03
N ARG T 154 20.46 31.54 29.47
CA ARG T 154 19.54 30.64 30.23
C ARG T 154 19.29 29.35 29.43
N LYS T 155 19.33 28.22 30.13
CA LYS T 155 18.85 26.90 29.65
C LYS T 155 17.56 26.57 30.43
N MET T 156 16.59 25.93 29.76
CA MET T 156 15.22 25.63 30.27
C MET T 156 15.15 24.15 30.70
N GLY T 157 15.95 23.26 30.12
CA GLY T 157 15.99 21.84 30.52
C GLY T 157 14.72 21.06 30.20
N SER T 158 14.05 21.35 29.08
CA SER T 158 12.86 20.60 28.58
C SER T 158 13.35 19.33 27.92
N PRO T 159 12.50 18.28 27.82
CA PRO T 159 12.91 17.02 27.19
C PRO T 159 13.20 17.26 25.71
N VAL T 160 14.38 16.89 25.24
CA VAL T 160 14.83 17.32 23.88
C VAL T 160 14.27 16.32 22.86
N VAL T 161 13.67 16.83 21.76
CA VAL T 161 13.35 16.05 20.54
C VAL T 161 14.16 16.59 19.35
N GLU T 162 14.31 15.77 18.30
CA GLU T 162 15.24 16.01 17.16
C GLU T 162 14.88 17.34 16.49
N ASP T 163 13.59 17.61 16.23
CA ASP T 163 13.09 18.84 15.55
C ASP T 163 13.12 20.08 16.48
N ARG T 164 13.36 19.93 17.78
CA ARG T 164 13.40 21.03 18.78
C ARG T 164 12.16 21.93 18.60
N CYS T 165 10.98 21.32 18.49
CA CYS T 165 9.68 22.01 18.41
C CYS T 165 9.61 22.91 17.18
N SER T 166 10.14 22.45 16.04
CA SER T 166 10.23 23.24 14.78
C SER T 166 8.84 23.80 14.45
N SER T 167 7.77 23.08 14.75
CA SER T 167 6.38 23.53 14.46
C SER T 167 6.04 24.79 15.29
N LEU T 168 6.37 24.79 16.57
CA LEU T 168 6.11 25.96 17.46
C LEU T 168 7.06 27.12 17.12
N VAL T 169 8.31 26.84 16.72
CA VAL T 169 9.26 27.86 16.23
C VAL T 169 8.63 28.55 15.01
N ALA T 170 8.10 27.80 14.07
CA ALA T 170 7.48 28.36 12.86
C ALA T 170 6.22 29.15 13.25
N GLU T 171 5.41 28.63 14.16
CA GLU T 171 4.18 29.34 14.60
C GLU T 171 4.56 30.68 15.26
N ALA T 172 5.47 30.67 16.21
CA ALA T 172 5.91 31.87 16.96
C ALA T 172 6.50 32.86 15.97
N SER T 173 7.28 32.35 15.01
CA SER T 173 7.93 33.18 13.97
C SER T 173 6.85 33.87 13.14
N SER T 174 5.75 33.15 12.86
CA SER T 174 4.63 33.67 12.05
C SER T 174 3.96 34.84 12.78
N TYR T 175 3.88 34.80 14.12
CA TYR T 175 3.28 35.91 14.91
C TYR T 175 4.18 37.16 14.81
N PHE T 176 5.50 36.99 14.92
CA PHE T 176 6.48 38.10 14.77
C PHE T 176 6.35 38.66 13.34
N ASP T 177 6.17 37.78 12.36
CA ASP T 177 6.05 38.17 10.93
C ASP T 177 4.77 38.99 10.75
N ARG T 178 3.72 38.64 11.48
CA ARG T 178 2.45 39.39 11.44
C ARG T 178 2.63 40.79 12.01
N VAL T 179 3.32 40.94 13.14
CA VAL T 179 3.72 42.29 13.67
C VAL T 179 4.48 43.08 12.58
N ILE T 180 5.50 42.49 11.97
CA ILE T 180 6.33 43.18 10.95
C ILE T 180 5.45 43.60 9.77
N ALA T 181 4.61 42.69 9.25
CA ALA T 181 3.63 42.97 8.17
C ALA T 181 2.76 44.19 8.51
N ALA T 182 2.18 44.24 9.72
CA ALA T 182 1.33 45.36 10.20
C ALA T 182 2.11 46.69 10.22
N LEU T 183 3.43 46.68 10.42
CA LEU T 183 4.26 47.92 10.51
C LEU T 183 4.93 48.24 9.16
N SER T 184 5.03 47.28 8.25
CA SER T 184 5.81 47.40 6.99
C SER T 184 4.92 48.04 5.92
N MET U 1 -8.53 38.05 47.21
CA MET U 1 -9.18 36.95 47.93
C MET U 1 -8.15 35.85 48.17
N LEU U 2 -8.46 34.95 49.11
CA LEU U 2 -7.61 33.79 49.45
C LEU U 2 -8.31 32.50 49.00
N ASP U 3 -7.52 31.44 48.86
CA ASP U 3 -7.97 30.04 48.67
C ASP U 3 -7.39 29.24 49.84
N ALA U 4 -7.69 27.94 49.93
CA ALA U 4 -7.18 27.01 50.97
C ALA U 4 -5.64 27.07 51.04
N PHE U 5 -4.94 27.22 49.92
CA PHE U 5 -3.46 27.19 49.86
C PHE U 5 -2.92 28.54 50.31
N SER U 6 -3.36 29.66 49.72
CA SER U 6 -2.87 31.00 50.15
C SER U 6 -3.27 31.28 51.62
N ARG U 7 -4.34 30.67 52.12
CA ARG U 7 -4.73 30.76 53.55
C ARG U 7 -3.61 30.16 54.40
N ALA U 8 -3.09 29.00 54.01
CA ALA U 8 -1.96 28.33 54.69
C ALA U 8 -0.69 29.22 54.63
N VAL U 9 -0.50 29.90 53.51
CA VAL U 9 0.62 30.84 53.28
C VAL U 9 0.50 32.04 54.22
N VAL U 10 -0.70 32.60 54.43
CA VAL U 10 -0.89 33.77 55.33
C VAL U 10 -0.49 33.38 56.76
N GLN U 11 -0.80 32.14 57.14
CA GLN U 11 -0.52 31.59 58.50
C GLN U 11 1.00 31.44 58.65
N ALA U 12 1.65 30.85 57.67
CA ALA U 12 3.10 30.62 57.68
C ALA U 12 3.83 31.97 57.68
N ASP U 13 3.36 32.94 56.89
CA ASP U 13 3.99 34.28 56.83
C ASP U 13 3.90 34.96 58.22
N ALA U 14 2.80 34.78 58.95
CA ALA U 14 2.55 35.36 60.28
C ALA U 14 3.76 35.13 61.22
N SER U 15 4.53 34.07 60.98
CA SER U 15 5.73 33.63 61.75
C SER U 15 6.97 33.59 60.85
N THR U 16 6.97 34.38 59.76
CA THR U 16 7.96 34.40 58.64
C THR U 16 8.60 33.01 58.47
N SER U 17 7.76 31.98 58.36
CA SER U 17 8.21 30.58 58.24
C SER U 17 7.84 30.02 56.87
N VAL U 18 8.65 29.10 56.36
CA VAL U 18 8.27 28.25 55.18
C VAL U 18 7.01 27.48 55.55
N VAL U 19 6.17 27.18 54.57
CA VAL U 19 5.06 26.21 54.81
C VAL U 19 5.72 24.85 55.04
N GLY U 20 5.74 24.38 56.28
CA GLY U 20 6.65 23.30 56.69
C GLY U 20 6.05 21.93 56.46
N ASP U 21 4.75 21.78 56.69
CA ASP U 21 4.01 20.53 56.45
C ASP U 21 2.97 20.82 55.37
N VAL U 22 3.01 20.05 54.28
CA VAL U 22 2.17 20.23 53.07
C VAL U 22 1.27 19.01 52.92
N SER U 23 1.09 18.22 53.99
CA SER U 23 0.35 16.94 53.93
C SER U 23 -1.16 17.24 53.78
N ALA U 24 -1.70 18.14 54.61
CA ALA U 24 -3.12 18.59 54.51
C ALA U 24 -3.38 19.12 53.08
N LEU U 25 -2.41 19.86 52.51
CA LEU U 25 -2.47 20.40 51.13
C LEU U 25 -2.49 19.25 50.11
N LYS U 26 -1.62 18.25 50.25
CA LYS U 26 -1.68 17.02 49.42
C LYS U 26 -3.08 16.39 49.51
N GLN U 27 -3.72 16.40 50.68
CA GLN U 27 -5.06 15.79 50.89
C GLN U 27 -6.11 16.64 50.18
N PHE U 28 -6.07 17.96 50.36
CA PHE U 28 -6.88 18.92 49.56
C PHE U 28 -6.73 18.54 48.08
N ILE U 29 -5.51 18.32 47.60
CA ILE U 29 -5.30 17.97 46.16
C ILE U 29 -6.00 16.63 45.89
N ALA U 30 -5.82 15.63 46.76
CA ALA U 30 -6.42 14.30 46.55
C ALA U 30 -7.95 14.39 46.51
N GLN U 31 -8.53 15.31 47.29
CA GLN U 31 -9.99 15.57 47.40
C GLN U 31 -10.46 16.44 46.20
N GLY U 32 -9.53 16.94 45.38
CA GLY U 32 -9.81 17.98 44.37
C GLY U 32 -10.90 17.56 43.40
N ASN U 33 -10.89 16.33 42.87
CA ASN U 33 -11.93 15.91 41.89
C ASN U 33 -13.31 15.96 42.57
N ARG U 34 -13.46 15.46 43.80
CA ARG U 34 -14.80 15.53 44.47
C ARG U 34 -15.21 16.99 44.73
N ARG U 35 -14.27 17.90 44.94
CA ARG U 35 -14.61 19.31 45.18
C ARG U 35 -15.22 19.88 43.91
N LEU U 36 -14.65 19.55 42.75
CA LEU U 36 -15.14 20.00 41.41
C LEU U 36 -16.55 19.44 41.18
N ASP U 37 -16.80 18.19 41.59
CA ASP U 37 -18.15 17.55 41.54
C ASP U 37 -19.12 18.31 42.46
N ALA U 38 -18.73 18.62 43.68
CA ALA U 38 -19.56 19.40 44.62
C ALA U 38 -19.98 20.73 43.97
N VAL U 39 -19.02 21.49 43.47
CA VAL U 39 -19.30 22.80 42.82
C VAL U 39 -20.21 22.59 41.60
N ASN U 40 -19.90 21.63 40.72
CA ASN U 40 -20.78 21.23 39.58
C ASN U 40 -22.18 20.91 40.11
N ALA U 41 -22.32 20.24 41.25
CA ALA U 41 -23.64 19.74 41.73
C ALA U 41 -24.50 20.96 42.11
N ILE U 42 -23.88 22.00 42.68
CA ILE U 42 -24.62 23.23 43.05
C ILE U 42 -24.90 24.08 41.79
N ALA U 43 -23.88 24.46 41.03
CA ALA U 43 -24.04 25.38 39.87
C ALA U 43 -25.06 24.77 38.88
N SER U 44 -25.02 23.46 38.68
CA SER U 44 -25.86 22.75 37.67
C SER U 44 -27.34 22.81 38.12
N ASN U 45 -27.59 22.98 39.43
CA ASN U 45 -28.97 22.96 40.00
C ASN U 45 -29.33 24.32 40.58
N ALA U 46 -28.58 25.37 40.28
CA ALA U 46 -28.71 26.68 40.98
C ALA U 46 -30.11 27.29 40.74
N SER U 47 -30.67 27.30 39.52
CA SER U 47 -32.01 27.92 39.29
C SER U 47 -33.08 27.17 40.09
N CYS U 48 -33.08 25.84 40.02
CA CYS U 48 -34.07 25.01 40.74
C CYS U 48 -33.95 25.20 42.26
N MET U 49 -32.73 25.38 42.77
CA MET U 49 -32.43 25.58 44.22
C MET U 49 -32.93 26.96 44.66
N VAL U 50 -32.61 28.00 43.89
CA VAL U 50 -33.04 29.37 44.27
C VAL U 50 -34.58 29.44 44.23
N SER U 51 -35.23 29.02 43.16
CA SER U 51 -36.70 29.20 43.02
C SER U 51 -37.39 28.38 44.12
N ASP U 52 -36.89 27.19 44.43
CA ASP U 52 -37.44 26.29 45.46
C ASP U 52 -37.23 26.89 46.88
N ALA U 53 -36.06 27.48 47.18
CA ALA U 53 -35.76 28.08 48.51
C ALA U 53 -36.65 29.29 48.74
N ILE U 54 -36.84 30.13 47.70
CA ILE U 54 -37.63 31.38 47.88
C ILE U 54 -39.12 31.03 48.01
N ALA U 55 -39.61 30.10 47.19
CA ALA U 55 -41.00 29.59 47.26
C ALA U 55 -41.22 28.91 48.63
N GLY U 56 -40.21 28.21 49.16
CA GLY U 56 -40.30 27.55 50.49
C GLY U 56 -40.40 28.58 51.61
N MET U 57 -39.54 29.59 51.57
CA MET U 57 -39.60 30.74 52.51
C MET U 57 -41.01 31.35 52.50
N ILE U 58 -41.57 31.53 51.30
CA ILE U 58 -42.93 32.10 51.08
C ILE U 58 -44.05 31.15 51.50
N CYS U 59 -44.06 29.88 51.10
CA CYS U 59 -45.17 28.95 51.47
C CYS U 59 -45.22 28.76 53.01
N GLU U 60 -44.11 28.97 53.73
CA GLU U 60 -44.08 29.00 55.21
C GLU U 60 -44.48 30.38 55.75
N ASN U 61 -44.49 31.43 54.93
CA ASN U 61 -44.83 32.79 55.41
C ASN U 61 -45.60 33.59 54.34
N GLN U 62 -46.90 33.33 54.22
CA GLN U 62 -47.81 34.03 53.26
C GLN U 62 -47.74 35.55 53.47
N GLY U 63 -47.36 36.04 54.66
CA GLY U 63 -47.18 37.48 54.93
C GLY U 63 -46.26 38.17 53.92
N LEU U 64 -45.27 37.46 53.38
CA LEU U 64 -44.25 38.09 52.49
C LEU U 64 -44.89 38.51 51.17
N ILE U 65 -46.01 37.87 50.78
CA ILE U 65 -46.62 38.07 49.44
C ILE U 65 -48.00 38.72 49.58
N GLN U 66 -48.26 39.40 50.68
CA GLN U 66 -49.47 40.26 50.82
C GLN U 66 -49.01 41.71 50.93
N ALA U 67 -49.91 42.67 50.80
CA ALA U 67 -49.64 44.12 50.90
C ALA U 67 -48.83 44.40 52.18
N GLY U 68 -47.82 45.25 52.08
CA GLY U 68 -46.83 45.49 53.14
C GLY U 68 -45.72 44.47 53.16
N GLY U 69 -45.92 43.26 52.58
CA GLY U 69 -44.94 42.16 52.56
C GLY U 69 -43.71 42.46 51.69
N MEN U 70 -42.54 41.97 52.12
CA MEN U 70 -41.30 42.28 51.44
C MEN U 70 -41.02 41.59 50.10
O MEN U 70 -40.05 41.98 49.43
CB MEN U 70 -40.10 42.07 52.40
CG MEN U 70 -39.05 43.12 52.10
OD1 MEN U 70 -37.90 42.88 51.77
ND2 MEN U 70 -39.46 44.38 52.13
CE2 MEN U 70 -38.56 45.45 51.73
N CYS U 71 -41.84 40.60 49.70
CA CYS U 71 -41.76 40.00 48.37
C CYS U 71 -42.97 40.46 47.53
N TYR U 72 -43.58 41.58 47.92
CA TYR U 72 -44.73 42.21 47.23
C TYR U 72 -44.36 43.65 46.94
N PRO U 73 -44.57 44.18 45.70
CA PRO U 73 -45.14 43.42 44.58
C PRO U 73 -44.09 42.69 43.71
N ASN U 74 -44.37 42.49 42.41
CA ASN U 74 -43.47 41.76 41.47
C ASN U 74 -42.02 42.26 41.61
N ARG U 75 -41.79 43.59 41.60
CA ARG U 75 -40.43 44.18 41.70
C ARG U 75 -39.67 43.58 42.90
N ARG U 76 -40.34 43.39 44.03
CA ARG U 76 -39.67 42.94 45.29
C ARG U 76 -39.36 41.45 45.22
N MET U 77 -40.30 40.66 44.71
CA MET U 77 -40.10 39.20 44.52
C MET U 77 -38.87 39.02 43.62
N ALA U 78 -38.75 39.80 42.53
CA ALA U 78 -37.62 39.70 41.58
C ALA U 78 -36.31 40.04 42.31
N ALA U 79 -36.32 41.08 43.13
CA ALA U 79 -35.13 41.49 43.93
C ALA U 79 -34.70 40.33 44.86
N CYS U 80 -35.65 39.66 45.50
CA CYS U 80 -35.35 38.59 46.48
C CYS U 80 -34.75 37.36 45.77
N LEU U 81 -35.32 36.96 44.64
CA LEU U 81 -34.78 35.88 43.77
C LEU U 81 -33.35 36.21 43.36
N ARG U 82 -33.08 37.48 43.05
CA ARG U 82 -31.74 37.92 42.60
C ARG U 82 -30.79 37.74 43.78
N ASP U 83 -31.17 38.16 44.99
CA ASP U 83 -30.36 38.02 46.22
C ASP U 83 -30.10 36.54 46.53
N GLY U 84 -31.10 35.68 46.35
CA GLY U 84 -30.96 34.23 46.56
C GLY U 84 -29.83 33.67 45.72
N GLU U 85 -29.78 34.09 44.45
CA GLU U 85 -28.80 33.66 43.42
C GLU U 85 -27.40 34.24 43.74
N ILE U 86 -27.31 35.52 44.11
CA ILE U 86 -26.05 36.19 44.52
C ILE U 86 -25.41 35.43 45.71
N ILE U 87 -26.19 35.15 46.75
CA ILE U 87 -25.68 34.49 47.99
C ILE U 87 -25.21 33.06 47.65
N LEU U 88 -26.02 32.29 46.92
CA LEU U 88 -25.62 30.92 46.45
C LEU U 88 -24.35 31.04 45.60
N ARG U 89 -24.24 32.07 44.77
CA ARG U 89 -23.06 32.26 43.87
C ARG U 89 -21.80 32.41 44.73
N TYR U 90 -21.84 33.30 45.75
CA TYR U 90 -20.66 33.59 46.60
C TYR U 90 -20.30 32.35 47.44
N VAL U 91 -21.30 31.56 47.84
CA VAL U 91 -21.08 30.31 48.60
C VAL U 91 -20.37 29.30 47.69
N THR U 92 -20.81 29.15 46.45
CA THR U 92 -20.19 28.24 45.44
C THR U 92 -18.74 28.70 45.17
N TYR U 93 -18.48 30.01 45.13
CA TYR U 93 -17.10 30.53 44.99
C TYR U 93 -16.26 30.03 46.17
N ALA U 94 -16.77 30.14 47.40
CA ALA U 94 -16.09 29.71 48.64
C ALA U 94 -15.77 28.21 48.55
N LEU U 95 -16.73 27.41 48.09
CA LEU U 95 -16.53 25.95 47.97
C LEU U 95 -15.48 25.65 46.91
N LEU U 96 -15.39 26.44 45.84
CA LEU U 96 -14.37 26.19 44.77
C LEU U 96 -13.01 26.58 45.35
N ALA U 97 -12.90 27.69 46.07
CA ALA U 97 -11.62 28.18 46.63
C ALA U 97 -11.19 27.35 47.85
N GLY U 98 -12.14 26.72 48.55
CA GLY U 98 -11.90 26.08 49.86
C GLY U 98 -11.49 27.11 50.90
N ASP U 99 -12.09 28.31 50.84
CA ASP U 99 -11.92 29.39 51.84
C ASP U 99 -13.09 30.37 51.74
N ALA U 100 -13.52 30.90 52.89
CA ALA U 100 -14.69 31.79 53.09
C ALA U 100 -14.41 33.22 52.63
N SER U 101 -13.14 33.57 52.39
CA SER U 101 -12.68 34.98 52.25
C SER U 101 -13.49 35.70 51.16
N VAL U 102 -13.71 35.06 50.01
CA VAL U 102 -14.45 35.68 48.87
C VAL U 102 -15.88 35.97 49.34
N LEU U 103 -16.49 35.04 50.07
CA LEU U 103 -17.87 35.18 50.60
C LEU U 103 -17.89 36.32 51.64
N ASP U 104 -16.93 36.32 52.57
CA ASP U 104 -16.92 37.33 53.68
C ASP U 104 -16.74 38.72 53.06
N ASP U 105 -15.81 38.89 52.12
CA ASP U 105 -15.38 40.24 51.66
C ASP U 105 -16.27 40.78 50.54
N ARG U 106 -16.86 39.91 49.71
CA ARG U 106 -17.60 40.42 48.51
C ARG U 106 -19.10 40.38 48.76
N CYS U 107 -19.57 39.60 49.72
CA CYS U 107 -21.02 39.37 49.93
C CYS U 107 -21.49 39.76 51.34
N LEU U 108 -20.81 39.30 52.40
CA LEU U 108 -21.33 39.34 53.80
C LEU U 108 -20.94 40.66 54.46
N ASN U 109 -19.80 41.24 54.12
CA ASN U 109 -19.33 42.51 54.74
C ASN U 109 -20.33 43.63 54.46
N GLY U 110 -21.14 44.00 55.46
CA GLY U 110 -22.10 45.10 55.38
C GLY U 110 -23.50 44.69 54.93
N LEU U 111 -23.76 43.40 54.74
CA LEU U 111 -25.07 42.94 54.22
C LEU U 111 -26.18 43.17 55.25
N LYS U 112 -25.93 42.86 56.51
CA LYS U 112 -26.98 42.99 57.55
C LYS U 112 -27.42 44.47 57.62
N GLU U 113 -26.45 45.39 57.64
CA GLU U 113 -26.68 46.86 57.73
C GLU U 113 -27.44 47.31 56.48
N THR U 114 -27.07 46.78 55.31
CA THR U 114 -27.80 47.00 54.04
C THR U 114 -29.25 46.53 54.20
N TYR U 115 -29.49 45.33 54.71
CA TYR U 115 -30.87 44.78 54.84
C TYR U 115 -31.68 45.63 55.86
N ALA U 116 -31.02 46.07 56.93
CA ALA U 116 -31.59 46.91 57.99
C ALA U 116 -32.11 48.20 57.36
N ALA U 117 -31.24 48.94 56.65
CA ALA U 117 -31.55 50.17 55.90
C ALA U 117 -32.73 49.96 54.94
N LEU U 118 -32.83 48.80 54.28
CA LEU U 118 -33.88 48.57 53.25
C LEU U 118 -35.17 48.05 53.88
N GLY U 119 -35.12 47.48 55.09
CA GLY U 119 -36.29 46.82 55.70
C GLY U 119 -36.51 45.42 55.14
N VAL U 120 -35.45 44.76 54.65
CA VAL U 120 -35.48 43.33 54.25
C VAL U 120 -35.53 42.47 55.52
N PRO U 121 -36.58 41.66 55.74
CA PRO U 121 -36.61 40.80 56.92
C PRO U 121 -35.42 39.82 56.87
N THR U 122 -34.54 39.95 57.86
CA THR U 122 -33.42 39.02 58.21
C THR U 122 -33.92 37.58 58.40
N THR U 123 -34.95 37.37 59.22
CA THR U 123 -35.43 36.01 59.61
C THR U 123 -35.85 35.23 58.37
N SER U 124 -36.50 35.91 57.43
CA SER U 124 -37.00 35.32 56.17
C SER U 124 -35.78 35.01 55.28
N THR U 125 -34.80 35.90 55.18
CA THR U 125 -33.56 35.64 54.38
C THR U 125 -32.88 34.38 54.92
N VAL U 126 -32.76 34.27 56.24
CA VAL U 126 -32.08 33.14 56.96
C VAL U 126 -32.77 31.84 56.55
N ARG U 127 -34.10 31.84 56.45
CA ARG U 127 -34.86 30.62 56.13
C ARG U 127 -34.58 30.21 54.67
N ALA U 128 -34.62 31.15 53.72
CA ALA U 128 -34.18 30.90 52.32
C ALA U 128 -32.79 30.25 52.35
N VAL U 129 -31.85 30.83 53.10
CA VAL U 129 -30.45 30.33 53.11
C VAL U 129 -30.44 28.92 53.68
N GLN U 130 -31.26 28.67 54.71
CA GLN U 130 -31.37 27.35 55.37
C GLN U 130 -31.79 26.31 54.35
N ILE U 131 -32.80 26.61 53.54
CA ILE U 131 -33.32 25.64 52.54
C ILE U 131 -32.18 25.41 51.54
N MET U 132 -31.52 26.47 51.09
CA MET U 132 -30.44 26.34 50.07
C MET U 132 -29.32 25.49 50.67
N LYS U 133 -29.04 25.68 51.96
CA LYS U 133 -28.07 24.80 52.70
C LYS U 133 -28.50 23.35 52.59
N ALA U 134 -29.76 23.04 52.86
CA ALA U 134 -30.22 21.64 52.86
C ALA U 134 -30.16 21.09 51.42
N GLN U 135 -30.51 21.90 50.41
CA GLN U 135 -30.52 21.47 48.99
C GLN U 135 -29.10 21.09 48.54
N ALA U 136 -28.15 21.96 48.87
CA ALA U 136 -26.72 21.80 48.56
C ALA U 136 -26.18 20.51 49.21
N ALA U 137 -26.59 20.20 50.45
CA ALA U 137 -26.14 18.96 51.11
C ALA U 137 -26.59 17.76 50.27
N ALA U 138 -27.85 17.75 49.82
CA ALA U 138 -28.42 16.61 49.07
C ALA U 138 -27.77 16.50 47.67
N HIS U 139 -27.53 17.62 46.98
CA HIS U 139 -26.97 17.61 45.60
C HIS U 139 -25.52 17.13 45.65
N ILE U 140 -24.78 17.50 46.70
CA ILE U 140 -23.34 17.10 46.89
C ILE U 140 -23.29 15.60 47.17
N LYS U 141 -24.20 15.10 48.03
CA LYS U 141 -24.34 13.65 48.40
C LYS U 141 -24.96 12.91 47.21
N ASP U 142 -25.48 13.67 46.24
CA ASP U 142 -26.33 13.20 45.12
C ASP U 142 -27.43 12.27 45.63
N THR U 143 -28.15 12.68 46.67
CA THR U 143 -29.37 11.97 47.18
C THR U 143 -30.54 12.97 47.24
N PRO U 144 -30.86 13.74 46.16
CA PRO U 144 -32.07 14.54 46.18
C PRO U 144 -33.26 13.58 46.21
N SER U 145 -34.35 13.94 46.88
CA SER U 145 -35.58 13.12 46.98
C SER U 145 -36.52 13.54 45.84
N GLU U 146 -37.16 12.56 45.20
CA GLU U 146 -38.25 12.76 44.21
C GLU U 146 -39.40 13.55 44.87
N ALA U 147 -39.60 13.34 46.18
CA ALA U 147 -40.56 14.09 47.02
C ALA U 147 -40.38 15.60 46.81
N ARG U 148 -39.16 16.13 47.00
CA ARG U 148 -38.90 17.59 46.98
C ARG U 148 -38.68 18.11 45.56
N ALA U 149 -38.40 17.24 44.60
CA ALA U 149 -37.96 17.62 43.23
C ALA U 149 -39.04 17.33 42.18
N GLY U 150 -39.86 16.29 42.38
CA GLY U 150 -40.80 15.85 41.34
C GLY U 150 -40.09 15.69 40.00
N ALA U 151 -40.63 16.31 38.96
CA ALA U 151 -40.14 16.16 37.56
C ALA U 151 -38.78 16.85 37.38
N LYS U 152 -38.35 17.66 38.34
CA LYS U 152 -37.13 18.52 38.20
C LYS U 152 -35.93 17.84 38.88
N LEU U 153 -36.11 16.58 39.29
CA LEU U 153 -35.08 15.72 39.94
C LEU U 153 -33.88 15.53 39.01
N ARG U 154 -32.68 15.69 39.56
CA ARG U 154 -31.42 15.54 38.79
C ARG U 154 -30.49 14.59 39.53
N LYS U 155 -29.82 13.74 38.76
CA LYS U 155 -28.82 12.75 39.20
C LYS U 155 -27.47 13.12 38.55
N MET U 156 -26.41 13.29 39.35
CA MET U 156 -25.06 13.66 38.87
C MET U 156 -24.25 12.42 38.44
N GLY U 157 -24.45 11.24 39.03
CA GLY U 157 -23.71 10.00 38.67
C GLY U 157 -22.19 10.04 38.92
N SER U 158 -21.70 10.83 39.89
CA SER U 158 -20.31 10.79 40.43
C SER U 158 -20.03 9.43 41.05
N PRO U 159 -18.76 8.97 41.10
CA PRO U 159 -18.44 7.69 41.72
C PRO U 159 -18.78 7.74 43.21
N VAL U 160 -19.57 6.77 43.67
CA VAL U 160 -20.14 6.77 45.04
C VAL U 160 -19.10 6.20 46.02
N VAL U 161 -18.87 6.91 47.13
CA VAL U 161 -18.17 6.38 48.34
C VAL U 161 -19.16 6.33 49.50
N GLU U 162 -18.80 5.57 50.53
CA GLU U 162 -19.61 5.30 51.75
C GLU U 162 -19.97 6.64 52.40
N ASP U 163 -19.02 7.56 52.57
CA ASP U 163 -19.26 8.84 53.29
C ASP U 163 -20.02 9.86 52.40
N ARG U 164 -20.12 9.64 51.08
CA ARG U 164 -20.80 10.55 50.12
C ARG U 164 -20.32 12.00 50.29
N CYS U 165 -19.00 12.20 50.39
CA CYS U 165 -18.30 13.50 50.43
C CYS U 165 -18.72 14.30 51.68
N SER U 166 -18.78 13.64 52.83
CA SER U 166 -19.39 14.22 54.06
C SER U 166 -18.59 15.47 54.46
N SER U 167 -17.28 15.42 54.34
CA SER U 167 -16.37 16.55 54.65
C SER U 167 -16.73 17.77 53.77
N LEU U 168 -17.03 17.59 52.48
CA LEU U 168 -17.38 18.72 51.58
C LEU U 168 -18.77 19.24 51.96
N VAL U 169 -19.67 18.35 52.41
CA VAL U 169 -21.04 18.70 52.88
C VAL U 169 -20.96 19.55 54.17
N ALA U 170 -20.09 19.18 55.12
CA ALA U 170 -19.81 19.98 56.34
C ALA U 170 -19.24 21.35 55.95
N GLU U 171 -18.29 21.40 55.00
CA GLU U 171 -17.65 22.65 54.49
C GLU U 171 -18.66 23.56 53.78
N ALA U 172 -19.45 23.04 52.84
CA ALA U 172 -20.51 23.83 52.15
C ALA U 172 -21.46 24.40 53.21
N SER U 173 -21.92 23.55 54.12
CA SER U 173 -22.89 23.90 55.20
C SER U 173 -22.30 25.02 56.09
N SER U 174 -20.99 25.03 56.37
CA SER U 174 -20.30 26.06 57.17
C SER U 174 -20.36 27.43 56.45
N TYR U 175 -20.20 27.44 55.12
CA TYR U 175 -20.36 28.66 54.29
C TYR U 175 -21.81 29.14 54.41
N PHE U 176 -22.80 28.25 54.28
CA PHE U 176 -24.22 28.66 54.47
C PHE U 176 -24.37 29.18 55.91
N ASP U 177 -23.72 28.56 56.90
CA ASP U 177 -23.88 28.97 58.32
C ASP U 177 -23.24 30.34 58.55
N ARG U 178 -22.21 30.72 57.80
CA ARG U 178 -21.60 32.08 57.88
C ARG U 178 -22.57 33.14 57.37
N VAL U 179 -23.26 32.87 56.26
CA VAL U 179 -24.30 33.81 55.76
C VAL U 179 -25.32 33.99 56.90
N ILE U 180 -25.82 32.90 57.46
CA ILE U 180 -26.89 32.92 58.49
C ILE U 180 -26.40 33.74 59.69
N ALA U 181 -25.20 33.47 60.20
CA ALA U 181 -24.58 34.15 61.36
C ALA U 181 -24.33 35.63 61.04
N ALA U 182 -23.94 35.97 59.80
CA ALA U 182 -23.72 37.38 59.39
C ALA U 182 -25.05 38.14 59.31
N LEU U 183 -26.17 37.46 59.08
CA LEU U 183 -27.49 38.13 58.90
C LEU U 183 -28.27 38.17 60.21
N SER U 184 -27.76 37.49 61.24
CA SER U 184 -28.37 37.38 62.59
C SER U 184 -27.62 38.33 63.54
N MET V 1 20.43 26.54 -32.30
CA MET V 1 20.71 27.91 -32.83
C MET V 1 22.19 28.24 -32.64
N LEU V 2 22.70 29.20 -33.42
CA LEU V 2 24.12 29.65 -33.28
C LEU V 2 24.15 31.06 -32.62
N ASP V 3 25.30 31.43 -32.08
CA ASP V 3 25.62 32.81 -31.62
C ASP V 3 26.84 33.22 -32.45
N ALA V 4 27.34 34.46 -32.34
CA ALA V 4 28.50 34.95 -33.13
C ALA V 4 29.68 33.96 -33.06
N PHE V 5 29.93 33.35 -31.90
CA PHE V 5 31.10 32.46 -31.65
C PHE V 5 30.88 31.11 -32.34
N SER V 6 29.71 30.49 -32.17
CA SER V 6 29.46 29.14 -32.75
C SER V 6 29.39 29.28 -34.28
N ARG V 7 28.96 30.45 -34.77
CA ARG V 7 29.05 30.82 -36.22
C ARG V 7 30.52 30.70 -36.69
N ALA V 8 31.49 31.27 -35.95
CA ALA V 8 32.95 31.14 -36.25
C ALA V 8 33.37 29.67 -36.17
N VAL V 9 32.87 28.92 -35.20
CA VAL V 9 33.17 27.47 -35.06
C VAL V 9 32.68 26.67 -36.28
N VAL V 10 31.44 26.87 -36.71
CA VAL V 10 30.82 26.17 -37.89
C VAL V 10 31.65 26.49 -39.13
N GLN V 11 32.03 27.75 -39.31
CA GLN V 11 32.88 28.22 -40.45
C GLN V 11 34.21 27.45 -40.38
N ALA V 12 34.83 27.38 -39.21
CA ALA V 12 36.15 26.72 -39.02
C ALA V 12 35.97 25.20 -39.24
N ASP V 13 34.84 24.65 -38.79
CA ASP V 13 34.54 23.20 -38.94
C ASP V 13 34.48 22.83 -40.43
N ALA V 14 33.88 23.68 -41.28
CA ALA V 14 33.70 23.44 -42.74
C ALA V 14 35.03 23.07 -43.43
N SER V 15 36.17 23.37 -42.82
CA SER V 15 37.51 22.98 -43.33
C SER V 15 38.36 22.31 -42.24
N THR V 16 37.72 21.56 -41.33
CA THR V 16 38.32 20.85 -40.17
C THR V 16 39.53 21.61 -39.59
N SER V 17 39.42 22.93 -39.44
CA SER V 17 40.48 23.81 -38.89
C SER V 17 40.07 24.34 -37.50
N VAL V 18 41.07 24.66 -36.72
CA VAL V 18 40.91 25.40 -35.45
C VAL V 18 40.35 26.78 -35.82
N VAL V 19 39.67 27.44 -34.87
CA VAL V 19 39.31 28.88 -35.04
C VAL V 19 40.63 29.66 -35.01
N GLY V 20 41.04 30.25 -36.14
CA GLY V 20 42.37 30.85 -36.29
C GLY V 20 42.48 32.22 -35.63
N ASP V 21 41.51 33.10 -35.89
CA ASP V 21 41.59 34.54 -35.55
C ASP V 21 40.71 34.82 -34.33
N VAL V 22 41.29 34.68 -33.13
CA VAL V 22 40.60 34.80 -31.81
C VAL V 22 40.79 36.22 -31.25
N SER V 23 41.59 37.05 -31.93
CA SER V 23 41.71 38.51 -31.65
C SER V 23 40.48 39.25 -32.20
N ALA V 24 39.82 38.73 -33.23
CA ALA V 24 38.55 39.27 -33.77
C ALA V 24 37.41 39.02 -32.78
N LEU V 25 37.44 37.88 -32.08
CA LEU V 25 36.37 37.47 -31.14
C LEU V 25 36.54 38.25 -29.84
N LYS V 26 37.79 38.56 -29.46
CA LYS V 26 38.14 39.38 -28.27
C LYS V 26 37.55 40.80 -28.37
N GLN V 27 37.45 41.34 -29.59
CA GLN V 27 36.92 42.71 -29.88
C GLN V 27 35.41 42.67 -29.75
N PHE V 28 34.80 41.59 -30.23
CA PHE V 28 33.35 41.36 -30.07
C PHE V 28 33.02 41.32 -28.57
N ILE V 29 33.95 40.81 -27.74
CA ILE V 29 33.76 40.70 -26.27
C ILE V 29 33.94 42.08 -25.63
N ALA V 30 34.90 42.88 -26.10
CA ALA V 30 35.14 44.25 -25.60
C ALA V 30 33.87 45.12 -25.78
N GLN V 31 33.08 44.90 -26.84
CA GLN V 31 31.84 45.66 -27.11
C GLN V 31 30.68 45.07 -26.28
N GLY V 32 30.90 43.97 -25.54
CA GLY V 32 29.83 43.19 -24.90
C GLY V 32 28.87 44.07 -24.08
N ASN V 33 29.40 44.95 -23.23
CA ASN V 33 28.52 45.82 -22.41
C ASN V 33 27.61 46.61 -23.35
N ARG V 34 28.12 47.15 -24.45
CA ARG V 34 27.28 48.04 -25.28
C ARG V 34 26.21 47.17 -25.94
N ARG V 35 26.52 45.91 -26.24
CA ARG V 35 25.53 44.97 -26.80
C ARG V 35 24.40 44.72 -25.77
N LEU V 36 24.72 44.55 -24.49
CA LEU V 36 23.66 44.35 -23.47
C LEU V 36 22.84 45.64 -23.34
N ASP V 37 23.44 46.82 -23.45
CA ASP V 37 22.65 48.08 -23.40
C ASP V 37 21.74 48.20 -24.64
N ALA V 38 22.21 47.77 -25.80
CA ALA V 38 21.38 47.74 -27.03
C ALA V 38 20.14 46.84 -26.78
N VAL V 39 20.33 45.63 -26.24
CA VAL V 39 19.22 44.69 -25.93
C VAL V 39 18.34 45.34 -24.85
N ASN V 40 18.93 45.90 -23.82
CA ASN V 40 18.13 46.47 -22.70
C ASN V 40 17.28 47.62 -23.25
N ALA V 41 17.83 48.38 -24.20
CA ALA V 41 17.14 49.56 -24.80
C ALA V 41 15.92 49.09 -25.58
N ILE V 42 16.04 47.99 -26.33
CA ILE V 42 14.89 47.45 -27.12
C ILE V 42 13.88 46.79 -26.18
N ALA V 43 14.29 45.80 -25.37
CA ALA V 43 13.38 45.03 -24.50
C ALA V 43 12.58 46.02 -23.63
N SER V 44 13.23 47.04 -23.08
CA SER V 44 12.65 47.97 -22.08
C SER V 44 11.55 48.84 -22.72
N ASN V 45 11.62 49.05 -24.05
CA ASN V 45 10.70 49.93 -24.81
C ASN V 45 9.86 49.09 -25.78
N ALA V 46 9.79 47.76 -25.59
CA ALA V 46 9.15 46.81 -26.55
C ALA V 46 7.65 47.12 -26.72
N SER V 47 6.89 47.38 -25.65
CA SER V 47 5.41 47.64 -25.73
C SER V 47 5.17 48.94 -26.50
N CYS V 48 5.83 50.02 -26.07
CA CYS V 48 5.76 51.33 -26.75
C CYS V 48 6.19 51.17 -28.23
N MET V 49 7.19 50.34 -28.53
CA MET V 49 7.63 50.12 -29.93
C MET V 49 6.53 49.43 -30.75
N VAL V 50 6.00 48.32 -30.25
CA VAL V 50 5.08 47.47 -31.07
C VAL V 50 3.76 48.23 -31.31
N SER V 51 3.17 48.86 -30.29
CA SER V 51 1.87 49.54 -30.51
C SER V 51 2.08 50.76 -31.42
N ASP V 52 3.20 51.47 -31.30
CA ASP V 52 3.52 52.66 -32.14
C ASP V 52 3.75 52.19 -33.60
N ALA V 53 4.41 51.04 -33.82
CA ALA V 53 4.69 50.51 -35.19
C ALA V 53 3.38 50.04 -35.86
N ILE V 54 2.53 49.31 -35.14
CA ILE V 54 1.24 48.79 -35.70
C ILE V 54 0.33 49.99 -35.94
N ALA V 55 0.29 50.97 -35.00
CA ALA V 55 -0.48 52.22 -35.16
C ALA V 55 0.04 53.00 -36.38
N GLY V 56 1.36 52.96 -36.59
CA GLY V 56 2.02 53.69 -37.70
C GLY V 56 1.61 53.12 -39.05
N MET V 57 1.68 51.80 -39.20
CA MET V 57 1.24 51.05 -40.39
C MET V 57 -0.25 51.35 -40.69
N ILE V 58 -1.09 51.44 -39.64
CA ILE V 58 -2.55 51.64 -39.78
C ILE V 58 -2.83 53.10 -40.16
N CYS V 59 -2.18 54.07 -39.50
CA CYS V 59 -2.35 55.52 -39.78
C CYS V 59 -1.92 55.85 -41.21
N GLU V 60 -1.24 54.93 -41.90
CA GLU V 60 -0.74 55.12 -43.30
C GLU V 60 -1.60 54.31 -44.27
N ASN V 61 -2.54 53.49 -43.77
CA ASN V 61 -3.42 52.64 -44.60
C ASN V 61 -4.68 52.25 -43.80
N GLN V 62 -5.68 53.15 -43.79
CA GLN V 62 -7.00 52.97 -43.13
C GLN V 62 -7.72 51.71 -43.67
N GLY V 63 -7.37 51.24 -44.87
CA GLY V 63 -7.93 49.99 -45.42
C GLY V 63 -7.82 48.83 -44.45
N LEU V 64 -6.74 48.77 -43.65
CA LEU V 64 -6.48 47.67 -42.69
C LEU V 64 -7.64 47.56 -41.67
N ILE V 65 -8.29 48.69 -41.37
CA ILE V 65 -9.26 48.78 -40.24
C ILE V 65 -10.66 49.13 -40.77
N GLN V 66 -10.97 48.76 -42.02
CA GLN V 66 -12.35 48.82 -42.56
C GLN V 66 -12.76 47.40 -42.94
N ALA V 67 -14.05 47.12 -43.07
CA ALA V 67 -14.56 45.82 -43.60
C ALA V 67 -13.60 45.32 -44.70
N GLY V 68 -13.22 44.05 -44.66
CA GLY V 68 -12.28 43.43 -45.61
C GLY V 68 -10.82 43.64 -45.24
N GLY V 69 -10.50 44.75 -44.55
CA GLY V 69 -9.16 45.06 -44.04
C GLY V 69 -8.65 43.97 -43.11
N MEN V 70 -7.32 43.78 -43.09
CA MEN V 70 -6.74 42.61 -42.43
C MEN V 70 -6.45 42.83 -40.94
O MEN V 70 -5.97 41.92 -40.27
CB MEN V 70 -5.58 42.07 -43.29
CG MEN V 70 -5.28 40.60 -42.98
OD1 MEN V 70 -4.21 40.27 -42.46
ND2 MEN V 70 -6.25 39.72 -43.25
CE2 MEN V 70 -6.24 38.35 -42.79
N CYS V 71 -6.77 44.04 -40.42
CA CYS V 71 -6.75 44.34 -39.00
C CYS V 71 -8.19 44.53 -38.47
N TYR V 72 -9.19 44.06 -39.22
CA TYR V 72 -10.64 44.07 -38.88
C TYR V 72 -11.13 42.64 -38.82
N PRO V 73 -11.86 42.19 -37.76
CA PRO V 73 -12.19 42.97 -36.57
C PRO V 73 -11.17 42.76 -35.42
N ASN V 74 -11.61 42.94 -34.16
CA ASN V 74 -10.71 42.91 -32.97
C ASN V 74 -9.74 41.71 -33.09
N ARG V 75 -10.27 40.52 -33.39
CA ARG V 75 -9.49 39.26 -33.47
C ARG V 75 -8.24 39.53 -34.32
N ARG V 76 -8.42 40.22 -35.44
CA ARG V 76 -7.35 40.37 -36.48
C ARG V 76 -6.35 41.40 -36.01
N MET V 77 -6.83 42.52 -35.46
CA MET V 77 -5.96 43.57 -34.85
C MET V 77 -5.06 42.96 -33.76
N ALA V 78 -5.63 42.18 -32.84
CA ALA V 78 -4.91 41.46 -31.75
C ALA V 78 -3.82 40.52 -32.33
N ALA V 79 -4.17 39.71 -33.34
CA ALA V 79 -3.26 38.76 -33.99
C ALA V 79 -2.06 39.54 -34.56
N CYS V 80 -2.32 40.71 -35.15
CA CYS V 80 -1.28 41.58 -35.76
C CYS V 80 -0.32 42.07 -34.67
N LEU V 81 -0.85 42.73 -33.65
CA LEU V 81 -0.06 43.21 -32.48
C LEU V 81 0.82 42.08 -31.95
N ARG V 82 0.30 40.86 -31.87
CA ARG V 82 1.00 39.66 -31.39
C ARG V 82 2.19 39.37 -32.33
N ASP V 83 1.96 39.42 -33.66
CA ASP V 83 3.01 39.17 -34.69
C ASP V 83 4.13 40.21 -34.56
N GLY V 84 3.78 41.48 -34.35
CA GLY V 84 4.74 42.59 -34.14
C GLY V 84 5.68 42.28 -33.00
N GLU V 85 5.12 41.91 -31.85
CA GLU V 85 5.88 41.50 -30.63
C GLU V 85 6.67 40.22 -30.93
N ILE V 86 6.09 39.23 -31.63
CA ILE V 86 6.82 37.97 -31.98
C ILE V 86 8.08 38.31 -32.79
N ILE V 87 7.94 39.13 -33.82
CA ILE V 87 9.05 39.52 -34.74
C ILE V 87 10.11 40.29 -33.95
N LEU V 88 9.70 41.31 -33.20
CA LEU V 88 10.65 42.14 -32.42
C LEU V 88 11.39 41.26 -31.40
N ARG V 89 10.70 40.30 -30.76
CA ARG V 89 11.33 39.39 -29.76
C ARG V 89 12.45 38.57 -30.44
N TYR V 90 12.18 37.98 -31.59
CA TYR V 90 13.16 37.14 -32.34
C TYR V 90 14.33 38.00 -32.86
N VAL V 91 14.08 39.24 -33.24
CA VAL V 91 15.16 40.19 -33.62
C VAL V 91 15.99 40.50 -32.37
N THR V 92 15.34 40.73 -31.22
CA THR V 92 16.09 41.05 -29.97
C THR V 92 16.96 39.84 -29.65
N TYR V 93 16.47 38.60 -29.81
CA TYR V 93 17.27 37.37 -29.59
C TYR V 93 18.51 37.39 -30.49
N ALA V 94 18.35 37.73 -31.77
CA ALA V 94 19.43 37.76 -32.78
C ALA V 94 20.50 38.74 -32.32
N LEU V 95 20.09 39.90 -31.81
CA LEU V 95 21.02 40.97 -31.38
C LEU V 95 21.80 40.51 -30.13
N LEU V 96 21.15 39.83 -29.19
CA LEU V 96 21.80 39.30 -27.96
C LEU V 96 22.83 38.23 -28.36
N ALA V 97 22.47 37.32 -29.26
CA ALA V 97 23.32 36.20 -29.71
C ALA V 97 24.42 36.73 -30.64
N GLY V 98 24.14 37.84 -31.35
CA GLY V 98 25.00 38.38 -32.41
C GLY V 98 25.00 37.46 -33.61
N ASP V 99 23.87 36.81 -33.90
CA ASP V 99 23.70 35.98 -35.12
C ASP V 99 22.19 35.81 -35.42
N ALA V 100 21.84 35.71 -36.71
CA ALA V 100 20.46 35.65 -37.26
C ALA V 100 19.84 34.25 -37.18
N SER V 101 20.62 33.22 -36.87
CA SER V 101 20.21 31.79 -36.82
C SER V 101 18.86 31.60 -36.07
N VAL V 102 18.70 32.15 -34.86
CA VAL V 102 17.47 31.92 -34.05
C VAL V 102 16.27 32.54 -34.79
N LEU V 103 16.50 33.69 -35.44
CA LEU V 103 15.48 34.49 -36.18
C LEU V 103 15.04 33.74 -37.44
N ASP V 104 16.01 33.30 -38.25
CA ASP V 104 15.79 32.51 -39.49
C ASP V 104 15.02 31.23 -39.17
N ASP V 105 15.46 30.47 -38.16
CA ASP V 105 15.00 29.08 -37.93
C ASP V 105 13.70 29.05 -37.12
N ARG V 106 13.46 30.02 -36.24
CA ARG V 106 12.29 29.93 -35.31
C ARG V 106 11.17 30.89 -35.73
N CYS V 107 11.46 31.86 -36.61
CA CYS V 107 10.50 32.95 -36.95
C CYS V 107 10.27 33.03 -38.47
N LEU V 108 11.32 33.18 -39.27
CA LEU V 108 11.19 33.59 -40.69
C LEU V 108 10.94 32.38 -41.59
N ASN V 109 11.39 31.20 -41.15
CA ASN V 109 11.31 29.92 -41.90
C ASN V 109 9.83 29.56 -42.06
N GLY V 110 9.28 29.73 -43.26
CA GLY V 110 7.88 29.37 -43.55
C GLY V 110 6.91 30.51 -43.27
N LEU V 111 7.39 31.73 -42.98
CA LEU V 111 6.51 32.85 -42.55
C LEU V 111 5.75 33.42 -43.77
N LYS V 112 6.42 33.63 -44.89
CA LYS V 112 5.78 34.14 -46.13
C LYS V 112 4.63 33.21 -46.55
N GLU V 113 4.89 31.89 -46.58
CA GLU V 113 3.90 30.86 -47.01
C GLU V 113 2.69 30.91 -46.07
N THR V 114 2.93 31.10 -44.76
CA THR V 114 1.88 31.18 -43.72
C THR V 114 0.98 32.38 -44.04
N TYR V 115 1.60 33.53 -44.34
CA TYR V 115 0.89 34.82 -44.53
C TYR V 115 0.07 34.80 -45.83
N ALA V 116 0.63 34.21 -46.89
CA ALA V 116 -0.01 34.02 -48.22
C ALA V 116 -1.27 33.15 -48.04
N ALA V 117 -1.16 32.02 -47.34
CA ALA V 117 -2.29 31.11 -47.03
C ALA V 117 -3.36 31.84 -46.20
N LEU V 118 -3.01 32.79 -45.34
CA LEU V 118 -4.00 33.50 -44.45
C LEU V 118 -4.48 34.80 -45.11
N GLY V 119 -3.79 35.30 -46.14
CA GLY V 119 -4.12 36.58 -46.78
C GLY V 119 -3.66 37.77 -45.97
N VAL V 120 -2.64 37.61 -45.11
CA VAL V 120 -2.02 38.76 -44.39
C VAL V 120 -1.19 39.53 -45.41
N PRO V 121 -1.38 40.86 -45.59
CA PRO V 121 -0.67 41.61 -46.61
C PRO V 121 0.81 41.86 -46.28
N THR V 122 1.68 41.19 -47.04
CA THR V 122 3.14 41.40 -47.13
C THR V 122 3.51 42.88 -46.95
N THR V 123 2.97 43.74 -47.81
CA THR V 123 3.36 45.16 -47.91
C THR V 123 3.12 45.84 -46.55
N SER V 124 1.92 45.71 -45.96
CA SER V 124 1.61 46.34 -44.66
C SER V 124 2.59 45.80 -43.60
N THR V 125 2.81 44.49 -43.57
CA THR V 125 3.72 43.85 -42.59
C THR V 125 5.10 44.54 -42.67
N VAL V 126 5.61 44.71 -43.88
CA VAL V 126 6.95 45.32 -44.15
C VAL V 126 7.02 46.71 -43.55
N ARG V 127 5.94 47.50 -43.60
CA ARG V 127 5.93 48.87 -43.02
C ARG V 127 6.05 48.80 -41.50
N ALA V 128 5.36 47.88 -40.85
CA ALA V 128 5.41 47.75 -39.38
C ALA V 128 6.87 47.47 -38.99
N VAL V 129 7.49 46.54 -39.70
CA VAL V 129 8.90 46.10 -39.43
C VAL V 129 9.85 47.26 -39.73
N GLN V 130 9.60 48.03 -40.79
CA GLN V 130 10.38 49.26 -41.11
C GLN V 130 10.34 50.24 -39.93
N ILE V 131 9.16 50.51 -39.35
CA ILE V 131 9.05 51.52 -38.25
C ILE V 131 9.82 51.00 -37.01
N MET V 132 9.70 49.70 -36.70
CA MET V 132 10.40 49.07 -35.55
C MET V 132 11.92 49.20 -35.73
N LYS V 133 12.41 48.94 -36.94
CA LYS V 133 13.83 49.15 -37.31
C LYS V 133 14.22 50.58 -36.92
N ALA V 134 13.49 51.58 -37.41
CA ALA V 134 13.75 53.01 -37.13
C ALA V 134 13.68 53.25 -35.60
N GLN V 135 12.70 52.66 -34.92
CA GLN V 135 12.54 52.85 -33.45
C GLN V 135 13.79 52.32 -32.73
N ALA V 136 14.21 51.11 -33.09
CA ALA V 136 15.35 50.38 -32.49
C ALA V 136 16.62 51.21 -32.67
N ALA V 137 16.86 51.74 -33.87
CA ALA V 137 18.07 52.54 -34.17
C ALA V 137 18.14 53.70 -33.17
N ALA V 138 17.03 54.41 -32.96
CA ALA V 138 16.97 55.59 -32.08
C ALA V 138 17.20 55.18 -30.60
N HIS V 139 16.66 54.03 -30.16
CA HIS V 139 16.78 53.60 -28.73
C HIS V 139 18.20 53.07 -28.46
N ILE V 140 18.85 52.43 -29.43
CA ILE V 140 20.26 51.97 -29.29
C ILE V 140 21.17 53.21 -29.19
N LYS V 141 20.94 54.22 -30.03
CA LYS V 141 21.70 55.51 -30.05
C LYS V 141 21.33 56.36 -28.82
N ASP V 142 20.23 56.02 -28.15
CA ASP V 142 19.64 56.74 -27.01
C ASP V 142 19.35 58.17 -27.46
N THR V 143 18.80 58.34 -28.66
CA THR V 143 18.38 59.65 -29.22
C THR V 143 16.95 59.53 -29.73
N PRO V 144 16.02 58.93 -28.95
CA PRO V 144 14.61 58.97 -29.33
C PRO V 144 14.21 60.45 -29.35
N SER V 145 13.36 60.85 -30.29
CA SER V 145 12.80 62.23 -30.36
C SER V 145 11.60 62.34 -29.41
N GLU V 146 11.47 63.47 -28.73
CA GLU V 146 10.24 63.81 -27.98
C GLU V 146 9.08 64.00 -28.98
N ALA V 147 9.35 64.35 -30.23
CA ALA V 147 8.32 64.55 -31.27
C ALA V 147 7.55 63.23 -31.50
N ARG V 148 8.20 62.07 -31.37
CA ARG V 148 7.56 60.75 -31.67
C ARG V 148 7.13 60.03 -30.38
N ALA V 149 7.63 60.44 -29.22
CA ALA V 149 7.43 59.72 -27.94
C ALA V 149 6.44 60.47 -27.06
N GLY V 150 6.42 61.81 -27.12
CA GLY V 150 5.71 62.67 -26.16
C GLY V 150 6.06 62.27 -24.73
N ALA V 151 5.04 61.96 -23.93
CA ALA V 151 5.13 61.66 -22.49
C ALA V 151 5.73 60.26 -22.23
N LYS V 152 5.90 59.45 -23.27
CA LYS V 152 6.43 58.06 -23.17
C LYS V 152 7.92 58.05 -23.49
N LEU V 153 8.52 59.22 -23.68
CA LEU V 153 9.98 59.41 -23.90
C LEU V 153 10.77 58.73 -22.78
N ARG V 154 11.77 57.91 -23.13
CA ARG V 154 12.72 57.21 -22.19
C ARG V 154 14.16 57.51 -22.59
N LYS V 155 15.02 57.78 -21.61
CA LYS V 155 16.48 57.96 -21.75
C LYS V 155 17.17 56.88 -20.90
N MET V 156 18.24 56.25 -21.40
CA MET V 156 18.87 55.04 -20.79
C MET V 156 20.14 55.41 -20.00
N GLY V 157 20.76 56.58 -20.23
CA GLY V 157 21.92 57.07 -19.46
C GLY V 157 23.20 56.22 -19.60
N SER V 158 23.37 55.46 -20.68
CA SER V 158 24.58 54.63 -20.86
C SER V 158 25.76 55.52 -21.27
N PRO V 159 27.02 55.19 -20.87
CA PRO V 159 28.20 55.96 -21.27
C PRO V 159 28.28 56.30 -22.76
N VAL V 160 28.43 57.59 -23.09
CA VAL V 160 28.33 58.07 -24.50
C VAL V 160 29.70 57.97 -25.17
N VAL V 161 29.71 57.28 -26.31
CA VAL V 161 30.80 57.30 -27.32
C VAL V 161 30.32 58.12 -28.52
N GLU V 162 31.28 58.61 -29.32
CA GLU V 162 31.07 59.52 -30.49
C GLU V 162 30.14 58.85 -31.52
N ASP V 163 30.46 57.64 -31.99
CA ASP V 163 29.67 56.86 -32.98
C ASP V 163 28.29 56.44 -32.45
N ARG V 164 28.04 56.55 -31.14
CA ARG V 164 26.81 56.06 -30.44
C ARG V 164 26.42 54.65 -30.92
N CYS V 165 27.39 53.76 -31.02
CA CYS V 165 27.16 52.31 -31.27
C CYS V 165 26.64 52.02 -32.69
N SER V 166 27.24 52.67 -33.69
CA SER V 166 26.80 52.61 -35.12
C SER V 166 26.94 51.19 -35.68
N SER V 167 27.91 50.43 -35.18
CA SER V 167 28.13 49.00 -35.53
C SER V 167 26.91 48.17 -35.09
N LEU V 168 26.47 48.32 -33.84
CA LEU V 168 25.27 47.64 -33.30
C LEU V 168 23.99 48.14 -33.98
N VAL V 169 23.86 49.44 -34.24
CA VAL V 169 22.72 50.02 -35.04
C VAL V 169 22.63 49.27 -36.39
N ALA V 170 23.76 49.15 -37.11
CA ALA V 170 23.83 48.50 -38.44
C ALA V 170 23.44 47.03 -38.32
N GLU V 171 23.99 46.35 -37.31
CA GLU V 171 23.70 44.93 -37.04
C GLU V 171 22.20 44.78 -36.80
N ALA V 172 21.63 45.57 -35.88
CA ALA V 172 20.20 45.48 -35.50
C ALA V 172 19.35 45.69 -36.77
N SER V 173 19.68 46.74 -37.54
CA SER V 173 19.00 47.05 -38.83
C SER V 173 19.10 45.86 -39.81
N SER V 174 20.23 45.16 -39.87
CA SER V 174 20.39 43.98 -40.76
C SER V 174 19.36 42.90 -40.38
N TYR V 175 19.04 42.75 -39.10
CA TYR V 175 18.07 41.73 -38.63
C TYR V 175 16.64 42.15 -39.04
N PHE V 176 16.25 43.41 -38.88
CA PHE V 176 14.95 43.90 -39.40
C PHE V 176 14.89 43.68 -40.94
N ASP V 177 16.00 43.95 -41.66
CA ASP V 177 16.09 43.84 -43.14
C ASP V 177 15.96 42.37 -43.53
N ARG V 178 16.48 41.46 -42.72
CA ARG V 178 16.34 39.99 -42.95
C ARG V 178 14.87 39.57 -42.84
N VAL V 179 14.12 40.14 -41.90
CA VAL V 179 12.65 39.87 -41.76
C VAL V 179 11.96 40.36 -43.03
N ILE V 180 12.27 41.59 -43.46
CA ILE V 180 11.68 42.23 -44.68
C ILE V 180 11.94 41.35 -45.92
N ALA V 181 13.21 40.94 -46.14
CA ALA V 181 13.62 40.04 -47.25
C ALA V 181 12.81 38.73 -47.20
N ALA V 182 12.65 38.11 -46.04
CA ALA V 182 11.91 36.83 -45.88
C ALA V 182 10.42 36.98 -46.25
N LEU V 183 9.89 38.21 -46.32
CA LEU V 183 8.43 38.50 -46.43
C LEU V 183 8.07 39.12 -47.79
N SER V 184 9.04 39.77 -48.45
CA SER V 184 8.91 40.31 -49.83
C SER V 184 9.57 39.32 -50.82
N MET W 1 20.42 -30.38 37.89
CA MET W 1 21.40 -30.30 38.95
C MET W 1 21.74 -28.82 39.17
N LEU W 2 22.22 -28.51 40.37
CA LEU W 2 22.69 -27.15 40.78
C LEU W 2 24.23 -27.15 40.82
N ASP W 3 24.81 -25.97 40.63
CA ASP W 3 26.22 -25.67 40.93
C ASP W 3 26.26 -24.67 42.08
N ALA W 4 27.46 -24.26 42.50
CA ALA W 4 27.73 -23.25 43.56
C ALA W 4 26.87 -22.00 43.34
N PHE W 5 26.77 -21.53 42.11
CA PHE W 5 26.10 -20.25 41.77
C PHE W 5 24.58 -20.46 41.79
N SER W 6 24.07 -21.53 41.19
CA SER W 6 22.62 -21.80 41.12
C SER W 6 22.07 -22.16 42.51
N ARG W 7 22.89 -22.74 43.41
CA ARG W 7 22.53 -22.96 44.84
C ARG W 7 22.18 -21.61 45.49
N ALA W 8 23.06 -20.62 45.39
CA ALA W 8 22.84 -19.23 45.90
C ALA W 8 21.52 -18.69 45.32
N VAL W 9 21.30 -18.93 44.03
CA VAL W 9 20.11 -18.40 43.29
C VAL W 9 18.85 -19.06 43.85
N VAL W 10 18.85 -20.38 44.05
CA VAL W 10 17.68 -21.11 44.61
C VAL W 10 17.38 -20.53 46.00
N GLN W 11 18.39 -20.11 46.76
CA GLN W 11 18.21 -19.59 48.14
C GLN W 11 17.58 -18.20 48.07
N ALA W 12 18.03 -17.38 47.12
CA ALA W 12 17.51 -16.00 46.93
C ALA W 12 16.04 -16.10 46.50
N ASP W 13 15.71 -17.05 45.63
CA ASP W 13 14.34 -17.26 45.07
C ASP W 13 13.38 -17.66 46.21
N ALA W 14 13.83 -18.40 47.22
CA ALA W 14 12.98 -18.89 48.35
C ALA W 14 12.39 -17.67 49.07
N SER W 15 12.99 -16.48 48.97
CA SER W 15 12.39 -15.23 49.49
C SER W 15 12.20 -14.21 48.35
N THR W 16 12.00 -14.69 47.12
CA THR W 16 11.86 -13.87 45.88
C THR W 16 12.71 -12.59 46.02
N SER W 17 13.99 -12.77 46.34
CA SER W 17 14.98 -11.67 46.52
C SER W 17 16.08 -11.77 45.45
N VAL W 18 16.67 -10.63 45.10
CA VAL W 18 17.91 -10.58 44.27
C VAL W 18 19.05 -11.24 45.09
N VAL W 19 20.03 -11.83 44.42
CA VAL W 19 21.27 -12.31 45.09
C VAL W 19 21.97 -11.06 45.62
N GLY W 20 22.03 -10.90 46.94
CA GLY W 20 22.52 -9.67 47.61
C GLY W 20 24.03 -9.56 47.57
N ASP W 21 24.73 -10.59 48.02
CA ASP W 21 26.17 -10.50 48.35
C ASP W 21 26.91 -11.59 47.55
N VAL W 22 27.60 -11.17 46.50
CA VAL W 22 28.31 -12.04 45.52
C VAL W 22 29.80 -12.11 45.89
N SER W 23 30.14 -11.69 47.12
CA SER W 23 31.53 -11.66 47.66
C SER W 23 32.05 -13.10 47.75
N ALA W 24 31.26 -14.01 48.33
CA ALA W 24 31.60 -15.45 48.47
C ALA W 24 31.74 -16.07 47.08
N LEU W 25 30.95 -15.59 46.11
CA LEU W 25 30.95 -16.11 44.72
C LEU W 25 32.21 -15.63 43.98
N LYS W 26 32.69 -14.42 44.26
CA LYS W 26 33.95 -13.91 43.64
C LYS W 26 35.13 -14.67 44.22
N GLN W 27 35.07 -15.05 45.48
CA GLN W 27 36.14 -15.86 46.12
C GLN W 27 36.12 -17.26 45.48
N PHE W 28 34.94 -17.77 45.15
CA PHE W 28 34.81 -19.07 44.45
C PHE W 28 35.52 -18.94 43.08
N ILE W 29 35.40 -17.79 42.43
CA ILE W 29 36.03 -17.56 41.07
C ILE W 29 37.55 -17.42 41.24
N ALA W 30 38.01 -16.68 42.25
CA ALA W 30 39.46 -16.50 42.51
C ALA W 30 40.09 -17.87 42.76
N GLN W 31 39.30 -18.83 43.23
CA GLN W 31 39.72 -20.21 43.57
C GLN W 31 39.55 -21.12 42.33
N GLY W 32 38.97 -20.62 41.24
CA GLY W 32 38.58 -21.40 40.05
C GLY W 32 39.72 -22.26 39.49
N ASN W 33 40.87 -21.67 39.24
CA ASN W 33 42.01 -22.39 38.61
C ASN W 33 42.45 -23.54 39.53
N ARG W 34 42.43 -23.33 40.84
CA ARG W 34 42.91 -24.43 41.72
C ARG W 34 41.83 -25.51 41.73
N ARG W 35 40.55 -25.15 41.59
CA ARG W 35 39.45 -26.14 41.49
C ARG W 35 39.66 -27.01 40.25
N LEU W 36 39.95 -26.39 39.10
CA LEU W 36 40.20 -27.16 37.85
C LEU W 36 41.41 -28.07 38.08
N ASP W 37 42.47 -27.60 38.76
CA ASP W 37 43.62 -28.47 39.13
C ASP W 37 43.15 -29.66 39.96
N ALA W 38 42.31 -29.42 40.97
CA ALA W 38 41.83 -30.47 41.90
C ALA W 38 41.10 -31.56 41.09
N VAL W 39 40.19 -31.16 40.19
CA VAL W 39 39.42 -32.09 39.31
C VAL W 39 40.41 -32.82 38.40
N ASN W 40 41.30 -32.10 37.73
CA ASN W 40 42.34 -32.72 36.87
C ASN W 40 43.08 -33.80 37.68
N ALA W 41 43.41 -33.52 38.94
CA ALA W 41 44.21 -34.43 39.81
C ALA W 41 43.40 -35.72 40.06
N ILE W 42 42.09 -35.62 40.21
CA ILE W 42 41.30 -36.87 40.40
C ILE W 42 41.06 -37.58 39.04
N ALA W 43 40.52 -36.90 38.03
CA ALA W 43 40.20 -37.53 36.74
C ALA W 43 41.46 -38.20 36.18
N SER W 44 42.62 -37.51 36.23
CA SER W 44 43.89 -37.95 35.61
C SER W 44 44.36 -39.22 36.31
N ASN W 45 43.97 -39.45 37.56
CA ASN W 45 44.50 -40.61 38.32
C ASN W 45 43.40 -41.62 38.62
N ALA W 46 42.26 -41.54 37.93
CA ALA W 46 41.02 -42.22 38.36
C ALA W 46 41.16 -43.74 38.30
N SER W 47 41.75 -44.30 37.23
CA SER W 47 41.93 -45.78 37.07
C SER W 47 42.80 -46.33 38.21
N CYS W 48 43.94 -45.69 38.47
CA CYS W 48 44.87 -46.09 39.58
C CYS W 48 44.12 -45.97 40.92
N MET W 49 43.32 -44.92 41.12
CA MET W 49 42.56 -44.73 42.40
C MET W 49 41.56 -45.88 42.62
N VAL W 50 40.67 -46.10 41.65
CA VAL W 50 39.59 -47.13 41.74
C VAL W 50 40.26 -48.50 41.96
N SER W 51 41.26 -48.85 41.15
CA SER W 51 41.91 -50.19 41.20
C SER W 51 42.62 -50.39 42.56
N ASP W 52 43.34 -49.39 43.06
CA ASP W 52 44.08 -49.47 44.36
C ASP W 52 43.09 -49.50 45.55
N ALA W 53 41.96 -48.81 45.43
CA ALA W 53 40.93 -48.67 46.50
C ALA W 53 40.13 -49.96 46.65
N ILE W 54 39.75 -50.60 45.53
CA ILE W 54 39.05 -51.92 45.51
C ILE W 54 40.05 -53.01 45.97
N ALA W 55 41.23 -53.06 45.37
CA ALA W 55 42.35 -53.91 45.81
C ALA W 55 42.59 -53.72 47.32
N GLY W 56 42.47 -52.49 47.85
CA GLY W 56 42.71 -52.22 49.28
C GLY W 56 41.64 -52.85 50.15
N MET W 57 40.39 -52.57 49.81
CA MET W 57 39.21 -53.15 50.48
C MET W 57 39.40 -54.67 50.55
N ILE W 58 39.85 -55.28 49.45
CA ILE W 58 40.01 -56.76 49.30
C ILE W 58 41.20 -57.23 50.11
N CYS W 59 42.35 -56.57 50.04
CA CYS W 59 43.56 -57.04 50.79
C CYS W 59 43.27 -57.06 52.30
N GLU W 60 42.31 -56.24 52.78
CA GLU W 60 41.85 -56.19 54.18
C GLU W 60 40.81 -57.31 54.36
N ASN W 61 39.83 -57.39 53.47
CA ASN W 61 38.70 -58.36 53.61
C ASN W 61 38.78 -59.46 52.54
N GLN W 62 39.53 -60.54 52.80
CA GLN W 62 39.75 -61.67 51.85
C GLN W 62 38.45 -62.47 51.69
N GLY W 63 37.49 -62.32 52.62
CA GLY W 63 36.13 -62.89 52.51
C GLY W 63 35.46 -62.54 51.19
N LEU W 64 35.69 -61.32 50.67
CA LEU W 64 34.97 -60.80 49.47
C LEU W 64 35.39 -61.62 48.23
N ILE W 65 36.59 -62.22 48.23
CA ILE W 65 37.09 -62.95 47.03
C ILE W 65 37.09 -64.45 47.28
N GLN W 66 36.28 -64.95 48.19
CA GLN W 66 36.07 -66.40 48.34
C GLN W 66 34.59 -66.71 48.10
N ALA W 67 34.28 -68.00 48.11
CA ALA W 67 32.91 -68.57 48.02
C ALA W 67 31.94 -67.79 48.90
N GLY W 68 30.90 -67.22 48.30
CA GLY W 68 29.86 -66.50 49.03
C GLY W 68 30.22 -65.03 49.18
N GLY W 69 31.44 -64.61 48.83
CA GLY W 69 31.88 -63.20 48.90
C GLY W 69 31.28 -62.39 47.75
N MEN W 70 31.13 -61.08 47.96
CA MEN W 70 30.40 -60.28 46.99
C MEN W 70 31.31 -59.72 45.90
O MEN W 70 30.79 -59.06 45.00
CB MEN W 70 29.50 -59.28 47.73
CG MEN W 70 28.30 -58.76 46.95
OD1 MEN W 70 28.23 -57.60 46.52
ND2 MEN W 70 27.27 -59.58 46.74
CE2 MEN W 70 26.10 -59.16 46.00
N CYS W 71 32.62 -59.98 45.93
CA CYS W 71 33.47 -59.76 44.76
C CYS W 71 33.88 -61.08 44.08
N TYR W 72 33.14 -62.16 44.34
CA TYR W 72 33.29 -63.51 43.74
C TYR W 72 31.98 -63.85 43.04
N PRO W 73 31.99 -64.33 41.78
CA PRO W 73 33.22 -64.52 40.99
C PRO W 73 33.64 -63.29 40.14
N ASN W 74 34.30 -63.50 38.99
CA ASN W 74 34.79 -62.44 38.08
C ASN W 74 33.72 -61.36 37.83
N ARG W 75 32.48 -61.78 37.56
CA ARG W 75 31.36 -60.86 37.24
C ARG W 75 31.14 -59.87 38.40
N ARG W 76 31.21 -60.36 39.63
CA ARG W 76 30.96 -59.51 40.84
C ARG W 76 32.12 -58.55 41.02
N MET W 77 33.36 -59.04 40.88
CA MET W 77 34.55 -58.17 40.96
C MET W 77 34.42 -57.06 39.92
N ALA W 78 34.04 -57.39 38.68
CA ALA W 78 33.90 -56.38 37.60
C ALA W 78 32.83 -55.37 38.02
N ALA W 79 31.70 -55.86 38.55
CA ALA W 79 30.55 -55.00 38.95
C ALA W 79 31.02 -54.01 40.02
N CYS W 80 31.83 -54.49 40.96
CA CYS W 80 32.35 -53.67 42.05
C CYS W 80 33.32 -52.63 41.51
N LEU W 81 34.26 -53.00 40.62
CA LEU W 81 35.17 -52.01 39.99
C LEU W 81 34.34 -50.92 39.32
N ARG W 82 33.26 -51.33 38.65
CA ARG W 82 32.35 -50.39 37.95
C ARG W 82 31.73 -49.42 38.96
N ASP W 83 31.28 -49.88 40.12
CA ASP W 83 30.68 -48.98 41.15
C ASP W 83 31.74 -48.00 41.71
N GLY W 84 32.95 -48.49 41.99
CA GLY W 84 34.03 -47.63 42.50
C GLY W 84 34.24 -46.46 41.54
N GLU W 85 34.31 -46.78 40.23
CA GLU W 85 34.44 -45.81 39.11
C GLU W 85 33.25 -44.84 39.09
N ILE W 86 32.02 -45.36 39.19
CA ILE W 86 30.76 -44.53 39.16
C ILE W 86 30.76 -43.55 40.34
N ILE W 87 31.03 -44.05 41.54
CA ILE W 87 31.03 -43.21 42.77
C ILE W 87 32.12 -42.12 42.63
N LEU W 88 33.34 -42.49 42.26
CA LEU W 88 34.41 -41.47 42.03
C LEU W 88 33.97 -40.47 40.95
N ARG W 89 33.41 -40.93 39.83
CA ARG W 89 32.93 -40.01 38.75
C ARG W 89 31.93 -38.98 39.32
N TYR W 90 30.93 -39.39 40.10
CA TYR W 90 29.93 -38.42 40.63
C TYR W 90 30.55 -37.49 41.70
N VAL W 91 31.53 -37.98 42.47
CA VAL W 91 32.24 -37.12 43.46
C VAL W 91 32.99 -36.01 42.68
N THR W 92 33.68 -36.38 41.61
CA THR W 92 34.43 -35.48 40.70
C THR W 92 33.48 -34.45 40.04
N TYR W 93 32.27 -34.85 39.64
CA TYR W 93 31.26 -33.90 39.12
C TYR W 93 30.96 -32.85 40.20
N ALA W 94 30.78 -33.28 41.47
CA ALA W 94 30.36 -32.37 42.55
C ALA W 94 31.48 -31.37 42.82
N LEU W 95 32.73 -31.83 42.75
CA LEU W 95 33.90 -30.96 42.99
C LEU W 95 33.99 -29.93 41.86
N LEU W 96 33.74 -30.33 40.62
CA LEU W 96 33.76 -29.40 39.46
C LEU W 96 32.64 -28.36 39.59
N ALA W 97 31.45 -28.78 40.04
CA ALA W 97 30.27 -27.91 40.19
C ALA W 97 30.37 -27.05 41.45
N GLY W 98 31.10 -27.51 42.47
CA GLY W 98 31.06 -26.90 43.82
C GLY W 98 29.68 -27.04 44.46
N ASP W 99 29.02 -28.16 44.25
CA ASP W 99 27.75 -28.49 44.93
C ASP W 99 27.50 -30.02 44.88
N ALA W 100 26.94 -30.60 45.96
CA ALA W 100 26.69 -32.05 46.13
C ALA W 100 25.44 -32.51 45.39
N SER W 101 24.62 -31.59 44.87
CA SER W 101 23.33 -31.88 44.17
C SER W 101 23.46 -33.06 43.20
N VAL W 102 24.47 -33.05 42.31
CA VAL W 102 24.56 -34.06 41.20
C VAL W 102 24.85 -35.44 41.82
N LEU W 103 25.66 -35.48 42.88
CA LEU W 103 26.01 -36.74 43.60
C LEU W 103 24.75 -37.24 44.32
N ASP W 104 24.08 -36.37 45.08
CA ASP W 104 22.81 -36.71 45.81
C ASP W 104 21.80 -37.29 44.83
N ASP W 105 21.49 -36.53 43.78
CA ASP W 105 20.33 -36.81 42.90
C ASP W 105 20.61 -37.99 41.98
N ARG W 106 21.85 -38.18 41.49
CA ARG W 106 22.09 -39.14 40.40
C ARG W 106 22.81 -40.38 40.90
N CYS W 107 23.36 -40.35 42.11
CA CYS W 107 24.17 -41.48 42.58
C CYS W 107 23.64 -42.00 43.91
N LEU W 108 23.42 -41.14 44.92
CA LEU W 108 23.19 -41.57 46.33
C LEU W 108 21.70 -41.88 46.61
N ASN W 109 20.78 -41.18 45.95
CA ASN W 109 19.34 -41.36 46.18
C ASN W 109 18.94 -42.80 45.79
N GLY W 110 18.63 -43.63 46.79
CA GLY W 110 18.17 -45.03 46.63
C GLY W 110 19.33 -46.02 46.65
N LEU W 111 20.56 -45.56 46.86
CA LEU W 111 21.74 -46.44 46.70
C LEU W 111 21.78 -47.47 47.84
N LYS W 112 21.52 -47.06 49.08
CA LYS W 112 21.57 -47.99 50.25
C LYS W 112 20.54 -49.11 50.06
N GLU W 113 19.31 -48.78 49.66
CA GLU W 113 18.19 -49.74 49.48
C GLU W 113 18.53 -50.68 48.32
N THR W 114 19.17 -50.18 47.25
CA THR W 114 19.68 -51.00 46.13
C THR W 114 20.73 -51.98 46.64
N TYR W 115 21.74 -51.49 47.36
CA TYR W 115 22.77 -52.35 47.98
C TYR W 115 22.14 -53.39 48.92
N ALA W 116 21.17 -53.01 49.77
CA ALA W 116 20.45 -53.94 50.67
C ALA W 116 19.72 -55.01 49.83
N ALA W 117 19.02 -54.61 48.76
CA ALA W 117 18.27 -55.53 47.89
C ALA W 117 19.20 -56.52 47.18
N LEU W 118 20.38 -56.08 46.68
CA LEU W 118 21.35 -56.98 45.98
C LEU W 118 22.19 -57.76 47.01
N GLY W 119 22.24 -57.35 48.27
CA GLY W 119 23.14 -57.96 49.27
C GLY W 119 24.58 -57.51 49.08
N VAL W 120 24.79 -56.28 48.59
CA VAL W 120 26.14 -55.68 48.46
C VAL W 120 26.53 -55.15 49.83
N PRO W 121 27.66 -55.58 50.44
CA PRO W 121 28.02 -55.07 51.75
C PRO W 121 28.41 -53.58 51.76
N THR W 122 27.58 -52.80 52.44
CA THR W 122 27.74 -51.42 52.99
C THR W 122 29.15 -51.17 53.49
N THR W 123 29.56 -51.92 54.53
CA THR W 123 30.81 -51.70 55.31
C THR W 123 32.04 -51.79 54.38
N SER W 124 32.03 -52.71 53.42
CA SER W 124 33.13 -52.86 52.45
C SER W 124 33.07 -51.71 51.44
N THR W 125 31.89 -51.38 50.92
CA THR W 125 31.71 -50.23 49.99
C THR W 125 32.29 -48.99 50.65
N VAL W 126 32.00 -48.78 51.93
CA VAL W 126 32.44 -47.57 52.69
C VAL W 126 33.97 -47.59 52.78
N ARG W 127 34.58 -48.76 53.00
CA ARG W 127 36.05 -48.83 53.06
C ARG W 127 36.69 -48.42 51.72
N ALA W 128 36.18 -48.93 50.60
CA ALA W 128 36.63 -48.54 49.24
C ALA W 128 36.51 -47.03 49.10
N VAL W 129 35.44 -46.43 49.56
CA VAL W 129 35.18 -44.97 49.45
C VAL W 129 36.15 -44.19 50.35
N GLN W 130 36.43 -44.69 51.56
CA GLN W 130 37.44 -44.07 52.47
C GLN W 130 38.83 -44.06 51.83
N ILE W 131 39.28 -45.16 51.20
CA ILE W 131 40.61 -45.17 50.52
C ILE W 131 40.60 -44.15 49.36
N MET W 132 39.51 -44.09 48.59
CA MET W 132 39.46 -43.11 47.47
C MET W 132 39.55 -41.68 48.02
N LYS W 133 38.94 -41.42 49.19
CA LYS W 133 38.96 -40.09 49.87
C LYS W 133 40.41 -39.72 50.21
N ALA W 134 41.16 -40.64 50.80
CA ALA W 134 42.58 -40.41 51.16
C ALA W 134 43.37 -40.20 49.86
N GLN W 135 43.16 -41.03 48.86
CA GLN W 135 43.87 -40.94 47.56
C GLN W 135 43.67 -39.52 46.96
N ALA W 136 42.41 -39.06 46.95
CA ALA W 136 41.98 -37.76 46.40
C ALA W 136 42.66 -36.59 47.14
N ALA W 137 42.68 -36.63 48.48
CA ALA W 137 43.31 -35.60 49.34
C ALA W 137 44.78 -35.50 48.97
N ALA W 138 45.47 -36.65 48.87
CA ALA W 138 46.90 -36.76 48.49
C ALA W 138 47.14 -36.15 47.08
N HIS W 139 46.32 -36.53 46.09
CA HIS W 139 46.46 -36.07 44.68
C HIS W 139 46.12 -34.58 44.57
N ILE W 140 45.15 -34.08 45.34
CA ILE W 140 44.81 -32.63 45.32
C ILE W 140 45.99 -31.83 45.90
N LYS W 141 46.57 -32.27 47.01
CA LYS W 141 47.75 -31.66 47.68
C LYS W 141 49.01 -31.85 46.83
N ASP W 142 48.96 -32.82 45.91
CA ASP W 142 50.12 -33.27 45.07
C ASP W 142 51.24 -33.76 46.00
N THR W 143 50.87 -34.57 47.00
CA THR W 143 51.82 -35.26 47.91
C THR W 143 51.46 -36.73 48.00
N PRO W 144 51.26 -37.43 46.85
CA PRO W 144 51.19 -38.88 46.87
C PRO W 144 52.55 -39.48 47.24
N SER W 145 52.53 -40.53 48.05
CA SER W 145 53.75 -41.19 48.57
C SER W 145 54.20 -42.24 47.56
N GLU W 146 55.51 -42.38 47.38
CA GLU W 146 56.14 -43.43 46.54
C GLU W 146 55.87 -44.82 47.16
N ALA W 147 55.65 -44.88 48.47
CA ALA W 147 55.38 -46.13 49.23
C ALA W 147 54.06 -46.73 48.75
N ARG W 148 53.01 -45.92 48.57
CA ARG W 148 51.68 -46.38 48.11
C ARG W 148 51.67 -46.60 46.58
N ALA W 149 52.41 -45.81 45.81
CA ALA W 149 52.23 -45.68 44.34
C ALA W 149 53.25 -46.53 43.58
N GLY W 150 54.45 -46.72 44.12
CA GLY W 150 55.55 -47.41 43.41
C GLY W 150 55.77 -46.81 42.02
N ALA W 151 55.83 -47.65 40.98
CA ALA W 151 56.12 -47.23 39.59
C ALA W 151 54.99 -46.34 39.02
N LYS W 152 53.85 -46.30 39.71
CA LYS W 152 52.61 -45.65 39.19
C LYS W 152 52.52 -44.23 39.76
N LEU W 153 53.48 -43.80 40.57
CA LEU W 153 53.49 -42.43 41.15
C LEU W 153 53.30 -41.39 40.04
N ARG W 154 52.42 -40.42 40.27
CA ARG W 154 52.18 -39.24 39.39
C ARG W 154 52.29 -37.95 40.20
N LYS W 155 52.97 -36.94 39.63
CA LYS W 155 53.06 -35.55 40.16
C LYS W 155 52.37 -34.62 39.16
N MET W 156 51.62 -33.63 39.64
CA MET W 156 50.78 -32.77 38.76
C MET W 156 51.57 -31.49 38.43
N GLY W 157 52.48 -31.06 39.31
CA GLY W 157 53.30 -29.84 39.13
C GLY W 157 52.49 -28.53 39.08
N SER W 158 51.43 -28.41 39.89
CA SER W 158 50.62 -27.18 40.03
C SER W 158 51.34 -26.20 40.95
N PRO W 159 51.16 -24.86 40.74
CA PRO W 159 51.82 -23.85 41.56
C PRO W 159 51.59 -24.12 43.06
N VAL W 160 52.65 -24.17 43.86
CA VAL W 160 52.56 -24.66 45.27
C VAL W 160 52.07 -23.50 46.16
N VAL W 161 51.12 -23.77 47.05
CA VAL W 161 50.78 -22.89 48.20
C VAL W 161 50.99 -23.72 49.46
N GLU W 162 51.33 -23.05 50.54
CA GLU W 162 51.79 -23.73 51.78
C GLU W 162 50.64 -24.59 52.33
N ASP W 163 49.40 -24.14 52.30
CA ASP W 163 48.23 -24.96 52.75
C ASP W 163 47.90 -26.08 51.73
N ARG W 164 48.39 -26.02 50.50
CA ARG W 164 48.13 -27.07 49.46
C ARG W 164 46.63 -27.30 49.23
N CYS W 165 45.87 -26.21 49.06
CA CYS W 165 44.44 -26.19 48.69
C CYS W 165 43.66 -26.94 49.76
N SER W 166 43.88 -26.63 51.03
CA SER W 166 43.28 -27.37 52.17
C SER W 166 41.76 -27.27 52.08
N SER W 167 41.26 -26.13 51.61
CA SER W 167 39.81 -25.87 51.47
C SER W 167 39.19 -26.82 50.42
N LEU W 168 39.81 -26.97 49.24
CA LEU W 168 39.37 -27.94 48.19
C LEU W 168 39.53 -29.36 48.74
N VAL W 169 40.55 -29.63 49.56
CA VAL W 169 40.73 -30.98 50.15
C VAL W 169 39.57 -31.25 51.11
N ALA W 170 39.16 -30.27 51.93
CA ALA W 170 38.03 -30.47 52.88
C ALA W 170 36.71 -30.65 52.10
N GLU W 171 36.47 -29.83 51.08
CA GLU W 171 35.24 -29.92 50.25
C GLU W 171 35.15 -31.31 49.59
N ALA W 172 36.21 -31.77 48.91
CA ALA W 172 36.26 -33.11 48.29
C ALA W 172 35.99 -34.17 49.36
N SER W 173 36.73 -34.14 50.46
CA SER W 173 36.55 -35.09 51.59
C SER W 173 35.07 -35.09 52.04
N SER W 174 34.43 -33.92 52.06
CA SER W 174 32.99 -33.76 52.42
C SER W 174 32.09 -34.55 51.45
N TYR W 175 32.41 -34.57 50.16
CA TYR W 175 31.60 -35.27 49.13
C TYR W 175 31.71 -36.79 49.38
N PHE W 176 32.92 -37.29 49.61
CA PHE W 176 33.17 -38.71 49.95
C PHE W 176 32.45 -39.04 51.27
N ASP W 177 32.51 -38.15 52.27
CA ASP W 177 31.80 -38.34 53.58
C ASP W 177 30.29 -38.39 53.35
N ARG W 178 29.77 -37.74 52.30
CA ARG W 178 28.33 -37.81 51.98
C ARG W 178 27.96 -39.20 51.48
N VAL W 179 28.83 -39.81 50.65
CA VAL W 179 28.64 -41.21 50.16
C VAL W 179 28.67 -42.11 51.40
N ILE W 180 29.68 -41.96 52.26
CA ILE W 180 29.87 -42.82 53.47
C ILE W 180 28.65 -42.67 54.38
N ALA W 181 28.16 -41.44 54.63
CA ALA W 181 26.94 -41.16 55.41
C ALA W 181 25.72 -41.88 54.78
N ALA W 182 25.50 -41.73 53.48
CA ALA W 182 24.34 -42.35 52.81
C ALA W 182 24.41 -43.89 52.87
N LEU W 183 25.60 -44.47 52.95
CA LEU W 183 25.77 -45.95 52.85
C LEU W 183 25.82 -46.63 54.22
N SER W 184 25.92 -45.89 55.33
CA SER W 184 25.99 -46.49 56.69
C SER W 184 24.86 -45.94 57.56
N MET X 1 -5.04 37.35 46.00
CA MET X 1 -3.77 36.59 45.97
C MET X 1 -3.80 35.66 44.74
N LYS X 2 -3.06 36.01 43.69
CA LYS X 2 -3.25 35.40 42.35
C LYS X 2 -2.83 33.93 42.39
N SER X 3 -3.78 33.06 42.05
CA SER X 3 -3.66 31.59 41.86
C SER X 3 -4.57 31.18 40.70
N VAL X 4 -4.59 29.91 40.32
CA VAL X 4 -5.54 29.41 39.28
C VAL X 4 -6.97 29.75 39.71
N VAL X 5 -7.32 29.40 40.93
CA VAL X 5 -8.75 29.39 41.35
C VAL X 5 -9.20 30.82 41.65
N THR X 6 -8.35 31.67 42.23
CA THR X 6 -8.75 33.08 42.51
C THR X 6 -8.84 33.85 41.20
N THR X 7 -8.01 33.54 40.21
CA THR X 7 -8.14 34.13 38.84
C THR X 7 -9.50 33.74 38.19
N VAL X 8 -9.91 32.46 38.19
CA VAL X 8 -11.20 32.12 37.48
C VAL X 8 -12.36 32.71 38.30
N ILE X 9 -12.27 32.73 39.63
CA ILE X 9 -13.36 33.29 40.48
C ILE X 9 -13.47 34.81 40.27
N ALA X 10 -12.37 35.55 40.18
CA ALA X 10 -12.39 37.02 39.89
C ALA X 10 -13.04 37.25 38.53
N ALA X 11 -12.67 36.47 37.49
CA ALA X 11 -13.29 36.61 36.15
C ALA X 11 -14.77 36.26 36.20
N ALA X 12 -15.16 35.18 36.88
CA ALA X 12 -16.58 34.81 37.01
C ALA X 12 -17.32 35.95 37.73
N ASP X 13 -16.77 36.45 38.83
CA ASP X 13 -17.44 37.49 39.65
C ASP X 13 -17.64 38.76 38.83
N ALA X 14 -16.62 39.20 38.08
CA ALA X 14 -16.67 40.41 37.23
C ALA X 14 -17.83 40.30 36.23
N ALA X 15 -18.22 39.09 35.85
CA ALA X 15 -19.29 38.84 34.85
C ALA X 15 -20.61 38.36 35.48
N GLY X 16 -20.71 38.28 36.80
CA GLY X 16 -21.91 37.76 37.50
C GLY X 16 -22.11 36.25 37.32
N ARG X 17 -21.07 35.45 37.05
CA ARG X 17 -21.27 34.03 36.64
C ARG X 17 -21.04 33.07 37.83
N PHE X 18 -21.84 32.01 37.86
CA PHE X 18 -21.52 30.77 38.61
C PHE X 18 -20.26 30.17 37.99
N PRO X 19 -19.42 29.46 38.78
CA PRO X 19 -18.39 28.61 38.22
C PRO X 19 -19.01 27.74 37.11
N SER X 20 -18.30 27.61 35.99
CA SER X 20 -18.75 26.88 34.78
C SER X 20 -17.60 26.03 34.25
N SER X 21 -17.82 25.29 33.16
CA SER X 21 -16.90 24.24 32.67
C SER X 21 -15.44 24.72 32.69
N SER X 22 -15.14 25.89 32.10
CA SER X 22 -13.76 26.39 31.93
C SER X 22 -13.12 26.67 33.31
N ASP X 23 -13.93 27.00 34.31
CA ASP X 23 -13.45 27.28 35.69
C ASP X 23 -13.02 25.97 36.36
N LEU X 24 -13.86 24.93 36.25
CA LEU X 24 -13.54 23.59 36.81
C LEU X 24 -12.31 23.02 36.09
N GLU X 25 -12.28 23.15 34.78
CA GLU X 25 -11.16 22.65 33.94
C GLU X 25 -9.86 23.36 34.35
N SER X 26 -9.90 24.66 34.67
CA SER X 26 -8.72 25.42 35.11
C SER X 26 -8.18 24.77 36.40
N VAL X 27 -9.07 24.47 37.34
CA VAL X 27 -8.68 23.95 38.68
C VAL X 27 -8.16 22.51 38.50
N GLN X 28 -8.65 21.71 37.55
CA GLN X 28 -8.05 20.39 37.24
C GLN X 28 -6.55 20.62 37.01
N GLY X 29 -6.19 21.71 36.32
CA GLY X 29 -4.77 22.05 36.06
C GLY X 29 -3.93 22.06 37.33
N SER X 30 -4.45 22.69 38.40
CA SER X 30 -3.81 22.75 39.73
C SER X 30 -3.64 21.33 40.27
N ILE X 31 -4.67 20.49 40.20
CA ILE X 31 -4.60 19.07 40.64
C ILE X 31 -3.41 18.38 39.95
N GLN X 32 -3.29 18.51 38.63
CA GLN X 32 -2.25 17.87 37.79
C GLN X 32 -0.88 18.42 38.17
N ARG X 33 -0.74 19.74 38.24
CA ARG X 33 0.57 20.39 38.31
C ARG X 33 1.04 20.38 39.76
N SER X 34 0.14 20.17 40.73
CA SER X 34 0.44 20.33 42.17
C SER X 34 1.63 19.45 42.58
N ALA X 35 1.75 18.25 42.00
CA ALA X 35 2.78 17.25 42.39
C ALA X 35 4.19 17.80 42.12
N ALA X 36 4.41 18.42 40.96
CA ALA X 36 5.71 19.01 40.58
C ALA X 36 5.99 20.21 41.49
N ARG X 37 5.00 21.08 41.71
CA ARG X 37 5.32 22.35 42.42
C ARG X 37 5.37 22.10 43.93
N LEU X 38 4.61 21.16 44.47
CA LEU X 38 4.63 20.91 45.94
C LEU X 38 5.93 20.14 46.28
N GLU X 39 6.44 19.32 45.36
CA GLU X 39 7.75 18.69 45.60
C GLU X 39 8.78 19.82 45.70
N ALA X 40 8.80 20.78 44.76
CA ALA X 40 9.77 21.90 44.81
C ALA X 40 9.60 22.66 46.13
N ALA X 41 8.36 22.92 46.54
CA ALA X 41 8.06 23.63 47.82
C ALA X 41 8.68 22.84 48.99
N GLU X 42 8.55 21.50 48.97
CA GLU X 42 9.10 20.66 50.07
C GLU X 42 10.61 20.72 50.01
N LYS X 43 11.23 20.62 48.83
CA LYS X 43 12.70 20.69 48.70
C LYS X 43 13.19 22.06 49.23
N LEU X 44 12.59 23.15 48.76
CA LEU X 44 13.01 24.52 49.18
C LEU X 44 12.78 24.72 50.69
N GLY X 45 11.64 24.28 51.22
CA GLY X 45 11.26 24.46 52.62
C GLY X 45 12.17 23.69 53.57
N ALA X 46 12.69 22.54 53.12
CA ALA X 46 13.61 21.70 53.87
C ALA X 46 15.01 22.35 53.92
N ASN X 47 15.42 23.15 52.93
CA ASN X 47 16.84 23.59 52.90
C ASN X 47 16.97 25.09 52.61
N LEU X 48 15.97 25.90 53.00
CA LEU X 48 15.89 27.34 52.60
C LEU X 48 17.16 28.09 52.99
N ASP X 49 17.62 27.94 54.23
CA ASP X 49 18.80 28.61 54.82
C ASP X 49 20.04 28.38 53.95
N ASN X 50 20.36 27.14 53.58
CA ASN X 50 21.56 26.82 52.77
C ASN X 50 21.40 27.30 51.33
N VAL X 51 20.20 27.15 50.73
CA VAL X 51 19.91 27.62 49.35
C VAL X 51 20.14 29.14 49.29
N ALA X 52 19.58 29.92 50.23
CA ALA X 52 19.71 31.39 50.31
C ALA X 52 21.17 31.78 50.61
N GLN X 53 21.82 31.05 51.52
CA GLN X 53 23.18 31.39 51.96
C GLN X 53 24.07 31.34 50.72
N GLU X 54 24.02 30.27 49.95
CA GLU X 54 24.96 30.18 48.81
C GLU X 54 24.62 31.25 47.76
N ALA X 55 23.36 31.69 47.66
CA ALA X 55 22.93 32.69 46.65
C ALA X 55 23.46 34.06 47.06
N TYR X 56 23.34 34.38 48.35
CA TYR X 56 23.87 35.62 48.97
C TYR X 56 25.40 35.63 48.80
N ASN X 57 26.07 34.51 49.07
CA ASN X 57 27.56 34.38 48.92
C ASN X 57 27.93 34.70 47.49
N ALA X 58 27.20 34.14 46.53
CA ALA X 58 27.42 34.36 45.08
C ALA X 58 27.28 35.86 44.73
N CYS X 59 26.34 36.60 45.33
CA CYS X 59 26.03 37.99 44.87
C CYS X 59 27.11 38.94 45.38
N ILE X 60 27.61 38.71 46.60
CA ILE X 60 28.77 39.40 47.22
C ILE X 60 30.06 39.08 46.46
N GLN X 61 30.28 37.83 46.08
CA GLN X 61 31.47 37.42 45.30
C GLN X 61 31.46 38.12 43.93
N LYS X 62 30.30 38.31 43.33
CA LYS X 62 30.22 39.03 42.05
C LYS X 62 30.45 40.53 42.28
N TYR X 63 29.98 41.09 43.40
CA TYR X 63 29.99 42.55 43.67
C TYR X 63 30.72 42.82 44.98
N PRO X 64 32.03 42.53 45.09
CA PRO X 64 32.76 42.78 46.33
C PRO X 64 32.84 44.26 46.72
N TYR X 65 32.56 45.20 45.82
CA TYR X 65 32.52 46.65 46.16
C TYR X 65 31.50 46.84 47.29
N LEU X 66 30.51 45.94 47.42
CA LEU X 66 29.47 46.07 48.48
C LEU X 66 30.14 46.00 49.86
N ASN X 67 31.36 45.50 49.96
CA ASN X 67 32.10 45.37 51.25
C ASN X 67 32.83 46.66 51.57
N ASN X 68 33.02 47.58 50.61
CA ASN X 68 33.80 48.83 50.87
C ASN X 68 32.98 49.74 51.82
N ALA X 69 33.70 50.61 52.53
CA ALA X 69 33.16 51.45 53.62
C ALA X 69 31.96 52.25 53.11
N GLY X 70 30.85 52.23 53.82
CA GLY X 70 29.64 52.95 53.40
C GLY X 70 28.76 52.15 52.44
N GLU X 71 29.22 51.07 51.83
CA GLU X 71 28.40 50.35 50.84
C GLU X 71 27.47 49.33 51.53
N ALA X 72 26.55 48.77 50.76
CA ALA X 72 25.33 48.10 51.29
C ALA X 72 25.67 46.76 51.96
N ASN X 73 26.91 46.24 51.86
CA ASN X 73 27.30 45.00 52.59
C ASN X 73 28.49 45.27 53.53
N SER X 74 28.66 46.49 54.04
CA SER X 74 29.94 47.00 54.62
C SER X 74 29.99 46.95 56.15
N ASN X 75 29.00 46.36 56.82
CA ASN X 75 28.99 46.15 58.29
C ASN X 75 28.08 44.96 58.58
N ASP X 76 28.10 44.46 59.82
CA ASP X 76 27.53 43.14 60.17
C ASP X 76 25.99 43.18 60.07
N THR X 77 25.36 44.34 60.34
CA THR X 77 23.90 44.58 60.23
C THR X 77 23.49 44.56 58.75
N TYR X 78 24.19 45.28 57.89
CA TYR X 78 23.94 45.25 56.42
C TYR X 78 24.06 43.81 55.92
N LYS X 79 25.08 43.09 56.37
CA LYS X 79 25.39 41.72 55.89
C LYS X 79 24.23 40.81 56.24
N ALA X 80 23.77 40.87 57.50
CA ALA X 80 22.63 40.08 58.03
C ALA X 80 21.32 40.43 57.28
N LYS X 81 21.03 41.73 57.09
CA LYS X 81 19.82 42.17 56.33
C LYS X 81 19.87 41.68 54.87
N CYS X 82 21.02 41.79 54.22
CA CYS X 82 21.18 41.35 52.80
C CYS X 82 20.86 39.85 52.69
N LEU X 83 21.45 39.02 53.55
CA LEU X 83 21.17 37.57 53.61
C LEU X 83 19.68 37.36 53.88
N ARG X 84 19.15 38.05 54.89
CA ARG X 84 17.72 38.05 55.27
C ARG X 84 16.85 38.35 54.04
N ASP X 85 17.25 39.33 53.21
CA ASP X 85 16.45 39.74 52.02
C ASP X 85 16.41 38.59 51.01
N VAL X 86 17.55 37.93 50.80
CA VAL X 86 17.67 36.77 49.89
C VAL X 86 16.75 35.67 50.43
N LYS X 87 16.73 35.44 51.75
CA LYS X 87 15.84 34.41 52.37
C LYS X 87 14.36 34.78 52.19
N HIS X 88 14.01 36.06 52.32
CA HIS X 88 12.64 36.58 52.08
C HIS X 88 12.21 36.18 50.67
N TYR X 89 13.01 36.51 49.67
CA TYR X 89 12.64 36.26 48.25
C TYR X 89 12.44 34.74 48.08
N MET X 90 13.36 33.92 48.57
CA MET X 90 13.25 32.43 48.45
C MET X 90 12.00 31.90 49.17
N ARG X 91 11.64 32.47 50.32
CA ARG X 91 10.47 32.03 51.12
C ARG X 91 9.19 32.31 50.34
N LEU X 92 9.09 33.48 49.72
CA LEU X 92 7.93 33.92 48.91
C LEU X 92 7.82 33.03 47.68
N ILE X 93 8.96 32.64 47.11
CA ILE X 93 8.98 31.62 46.02
C ILE X 93 8.41 30.31 46.56
N GLN X 94 8.82 29.87 47.75
CA GLN X 94 8.20 28.66 48.36
C GLN X 94 6.68 28.86 48.43
N TYR X 95 6.21 30.03 48.88
CA TYR X 95 4.76 30.33 49.00
C TYR X 95 4.12 30.24 47.62
N CYS X 96 4.77 30.71 46.55
CA CYS X 96 4.21 30.68 45.17
C CYS X 96 4.08 29.22 44.69
N LEU X 97 5.03 28.36 45.06
CA LEU X 97 5.03 26.92 44.70
C LEU X 97 3.87 26.22 45.41
N VAL X 98 3.52 26.66 46.63
CA VAL X 98 2.40 26.07 47.42
C VAL X 98 1.07 26.50 46.77
N VAL X 99 0.97 27.78 46.41
CA VAL X 99 -0.28 28.42 45.90
C VAL X 99 -0.51 28.07 44.43
N GLY X 100 0.55 27.92 43.64
CA GLY X 100 0.48 27.69 42.18
C GLY X 100 0.22 28.97 41.40
N GLY X 101 0.54 30.12 41.99
CA GLY X 101 0.55 31.43 41.31
C GLY X 101 1.57 32.37 41.94
N THR X 102 1.70 33.58 41.39
CA THR X 102 2.74 34.57 41.78
C THR X 102 2.24 35.46 42.93
N GLY X 103 0.97 35.36 43.32
CA GLY X 103 0.35 36.22 44.37
C GLY X 103 1.30 36.58 45.52
N PRO X 104 1.89 35.59 46.24
CA PRO X 104 2.73 35.91 47.38
C PRO X 104 3.93 36.81 47.06
N LEU X 105 4.62 36.53 45.95
CA LEU X 105 5.76 37.33 45.46
C LEU X 105 5.26 38.73 45.04
N ASP X 106 4.16 38.79 44.28
CA ASP X 106 3.54 40.05 43.79
C ASP X 106 3.21 40.96 44.98
N GLU X 107 2.49 40.45 45.98
CA GLU X 107 1.99 41.31 47.07
C GLU X 107 3.06 41.55 48.14
N TRP X 108 3.95 40.61 48.44
CA TRP X 108 4.77 40.70 49.68
C TRP X 108 6.23 41.00 49.33
N GLY X 109 6.60 40.90 48.05
CA GLY X 109 8.00 41.11 47.61
C GLY X 109 8.12 42.18 46.53
N ILE X 110 7.38 42.06 45.43
CA ILE X 110 7.57 42.94 44.25
C ILE X 110 6.96 44.31 44.52
N ALA X 111 5.74 44.36 45.09
CA ALA X 111 5.04 45.64 45.32
C ALA X 111 5.87 46.45 46.31
N GLY X 112 6.32 47.60 45.84
CA GLY X 112 7.10 48.60 46.56
C GLY X 112 8.59 48.33 46.50
N GLN X 113 9.07 47.23 45.89
CA GLN X 113 10.52 46.91 46.00
C GLN X 113 11.32 48.05 45.37
N ARG X 114 10.85 48.61 44.26
CA ARG X 114 11.71 49.63 43.58
C ARG X 114 11.76 50.88 44.46
N GLU X 115 10.65 51.27 45.11
CA GLU X 115 10.60 52.46 46.00
C GLU X 115 11.55 52.20 47.18
N VAL X 116 11.53 51.00 47.77
CA VAL X 116 12.31 50.72 49.01
C VAL X 116 13.80 50.80 48.67
N TYR X 117 14.23 50.16 47.57
CA TYR X 117 15.66 50.02 47.17
C TYR X 117 16.24 51.40 46.74
N ARG X 118 15.48 52.18 45.98
CA ARG X 118 15.82 53.59 45.65
C ARG X 118 16.03 54.41 46.93
N ALA X 119 15.06 54.46 47.85
CA ALA X 119 15.11 55.25 49.10
C ALA X 119 16.33 54.89 49.96
N LEU X 120 16.72 53.62 50.01
CA LEU X 120 17.81 53.15 50.91
C LEU X 120 19.11 53.02 50.15
N SER X 121 19.16 53.50 48.92
CA SER X 121 20.33 53.33 48.02
C SER X 121 20.77 51.86 47.96
N LEU X 122 19.86 50.90 47.89
CA LEU X 122 20.20 49.47 47.67
C LEU X 122 20.31 49.17 46.17
N PRO X 123 21.51 48.82 45.67
CA PRO X 123 21.67 48.39 44.30
C PRO X 123 20.81 47.14 44.01
N THR X 124 20.15 47.19 42.86
CA THR X 124 19.27 46.11 42.35
C THR X 124 20.11 44.94 41.81
N ALA X 125 21.29 45.17 41.22
CA ALA X 125 22.06 44.11 40.52
C ALA X 125 22.45 42.96 41.48
N PRO X 126 22.83 43.19 42.76
CA PRO X 126 23.14 42.06 43.64
C PRO X 126 21.93 41.16 43.92
N TYR X 127 20.72 41.72 44.01
CA TYR X 127 19.44 40.96 44.16
C TYR X 127 19.26 40.03 42.95
N VAL X 128 19.39 40.58 41.74
CA VAL X 128 19.33 39.85 40.44
C VAL X 128 20.39 38.74 40.42
N GLU X 129 21.62 39.05 40.81
CA GLU X 129 22.71 38.04 40.84
C GLU X 129 22.37 36.92 41.82
N ALA X 130 21.85 37.19 43.02
CA ALA X 130 21.52 36.09 43.97
C ALA X 130 20.41 35.20 43.35
N LEU X 131 19.34 35.79 42.81
CA LEU X 131 18.27 34.98 42.21
C LEU X 131 18.81 34.28 40.95
N SER X 132 19.69 34.95 40.22
CA SER X 132 20.28 34.42 38.96
C SER X 132 21.12 33.19 39.28
N PHE X 133 21.90 33.23 40.36
CA PHE X 133 22.70 32.06 40.80
C PHE X 133 21.75 30.89 41.15
N ALA X 134 20.68 31.16 41.93
CA ALA X 134 19.72 30.11 42.37
C ALA X 134 19.03 29.51 41.13
N ARG X 135 18.82 30.30 40.08
CA ARG X 135 18.14 29.89 38.83
C ARG X 135 19.07 28.95 38.01
N ASN X 136 20.38 29.21 38.00
CA ASN X 136 21.36 28.42 37.21
C ASN X 136 21.84 27.21 38.02
N ARG X 137 21.51 27.15 39.32
CA ARG X 137 22.14 26.24 40.29
C ARG X 137 21.50 24.84 40.25
N GLY X 138 20.17 24.77 40.26
CA GLY X 138 19.44 23.50 40.48
C GLY X 138 19.57 22.57 39.29
N CYS X 139 19.49 21.26 39.50
CA CYS X 139 19.42 20.28 38.39
C CYS X 139 18.65 19.03 38.82
N ALA X 140 17.90 18.46 37.89
CA ALA X 140 17.13 17.23 38.14
C ALA X 140 17.93 16.08 37.57
N PRO X 141 17.96 14.89 38.22
CA PRO X 141 17.17 14.63 39.42
C PRO X 141 17.87 14.89 40.75
N ARG X 142 19.05 15.51 40.75
CA ARG X 142 19.87 15.65 41.97
C ARG X 142 19.06 16.33 43.09
N ASP X 143 18.43 17.49 42.79
CA ASP X 143 17.79 18.36 43.82
C ASP X 143 16.29 18.06 43.90
N MET X 144 15.69 17.53 42.81
CA MET X 144 14.23 17.36 42.68
C MET X 144 13.95 16.82 41.28
N SER X 145 12.73 16.37 40.96
CA SER X 145 12.33 15.90 39.60
C SER X 145 12.39 17.08 38.64
N ALA X 146 12.39 16.78 37.34
CA ALA X 146 12.53 17.76 36.25
C ALA X 146 11.42 18.84 36.33
N GLN X 147 10.17 18.44 36.54
CA GLN X 147 9.01 19.38 36.48
C GLN X 147 8.97 20.19 37.79
N ALA X 148 9.45 19.61 38.90
CA ALA X 148 9.74 20.37 40.13
C ALA X 148 10.70 21.52 39.80
N LEU X 149 11.81 21.24 39.11
CA LEU X 149 12.85 22.26 38.81
C LEU X 149 12.27 23.33 37.87
N VAL X 150 11.45 22.95 36.87
CA VAL X 150 10.81 23.90 35.93
C VAL X 150 9.98 24.93 36.74
N GLU X 151 9.30 24.45 37.78
CA GLU X 151 8.36 25.26 38.60
C GLU X 151 9.19 26.24 39.45
N TYR X 152 10.20 25.72 40.17
CA TYR X 152 11.22 26.50 40.92
C TYR X 152 11.85 27.55 39.99
N ASN X 153 12.37 27.14 38.83
CA ASN X 153 13.11 28.04 37.90
C ASN X 153 12.17 29.13 37.37
N ALA X 154 10.92 28.79 37.01
CA ALA X 154 9.95 29.76 36.43
C ALA X 154 9.71 30.91 37.41
N LEU X 155 9.65 30.61 38.72
CA LEU X 155 9.36 31.62 39.77
C LEU X 155 10.61 32.49 40.02
N LEU X 156 11.80 31.89 40.00
CA LEU X 156 13.07 32.64 40.14
C LEU X 156 13.18 33.62 38.95
N ASP X 157 12.87 33.16 37.72
CA ASP X 157 12.90 34.03 36.52
C ASP X 157 11.84 35.12 36.62
N TYR X 158 10.68 34.80 37.21
CA TYR X 158 9.60 35.79 37.42
C TYR X 158 10.13 36.91 38.33
N ALA X 159 10.76 36.52 39.46
CA ALA X 159 11.36 37.48 40.42
C ALA X 159 12.46 38.30 39.72
N ILE X 160 13.31 37.64 38.93
CA ILE X 160 14.41 38.32 38.18
C ILE X 160 13.82 39.34 37.19
N ASN X 161 12.76 38.94 36.48
CA ASN X 161 12.09 39.84 35.51
C ASN X 161 11.60 41.10 36.25
N SER X 162 11.05 40.94 37.46
CA SER X 162 10.45 42.04 38.24
C SER X 162 11.53 43.09 38.59
N LEU X 163 12.82 42.72 38.64
CA LEU X 163 13.96 43.59 39.03
C LEU X 163 14.75 44.07 37.80
N SER X 164 14.50 43.50 36.61
CA SER X 164 15.22 43.72 35.33
C SER X 164 14.33 44.45 34.34
CHC PEB Y . 32.69 -10.23 23.45
NC PEB Y . 34.26 -8.99 21.96
C1C PEB Y . 35.52 -8.44 21.98
C2C PEB Y . 36.07 -8.70 23.29
C3C PEB Y . 35.08 -9.42 23.99
C4C PEB Y . 33.98 -9.57 23.16
CMC PEB Y . 35.22 -9.91 25.40
CAC PEB Y . 37.43 -8.31 23.79
CBC PEB Y . 37.51 -6.96 24.51
CGC PEB Y . 37.56 -5.75 23.58
O1C PEB Y . 36.76 -4.81 23.79
O2C PEB Y . 38.36 -5.77 22.62
ND PEB Y . 33.57 -12.47 24.04
C1D PEB Y . 32.65 -11.75 23.21
C2D PEB Y . 31.32 -12.35 23.67
C3D PEB Y . 31.54 -13.21 24.66
C4D PEB Y . 32.98 -13.36 24.84
CMD PEB Y . 29.99 -11.95 23.10
CAD PEB Y . 30.48 -13.90 25.36
CBD PEB Y . 30.68 -14.85 26.22
OD PEB Y . 33.56 -14.15 25.56
NA PEB Y . 33.37 -5.15 15.72
C1A PEB Y . 32.85 -4.62 14.56
C2A PEB Y . 31.58 -5.38 14.25
C3A PEB Y . 31.69 -6.66 15.11
C4A PEB Y . 32.90 -6.42 16.00
CMA PEB Y . 30.31 -4.55 14.47
CBA PEB Y . 31.69 -9.24 14.87
OA PEB Y . 33.30 -3.65 13.93
CHA PEB Y . 33.44 -7.33 16.95
CAA PEB Y . 31.67 -7.87 14.18
NB PEB Y . 34.40 -7.42 19.20
C1B PEB Y . 34.46 -7.08 17.87
C2B PEB Y . 35.78 -6.52 17.57
C3B PEB Y . 36.51 -6.61 18.72
C4B PEB Y . 35.68 -7.32 19.69
CHB PEB Y . 36.15 -7.77 20.92
CMB PEB Y . 36.25 -5.97 16.27
CAB PEB Y . 37.89 -6.09 19.01
CBB PEB Y . 38.97 -7.18 18.93
CGB PEB Y . 39.27 -7.60 17.49
O1B PEB Y . 39.71 -6.75 16.71
O2B PEB Y . 39.07 -8.77 17.17
CHC PEB Z . 11.96 -7.94 4.21
NC PEB Z . 14.21 -7.35 5.15
C1C PEB Z . 15.50 -7.17 4.73
C2C PEB Z . 15.49 -7.38 3.30
C3C PEB Z . 14.18 -7.72 2.96
C4C PEB Z . 13.41 -7.65 4.09
CMC PEB Z . 13.70 -8.04 1.56
CAC PEB Z . 16.68 -7.39 2.38
CBC PEB Z . 17.29 -6.05 2.01
CGC PEB Z . 18.71 -6.21 1.50
O1C PEB Z . 19.63 -5.51 2.01
O2C PEB Z . 18.91 -7.07 0.61
ND PEB Z . 11.20 -6.12 2.89
C1D PEB Z . 11.09 -6.71 4.21
C2D PEB Z . 9.60 -7.00 4.27
C3D PEB Z . 9.01 -6.54 3.17
C4D PEB Z . 10.01 -5.88 2.33
CMD PEB Z . 8.92 -7.70 5.40
CAD PEB Z . 7.58 -6.61 2.95
CBD PEB Z . 6.85 -5.71 2.33
OD PEB Z . 9.82 -5.22 1.30
NA PEB Z . 16.54 -5.67 11.95
C1A PEB Z . 16.51 -5.39 13.29
C2A PEB Z . 15.59 -6.40 13.95
C3A PEB Z . 15.21 -7.38 12.82
C4A PEB Z . 15.84 -6.80 11.58
CMA PEB Z . 16.27 -7.02 15.18
CBA PEB Z . 12.94 -6.51 11.97
OA PEB Z . 17.12 -4.49 13.84
CHA PEB Z . 15.69 -7.34 10.30
CAA PEB Z . 13.72 -7.68 12.58
NB PEB Z . 15.71 -6.99 7.87
C1B PEB Z . 16.32 -6.94 9.09
C2B PEB Z . 17.73 -6.62 8.93
C3B PEB Z . 17.96 -6.47 7.60
C4B PEB Z . 16.70 -6.77 6.94
CHB PEB Z . 16.57 -6.81 5.52
CMB PEB Z . 18.78 -6.51 10.00
CAB PEB Z . 19.24 -6.11 6.88
CBB PEB Z . 19.26 -4.73 6.20
CGB PEB Z . 18.87 -3.56 7.09
O1B PEB Z . 19.02 -3.67 8.31
O2B PEB Z . 18.42 -2.54 6.53
CHC PEB AA . 12.14 -29.81 7.00
NC PEB AA . 9.77 -29.18 6.71
C1C PEB AA . 8.50 -29.69 6.76
C2C PEB AA . 8.66 -31.10 7.06
C3C PEB AA . 10.03 -31.35 7.15
C4C PEB AA . 10.68 -30.13 6.96
CMC PEB AA . 10.67 -32.68 7.41
CAC PEB AA . 7.55 -32.10 7.19
CBC PEB AA . 7.08 -32.31 8.64
CGC PEB AA . 6.35 -31.11 9.23
O1C PEB AA . 5.16 -30.88 8.87
O2C PEB AA . 6.97 -30.39 10.08
ND PEB AA . 12.42 -30.41 9.40
C1D PEB AA . 12.58 -29.37 8.39
C2D PEB AA . 14.06 -29.11 8.52
C3D PEB AA . 14.63 -30.03 9.31
C4D PEB AA . 13.61 -30.85 9.89
CMD PEB AA . 14.69 -27.96 7.79
CAD PEB AA . 16.07 -30.16 9.51
CBD PEB AA . 16.65 -30.95 10.39
OD PEB AA . 13.77 -31.78 10.72
NA PEB AA . 6.58 -23.48 2.74
C1A PEB AA . 6.74 -22.38 1.93
C2A PEB AA . 8.11 -21.78 2.13
C3A PEB AA . 8.79 -22.72 3.14
C4A PEB AA . 7.72 -23.72 3.51
CMA PEB AA . 8.81 -21.60 0.78
CBA PEB AA . 10.61 -21.18 4.09
OA PEB AA . 5.94 -21.95 1.15
CHA PEB AA . 7.92 -24.63 4.59
CAA PEB AA . 9.39 -22.01 4.36
NB PEB AA . 7.97 -26.91 5.38
C1B PEB AA . 7.29 -25.86 4.85
C2B PEB AA . 5.88 -26.19 4.78
C3B PEB AA . 5.74 -27.43 5.31
C4B PEB AA . 7.05 -27.81 5.81
CHB PEB AA . 7.32 -28.95 6.61
CMB PEB AA . 4.75 -25.35 4.26
CAB PEB AA . 4.49 -28.26 5.42
CBB PEB AA . 4.04 -28.85 4.09
CGB PEB AA . 2.73 -29.62 4.19
O1B PEB AA . 1.91 -29.44 3.30
O2B PEB AA . 2.55 -30.36 5.18
CHC PEB BA . 47.30 -50.27 16.20
NC PEB BA . 48.84 -52.13 15.55
C1C PEB BA . 48.91 -53.20 14.69
C2C PEB BA . 47.64 -53.23 14.02
C3C PEB BA . 46.91 -52.15 14.47
C4C PEB BA . 47.66 -51.48 15.41
CMC PEB BA . 45.52 -51.82 14.00
CAC PEB BA . 47.19 -54.24 13.00
CBC PEB BA . 47.35 -53.72 11.58
CGC PEB BA . 48.82 -53.57 11.24
O1C PEB BA . 49.50 -54.63 11.13
O2C PEB BA . 49.28 -52.41 11.09
ND PEB BA . 47.16 -48.81 14.27
C1D PEB BA . 47.77 -48.97 15.57
C2D PEB BA . 47.27 -47.74 16.28
C3D PEB BA . 46.45 -47.07 15.50
C4D PEB BA . 46.30 -47.77 14.23
CMD PEB BA . 47.66 -47.41 17.69
CAD PEB BA . 45.81 -45.80 15.84
CBD PEB BA . 45.39 -44.93 14.92
OD PEB BA . 45.57 -47.49 13.26
NA PEB BA . 54.66 -54.68 19.54
C1A PEB BA . 55.20 -54.70 20.81
C2A PEB BA . 54.30 -53.87 21.69
C3A PEB BA . 53.48 -53.01 20.71
C4A PEB BA . 53.64 -53.72 19.38
CMA PEB BA . 53.42 -54.73 22.58
CBA PEB BA . 53.88 -50.77 21.97
OA PEB BA . 56.23 -55.31 21.16
CHA PEB BA . 53.03 -53.21 18.21
CAA PEB BA . 53.78 -51.50 20.64
NB PEB BA . 51.35 -53.37 16.47
C1B PEB BA . 52.45 -53.86 17.11
C2B PEB BA . 52.94 -55.02 16.39
C3B PEB BA . 52.07 -55.27 15.37
C4B PEB BA . 51.06 -54.22 15.45
CHB PEB BA . 49.97 -54.08 14.58
CMB PEB BA . 54.18 -55.81 16.69
CAB PEB BA . 52.10 -56.40 14.38
CBB PEB BA . 51.60 -57.70 15.02
CGB PEB BA . 51.04 -58.75 14.06
O1B PEB BA . 50.62 -59.81 14.59
O2B PEB BA . 51.02 -58.56 12.81
CHC PEB CA . 60.90 -34.97 26.01
NC PEB CA . 63.20 -34.85 26.97
C1C PEB CA . 64.51 -35.06 26.61
C2C PEB CA . 64.48 -35.48 25.25
C3C PEB CA . 63.11 -35.50 24.87
C4C PEB CA . 62.37 -35.15 25.94
CMC PEB CA . 62.58 -35.90 23.52
CAC PEB CA . 65.67 -35.79 24.39
CBC PEB CA . 66.16 -34.55 23.62
CGC PEB CA . 66.53 -33.39 24.55
O1C PEB CA . 67.55 -33.49 25.23
O2C PEB CA . 65.74 -32.42 24.68
ND PEB CA . 60.93 -33.08 24.38
C1D PEB CA . 60.52 -33.50 25.71
C2D PEB CA . 59.03 -33.22 25.64
C3D PEB CA . 58.69 -32.71 24.41
C4D PEB CA . 59.91 -32.56 23.66
CMD PEB CA . 58.10 -33.44 26.79
CAD PEB CA . 57.31 -32.43 24.00
CBD PEB CA . 56.93 -31.72 22.99
OD PEB CA . 60.00 -32.10 22.51
NA PEB CA . 65.26 -34.03 33.68
C1A PEB CA . 65.18 -33.94 35.06
C2A PEB CA . 63.95 -33.17 35.44
C3A PEB CA . 63.47 -32.60 34.10
C4A PEB CA . 64.38 -33.19 33.05
CMA PEB CA . 62.92 -33.92 36.27
CBA PEB CA . 64.56 -30.36 33.53
OA PEB CA . 65.95 -34.41 35.85
CHA PEB CA . 64.35 -32.91 31.64
CAA PEB CA . 63.47 -31.08 34.31
NB PEB CA . 64.65 -34.10 29.53
C1B PEB CA . 65.15 -33.54 30.67
C2B PEB CA . 66.61 -33.61 30.66
C3B PEB CA . 66.97 -34.11 29.44
C4B PEB CA . 65.72 -34.37 28.72
CHB PEB CA . 65.63 -34.88 27.43
CMB PEB CA . 67.55 -33.13 31.71
CAB PEB CA . 68.37 -34.36 28.93
CBB PEB CA . 69.05 -35.56 29.62
CGB PEB CA . 68.28 -36.86 29.44
O1B PEB CA . 67.72 -37.39 30.42
O2B PEB CA . 68.21 -37.31 28.29
CHC PEB DA . -3.64 -16.02 9.28
NC PEB DA . -2.55 -13.77 8.91
C1C PEB DA . -1.38 -13.23 8.42
C2C PEB DA . -0.57 -14.33 8.04
C3C PEB DA . -1.30 -15.50 8.31
C4C PEB DA . -2.53 -15.13 8.83
CMC PEB DA . -0.84 -16.90 8.05
CAC PEB DA . 0.83 -14.26 7.49
CBC PEB DA . 0.88 -14.40 5.98
CGC PEB DA . 0.20 -13.24 5.28
O1C PEB DA . 0.85 -12.17 5.19
O2C PEB DA . -0.98 -13.40 4.86
ND PEB DA . -4.16 -16.84 6.98
C1D PEB DA . -4.71 -16.25 8.19
C2D PEB DA . -5.77 -17.28 8.53
C3D PEB DA . -5.68 -18.33 7.68
C4D PEB DA . -4.58 -18.10 6.76
CMD PEB DA . -6.72 -17.06 9.66
CAD PEB DA . -6.55 -19.50 7.69
CBD PEB DA . -6.88 -20.16 6.62
OD PEB DA . -4.09 -18.88 5.93
NA PEB DA . -4.29 -7.09 12.03
C1A PEB DA . -4.83 -6.53 13.18
C2A PEB DA . -5.51 -7.61 14.00
C3A PEB DA . -5.50 -8.82 13.05
C4A PEB DA . -4.55 -8.45 11.94
CMA PEB DA . -4.89 -7.85 15.35
CBA PEB DA . -7.99 -9.18 13.59
OA PEB DA . -4.80 -5.36 13.49
CHA PEB DA . -4.26 -9.41 10.94
CAA PEB DA . -6.88 -9.25 12.54
NB PEB DA . -2.85 -10.85 9.62
C1B PEB DA . -3.09 -9.62 10.18
C2B PEB DA . -2.07 -8.68 9.70
C3B PEB DA . -1.19 -9.40 8.94
C4B PEB DA . -1.68 -10.77 8.92
CHB PEB DA . -1.06 -11.86 8.32
CMB PEB DA . -1.98 -7.19 9.90
CAB PEB DA . 0.07 -8.91 8.29
CBB PEB DA . 1.15 -8.73 9.38
CGB PEB DA . 2.58 -8.60 8.89
O1B PEB DA . 3.38 -8.16 9.74
O2B PEB DA . 2.87 -8.91 7.67
CHC PEB EA . -25.52 -10.63 11.13
NC PEB EA . -27.07 -8.71 11.56
C1C PEB EA . -27.38 -7.46 11.08
C2C PEB EA . -26.51 -7.25 9.95
C3C PEB EA . -25.70 -8.41 9.83
C4C PEB EA . -26.09 -9.28 10.83
CMC PEB EA . -24.65 -8.65 8.79
CAC PEB EA . -26.48 -6.04 9.06
CBC PEB EA . -27.47 -6.21 7.90
CGC PEB EA . -28.89 -6.44 8.37
O1C PEB EA . -29.46 -5.51 9.01
O2C PEB EA . -29.39 -7.58 8.20
ND PEB EA . -26.44 -11.74 9.18
C1D PEB EA . -26.42 -11.76 10.63
C2D PEB EA . -25.98 -13.18 10.89
C3D PEB EA . -25.74 -13.80 9.73
C4D PEB EA . -26.10 -12.92 8.65
CMD PEB EA . -25.83 -13.74 12.27
CAD PEB EA . -25.24 -15.18 9.64
CBD PEB EA . -25.26 -15.87 8.57
OD PEB EA . -26.13 -13.14 7.43
NA PEB EA . -31.16 -7.02 17.26
C1A PEB EA . -31.66 -7.06 18.54
C2A PEB EA . -32.17 -8.46 18.83
C3A PEB EA . -31.77 -9.26 17.59
C4A PEB EA . -31.20 -8.24 16.62
CMA PEB EA . -31.66 -9.03 20.15
CBA PEB EA . -34.02 -9.40 16.37
OA PEB EA . -31.71 -6.11 19.29
CHA PEB EA . -30.75 -8.53 15.32
CAA PEB EA . -32.94 -10.13 17.12
NB PEB EA . -29.33 -7.83 13.50
C1B PEB EA . -30.36 -7.60 14.38
C2B PEB EA . -31.05 -6.35 14.03
C3B PEB EA . -30.36 -5.80 13.01
C4B PEB EA . -29.31 -6.75 12.64
CHB PEB EA . -28.35 -6.57 11.59
CMB PEB EA . -32.32 -5.80 14.61
CAB PEB EA . -30.62 -4.46 12.38
CBB PEB EA . -30.15 -3.33 13.30
CGB PEB EA . -28.68 -3.46 13.64
O1B PEB EA . -28.32 -3.66 14.82
O2B PEB EA . -27.90 -3.37 12.71
CHC PEB FA . 28.30 -8.13 -14.97
NC PEB FA . 30.40 -7.54 -13.77
C1C PEB FA . 30.85 -6.77 -12.72
C2C PEB FA . 29.70 -6.10 -12.23
C3C PEB FA . 28.62 -6.53 -12.94
C4C PEB FA . 29.07 -7.41 -13.92
CMC PEB FA . 27.21 -6.07 -12.71
CAC PEB FA . 29.66 -5.11 -11.09
CBC PEB FA . 29.27 -5.74 -9.76
CGC PEB FA . 30.38 -6.62 -9.21
O1C PEB FA . 31.38 -6.05 -8.75
O2C PEB FA . 30.24 -7.87 -9.22
ND PEB FA . 27.02 -9.40 -13.37
C1D PEB FA . 27.84 -9.51 -14.55
C2D PEB FA . 26.88 -10.20 -15.50
C3D PEB FA . 25.68 -10.34 -14.93
C4D PEB FA . 25.74 -9.78 -13.58
CMD PEB FA . 27.30 -10.67 -16.85
CAD PEB FA . 24.54 -11.03 -15.51
CBD PEB FA . 23.58 -11.60 -14.76
OD PEB FA . 24.85 -9.71 -12.72
NA PEB FA . 37.47 -8.52 -16.13
C1A PEB FA . 38.24 -8.55 -17.27
C2A PEB FA . 37.35 -8.71 -18.47
C3A PEB FA . 36.01 -9.13 -17.87
C4A PEB FA . 36.12 -8.72 -16.42
CMA PEB FA . 37.33 -7.45 -19.34
CBA PEB FA . 35.53 -11.06 -19.53
OA PEB FA . 39.44 -8.46 -17.32
CHA PEB FA . 35.01 -8.76 -15.53
CAA PEB FA . 35.53 -10.57 -18.07
NB PEB FA . 33.38 -7.59 -14.19
C1B PEB FA . 34.67 -7.91 -14.46
C2B PEB FA . 35.53 -7.32 -13.43
C3B PEB FA . 34.71 -6.76 -12.50
C4B PEB FA . 33.35 -7.04 -12.94
CHB PEB FA . 32.17 -6.67 -12.27
CMB PEB FA . 37.03 -7.29 -13.39
CAB PEB FA . 35.07 -5.94 -11.28
CBB PEB FA . 35.03 -4.43 -11.61
CGB PEB FA . 35.37 -3.47 -10.47
O1B PEB FA . 35.90 -2.40 -10.79
O2B PEB FA . 35.07 -3.75 -9.29
CHC PEB GA . 33.55 -27.58 -25.42
NC PEB GA . 35.56 -28.84 -26.20
C1C PEB GA . 36.74 -29.36 -25.73
C2C PEB GA . 36.78 -29.02 -24.35
C3C PEB GA . 35.60 -28.30 -24.05
C4C PEB GA . 34.88 -28.22 -25.22
CMC PEB GA . 35.22 -27.73 -22.71
CAC PEB GA . 37.90 -29.35 -23.39
CBC PEB GA . 38.32 -30.82 -23.45
CGC PEB GA . 37.18 -31.78 -23.17
O1C PEB GA . 36.67 -32.45 -24.13
O2C PEB GA . 36.77 -31.78 -22.00
ND PEB GA . 32.15 -29.28 -24.30
C1D PEB GA . 32.39 -28.58 -25.54
C2D PEB GA . 31.03 -27.96 -25.77
C3D PEB GA . 30.27 -28.14 -24.68
C4D PEB GA . 30.92 -29.08 -23.80
CMD PEB GA . 30.70 -27.23 -27.02
CAD PEB GA . 28.98 -27.45 -24.53
CBD PEB GA . 27.92 -27.98 -24.04
OD PEB GA . 30.52 -29.64 -22.78
NA PEB GA . 38.27 -29.72 -32.76
C1A PEB GA . 38.51 -29.64 -34.10
C2A PEB GA . 37.22 -29.84 -34.86
C3A PEB GA . 36.25 -30.33 -33.78
C4A PEB GA . 36.99 -30.19 -32.47
CMA PEB GA . 36.75 -28.64 -35.69
CBA PEB GA . 35.61 -31.98 -35.61
OA PEB GA . 39.58 -29.45 -34.60
CHA PEB GA . 36.51 -30.50 -31.18
CAA PEB GA . 35.76 -31.75 -34.11
NB PEB GA . 36.87 -29.95 -28.82
C1B PEB GA . 37.27 -30.52 -30.00
C2B PEB GA . 38.53 -31.22 -29.82
C3B PEB GA . 38.83 -31.16 -28.49
C4B PEB GA . 37.77 -30.38 -27.87
CHB PEB GA . 37.72 -30.06 -26.50
CMB PEB GA . 39.31 -32.00 -30.86
CAB PEB GA . 40.03 -31.75 -27.80
CBB PEB GA . 41.33 -31.02 -28.14
CGB PEB GA . 41.32 -29.53 -27.81
O1B PEB GA . 41.41 -28.72 -28.77
O2B PEB GA . 41.20 -29.19 -26.61
CHC PEB HA . -32.91 -7.31 -23.16
NC PEB HA . -33.42 -9.76 -23.05
C1C PEB HA . -32.94 -10.92 -22.47
C2C PEB HA . -31.79 -10.53 -21.73
C3C PEB HA . -31.64 -9.15 -21.89
C4C PEB HA . -32.66 -8.70 -22.70
CMC PEB HA . -30.55 -8.33 -21.28
CAC PEB HA . -30.88 -11.44 -20.96
CBC PEB HA . -31.19 -11.42 -19.47
CGC PEB HA . -32.58 -11.96 -19.22
O1C PEB HA . -32.74 -13.18 -19.44
O2C PEB HA . -33.47 -11.17 -18.88
ND PEB HA . -33.36 -6.41 -20.98
C1D PEB HA . -33.93 -6.54 -22.30
C2D PEB HA . -34.17 -5.11 -22.66
C3D PEB HA . -33.73 -4.32 -21.69
C4D PEB HA . -33.16 -5.13 -20.63
CMD PEB HA . -34.77 -4.72 -23.98
CAD PEB HA . -33.80 -2.87 -21.57
CBD PEB HA . -33.80 -2.26 -20.39
OD PEB HA . -32.64 -4.78 -19.56
NA PEB HA . -37.66 -13.81 -27.83
C1A PEB HA . -38.19 -13.84 -29.11
C2A PEB HA . -37.93 -12.49 -29.73
C3A PEB HA . -37.64 -11.59 -28.52
C4A PEB HA . -37.22 -12.55 -27.42
CMA PEB HA . -36.82 -12.55 -30.76
CBA PEB HA . -38.99 -9.52 -29.18
OA PEB HA . -38.73 -14.79 -29.68
CHA PEB HA . -36.75 -12.06 -26.16
CAA PEB HA . -38.83 -10.67 -28.20
NB PEB HA . -35.11 -11.83 -24.41
C1B PEB HA . -35.90 -12.62 -25.19
C2B PEB HA . -35.71 -14.01 -24.79
C3B PEB HA . -34.77 -14.04 -23.81
C4B PEB HA . -34.43 -12.64 -23.55
CHB PEB HA . -33.50 -12.19 -22.61
CMB PEB HA . -36.32 -15.22 -25.43
CAB PEB HA . -34.13 -15.22 -23.16
CBB PEB HA . -32.81 -15.69 -23.81
CGB PEB HA . -32.04 -16.78 -23.06
O1B PEB HA . -31.25 -17.50 -23.72
O2B PEB HA . -32.21 -16.92 -21.82
CHC PEB IA . -52.69 1.67 -29.94
NC PEB IA . -54.83 0.95 -30.97
C1C PEB IA . -55.83 0.02 -30.81
C2C PEB IA . -55.51 -0.68 -29.62
C3C PEB IA . -54.29 -0.15 -29.13
C4C PEB IA . -53.89 0.82 -30.00
CMC PEB IA . -53.57 -0.61 -27.88
CAC PEB IA . -56.35 -1.75 -28.98
CBC PEB IA . -57.30 -1.14 -27.95
CGC PEB IA . -58.31 -0.14 -28.52
O1C PEB IA . -59.24 -0.59 -29.23
O2C PEB IA . -58.16 1.08 -28.32
ND PEB IA . -53.42 2.90 -27.98
C1D PEB IA . -53.00 3.05 -29.37
C2D PEB IA . -51.81 3.98 -29.22
C3D PEB IA . -51.59 4.22 -27.90
C4D PEB IA . -52.71 3.68 -27.15
CMD PEB IA . -51.05 4.56 -30.37
CAD PEB IA . -50.42 4.93 -27.35
CBD PEB IA . -50.40 5.62 -26.27
OD PEB IA . -52.92 3.84 -25.95
NA PEB IA . -57.34 2.07 -37.50
C1A PEB IA . -57.49 2.51 -38.78
C2A PEB IA . -57.00 3.92 -38.91
C3A PEB IA . -56.54 4.28 -37.48
C4A PEB IA . -56.97 3.09 -36.65
CMA PEB IA . -55.97 4.11 -40.02
CBA PEB IA . -57.06 6.71 -38.03
OA PEB IA . -57.90 1.83 -39.70
CHA PEB IA . -57.00 3.04 -35.26
CAA PEB IA . -57.06 5.62 -36.96
NB PEB IA . -56.60 1.48 -33.41
C1B PEB IA . -57.35 1.93 -34.48
C2B PEB IA . -58.60 1.18 -34.54
C3B PEB IA . -58.61 0.33 -33.47
C4B PEB IA . -57.35 0.54 -32.78
CHB PEB IA . -56.95 -0.15 -31.63
CMB PEB IA . -59.73 1.38 -35.51
CAB PEB IA . -59.68 -0.68 -33.14
CBB PEB IA . -59.74 -1.79 -34.21
CGB PEB IA . -58.44 -2.57 -34.28
O1B PEB IA . -57.76 -2.59 -35.35
O2B PEB IA . -58.10 -3.14 -33.25
CHC PEB JA . -20.43 -70.34 27.52
NC PEB JA . -20.73 -72.74 28.10
C1C PEB JA . -20.15 -73.71 28.90
C2C PEB JA . -19.07 -73.09 29.55
C3C PEB JA . -19.04 -71.77 29.14
C4C PEB JA . -20.05 -71.57 28.23
CMC PEB JA . -18.04 -70.76 29.61
CAC PEB JA . -18.14 -73.72 30.55
CBC PEB JA . -18.56 -73.41 31.97
CGC PEB JA . -19.79 -74.19 32.37
O1C PEB JA . -19.69 -75.44 32.45
O2C PEB JA . -20.83 -73.55 32.57
ND PEB JA . -21.06 -69.04 29.52
C1D PEB JA . -21.52 -69.55 28.24
C2D PEB JA . -21.86 -68.28 27.53
C3D PEB JA . -21.50 -67.22 28.30
C4D PEB JA . -20.93 -67.70 29.52
CMD PEB JA . -22.53 -68.34 26.19
CAD PEB JA . -21.70 -65.81 28.00
CBD PEB JA . -21.95 -64.88 28.91
OD PEB JA . -20.43 -67.04 30.43
NA PEB JA . -24.30 -78.10 24.16
C1A PEB JA . -24.66 -78.46 22.89
C2A PEB JA . -24.36 -77.31 21.97
C3A PEB JA . -24.38 -76.10 22.93
C4A PEB JA . -23.98 -76.74 24.25
CMA PEB JA . -23.12 -77.49 21.14
CBA PEB JA . -25.90 -74.37 21.81
OA PEB JA . -25.15 -79.54 22.51
CHA PEB JA . -23.58 -75.94 25.32
CAA PEB JA . -25.73 -75.35 22.94
NB PEB JA . -22.22 -75.18 27.17
C1B PEB JA . -22.77 -76.22 26.45
C2B PEB JA . -22.49 -77.48 27.16
C3B PEB JA . -21.67 -77.18 28.20
C4B PEB JA . -21.47 -75.74 28.16
CHB PEB JA . -20.60 -75.03 29.01
CMB PEB JA . -22.99 -78.87 26.85
CAB PEB JA . -21.01 -78.10 29.18
CBB PEB JA . -19.67 -78.63 28.61
CGB PEB JA . -18.82 -79.44 29.57
O1B PEB JA . -17.90 -80.12 29.05
O2B PEB JA . -19.06 -79.38 30.81
CHC PEB KA . -40.51 -65.19 18.20
NC PEB KA . -42.53 -66.23 17.12
C1C PEB KA . -43.56 -67.08 17.43
C2C PEB KA . -43.35 -67.47 18.80
C3C PEB KA . -42.21 -66.82 19.25
C4C PEB KA . -41.71 -66.08 18.20
CMC PEB KA . -41.63 -66.96 20.62
CAC PEB KA . -44.21 -68.43 19.58
CBC PEB KA . -45.26 -67.73 20.44
CGC PEB KA . -46.02 -66.68 19.66
O1C PEB KA . -46.81 -67.07 18.78
O2C PEB KA . -45.78 -65.48 19.90
ND PEB KA . -41.48 -63.39 19.58
C1D PEB KA . -40.90 -63.69 18.28
C2D PEB KA . -39.77 -62.69 18.25
C3D PEB KA . -39.59 -62.14 19.46
C4D PEB KA . -40.72 -62.53 20.29
CMD PEB KA . -39.03 -62.38 17.00
CAD PEB KA . -38.43 -61.32 19.84
CBD PEB KA . -38.31 -60.59 20.92
OD PEB KA . -40.94 -62.20 21.46
NA PEB KA . -44.88 -66.53 10.35
C1A PEB KA . -45.00 -66.42 8.99
C2A PEB KA . -44.67 -65.00 8.58
C3A PEB KA . -44.24 -64.33 9.88
C4A PEB KA . -44.57 -65.33 10.97
CMA PEB KA . -43.65 -64.95 7.44
CBA PEB KA . -46.26 -62.77 10.14
OA PEB KA . -45.29 -67.34 8.25
CHA PEB KA . -44.51 -65.13 12.34
CAA PEB KA . -44.76 -62.89 10.08
NB PEB KA . -44.19 -66.29 14.45
C1B PEB KA . -44.92 -66.04 13.32
C2B PEB KA . -46.19 -66.75 13.38
C3B PEB KA . -46.21 -67.43 14.55
C4B PEB KA . -44.97 -67.09 15.25
CHB PEB KA . -44.60 -67.51 16.56
CMB PEB KA . -47.32 -66.71 12.38
CAB PEB KA . -47.28 -68.38 15.03
CBB PEB KA . -47.10 -69.78 14.42
CGB PEB KA . -45.68 -70.32 14.60
O1B PEB KA . -44.96 -70.37 13.61
O2B PEB KA . -45.31 -70.64 15.75
CHC PEB LA . -21.78 -10.51 -47.72
NC PEB LA . -24.04 -10.36 -48.78
C1C PEB LA . -24.85 -9.46 -49.44
C2C PEB LA . -24.12 -8.26 -49.50
C3C PEB LA . -22.89 -8.48 -48.88
C4C PEB LA . -22.87 -9.78 -48.43
CMC PEB LA . -21.81 -7.45 -48.74
CAC PEB LA . -24.58 -6.98 -50.13
CBC PEB LA . -23.87 -6.73 -51.43
CGC PEB LA . -24.45 -7.63 -52.50
O1C PEB LA . -25.62 -7.33 -52.92
O2C PEB LA . -23.77 -8.63 -52.87
ND PEB LA . -20.26 -10.47 -49.65
C1D PEB LA . -20.90 -11.31 -48.67
C2D PEB LA . -19.69 -11.96 -48.03
C3D PEB LA . -18.55 -11.40 -48.51
C4D PEB LA . -18.94 -10.38 -49.47
CMD PEB LA . -19.90 -13.09 -47.06
CAD PEB LA . -17.16 -11.74 -48.20
CBD PEB LA . -16.13 -11.62 -49.02
OD PEB LA . -18.18 -9.58 -50.03
NA PEB LA . -30.21 -14.61 -47.57
C1A PEB LA . -30.78 -15.46 -46.65
C2A PEB LA . -29.78 -15.77 -45.58
C3A PEB LA . -28.44 -15.40 -46.24
C4A PEB LA . -28.84 -14.45 -47.34
CMA PEB LA . -30.09 -15.06 -44.29
CBA PEB LA . -26.94 -17.31 -45.57
OA PEB LA . -31.91 -15.88 -46.67
CHA PEB LA . -27.83 -13.72 -47.98
CAA PEB LA . -27.61 -16.60 -46.72
NB PEB LA . -26.70 -11.81 -48.87
C1B PEB LA . -27.85 -12.53 -48.71
C2B PEB LA . -28.92 -11.91 -49.49
C3B PEB LA . -28.40 -10.77 -50.04
C4B PEB LA . -27.01 -10.73 -49.65
CHB PEB LA . -26.11 -9.72 -49.96
CMB PEB LA . -30.34 -12.37 -49.67
CAB PEB LA . -29.10 -9.69 -50.81
CBB PEB LA . -29.78 -8.69 -49.86
CGB PEB LA . -30.19 -7.37 -50.52
O1B PEB LA . -31.01 -6.67 -49.90
O2B PEB LA . -29.72 -7.08 -51.63
CHC PEB MA . -18.77 -33.07 -46.85
NC PEB MA . -20.05 -35.23 -46.90
C1C PEB MA . -20.96 -35.91 -47.69
C2C PEB MA . -21.26 -35.04 -48.77
C3C PEB MA . -20.49 -33.87 -48.59
C4C PEB MA . -19.77 -34.02 -47.44
CMC PEB MA . -20.49 -32.70 -49.53
CAC PEB MA . -22.21 -35.33 -49.91
CBC PEB MA . -21.53 -36.14 -51.03
CGC PEB MA . -20.81 -37.38 -50.53
O1C PEB MA . -21.49 -38.41 -50.38
O2C PEB MA . -19.60 -37.31 -50.17
ND PEB MA . -17.00 -33.54 -48.50
C1D PEB MA . -17.30 -33.53 -47.08
C2D PEB MA . -16.22 -32.59 -46.57
C3D PEB MA . -15.57 -32.03 -47.59
C4D PEB MA . -16.00 -32.69 -48.82
CMD PEB MA . -15.96 -32.32 -45.13
CAD PEB MA . -14.67 -30.90 -47.40
CBD PEB MA . -13.50 -30.76 -47.88
OD PEB MA . -15.57 -32.52 -49.96
NA PEB MA . -21.84 -39.48 -41.50
C1A PEB MA . -21.96 -39.77 -40.17
C2A PEB MA . -20.58 -39.87 -39.56
C3A PEB MA . -19.69 -39.20 -40.60
C4A PEB MA . -20.54 -39.12 -41.84
CMA PEB MA . -20.49 -39.32 -38.15
CBA PEB MA . -18.54 -41.34 -41.39
OA PEB MA . -22.99 -39.96 -39.58
CHA PEB MA . -20.07 -38.75 -43.10
CAA PEB MA . -18.37 -39.96 -40.79
NB PEB MA . -20.78 -37.56 -45.11
C1B PEB MA . -20.82 -38.64 -44.26
C2B PEB MA . -21.72 -39.65 -44.80
C3B PEB MA . -22.14 -39.20 -46.01
C4B PEB MA . -21.46 -37.93 -46.24
CHB PEB MA . -21.52 -37.17 -47.42
CMB PEB MA . -22.07 -40.95 -44.14
CAB PEB MA . -23.14 -39.85 -46.93
CBB PEB MA . -24.54 -39.90 -46.30
CGB PEB MA . -25.12 -38.52 -46.03
O1B PEB MA . -25.37 -38.20 -44.86
O2B PEB MA . -25.24 -37.76 -47.00
CHC PEB NA . -3.29 44.10 -5.96
NC PEB NA . -5.30 45.40 -5.21
C1C PEB NA . -6.55 45.20 -4.67
C2C PEB NA . -6.71 43.77 -4.56
C3C PEB NA . -5.54 43.20 -5.03
C4C PEB NA . -4.67 44.22 -5.39
CMC PEB NA . -5.27 41.73 -5.10
CAC PEB NA . -7.93 43.05 -4.06
CBC PEB NA . -7.85 42.63 -2.61
CGC PEB NA . -7.75 43.81 -1.67
O1C PEB NA . -8.79 44.46 -1.47
O2C PEB NA . -6.62 44.12 -1.19
ND PEB NA . -2.35 43.06 -3.94
C1D PEB NA . -2.18 44.14 -4.90
C2D PEB NA . -0.80 43.85 -5.42
C3D PEB NA . -0.33 42.70 -4.86
C4D PEB NA . -1.33 42.18 -3.99
CMD PEB NA . -0.18 44.70 -6.49
CAD PEB NA . 0.94 42.04 -5.11
CBD PEB NA . 1.59 41.31 -4.23
OD PEB NA . -1.29 41.11 -3.36
NA PEB NA . -6.88 52.62 -6.63
C1A PEB NA . -6.73 53.57 -7.64
C2A PEB NA . -5.68 53.12 -8.63
C3A PEB NA . -4.99 51.99 -7.86
C4A PEB NA . -6.01 51.55 -6.85
CMA PEB NA . -6.24 52.76 -10.00
CBA PEB NA . -2.56 52.75 -8.17
OA PEB NA . -7.30 54.64 -7.74
CHA PEB NA . -5.81 50.30 -6.17
CAA PEB NA . -3.68 52.46 -7.20
NB PEB NA . -6.32 48.21 -5.08
C1B PEB NA . -6.70 49.47 -5.45
C2B PEB NA . -8.03 49.72 -4.87
C3B PEB NA . -8.49 48.53 -4.37
C4B PEB NA . -7.42 47.57 -4.57
CHB PEB NA . -7.47 46.21 -4.30
CMB PEB NA . -8.77 51.03 -4.72
CAB PEB NA . -9.83 48.24 -3.75
CBB PEB NA . -10.94 48.15 -4.81
CGB PEB NA . -12.20 47.42 -4.37
O1B PEB NA . -13.16 47.42 -5.19
O2B PEB NA . -12.23 46.83 -3.22
CHC PEB OA . 13.50 59.09 -5.47
NC PEB OA . 13.98 61.53 -5.38
C1C PEB OA . 13.74 62.64 -4.60
C2C PEB OA . 12.93 62.17 -3.49
C3C PEB OA . 12.75 60.79 -3.68
C4C PEB OA . 13.41 60.43 -4.84
CMC PEB OA . 11.93 59.88 -2.80
CAC PEB OA . 12.41 63.01 -2.35
CBC PEB OA . 13.42 63.06 -1.20
CGC PEB OA . 14.75 63.65 -1.62
O1C PEB OA . 14.77 64.87 -1.92
O2C PEB OA . 15.74 62.87 -1.77
ND PEB OA . 14.99 58.15 -3.75
C1D PEB OA . 14.85 58.38 -5.17
C2D PEB OA . 15.07 56.97 -5.70
C3D PEB OA . 15.31 56.13 -4.70
C4D PEB OA . 15.35 56.87 -3.48
CMD PEB OA . 15.06 56.58 -7.15
CAD PEB OA . 15.48 54.69 -4.84
CBD PEB OA . 16.03 53.92 -3.96
OD PEB OA . 15.68 56.40 -2.39
NA PEB OA . 16.63 66.12 -10.21
C1A PEB OA . 17.05 66.63 -11.41
C2A PEB OA . 18.12 65.74 -11.99
C3A PEB OA . 18.12 64.51 -11.07
C4A PEB OA . 17.26 64.92 -9.90
CMA PEB OA . 17.95 65.46 -13.47
CBA PEB OA . 20.37 64.96 -9.94
OA PEB OA . 16.60 67.62 -11.91
CHA PEB OA . 17.12 64.19 -8.70
CAA PEB OA . 19.51 63.96 -10.68
NB PEB OA . 15.59 63.72 -6.86
C1B PEB OA . 16.36 64.58 -7.61
C2B PEB OA . 16.37 65.90 -6.99
C3B PEB OA . 15.55 65.84 -5.92
C4B PEB OA . 15.08 64.46 -5.83
CHB PEB OA . 14.20 63.96 -4.84
CMB PEB OA . 17.18 67.10 -7.41
CAB PEB OA . 15.20 66.97 -4.99
CBB PEB OA . 14.17 67.92 -5.61
CGB PEB OA . 12.88 67.21 -6.00
O1B PEB OA . 12.52 67.20 -7.18
O2B PEB OA . 12.29 66.63 -5.10
CHC PEB PA . -11.84 48.35 -31.69
NC PEB PA . -10.55 50.48 -31.81
C1C PEB PA . -9.35 50.97 -32.26
C2C PEB PA . -8.68 49.86 -32.86
C3C PEB PA . -9.52 48.76 -32.73
C4C PEB PA . -10.65 49.17 -32.07
CMC PEB PA . -9.20 47.38 -33.23
CAC PEB PA . -7.31 49.89 -33.49
CBC PEB PA . -7.33 50.15 -34.98
CGC PEB PA . -8.00 51.48 -35.36
O1C PEB PA . -7.36 52.52 -35.12
O2C PEB PA . -9.15 51.46 -35.87
ND PEB PA . -12.46 47.91 -34.02
C1D PEB PA . -12.96 48.38 -32.75
C2D PEB PA . -14.06 47.38 -32.47
C3D PEB PA . -14.09 46.48 -33.45
C4D PEB PA . -13.04 46.76 -34.41
CMD PEB PA . -14.88 47.43 -31.22
CAD PEB PA . -15.01 45.35 -33.57
CBD PEB PA . -15.42 44.83 -34.71
OD PEB PA . -12.73 46.10 -35.40
NA PEB PA . -11.53 56.38 -27.27
C1A PEB PA . -12.00 56.78 -26.05
C2A PEB PA . -12.68 55.62 -25.37
C3A PEB PA . -12.99 54.69 -26.56
C4A PEB PA . -11.98 55.10 -27.61
CMA PEB PA . -11.87 55.01 -24.24
CBA PEB PA . -15.48 54.21 -26.10
OA PEB PA . -11.90 57.90 -25.57
CHA PEB PA . -11.78 54.34 -28.83
CAA PEB PA . -14.44 54.74 -27.08
NB PEB PA . -10.46 53.05 -30.39
C1B PEB PA . -10.62 54.17 -29.63
C2B PEB PA . -9.50 55.09 -29.90
C3B PEB PA . -8.74 54.52 -30.88
C4B PEB PA . -9.35 53.24 -31.18
CHB PEB PA . -8.90 52.29 -32.12
CMB PEB PA . -9.20 56.40 -29.22
CAB PEB PA . -7.46 55.02 -31.49
CBB PEB PA . -6.28 54.90 -30.52
CGB PEB PA . -4.90 55.08 -31.12
O1B PEB PA . -3.91 55.17 -30.34
O2B PEB PA . -4.80 55.11 -32.35
CHC PEB QA . -33.22 54.65 -26.61
NC PEB QA . -34.61 56.53 -25.70
C1C PEB QA . -34.92 57.84 -25.98
C2C PEB QA . -34.19 58.17 -27.17
C3C PEB QA . -33.48 57.04 -27.54
C4C PEB QA . -33.74 56.05 -26.62
CMC PEB QA . -32.59 56.96 -28.75
CAC PEB QA . -34.19 59.48 -27.91
CBC PEB QA . -35.30 59.52 -28.94
CGC PEB QA . -36.69 59.58 -28.32
O1C PEB QA . -36.98 60.62 -27.68
O2C PEB QA . -37.46 58.61 -28.46
ND PEB QA . -34.40 54.01 -28.64
C1D PEB QA . -34.20 53.68 -27.25
C2D PEB QA . -33.76 52.22 -27.36
C3D PEB QA . -33.72 51.86 -28.66
C4D PEB QA . -34.07 53.02 -29.47
CMD PEB QA . -33.48 51.38 -26.16
CAD PEB QA . -33.36 50.55 -29.18
CBD PEB QA . -33.37 50.21 -30.45
OD PEB QA . -34.07 53.11 -30.69
NA PEB QA . -37.76 57.23 -19.38
C1A PEB QA . -38.17 56.91 -18.11
C2A PEB QA . -38.59 55.46 -18.05
C3A PEB QA . -38.44 54.98 -19.51
C4A PEB QA . -37.98 56.20 -20.28
CMA PEB QA . -37.84 54.64 -17.01
CBA PEB QA . -40.86 55.23 -20.23
OA PEB QA . -38.21 57.68 -17.17
CHA PEB QA . -37.80 56.20 -21.67
CAA PEB QA . -39.68 54.30 -20.09
NB PEB QA . -36.49 57.21 -23.42
C1B PEB QA . -37.44 57.28 -22.44
C2B PEB QA . -38.03 58.61 -22.41
C3B PEB QA . -37.44 59.32 -23.41
C4B PEB QA . -36.52 58.40 -24.08
CHB PEB QA . -35.78 58.67 -25.24
CMB PEB QA . -39.13 59.11 -21.52
CAB PEB QA . -37.71 60.74 -23.81
CBB PEB QA . -37.01 61.77 -22.92
CGB PEB QA . -35.53 61.47 -22.72
O1B PEB QA . -35.18 61.03 -21.61
O2B PEB QA . -34.74 61.71 -23.66
CHC PEB RA . -33.92 30.71 17.69
NC PEB RA . -36.14 30.48 16.54
C1C PEB RA . -36.95 31.17 15.67
C2C PEB RA . -36.30 32.42 15.44
C3C PEB RA . -35.10 32.39 16.11
C4C PEB RA . -35.01 31.19 16.80
CMC PEB RA . -34.11 33.52 16.09
CAC PEB RA . -36.78 33.57 14.61
CBC PEB RA . -36.23 33.55 13.20
CGC PEB RA . -36.68 32.30 12.46
O1C PEB RA . -37.87 32.27 12.05
O2C PEB RA . -35.87 31.38 12.32
ND PEB RA . -32.31 30.57 15.90
C1D PEB RA . -32.91 29.83 16.96
C2D PEB RA . -31.70 29.45 17.78
C3D PEB RA . -30.59 30.00 17.27
C4D PEB RA . -30.97 30.75 16.08
CMD PEB RA . -31.83 28.54 18.95
CAD PEB RA . -29.24 29.82 17.77
CBD PEB RA . -28.15 29.89 17.01
OD PEB RA . -30.25 31.38 15.31
NA PEB RA . -41.92 25.90 18.32
C1A PEB RA . -42.51 25.26 19.36
C2A PEB RA . -41.55 25.25 20.52
C3A PEB RA . -40.21 25.60 19.88
C4A PEB RA . -40.60 26.26 18.58
CMA PEB RA . -41.99 26.18 21.65
CBA PEB RA . -38.65 23.91 21.01
OA PEB RA . -43.62 24.75 19.37
CHA PEB RA . -39.62 26.93 17.77
CAA PEB RA . -39.28 24.38 19.71
NB PEB RA . -38.65 28.75 16.56
C1B PEB RA . -39.74 28.00 16.87
C2B PEB RA . -40.87 28.43 16.05
C3B PEB RA . -40.43 29.48 15.30
C4B PEB RA . -39.04 29.69 15.64
CHB PEB RA . -38.19 30.73 15.18
CMB PEB RA . -42.25 27.84 15.99
CAB PEB RA . -41.20 30.32 14.31
CBB PEB RA . -41.91 31.50 14.98
CGB PEB RA . -42.62 32.47 14.04
O1B PEB RA . -43.52 33.22 14.57
O2B PEB RA . -42.29 32.52 12.81
CHC PEB SA . -29.15 9.40 23.34
NC PEB SA . -30.23 7.18 23.75
C1C PEB SA . -30.98 6.22 23.11
C2C PEB SA . -31.22 6.74 21.78
C3C PEB SA . -30.58 8.00 21.71
C4C PEB SA . -30.00 8.24 22.94
CMC PEB SA . -30.60 8.91 20.51
CAC PEB SA . -32.01 6.08 20.69
CBC PEB SA . -31.70 4.58 20.51
CGC PEB SA . -30.28 4.28 20.10
O1C PEB SA . -29.45 4.01 20.97
O2C PEB SA . -30.00 4.31 18.89
ND PEB SA . -27.23 8.85 21.90
C1D PEB SA . -27.65 9.02 23.27
C2D PEB SA . -26.64 10.05 23.72
C3D PEB SA . -25.86 10.42 22.70
C4D PEB SA . -26.19 9.63 21.54
CMD PEB SA . -26.58 10.49 25.14
CAD PEB SA . -24.87 11.47 22.87
CBD PEB SA . -24.23 12.06 21.94
OD PEB SA . -25.66 9.54 20.42
NA PEB SA . -32.00 3.70 29.79
C1A PEB SA . -32.18 3.33 31.10
C2A PEB SA . -30.94 3.69 31.90
C3A PEB SA . -29.89 3.93 30.79
C4A PEB SA . -30.67 3.93 29.50
CMA PEB SA . -31.13 4.84 32.90
CBA PEB SA . -29.08 1.56 31.40
OA PEB SA . -33.16 2.79 31.55
CHA PEB SA . -30.12 4.14 28.21
CAA PEB SA . -28.71 2.94 30.86
NB PEB SA . -30.78 4.96 26.02
C1B PEB SA . -30.81 4.02 27.01
C2B PEB SA . -31.56 2.85 26.57
C3B PEB SA . -31.95 3.11 25.28
C4B PEB SA . -31.37 4.40 24.92
CHB PEB SA . -31.43 4.98 23.63
CMB PEB SA . -31.84 1.60 27.34
CAB PEB SA . -32.76 2.22 24.40
CBB PEB SA . -34.25 2.18 24.78
CGB PEB SA . -34.86 3.57 24.78
O1B PEB SA . -35.20 4.08 25.88
O2B PEB SA . -34.91 4.17 23.68
CHC PEB TA . 35.53 9.08 -34.86
NC PEB TA . 36.86 7.29 -35.97
C1C PEB TA . 36.76 6.36 -36.98
C2C PEB TA . 35.46 6.54 -37.53
C3C PEB TA . 34.83 7.56 -36.83
C4C PEB TA . 35.70 7.99 -35.86
CMC PEB TA . 33.46 8.08 -37.14
CAC PEB TA . 34.88 5.77 -38.68
CBC PEB TA . 35.07 6.53 -39.98
CGC PEB TA . 36.52 6.58 -40.42
O1C PEB TA . 37.06 5.49 -40.78
O2C PEB TA . 37.10 7.68 -40.37
ND PEB TA . 35.35 10.81 -36.55
C1D PEB TA . 36.07 10.41 -35.36
C2D PEB TA . 35.77 11.57 -34.45
C3D PEB TA . 34.95 12.44 -35.08
C4D PEB TA . 34.65 11.94 -36.40
CMD PEB TA . 36.39 11.64 -33.09
CAD PEB TA . 34.40 13.71 -34.62
CBD PEB TA . 34.39 14.81 -35.36
OD PEB TA . 33.90 12.47 -37.24
NA PEB TA . 42.63 3.26 -33.12
C1A PEB TA . 43.29 2.93 -31.96
C2A PEB TA . 42.62 3.64 -30.82
C3A PEB TA . 41.96 4.84 -31.51
C4A PEB TA . 41.82 4.39 -32.96
CMA PEB TA . 41.66 2.73 -30.06
CBA PEB TA . 42.56 6.80 -29.97
OA PEB TA . 44.24 2.17 -31.87
CHA PEB TA . 41.12 5.16 -33.90
CAA PEB TA . 42.75 6.16 -31.33
NB PEB TA . 39.33 5.53 -35.48
C1B PEB TA . 40.40 4.79 -35.07
C2B PEB TA . 40.68 3.77 -36.07
C3B PEB TA . 39.74 3.89 -37.05
C4B PEB TA . 38.89 5.01 -36.66
CHB PEB TA . 37.76 5.45 -37.37
CMB PEB TA . 41.78 2.75 -36.09
CAB PEB TA . 39.51 3.01 -38.26
CBB PEB TA . 38.99 1.64 -37.83
CGB PEB TA . 38.36 0.76 -38.93
O1B PEB TA . 38.00 -0.40 -38.55
O2B PEB TA . 38.20 1.21 -40.11
CHC PEB UA . 51.47 20.62 -23.52
NC PEB UA . 53.81 20.47 -22.60
C1C PEB UA . 55.10 20.23 -23.05
C2C PEB UA . 55.01 20.04 -24.45
C3C PEB UA . 53.65 20.14 -24.80
C4C PEB UA . 52.94 20.42 -23.65
CMC PEB UA . 53.10 19.99 -26.19
CAC PEB UA . 56.15 19.72 -25.39
CBC PEB UA . 56.66 20.93 -26.15
CGC PEB UA . 57.24 22.01 -25.26
O1C PEB UA . 58.18 21.70 -24.48
O2C PEB UA . 56.74 23.16 -25.32
ND PEB UA . 51.38 22.88 -24.49
C1D PEB UA . 51.06 22.10 -23.32
C2D PEB UA . 49.59 22.40 -23.20
C3D PEB UA . 49.14 23.10 -24.27
C4D PEB UA . 50.30 23.44 -25.07
CMD PEB UA . 48.79 21.96 -22.02
CAD PEB UA . 47.76 23.45 -24.57
CBD PEB UA . 47.36 24.37 -25.41
OD PEB UA . 50.32 24.11 -26.10
NA PEB UA . 56.53 19.86 -15.98
C1A PEB UA . 56.63 19.71 -14.63
C2A PEB UA . 55.64 20.63 -13.95
C3A PEB UA . 54.93 21.34 -15.11
C4A PEB UA . 55.66 20.88 -16.35
CMA PEB UA . 54.72 19.91 -12.96
CBA PEB UA . 54.79 23.40 -13.60
OA PEB UA . 57.37 18.93 -14.06
CHA PEB UA . 55.44 21.35 -17.64
CAA PEB UA . 54.84 22.88 -15.02
NB PEB UA . 55.50 20.66 -19.97
C1B PEB UA . 56.12 20.93 -18.79
C2B PEB UA . 57.57 20.81 -18.97
C3B PEB UA . 57.80 20.53 -20.28
C4B PEB UA . 56.48 20.46 -20.90
CHB PEB UA . 56.27 20.19 -22.27
CMB PEB UA . 58.65 20.98 -17.93
CAB PEB UA . 59.13 20.33 -20.94
CBB PEB UA . 59.69 18.92 -20.70
CGB PEB UA . 58.66 17.86 -21.04
O1B PEB UA . 58.43 17.68 -22.24
O2B PEB UA . 58.06 17.29 -20.11
CHC PEB VA . 3.43 -14.17 35.72
NC PEB VA . 1.33 -12.88 36.19
C1C PEB VA . 0.06 -13.10 36.67
C2C PEB VA . -0.04 -14.47 36.96
C3C PEB VA . 1.18 -15.04 36.66
C4C PEB VA . 2.02 -14.05 36.17
CMC PEB VA . 1.52 -16.49 36.83
CAC PEB VA . -1.27 -15.17 37.49
CBC PEB VA . -1.21 -15.38 39.00
CGC PEB VA . -1.26 -14.05 39.76
O1C PEB VA . -2.34 -13.44 39.76
O2C PEB VA . -0.22 -13.62 40.28
ND PEB VA . 4.25 -14.66 37.95
C1D PEB VA . 4.43 -13.79 36.81
C2D PEB VA . 5.88 -14.04 36.47
C3D PEB VA . 6.36 -15.03 37.22
C4D PEB VA . 5.32 -15.44 38.15
CMD PEB VA . 6.58 -13.30 35.36
CAD PEB VA . 7.70 -15.60 37.14
CBD PEB VA . 8.34 -16.17 38.13
OD PEB VA . 5.37 -16.34 38.99
NA PEB VA . -0.92 -6.30 33.12
C1A PEB VA . -0.67 -5.43 32.06
C2A PEB VA . 0.43 -6.04 31.21
C3A PEB VA . 1.15 -6.94 32.22
C4A PEB VA . 0.10 -7.23 33.29
CMA PEB VA . -0.08 -6.71 29.95
CBA PEB VA . 3.53 -6.07 31.75
OA PEB VA . -1.21 -4.37 31.84
CHA PEB VA . 0.33 -8.15 34.39
CAA PEB VA . 2.42 -6.27 32.78
NB PEB VA . -0.06 -10.35 35.32
C1B PEB VA . -0.52 -9.11 34.95
C2B PEB VA . -1.91 -8.95 35.41
C3B PEB VA . -2.20 -10.05 36.15
C4B PEB VA . -1.02 -10.89 36.13
CHB PEB VA . -0.92 -12.11 36.82
CMB PEB VA . -2.85 -7.83 35.13
CAB PEB VA . -3.50 -10.39 36.83
CBB PEB VA . -4.54 -10.91 35.83
CGB PEB VA . -5.84 -11.37 36.45
O1B PEB VA . -6.83 -11.51 35.68
O2B PEB VA . -5.89 -11.60 37.70
CHC PEB WA . 19.06 2.29 33.68
NC PEB WA . 19.51 4.71 33.16
C1C PEB WA . 19.20 5.97 33.65
C2C PEB WA . 18.35 5.73 34.79
C3C PEB WA . 18.22 4.37 34.94
C4C PEB WA . 18.92 3.76 33.93
CMC PEB WA . 17.40 3.73 36.03
CAC PEB WA . 17.77 6.79 35.68
CBC PEB WA . 18.69 7.08 36.86
CGC PEB WA . 20.15 6.98 36.53
O1C PEB WA . 20.75 8.01 36.22
O2C PEB WA . 20.68 5.86 36.51
ND PEB WA . 20.65 1.81 35.47
C1D PEB WA . 20.47 1.77 34.03
C2D PEB WA . 20.79 0.31 33.75
C3D PEB WA . 20.99 -0.35 34.91
C4D PEB WA . 20.90 0.59 36.00
CMD PEB WA . 20.96 -0.24 32.37
CAD PEB WA . 21.25 -1.79 35.04
CBD PEB WA . 21.51 -2.42 36.16
OD PEB WA . 20.98 0.33 37.20
NA PEB WA . 21.42 8.05 27.23
C1A PEB WA . 21.91 8.42 26.00
C2A PEB WA . 22.93 7.41 25.55
C3A PEB WA . 23.19 6.57 26.82
C4A PEB WA . 22.31 7.18 27.88
CMA PEB WA . 22.49 6.64 24.32
CBA PEB WA . 25.33 7.66 27.67
OA PEB WA . 21.56 9.39 25.37
CHA PEB WA . 22.38 6.91 29.27
CAA PEB WA . 24.65 6.39 27.21
NB PEB WA . 20.79 6.72 31.07
C1B PEB WA . 21.59 7.46 30.23
C2B PEB WA . 21.49 8.87 30.57
C3B PEB WA . 20.75 8.95 31.71
C4B PEB WA . 20.35 7.58 32.02
CHB PEB WA . 19.60 7.22 33.15
CMB PEB WA . 22.11 10.04 29.83
CAB PEB WA . 20.37 10.19 32.47
CBB PEB WA . 19.24 10.93 31.77
CGB PEB WA . 18.12 10.01 31.31
O1B PEB WA . 17.87 9.94 30.11
O2B PEB WA . 17.55 9.32 32.18
CHC PEB XA . -3.50 -31.75 -32.30
NC PEB XA . -3.33 -33.81 -30.90
C1C PEB XA . -2.61 -34.99 -30.84
C2C PEB XA . -1.66 -34.93 -31.90
C3C PEB XA . -1.86 -33.74 -32.57
C4C PEB XA . -2.89 -33.06 -31.93
CMC PEB XA . -1.06 -33.30 -33.76
CAC PEB XA . -0.64 -35.98 -32.22
CBC PEB XA . -1.11 -37.01 -33.25
CGC PEB XA . -1.89 -38.19 -32.68
O1C PEB XA . -2.84 -38.64 -33.38
O2C PEB XA . -1.56 -38.69 -31.55
ND PEB XA . -1.39 -30.48 -32.21
C1D PEB XA . -2.77 -30.52 -31.75
C2D PEB XA . -3.30 -29.23 -32.34
C3D PEB XA . -2.36 -28.65 -33.11
C4D PEB XA . -1.12 -29.38 -32.95
CMD PEB XA . -4.72 -28.78 -32.08
CAD PEB XA . -2.55 -27.49 -33.96
CBD PEB XA . -1.70 -26.54 -34.14
OD PEB XA . -0.02 -29.08 -33.41
NA PEB XA . -7.52 -37.06 -25.69
C1A PEB XA . -8.55 -37.24 -24.80
C2A PEB XA . -9.14 -35.88 -24.47
C3A PEB XA . -8.07 -34.89 -24.93
C4A PEB XA . -7.09 -35.73 -25.72
CMA PEB XA . -10.50 -35.64 -25.06
CBA PEB XA . -7.09 -32.69 -24.17
OA PEB XA . -8.88 -38.30 -24.32
CHA PEB XA . -6.01 -35.18 -26.39
CAA PEB XA . -7.48 -34.10 -23.77
NB PEB XA . -4.51 -35.29 -28.31
C1B PEB XA . -5.06 -35.84 -27.18
C2B PEB XA . -4.37 -37.09 -26.87
C3B PEB XA . -3.45 -37.30 -27.85
C4B PEB XA . -3.53 -36.15 -28.73
CHB PEB XA . -2.77 -36.03 -29.90
CMB PEB XA . -4.57 -37.96 -25.66
CAB PEB XA . -2.57 -38.50 -28.06
CBB PEB XA . -1.14 -38.35 -27.57
CGB PEB XA . -0.99 -38.25 -26.05
O1B PEB XA . -1.24 -39.24 -25.39
O2B PEB XA . -0.62 -37.19 -25.55
CHC PEB YA . -26.31 -23.32 -17.31
NC PEB YA . -24.61 -25.06 -17.92
C1C PEB YA . -23.85 -26.04 -17.35
C2C PEB YA . -24.20 -26.05 -15.98
C3C PEB YA . -25.15 -25.05 -15.79
C4C PEB YA . -25.39 -24.45 -17.00
CMC PEB YA . -25.82 -24.73 -14.48
CAC PEB YA . -23.66 -26.98 -14.94
CBC PEB YA . -22.45 -26.43 -14.22
CGC PEB YA . -21.92 -27.36 -13.16
O1C PEB YA . -21.85 -28.56 -13.42
O2C PEB YA . -21.58 -26.85 -12.07
ND PEB YA . -28.39 -24.47 -16.62
C1D PEB YA . -27.74 -23.76 -17.71
C2D PEB YA . -28.67 -22.59 -17.89
C3D PEB YA . -29.74 -22.74 -17.06
C4D PEB YA . -29.54 -23.90 -16.25
CMD PEB YA . -28.37 -21.47 -18.83
CAD PEB YA . -30.93 -21.90 -16.98
CBD PEB YA . -32.14 -22.28 -16.59
OD PEB YA . -30.29 -24.30 -15.37
NA PEB YA . -21.77 -27.46 -24.30
C1A PEB YA . -21.58 -27.59 -25.65
C2A PEB YA . -21.63 -26.24 -26.29
C3A PEB YA . -21.63 -25.26 -25.11
C4A PEB YA . -21.82 -26.14 -23.89
CMA PEB YA . -20.54 -26.08 -27.33
CBA PEB YA . -24.12 -24.57 -24.97
OA PEB YA . -21.44 -28.63 -26.25
CHA PEB YA . -22.01 -25.65 -22.59
CAA PEB YA . -22.67 -24.13 -25.23
NB PEB YA . -22.89 -26.11 -20.35
C1B PEB YA . -22.06 -26.40 -21.42
C2B PEB YA . -21.14 -27.48 -21.05
C3B PEB YA . -21.40 -27.80 -19.76
C4B PEB YA . -22.45 -26.89 -19.32
CHB PEB YA . -22.92 -26.86 -17.99
CMB PEB YA . -20.04 -28.05 -21.91
CAB PEB YA . -20.68 -28.79 -18.89
CBB PEB YA . -21.55 -29.92 -18.34
CGB PEB YA . -22.04 -30.91 -19.38
O1B PEB YA . -21.62 -30.83 -20.56
O2B PEB YA . -22.86 -31.73 -19.01
CHC PEB ZA . -13.38 -5.47 -15.53
NC PEB ZA . -15.72 -4.63 -15.72
C1C PEB ZA . -16.41 -3.45 -15.82
C2C PEB ZA . -15.40 -2.42 -15.79
C3C PEB ZA . -14.17 -3.05 -15.64
C4C PEB ZA . -14.39 -4.40 -15.64
CMC PEB ZA . -12.84 -2.36 -15.51
CAC PEB ZA . -15.67 -0.95 -15.79
CBC PEB ZA . -15.39 -0.25 -17.11
CGC PEB ZA . -16.32 -0.71 -18.20
O1C PEB ZA . -17.53 -0.38 -18.13
O2C PEB ZA . -15.85 -1.41 -19.11
ND PEB ZA . -12.31 -5.02 -17.66
C1D PEB ZA . -12.98 -6.04 -16.89
C2D PEB ZA . -11.90 -7.11 -16.81
C3D PEB ZA . -10.77 -6.67 -17.39
C4D PEB ZA . -11.03 -5.32 -17.92
CMD PEB ZA . -12.14 -8.41 -16.13
CAD PEB ZA . -9.49 -7.38 -17.55
CBD PEB ZA . -8.40 -6.92 -18.15
OD PEB ZA . -10.22 -4.59 -18.52
NA PEB ZA . -22.30 -7.64 -13.60
C1A PEB ZA . -23.05 -8.65 -13.06
C2A PEB ZA . -22.28 -9.94 -13.17
C3A PEB ZA . -20.99 -9.57 -13.92
C4A PEB ZA . -21.14 -8.08 -14.20
CMA PEB ZA . -22.07 -10.57 -11.80
CBA PEB ZA . -20.46 -11.86 -14.89
OA PEB ZA . -24.18 -8.51 -12.58
CHA PEB ZA . -20.25 -7.36 -15.00
CAA PEB ZA . -20.79 -10.42 -15.18
NB PEB ZA . -18.77 -5.50 -15.36
C1B PEB ZA . -20.01 -5.99 -15.09
C2B PEB ZA . -20.97 -4.88 -15.13
C3B PEB ZA . -20.26 -3.76 -15.46
C4B PEB ZA . -18.88 -4.16 -15.58
CHB PEB ZA . -17.81 -3.31 -15.96
CMB PEB ZA . -22.45 -4.94 -14.98
CAB PEB ZA . -20.75 -2.37 -15.73
CBB PEB ZA . -20.81 -1.55 -14.44
CGB PEB ZA . -21.60 -0.26 -14.58
O1B PEB ZA . -22.66 -0.12 -13.95
O2B PEB ZA . -21.13 0.58 -15.34
CHC PEB AB . -33.01 -47.70 8.51
NC PEB AB . -34.30 -47.07 6.47
C1C PEB AB . -35.35 -46.24 6.09
C2C PEB AB . -35.78 -45.55 7.28
C3C PEB AB . -34.97 -46.01 8.32
C4C PEB AB . -34.06 -46.92 7.79
CMC PEB AB . -35.08 -45.54 9.75
CAC PEB AB . -36.87 -44.53 7.38
CBC PEB AB . -38.23 -45.10 7.83
CGC PEB AB . -39.09 -45.61 6.67
O1C PEB AB . -39.53 -46.79 6.74
O2C PEB AB . -39.28 -44.85 5.68
ND PEB AB . -31.73 -45.73 9.38
C1D PEB AB . -31.65 -46.99 8.68
C2D PEB AB . -30.72 -47.79 9.58
C3D PEB AB . -30.45 -47.06 10.70
C4D PEB AB . -31.07 -45.74 10.57
CMD PEB AB . -30.31 -49.19 9.24
CAD PEB AB . -29.68 -47.51 11.87
CBD PEB AB . -29.33 -46.75 12.88
OD PEB AB . -31.06 -44.82 11.40
NA PEB AB . -35.17 -50.05 -0.37
C1A PEB AB . -34.94 -50.91 -1.43
C2A PEB AB . -33.62 -51.61 -1.21
C3A PEB AB . -32.91 -50.69 -0.19
C4A PEB AB . -34.00 -49.78 0.34
CMA PEB AB . -33.80 -53.06 -0.78
CBA PEB AB . -30.57 -49.73 0.18
OA PEB AB . -35.69 -51.09 -2.38
CHA PEB AB . -33.76 -48.80 1.34
CAA PEB AB . -31.71 -49.95 -0.79
NB PEB AB . -34.74 -47.77 3.34
C1B PEB AB . -34.72 -47.99 1.98
C2B PEB AB . -35.72 -47.15 1.33
C3B PEB AB . -36.34 -46.44 2.30
C4B PEB AB . -35.64 -46.75 3.55
CHB PEB AB . -35.88 -46.08 4.79
CMB PEB AB . -35.99 -47.03 -0.14
CAB PEB AB . -37.45 -45.44 2.16
CBB PEB AB . -36.98 -43.98 2.04
CGB PEB AB . -36.32 -43.61 0.71
O1B PEB AB . -36.99 -43.64 -0.33
O2B PEB AB . -35.11 -43.27 0.71
CHC PEB BB . -19.35 -68.32 -5.91
NC PEB BB . -21.14 -66.57 -5.74
C1C PEB BB . -21.76 -65.60 -6.51
C2C PEB BB . -21.18 -65.75 -7.83
C3C PEB BB . -20.22 -66.76 -7.77
C4C PEB BB . -20.22 -67.25 -6.48
CMC PEB BB . -19.38 -67.23 -8.93
CAC PEB BB . -21.54 -64.92 -9.03
CBC PEB BB . -20.84 -63.57 -9.00
CGC PEB BB . -20.79 -62.88 -10.35
O1C PEB BB . -19.67 -62.55 -10.80
O2C PEB BB . -21.85 -62.67 -10.93
ND PEB BB . -20.23 -70.14 -7.35
C1D PEB BB . -19.96 -69.74 -5.98
C2D PEB BB . -18.98 -70.81 -5.56
C3D PEB BB . -18.81 -71.71 -6.55
C4D PEB BB . -19.58 -71.27 -7.69
CMD PEB BB . -18.38 -70.78 -4.19
CAD PEB BB . -18.05 -72.95 -6.47
CBD PEB BB . -18.10 -73.98 -7.29
OD PEB BB . -19.64 -71.81 -8.80
NA PEB BB . -25.93 -64.67 -0.45
C1A PEB BB . -26.61 -64.70 0.73
C2A PEB BB . -25.66 -65.09 1.83
C3A PEB BB . -24.26 -65.01 1.15
C4A PEB BB . -24.56 -64.80 -0.31
CMA PEB BB . -25.83 -64.27 3.12
CBA PEB BB . -24.00 -67.54 0.83
OA PEB BB . -27.79 -64.52 0.86
CHA PEB BB . -23.61 -64.83 -1.35
CAA PEB BB . -23.39 -66.24 1.36
NB PEB BB . -23.13 -65.11 -3.71
C1B PEB BB . -23.84 -64.53 -2.71
C2B PEB BB . -24.67 -63.47 -3.27
C3B PEB BB . -24.40 -63.42 -4.62
C4B PEB BB . -23.38 -64.43 -4.86
CHB PEB BB . -22.77 -64.69 -6.12
CMB PEB BB . -25.56 -62.51 -2.52
CAB PEB BB . -24.98 -62.51 -5.66
CBB PEB BB . -25.79 -63.21 -6.75
CGB PEB BB . -27.04 -63.92 -6.25
O1B PEB BB . -27.46 -63.72 -5.08
O2B PEB BB . -27.61 -64.66 -7.05
CHC PEB CB . -2.16 -56.96 2.39
NC PEB CB . -1.47 -59.34 2.49
C1C PEB CB . -0.46 -60.14 2.94
C2C PEB CB . 0.48 -59.26 3.57
C3C PEB CB . -0.02 -57.96 3.44
C4C PEB CB . -1.23 -58.05 2.79
CMC PEB CB . 0.63 -56.70 3.95
CAC PEB CB . 1.76 -59.69 4.26
CBC PEB CB . 1.59 -59.82 5.77
CGC PEB CB . 0.74 -60.98 6.24
O1C PEB CB . 1.11 -62.18 6.01
O2C PEB CB . -0.32 -60.72 6.86
ND PEB CB . -2.76 -56.33 4.69
C1D PEB CB . -3.28 -56.78 3.42
C2D PEB CB . -4.21 -55.65 3.08
C3D PEB CB . -4.03 -54.61 3.94
C4D PEB CB . -3.10 -55.05 4.98
CMD PEB CB . -5.14 -55.77 1.92
CAD PEB CB . -4.62 -53.27 3.85
CBD PEB CB . -4.60 -52.36 4.78
OD PEB CB . -2.67 -54.37 5.94
NA PEB CB . -3.54 -65.19 -1.94
C1A PEB CB . -4.28 -65.71 -2.97
C2A PEB CB . -5.46 -64.82 -3.24
C3A PEB CB . -5.38 -63.72 -2.16
C4A PEB CB . -4.10 -64.01 -1.40
CMA PEB CB . -5.48 -64.33 -4.68
CBA PEB CB . -7.80 -63.00 -2.04
OA PEB CB . -4.01 -66.70 -3.65
CHA PEB CB . -3.74 -63.21 -0.30
CAA PEB CB . -6.65 -63.67 -1.32
NB PEB CB . -2.24 -62.09 1.24
C1B PEB CB . -2.59 -63.20 0.52
C2B PEB CB . -1.67 -64.28 0.87
C3B PEB CB . -0.75 -63.77 1.74
C4B PEB CB . -1.12 -62.39 1.97
CHB PEB CB . -0.41 -61.53 2.82
CMB PEB CB . -1.68 -65.70 0.37
CAB PEB CB . 0.47 -64.43 2.32
CBB PEB CB . 1.66 -64.40 1.36
CGB PEB CB . 2.80 -65.30 1.80
O1B PEB CB . 3.16 -66.28 1.10
O2B PEB CB . 3.30 -65.04 2.87
CHC PEB DB . -38.87 35.39 -20.39
NC PEB DB . -40.75 35.43 -18.74
C1C PEB DB . -42.12 35.35 -18.71
C2C PEB DB . -42.54 35.15 -20.07
C3C PEB DB . -41.41 35.13 -20.84
C4C PEB DB . -40.30 35.29 -20.01
CMC PEB DB . -41.42 34.98 -22.33
CAC PEB DB . -43.95 34.98 -20.56
CBC PEB DB . -44.67 36.28 -20.89
CGC PEB DB . -45.29 36.98 -19.67
O1C PEB DB . -45.17 38.20 -19.55
O2C PEB DB . -45.93 36.29 -18.86
ND PEB DB . -38.65 33.10 -21.41
C1D PEB DB . -38.14 34.04 -20.43
C2D PEB DB . -36.72 34.25 -20.96
C3D PEB DB . -36.57 33.64 -22.12
C4D PEB DB . -37.78 32.89 -22.41
CMD PEB DB . -35.73 35.12 -20.24
CAD PEB DB . -35.35 33.72 -22.92
CBD PEB DB . -35.12 33.07 -24.01
OD PEB DB . -38.00 32.18 -23.41
NA PEB DB . -41.43 37.75 -11.78
C1A PEB DB . -41.16 38.17 -10.52
C2A PEB DB . -39.69 37.91 -10.26
C3A PEB DB . -39.28 36.91 -11.35
C4A PEB DB . -40.47 36.86 -12.28
CMA PEB DB . -38.89 39.19 -10.24
CBA PEB DB . -37.97 34.76 -11.79
OA PEB DB . -41.95 38.73 -9.75
CHA PEB DB . -40.59 36.00 -13.42
CAA PEB DB . -38.84 35.55 -10.81
NB PEB DB . -41.45 35.93 -15.70
C1B PEB DB . -41.64 35.98 -14.33
C2B PEB DB . -43.06 35.89 -14.04
C3B PEB DB . -43.71 35.75 -15.23
C4B PEB DB . -42.68 35.69 -16.25
CHB PEB DB . -42.94 35.39 -17.58
CMB PEB DB . -43.70 35.86 -12.67
CAB PEB DB . -45.18 35.58 -15.49
CBB PEB DB . -45.55 34.12 -15.71
CGB PEB DB . -45.56 33.28 -14.44
O1B PEB DB . -46.28 33.64 -13.49
O2B PEB DB . -44.90 32.25 -14.42
CHC PEB EB . -20.45 42.67 0.02
NC PEB EB . -22.77 42.35 -0.94
C1C PEB EB . -23.99 41.83 -0.57
C2C PEB EB . -23.82 41.37 0.80
C3C PEB EB . -22.49 41.61 1.15
C4C PEB EB . -21.87 42.24 0.09
CMC PEB EB . -21.89 41.28 2.49
CAC PEB EB . -24.82 40.61 1.63
CBC PEB EB . -26.06 41.34 2.11
CGC PEB EB . -27.16 40.35 2.53
O1C PEB EB . -28.33 40.50 2.06
O2C PEB EB . -26.82 39.39 3.29
ND PEB EB . -20.58 44.49 1.65
C1D PEB EB . -20.19 44.16 0.30
C2D PEB EB . -18.71 44.54 0.35
C3D PEB EB . -18.36 44.94 1.60
C4D PEB EB . -19.57 44.93 2.41
CMD PEB EB . -17.87 44.46 -0.87
CAD PEB EB . -17.03 45.37 2.06
CBD PEB EB . -16.76 46.12 3.10
OD PEB EB . -19.70 45.27 3.59
NA PEB EB . -26.06 44.17 -7.36
C1A PEB EB . -26.20 44.70 -8.62
C2A PEB EB . -24.95 44.40 -9.42
C3A PEB EB . -24.10 43.52 -8.48
C4A PEB EB . -24.88 43.45 -7.19
CMA PEB EB . -25.26 43.81 -10.78
CBA PEB EB . -22.48 45.22 -7.53
OA PEB EB . -27.17 45.32 -9.03
CHA PEB EB . -24.45 42.72 -6.07
CAA PEB EB . -22.63 43.96 -8.33
NB PEB EB . -24.51 42.52 -3.62
C1B PEB EB . -25.15 42.53 -4.84
C2B PEB EB . -26.54 42.12 -4.65
C3B PEB EB . -26.73 41.92 -3.32
C4B PEB EB . -25.42 42.08 -2.70
CHB PEB EB . -25.17 41.78 -1.34
CMB PEB EB . -27.56 41.89 -5.72
CAB PEB EB . -27.99 41.53 -2.60
CBB PEB EB . -28.50 42.61 -1.63
CGB PEB EB . -28.86 43.95 -2.26
O1B PEB EB . -29.04 44.01 -3.50
O2B PEB EB . -28.94 44.93 -1.50
CHC PEB FB . -10.68 24.28 -7.61
NC PEB FB . -8.89 25.95 -7.08
C1C PEB FB . -7.54 26.12 -7.20
C2C PEB FB . -7.04 24.93 -7.82
C3C PEB FB . -8.14 24.08 -8.01
C4C PEB FB . -9.26 24.73 -7.56
CMC PEB FB . -8.08 22.69 -8.61
CAC PEB FB . -5.59 24.63 -8.09
CBC PEB FB . -5.17 24.87 -9.54
CGC PEB FB . -5.29 26.32 -9.97
O1C PEB FB . -4.41 27.14 -9.55
O2C PEB FB . -6.24 26.64 -10.72
ND PEB FB . -10.88 24.48 -10.08
C1D PEB FB . -11.41 24.94 -8.80
C2D PEB FB . -12.87 24.58 -9.00
C3D PEB FB . -12.98 23.70 -10.01
C4D PEB FB . -11.71 23.63 -10.70
CMD PEB FB . -13.95 25.15 -8.13
CAD PEB FB . -14.19 22.94 -10.35
CBD PEB FB . -14.37 22.21 -11.43
OD PEB FB . -11.44 22.90 -11.70
NA PEB FB . -8.56 31.43 -1.83
C1A PEB FB . -9.19 32.12 -0.82
C2A PEB FB . -10.68 32.08 -1.00
C3A PEB FB . -10.86 31.25 -2.28
C4A PEB FB . -9.47 30.92 -2.76
CMA PEB FB . -11.36 31.57 0.26
CBA PEB FB . -13.24 31.88 -2.89
OA PEB FB . -8.67 32.68 0.11
CHA PEB FB . -9.26 30.29 -4.00
CAA PEB FB . -11.78 31.99 -3.26
NB PEB FB . -8.31 28.41 -5.20
C1B PEB FB . -8.16 29.53 -4.44
C2B PEB FB . -6.75 29.86 -4.33
C3B PEB FB . -6.09 29.01 -5.17
C4B PEB FB . -7.10 28.19 -5.80
CHB PEB FB . -6.85 27.27 -6.85
CMB PEB FB . -6.12 31.00 -3.58
CAB PEB FB . -4.62 28.92 -5.43
CBB PEB FB . -3.92 28.17 -4.30
CGB PEB FB . -2.41 28.26 -4.40
O1B PEB FB . -1.78 28.54 -3.38
O2B PEB FB . -1.89 28.02 -5.51
CHC PEB GB . -30.35 -28.84 20.89
NC PEB GB . -32.33 -28.73 22.42
C1C PEB GB . -33.69 -28.98 22.42
C2C PEB GB . -33.99 -29.46 21.12
C3C PEB GB . -32.81 -29.45 20.38
C4C PEB GB . -31.80 -29.00 21.21
CMC PEB GB . -32.71 -29.89 18.96
CAC PEB GB . -35.34 -29.87 20.60
CBC PEB GB . -35.96 -28.85 19.65
CGC PEB GB . -36.80 -27.79 20.37
O1C PEB GB . -36.99 -26.69 19.79
O2C PEB GB . -37.26 -28.08 21.50
ND PEB GB . -29.90 -31.28 20.42
C1D PEB GB . -29.51 -30.11 21.18
C2D PEB GB . -28.08 -29.96 20.70
C3D PEB GB . -27.81 -30.85 19.72
C4D PEB GB . -29.00 -31.63 19.50
CMD PEB GB . -27.21 -28.88 21.25
CAD PEB GB . -26.59 -30.92 18.91
CBD PEB GB . -26.37 -31.82 18.01
OD PEB GB . -29.19 -32.46 18.60
NA PEB GB . -34.07 -25.39 28.84
C1A PEB GB . -33.96 -24.64 29.98
C2A PEB GB . -32.51 -24.54 30.34
C3A PEB GB . -31.87 -25.71 29.58
C4A PEB GB . -32.92 -26.15 28.60
CMA PEB GB . -31.91 -23.18 30.04
CBA PEB GB . -30.25 -27.65 29.86
OA PEB GB . -34.91 -24.14 30.61
CHA PEB GB . -32.72 -27.14 27.61
CAA PEB GB . -31.35 -26.83 30.50
NB PEB GB . -33.35 -27.79 25.35
C1B PEB GB . -33.65 -27.55 26.67
C2B PEB GB . -35.05 -27.89 26.92
C3B PEB GB . -35.55 -28.36 25.75
C4B PEB GB . -34.47 -28.34 24.78
CHB PEB GB . -34.61 -28.81 23.47
CMB PEB GB . -35.78 -27.80 28.23
CAB PEB GB . -36.93 -28.90 25.47
CBB PEB GB . -36.93 -30.44 25.46
CGB PEB GB . -36.66 -31.07 26.82
O1B PEB GB . -37.32 -30.64 27.79
O2B PEB GB . -35.81 -31.99 26.91
CHC PEB HB . -14.45 -15.96 40.75
NC PEB HB . -16.71 -16.68 39.94
C1C PEB HB . -17.94 -17.11 40.41
C2C PEB HB . -17.80 -17.13 41.85
C3C PEB HB . -16.48 -16.75 42.15
C4C PEB HB . -15.85 -16.46 40.96
CMC PEB HB . -15.87 -16.63 43.52
CAC PEB HB . -18.85 -17.59 42.81
CBC PEB HB . -18.53 -19.00 43.30
CGC PEB HB . -19.52 -19.63 44.26
O1C PEB HB . -20.73 -19.33 44.18
O2C PEB HB . -19.08 -20.49 45.05
ND PEB HB . -14.76 -13.85 42.07
C1D PEB HB . -14.29 -14.40 40.81
C2D PEB HB . -12.85 -13.93 40.84
C3D PEB HB . -12.62 -13.19 41.93
C4D PEB HB . -13.83 -13.10 42.70
CMD PEB HB . -11.86 -14.24 39.77
CAD PEB HB . -11.36 -12.52 42.24
CBD PEB HB . -11.25 -11.31 42.75
OD PEB HB . -13.97 -12.46 43.74
NA PEB HB . -19.94 -16.40 33.30
C1A PEB HB . -20.11 -16.11 31.98
C2A PEB HB . -18.82 -16.35 31.26
C3A PEB HB . -17.90 -16.98 32.32
C4A PEB HB . -18.68 -16.92 33.61
CMA PEB HB . -19.00 -17.18 30.00
CBA PEB HB . -16.57 -14.93 33.11
OA PEB HB . -21.16 -15.75 31.48
CHA PEB HB . -18.17 -17.31 34.84
CAA PEB HB . -16.54 -16.33 32.51
NB PEB HB . -18.29 -17.15 37.26
C1B PEB HB . -18.86 -17.42 36.03
C2B PEB HB . -20.22 -17.94 36.21
C3B PEB HB . -20.45 -17.97 37.55
C4B PEB HB . -19.23 -17.51 38.20
CHB PEB HB . -19.04 -17.45 39.63
CMB PEB HB . -21.13 -18.46 35.14
CAB PEB HB . -21.67 -18.48 38.27
CBB PEB HB . -22.43 -17.45 39.13
CGB PEB HB . -23.02 -16.31 38.33
O1B PEB HB . -23.02 -16.40 37.09
O2B PEB HB . -23.41 -15.31 38.95
CHC PEB IB . -2.51 -34.35 37.36
NC PEB IB . -0.89 -32.49 37.76
C1C PEB IB . 0.47 -32.26 37.74
C2C PEB IB . 1.08 -33.48 37.37
C3C PEB IB . 0.07 -34.41 37.17
C4C PEB IB . -1.13 -33.79 37.42
CMC PEB IB . 0.30 -35.84 36.79
CAC PEB IB . 2.54 -33.71 37.17
CBC PEB IB . 2.98 -33.52 35.72
CGC PEB IB . 2.99 -32.07 35.24
O1C PEB IB . 3.95 -31.32 35.58
O2C PEB IB . 2.05 -31.68 34.50
ND PEB IB . -2.51 -34.69 34.91
C1D PEB IB . -3.18 -34.04 36.01
C2D PEB IB . -4.57 -34.62 35.90
C3D PEB IB . -4.56 -35.66 35.01
C4D PEB IB . -3.24 -35.70 34.38
CMD PEB IB . -5.70 -34.05 36.70
CAD PEB IB . -5.66 -36.58 34.72
CBD PEB IB . -5.87 -37.15 33.57
OD PEB IB . -2.86 -36.51 33.49
NA PEB IB . -1.38 -26.25 41.99
C1A PEB IB . -2.09 -25.35 42.75
C2A PEB IB . -3.56 -25.54 42.51
C3A PEB IB . -3.63 -26.61 41.41
C4A PEB IB . -2.19 -26.96 41.12
CMA PEB IB . -4.31 -25.86 43.80
CBA PEB IB . -5.96 -26.02 40.60
OA PEB IB . -1.62 -24.57 43.57
CHA PEB IB . -1.85 -27.82 40.06
CAA PEB IB . -4.49 -26.12 40.24
NB PEB IB . -0.62 -29.67 39.11
C1B PEB IB . -0.63 -28.46 39.75
C2B PEB IB . 0.74 -27.98 39.87
C3B PEB IB . 1.54 -28.92 39.31
C4B PEB IB . 0.67 -29.94 38.77
CHB PEB IB . 1.09 -31.03 38.00
CMB PEB IB . 1.25 -26.67 40.43
CAB PEB IB . 3.03 -28.90 39.12
CBB PEB IB . 3.85 -29.55 40.24
CGB PEB IB . 5.34 -29.36 40.04
O1B PEB IB . 5.92 -28.56 40.77
O2B PEB IB . 5.91 -30.00 39.14
CHC PEB JB . 17.55 -26.03 -39.07
NC PEB JB . 18.07 -27.22 -41.23
C1C PEB JB . 17.87 -28.45 -41.82
C2C PEB JB . 17.09 -29.19 -40.90
C3C PEB JB . 16.88 -28.40 -39.76
C4C PEB JB . 17.49 -27.20 -39.99
CMC PEB JB . 16.10 -28.81 -38.54
CAC PEB JB . 16.57 -30.59 -41.10
CBC PEB JB . 17.51 -31.68 -40.60
CGC PEB JB . 18.55 -32.09 -41.62
O1C PEB JB . 19.75 -32.09 -41.28
O2C PEB JB . 18.16 -32.39 -42.79
ND PEB JB . 15.07 -25.74 -38.76
C1D PEB JB . 16.32 -25.09 -39.13
C2D PEB JB . 16.40 -24.03 -38.05
C3D PEB JB . 15.36 -24.13 -37.21
C4D PEB JB . 14.49 -25.21 -37.66
CMD PEB JB . 17.57 -23.09 -37.93
CAD PEB JB . 15.23 -23.28 -36.03
CBD PEB JB . 14.13 -23.07 -35.37
OD PEB JB . 13.40 -25.59 -37.18
NA PEB JB . 22.73 -26.25 -47.07
C1A PEB JB . 23.70 -25.65 -47.82
C2A PEB JB . 23.79 -24.18 -47.43
C3A PEB JB . 22.47 -23.93 -46.66
C4A PEB JB . 21.91 -25.31 -46.42
CMA PEB JB . 25.06 -23.88 -46.64
CBA PEB JB . 20.52 -22.28 -46.48
OA PEB JB . 24.42 -26.21 -48.65
CHA PEB JB . 20.72 -25.52 -45.68
CAA PEB JB . 21.49 -23.00 -47.39
NB PEB JB . 19.47 -26.94 -44.13
C1B PEB JB . 20.15 -26.74 -45.31
C2B PEB JB . 20.01 -27.93 -46.14
C3B PEB JB . 19.34 -28.87 -45.40
C4B PEB JB . 19.01 -28.22 -44.15
CHB PEB JB . 18.31 -28.87 -43.10
CMB PEB JB . 20.42 -28.08 -47.58
CAB PEB JB . 19.02 -30.30 -45.73
CBB PEB JB . 17.61 -30.51 -46.27
CGB PEB JB . 17.37 -29.85 -47.61
O1B PEB JB . 18.06 -30.26 -48.58
O2B PEB JB . 16.53 -28.89 -47.69
CHC PEB KB . 34.46 -4.44 -47.36
NC PEB KB . 33.59 -6.78 -47.60
C1C PEB KB . 33.25 -7.68 -48.58
C2C PEB KB . 33.48 -7.00 -49.84
C3C PEB KB . 33.95 -5.72 -49.54
C4C PEB KB . 34.00 -5.61 -48.16
CMC PEB KB . 34.33 -4.68 -50.56
CAC PEB KB . 33.27 -7.61 -51.19
CBC PEB KB . 31.84 -7.46 -51.67
CGC PEB KB . 31.57 -8.14 -53.02
O1C PEB KB . 31.86 -9.36 -53.17
O2C PEB KB . 31.03 -7.46 -53.87
ND PEB KB . 36.75 -4.40 -48.34
C1D PEB KB . 35.98 -4.46 -47.11
C2D PEB KB . 36.46 -3.22 -46.39
C3D PEB KB . 37.41 -2.61 -47.13
C4D PEB KB . 37.58 -3.34 -48.37
CMD PEB KB . 35.90 -2.81 -45.07
CAD PEB KB . 38.19 -1.44 -46.72
CBD PEB KB . 39.45 -1.16 -47.05
OD PEB KB . 38.33 -3.04 -49.27
NA PEB KB . 32.41 -12.42 -43.00
C1A PEB KB . 32.41 -13.18 -41.87
C2A PEB KB . 32.03 -12.32 -40.69
C3A PEB KB . 31.60 -10.99 -41.33
C4A PEB KB . 31.93 -11.14 -42.81
CMA PEB KB . 30.99 -12.98 -39.81
CBA PEB KB . 33.70 -9.54 -40.95
OA PEB KB . 32.64 -14.38 -41.82
CHA PEB KB . 31.76 -10.12 -43.80
CAA PEB KB . 32.20 -9.74 -40.66
NB PEB KB . 32.49 -9.25 -45.98
C1B PEB KB . 31.96 -10.25 -45.19
C2B PEB KB . 31.53 -11.36 -46.04
C3B PEB KB . 31.74 -10.99 -47.34
C4B PEB KB . 32.37 -9.67 -47.28
CHB PEB KB . 32.77 -8.97 -48.42
CMB PEB KB . 30.88 -12.64 -45.61
CAB PEB KB . 31.36 -11.71 -48.59
CBB PEB KB . 32.53 -12.16 -49.50
CGB PEB KB . 33.51 -13.15 -48.89
O1B PEB KB . 33.26 -13.68 -47.79
O2B PEB KB . 34.56 -13.35 -49.49
CHC PEB LB . 15.85 6.48 -42.67
NC PEB LB . 17.74 7.92 -41.88
C1C PEB LB . 17.95 9.05 -41.14
C2C PEB LB . 16.68 9.56 -40.82
C3C PEB LB . 15.74 8.68 -41.35
C4C PEB LB . 16.41 7.68 -42.00
CMC PEB LB . 14.25 8.85 -41.23
CAC PEB LB . 16.42 10.83 -40.07
CBC PEB LB . 16.24 10.60 -38.58
CGC PEB LB . 17.51 10.20 -37.83
O1C PEB LB . 18.39 11.09 -37.60
O2C PEB LB . 17.61 9.00 -37.48
ND PEB LB . 14.80 5.52 -40.63
C1D PEB LB . 15.75 5.27 -41.70
C2D PEB LB . 15.21 3.98 -42.29
C3D PEB LB . 13.99 3.74 -41.76
C4D PEB LB . 13.75 4.68 -40.67
CMD PEB LB . 15.98 3.14 -43.26
CAD PEB LB . 13.12 2.63 -42.16
CBD PEB LB . 12.01 2.25 -41.59
OD PEB LB . 12.81 4.68 -39.88
NA PEB LB . 24.77 8.72 -44.43
C1A PEB LB . 25.65 8.46 -45.44
C2A PEB LB . 25.59 7.00 -45.81
C3A PEB LB . 24.30 6.53 -45.13
C4A PEB LB . 23.86 7.69 -44.26
CMA PEB LB . 25.65 6.81 -47.33
CBA PEB LB . 24.45 4.00 -45.31
OA PEB LB . 26.36 9.30 -46.00
CHA PEB LB . 22.79 7.60 -43.34
CAA PEB LB . 24.51 5.20 -44.40
NB PEB LB . 20.74 8.50 -42.40
C1B PEB LB . 22.09 8.62 -42.67
C2B PEB LB . 22.58 9.85 -42.05
C3B PEB LB . 21.56 10.40 -41.35
C4B PEB LB . 20.43 9.49 -41.51
CHB PEB LB . 19.20 9.62 -40.83
CMB PEB LB . 23.98 10.41 -42.03
CAB PEB LB . 21.57 11.63 -40.49
CBB PEB LB . 21.18 12.91 -41.24
CGB PEB LB . 21.40 14.16 -40.42
O1B PEB LB . 22.35 14.92 -40.73
O2B PEB LB . 20.68 14.33 -39.42
CHC PEB MB . 37.42 30.17 -10.83
NC PEB MB . 38.41 30.81 -8.64
C1C PEB MB . 38.94 31.90 -8.00
C2C PEB MB . 38.85 32.98 -8.91
C3C PEB MB . 38.29 32.50 -10.07
C4C PEB MB . 38.00 31.16 -9.88
CMC PEB MB . 38.01 33.35 -11.28
CAC PEB MB . 39.32 34.39 -8.67
CBC PEB MB . 40.73 34.66 -9.21
CGC PEB MB . 41.83 34.32 -8.20
O1C PEB MB . 42.78 33.60 -8.59
O2C PEB MB . 41.69 34.70 -7.02
ND PEB MB . 35.25 31.38 -11.27
C1D PEB MB . 35.87 30.13 -10.85
C2D PEB MB . 35.34 29.19 -11.92
C3D PEB MB . 34.75 29.91 -12.92
C4D PEB MB . 34.68 31.31 -12.49
CMD PEB MB . 35.57 27.72 -11.79
CAD PEB MB . 34.26 29.42 -14.20
CBD PEB MB . 33.38 30.06 -14.98
OD PEB MB . 34.21 32.29 -13.12
NA PEB MB . 40.71 27.07 -2.61
C1A PEB MB . 40.99 26.04 -1.77
C2A PEB MB . 40.11 24.87 -2.14
C3A PEB MB . 38.99 25.52 -2.96
C4A PEB MB . 39.50 26.92 -3.27
CMA PEB MB . 40.90 23.76 -2.84
CBA PEB MB . 36.46 25.60 -3.19
OA PEB MB . 41.85 26.03 -0.90
CHA PEB MB . 38.82 27.89 -4.09
CAA PEB MB . 37.64 25.52 -2.25
NB PEB MB . 39.17 29.67 -5.73
C1B PEB MB . 39.27 29.17 -4.47
C2B PEB MB . 39.80 30.21 -3.58
C3B PEB MB . 39.97 31.33 -4.32
C4B PEB MB . 39.50 31.01 -5.66
CHB PEB MB . 39.45 31.96 -6.70
CMB PEB MB . 40.07 30.07 -2.10
CAB PEB MB . 40.52 32.67 -3.90
CBB PEB MB . 39.46 33.72 -3.55
CGB PEB MB . 38.77 33.46 -2.22
O1B PEB MB . 39.46 33.45 -1.17
O2B PEB MB . 37.54 33.27 -2.21
CHC PEB NB . 35.59 2.97 -2.03
NC PEB NB . 36.26 5.35 -1.66
C1C PEB NB . 36.26 6.31 -0.66
C2C PEB NB . 35.76 5.64 0.50
C3C PEB NB . 35.44 4.35 0.15
C4C PEB NB . 35.79 4.18 -1.18
CMC PEB NB . 34.88 3.34 1.11
CAC PEB NB . 35.47 6.26 1.83
CBC PEB NB . 36.65 6.82 2.58
CGC PEB NB . 36.22 7.89 3.56
O1C PEB NB . 37.02 8.85 3.70
O2C PEB NB . 35.08 7.77 4.15
ND PEB NB . 37.10 1.44 -0.84
C1D PEB NB . 36.75 2.00 -2.13
C2D PEB NB . 36.30 0.74 -2.84
C3D PEB NB . 36.56 -0.35 -2.10
C4D PEB NB . 37.08 0.09 -0.83
CMD PEB NB . 35.64 0.78 -4.20
CAD PEB NB . 36.40 -1.73 -2.56
CBD PEB NB . 37.06 -2.81 -2.15
OD PEB NB . 37.42 -0.64 0.10
NA PEB NB . 39.32 10.27 -6.13
C1A PEB NB . 39.91 10.82 -7.24
C2A PEB NB . 39.18 10.31 -8.46
C3A PEB NB . 37.93 9.63 -7.88
C4A PEB NB . 38.17 9.56 -6.39
CMA PEB NB . 38.96 11.37 -9.53
CBA PEB NB . 38.74 7.22 -8.27
OA PEB NB . 40.91 11.51 -7.25
CHA PEB NB . 37.39 8.87 -5.45
CAA PEB NB . 37.64 8.27 -8.52
NB PEB NB . 37.17 7.88 -3.21
C1B PEB NB . 37.50 8.94 -4.03
C2B PEB NB . 37.80 10.10 -3.20
C3B PEB NB . 37.67 9.72 -1.89
C4B PEB NB . 37.15 8.35 -1.93
CHB PEB NB . 36.69 7.64 -0.79
CMB PEB NB . 38.08 11.52 -3.64
CAB PEB NB . 37.86 10.53 -0.65
CBB PEB NB . 38.96 10.05 0.31
CGB PEB NB . 40.36 10.21 -0.25
O1B PEB NB . 40.53 10.85 -1.32
O2B PEB NB . 41.27 9.69 0.39
CHC PEB OB . 14.70 6.54 -8.43
NC PEB OB . 15.16 4.18 -9.09
C1C PEB OB . 14.58 3.12 -9.76
C2C PEB OB . 13.29 3.58 -10.19
C3C PEB OB . 13.16 4.92 -9.74
C4C PEB OB . 14.32 5.24 -9.07
CMC PEB OB . 11.96 5.79 -9.96
CAC PEB OB . 12.28 2.76 -10.92
CBC PEB OB . 12.17 3.06 -12.42
CGC PEB OB . 13.44 2.82 -13.18
O1C PEB OB . 13.94 1.65 -13.21
O2C PEB OB . 13.92 3.77 -13.80
ND PEB OB . 14.66 7.89 -10.50
C1D PEB OB . 15.47 7.49 -9.38
C2D PEB OB . 15.82 8.82 -8.76
C3D PEB OB . 15.14 9.80 -9.39
C4D PEB OB . 14.41 9.23 -10.49
CMD PEB OB . 16.81 8.97 -7.64
CAD PEB OB . 15.15 11.21 -8.99
CBD PEB OB . 14.57 12.20 -9.61
OD PEB OB . 13.70 9.84 -11.32
NA PEB OB . 19.81 -0.79 -5.87
C1A PEB OB . 20.78 -1.10 -4.95
C2A PEB OB . 21.40 0.16 -4.44
C3A PEB OB . 20.79 1.26 -5.32
C4A PEB OB . 19.79 0.56 -6.20
CMA PEB OB . 21.21 0.32 -2.94
CBA PEB OB . 22.61 3.03 -5.16
OA PEB OB . 21.11 -2.22 -4.57
CHA PEB OB . 19.09 1.26 -7.21
CAA PEB OB . 21.91 2.02 -6.05
NB PEB OB . 17.03 1.84 -8.36
C1B PEB OB . 17.96 0.90 -7.97
C2B PEB OB . 17.63 -0.38 -8.59
C3B PEB OB . 16.50 -0.18 -9.32
C4B PEB OB . 16.19 1.23 -9.24
CHB PEB OB . 15.15 1.86 -9.95
CMB PEB OB . 18.37 -1.68 -8.47
CAB PEB OB . 15.70 -1.17 -10.09
CBB PEB OB . 14.68 -1.93 -9.22
CGB PEB OB . 13.97 -3.03 -10.01
O1B PEB OB . 14.15 -4.24 -9.72
O2B PEB OB . 13.24 -2.65 -10.94
CHC PEB PB . -44.17 19.92 -36.16
NC PEB PB . -45.43 21.08 -37.97
C1C PEB PB . -46.39 22.05 -38.15
C2C PEB PB . -46.64 22.56 -36.85
C3C PEB PB . -45.88 21.85 -35.95
C4C PEB PB . -45.14 20.92 -36.66
CMC PEB PB . -45.91 22.04 -34.46
CAC PEB PB . -47.64 23.63 -36.53
CBC PEB PB . -49.00 22.98 -36.42
CGC PEB PB . -50.13 23.95 -36.13
O1C PEB PB . -51.13 23.51 -35.54
O2C PEB PB . -50.01 25.14 -36.50
ND PEB PB . -42.64 21.55 -35.08
C1D PEB PB . -42.75 20.45 -36.03
C2D PEB PB . -41.84 19.42 -35.39
C3D PEB PB . -41.38 19.88 -34.20
C4D PEB PB . -41.85 21.24 -34.02
CMD PEB PB . -41.53 18.15 -36.11
CAD PEB PB . -40.48 19.15 -33.31
CBD PEB PB . -39.95 19.60 -32.22
OD PEB PB . -41.63 21.98 -33.05
NA PEB PB . -46.85 19.49 -45.06
C1A PEB PB . -46.82 18.93 -46.30
C2A PEB PB . -45.54 18.15 -46.43
C3A PEB PB . -44.64 18.73 -45.33
C4A PEB PB . -45.58 19.56 -44.48
CMA PEB PB . -45.74 16.64 -46.34
CBA PEB PB . -42.27 19.44 -44.89
OA PEB PB . -47.68 19.06 -47.17
CHA PEB PB . -45.24 20.23 -43.29
CAA PEB PB . -43.43 19.47 -45.87
NB PEB PB . -46.05 20.96 -41.10
C1B PEB PB . -46.10 20.98 -42.47
C2B PEB PB . -47.06 21.98 -42.91
C3B PEB PB . -47.59 22.55 -41.78
C4B PEB PB . -46.84 21.99 -40.67
CHB PEB PB . -46.95 22.48 -39.35
CMB PEB PB . -47.38 22.42 -44.31
CAB PEB PB . -48.68 23.59 -41.70
CBB PEB PB . -48.14 25.05 -41.61
CGB PEB PB . -47.49 25.61 -42.87
O1B PEB PB . -48.24 25.91 -43.85
O2B PEB PB . -46.27 25.80 -42.88
CHC PEB QB . -33.35 1.53 -55.19
NC PEB QB . -35.01 3.31 -54.64
C1C PEB QB . -35.57 4.43 -55.19
C2C PEB QB . -35.07 4.50 -56.55
C3C PEB QB . -34.16 3.43 -56.70
C4C PEB QB . -34.16 2.73 -55.51
CMC PEB QB . -33.35 3.09 -57.93
CAC PEB QB . -35.41 5.55 -57.57
CBC PEB QB . -34.39 6.68 -57.59
CGC PEB QB . -34.53 7.63 -58.76
O1C PEB QB . -35.56 8.32 -58.80
O2C PEB QB . -33.62 7.65 -59.64
ND PEB QB . -34.39 0.16 -56.88
C1D PEB QB . -34.03 0.23 -55.48
C2D PEB QB . -33.10 -0.94 -55.34
C3D PEB QB . -32.93 -1.50 -56.55
C4D PEB QB . -33.86 -0.91 -57.48
CMD PEB QB . -32.53 -1.37 -54.03
CAD PEB QB . -32.05 -2.60 -56.92
CBD PEB QB . -32.53 -3.73 -57.36
OD PEB QB . -34.09 -1.31 -58.63
NA PEB QB . -39.23 4.53 -48.79
C1A PEB QB . -39.87 4.17 -47.65
C2A PEB QB . -38.87 3.63 -46.67
C3A PEB QB . -37.53 3.71 -47.43
C4A PEB QB . -37.88 4.28 -48.79
CMA PEB QB . -38.89 4.28 -45.30
CBA PEB QB . -37.51 1.24 -48.17
OA PEB QB . -41.07 4.24 -47.46
CHA PEB QB . -36.93 4.56 -49.82
CAA PEB QB . -36.82 2.34 -47.37
NB PEB QB . -36.71 4.46 -52.26
C1B PEB QB . -37.22 5.01 -51.10
C2B PEB QB . -37.99 6.21 -51.43
C3B PEB QB . -37.86 6.42 -52.77
C4B PEB QB . -36.99 5.35 -53.26
CHB PEB QB . -36.50 5.29 -54.59
CMB PEB QB . -38.71 7.08 -50.43
CAB PEB QB . -38.37 7.56 -53.59
CBB PEB QB . -39.33 7.19 -54.74
CGB PEB QB . -40.66 6.63 -54.28
O1B PEB QB . -40.96 6.69 -53.07
O2B PEB QB . -41.41 6.12 -55.12
CHC PEB RB . -14.67 9.40 -46.30
NC PEB RB . -14.24 6.95 -46.71
C1C PEB RB . -13.26 6.00 -46.51
C2C PEB RB . -12.22 6.66 -45.85
C3C PEB RB . -12.59 8.00 -45.69
C4C PEB RB . -13.84 8.15 -46.23
CMC PEB RB . -11.74 9.07 -45.06
CAC PEB RB . -10.91 6.04 -45.46
CBC PEB RB . -10.83 5.57 -44.02
CGC PEB RB . -11.88 4.55 -43.64
O1C PEB RB . -11.68 3.32 -43.93
O2C PEB RB . -12.89 4.99 -43.06
ND PEB RB . -15.09 9.71 -43.90
C1D PEB RB . -15.72 9.52 -45.18
C2D PEB RB . -16.60 10.75 -45.23
C3D PEB RB . -16.27 11.57 -44.22
C4D PEB RB . -15.33 10.93 -43.40
CMD PEB RB . -17.64 11.00 -46.26
CAD PEB RB . -16.76 12.92 -43.97
CBD PEB RB . -16.58 13.58 -42.83
OD PEB RB . -14.83 11.46 -42.42
NA PEB RB . -17.05 2.35 -52.00
C1A PEB RB . -17.80 2.16 -53.15
C2A PEB RB . -19.02 3.05 -53.09
C3A PEB RB . -18.79 3.94 -51.85
C4A PEB RB . -17.54 3.39 -51.19
CMA PEB RB . -19.32 3.77 -54.40
CBA PEB RB . -21.15 4.85 -51.49
OA PEB RB . -17.58 1.35 -54.05
CHA PEB RB . -17.05 3.89 -49.94
CAA PEB RB . -20.03 4.00 -50.93
NB PEB RB . -15.14 4.64 -48.57
C1B PEB RB . -15.78 3.68 -49.31
C2B PEB RB . -15.00 2.45 -49.22
C3B PEB RB . -13.97 2.68 -48.35
C4B PEB RB . -14.12 4.05 -47.89
CHB PEB RB . -13.34 4.65 -46.88
CMB PEB RB . -15.25 1.14 -49.91
CAB PEB RB . -12.89 1.74 -47.91
CBB PEB RB . -11.71 1.74 -48.89
CGB PEB RB . -10.63 0.73 -48.56
O1B PEB RB . -10.29 -0.07 -49.43
O2B PEB RB . -10.12 0.77 -47.44
CHC PEB SB . 5.96 21.20 31.02
NC PEB SB . 6.67 19.66 29.20
C1C PEB SB . 6.59 18.33 28.85
C2C PEB SB . 5.83 17.68 29.87
C3C PEB SB . 5.51 18.65 30.80
C4C PEB SB . 6.01 19.87 30.35
CMC PEB SB . 4.69 18.40 32.03
CAC PEB SB . 5.47 16.22 29.90
CBC PEB SB . 6.42 15.35 30.73
CGC PEB SB . 7.71 14.91 30.02
O1C PEB SB . 8.77 14.91 30.71
O2C PEB SB . 7.69 14.52 28.78
ND PEB SB . 3.52 21.40 31.09
C1D PEB SB . 4.73 22.07 30.68
C2D PEB SB . 4.68 23.32 31.56
C3D PEB SB . 3.61 23.29 32.36
C4D PEB SB . 2.85 22.09 32.04
CMD PEB SB . 5.76 24.35 31.50
CAD PEB SB . 3.30 24.27 33.42
CBD PEB SB . 2.17 24.41 34.03
OD PEB SB . 1.80 21.69 32.53
NA PEB SB . 11.61 20.00 23.65
C1A PEB SB . 12.59 20.48 22.82
C2A PEB SB . 12.55 21.98 22.86
C3A PEB SB . 11.16 22.32 23.45
C4A PEB SB . 10.69 20.98 24.01
CMA PEB SB . 13.72 22.57 23.66
CBA PEB SB . 9.11 23.77 22.92
OA PEB SB . 13.35 19.79 22.15
CHA PEB SB . 9.51 20.79 24.79
CAA PEB SB . 10.29 22.99 22.40
NB PEB SB . 8.28 19.53 26.48
C1B PEB SB . 9.00 19.57 25.32
C2B PEB SB . 8.95 18.26 24.67
C3B PEB SB . 8.32 17.41 25.53
C4B PEB SB . 7.86 18.23 26.64
CHB PEB SB . 7.13 17.72 27.72
CMB PEB SB . 9.38 17.89 23.29
CAB PEB SB . 8.06 15.93 25.38
CBB PEB SB . 6.66 15.57 24.86
CGB PEB SB . 6.41 15.90 23.40
O1B PEB SB . 7.16 15.40 22.57
O2B PEB SB . 5.45 16.63 23.08
CHC PEB TB . 21.62 42.15 19.58
NC PEB TB . 20.88 39.75 19.63
C1C PEB TB . 20.60 38.71 18.79
C2C PEB TB . 20.90 39.17 17.48
C3C PEB TB . 21.29 40.53 17.60
C4C PEB TB . 21.29 40.85 18.94
CMC PEB TB . 21.72 41.43 16.48
CAC PEB TB . 20.74 38.36 16.21
CBC PEB TB . 19.35 38.58 15.62
CGC PEB TB . 19.13 38.02 14.22
O1C PEB TB . 19.47 36.86 13.97
O2C PEB TB . 18.54 38.77 13.39
ND PEB TB . 23.94 42.30 18.77
C1D PEB TB . 23.09 42.37 19.94
C2D PEB TB . 23.39 43.78 20.42
C3D PEB TB . 24.34 44.33 19.62
C4D PEB TB . 24.69 43.39 18.60
CMD PEB TB . 22.63 44.41 21.55
CAD PEB TB . 24.91 45.67 19.75
CBD PEB TB . 26.12 46.06 19.38
OD PEB TB . 25.51 43.55 17.71
NA PEB TB . 19.85 35.05 25.15
C1A PEB TB . 19.84 34.61 26.45
C2A PEB TB . 19.32 35.69 27.35
C3A PEB TB . 18.83 36.77 26.38
C4A PEB TB . 19.33 36.33 25.03
CMA PEB TB . 18.33 35.15 28.35
CBA PEB TB . 20.66 38.56 26.53
OA PEB TB . 20.20 33.53 26.84
CHA PEB TB . 19.30 37.15 23.88
CAA PEB TB . 19.23 38.18 26.87
NB PEB TB . 19.90 37.61 21.59
C1B PEB TB . 19.47 36.75 22.57
C2B PEB TB . 19.11 35.47 21.96
C3B PEB TB . 19.41 35.55 20.63
C4B PEB TB . 19.86 36.92 20.41
CHB PEB TB . 20.17 37.44 19.15
CMB PEB TB . 18.42 34.30 22.59
CAB PEB TB . 19.16 34.50 19.57
CBB PEB TB . 20.39 34.02 18.77
CGB PEB TB . 21.44 33.29 19.61
O1B PEB TB . 21.14 32.90 20.76
O2B PEB TB . 22.53 33.12 19.09
CHC PEB UB . 1.81 52.06 21.07
NC PEB UB . 3.50 53.81 21.55
C1C PEB UB . 3.56 55.12 21.94
C2C PEB UB . 2.22 55.54 22.12
C3C PEB UB . 1.40 54.48 21.78
C4C PEB UB . 2.21 53.42 21.45
CMC PEB UB . -0.11 54.49 21.78
CAC PEB UB . 1.80 56.94 22.50
CBC PEB UB . 1.45 57.20 23.96
CGC PEB UB . 2.55 56.85 24.94
O1C PEB UB . 3.53 57.65 25.10
O2C PEB UB . 2.42 55.79 25.55
ND PEB UB . 0.76 51.49 23.22
C1D PEB UB . 1.79 51.10 22.27
C2D PEB UB . 1.34 49.72 21.90
C3D PEB UB . 0.17 49.44 22.49
C4D PEB UB . -0.20 50.57 23.33
CMD PEB UB . 2.15 48.85 20.99
CAD PEB UB . -0.63 48.21 22.34
CBD PEB UB . -1.69 47.86 23.05
OD PEB UB . -1.24 50.67 24.00
NA PEB UB . 10.61 54.84 19.24
C1A PEB UB . 11.74 54.42 18.57
C2A PEB UB . 11.66 52.93 18.34
C3A PEB UB . 10.36 52.50 19.04
C4A PEB UB . 9.80 53.78 19.65
CMA PEB UB . 11.76 52.54 16.86
CBA PEB UB . 10.83 50.01 19.32
OA PEB UB . 12.67 55.14 18.19
CHA PEB UB . 8.72 53.75 20.55
CAA PEB UB . 10.64 51.36 20.02
NB PEB UB . 6.52 54.54 21.14
C1B PEB UB . 7.87 54.77 20.92
C2B PEB UB . 8.19 56.14 21.30
C3B PEB UB . 7.05 56.69 21.80
C4B PEB UB . 6.02 55.67 21.73
CHB PEB UB . 4.72 55.86 22.18
CMB PEB UB . 9.53 56.80 21.27
CAB PEB UB . 6.84 58.05 22.39
CBB PEB UB . 6.42 59.09 21.35
CGB PEB UB . 6.51 60.51 21.90
O1B PEB UB . 7.31 61.30 21.39
O2B PEB UB . 5.79 60.79 22.87
CHC PEB VB . -14.81 15.07 37.92
NC PEB VB . -14.66 13.28 39.67
C1C PEB VB . -13.89 12.19 40.00
C2C PEB VB . -12.84 12.14 39.04
C3C PEB VB . -13.04 13.21 38.15
C4C PEB VB . -14.15 13.90 38.56
CMC PEB VB . -12.15 13.50 36.96
CAC PEB VB . -11.72 11.14 39.01
CBC PEB VB . -12.05 9.87 38.23
CGC PEB VB . -12.68 8.79 39.09
O1C PEB VB . -13.71 8.24 38.66
O2C PEB VB . -12.16 8.53 40.20
ND PEB VB . -12.81 16.61 37.88
C1D PEB VB . -14.21 16.47 38.26
C2D PEB VB . -14.82 17.52 37.35
C3D PEB VB . -13.89 18.06 36.55
C4D PEB VB . -12.60 17.48 36.88
CMD PEB VB . -16.29 17.84 37.32
CAD PEB VB . -14.19 19.12 35.58
CBD PEB VB . -13.35 19.99 35.11
OD PEB VB . -11.48 17.73 36.35
NA PEB VB . -18.85 10.84 45.39
C1A PEB VB . -19.93 10.69 46.22
C2A PEB VB . -20.74 11.96 46.15
C3A PEB VB . -19.75 13.00 45.56
C4A PEB VB . -18.60 12.17 45.04
CMA PEB VB . -22.03 11.78 45.37
CBA PEB VB . -18.74 15.33 45.91
OA PEB VB . -20.20 9.67 46.88
CHA PEB VB . -17.46 12.67 44.32
CAA PEB VB . -19.33 14.07 46.56
NB PEB VB . -15.98 12.20 42.44
C1B PEB VB . -16.49 11.90 43.68
C2B PEB VB . -15.76 10.78 44.25
C3B PEB VB . -14.77 10.44 43.35
C4B PEB VB . -14.90 11.38 42.25
CHB PEB VB . -14.08 11.32 41.10
CMB PEB VB . -15.94 10.16 45.61
CAB PEB VB . -13.74 9.35 43.46
CBB PEB VB . -12.38 9.83 44.03
CGB PEB VB . -12.44 10.15 45.50
O1B PEB VB . -12.83 9.25 46.23
O2B PEB VB . -12.17 11.31 45.92
CHC PEB WB . -39.28 24.03 49.86
NC PEB WB . -37.42 22.39 49.66
C1C PEB WB . -36.65 21.57 50.45
C2C PEB WB . -37.13 21.77 51.79
C3C PEB WB . -38.15 22.71 51.74
C4C PEB WB . -38.30 23.08 50.43
CMC PEB WB . -38.93 23.19 52.94
CAC PEB WB . -36.60 21.09 53.01
CBC PEB WB . -35.46 21.85 53.65
CGC PEB WB . -34.89 21.14 54.87
O1C PEB WB . -34.78 21.78 55.93
O2C PEB WB . -34.57 19.93 54.75
ND PEB WB . -41.24 22.79 50.66
C1D PEB WB . -40.60 23.35 49.48
C2D PEB WB . -41.63 24.34 49.01
C3D PEB WB . -42.74 24.26 49.80
C4D PEB WB . -42.46 23.29 50.89
CMD PEB WB . -41.36 25.20 47.82
CAD PEB WB . -43.99 24.98 49.54
CBD PEB WB . -45.22 24.55 49.75
OD PEB WB . -43.18 22.95 51.83
NA PEB WB . -33.95 19.02 43.96
C1A PEB WB . -33.76 18.64 42.66
C2A PEB WB . -33.88 19.86 41.76
C3A PEB WB . -34.04 21.04 42.75
C4A PEB WB . -34.14 20.38 44.11
CMA PEB WB . -32.71 19.96 40.78
CBA PEB WB . -36.59 21.35 42.71
OA PEB WB . -33.55 17.49 42.29
CHA PEB WB . -34.43 21.12 45.30
CAA PEB WB . -35.21 22.00 42.48
NB PEB WB . -35.41 21.07 47.57
C1B PEB WB . -34.50 20.63 46.63
C2B PEB WB . -33.52 19.74 47.26
C3B PEB WB . -33.85 19.66 48.58
C4B PEB WB . -35.01 20.52 48.76
CHB PEB WB . -35.62 20.73 50.03
CMB PEB WB . -32.30 19.13 46.62
CAB PEB WB . -33.13 18.93 49.66
CBB PEB WB . -33.91 17.89 50.45
CGB PEB WB . -34.36 16.70 49.62
O1B PEB WB . -33.88 16.51 48.47
O2B PEB WB . -35.21 15.97 50.13
CHC PEB XB . -28.20 43.05 48.48
NC PEB XB . -30.58 43.57 47.96
C1C PEB XB . -31.35 44.63 47.54
C2C PEB XB . -30.47 45.73 47.41
C3C PEB XB . -29.20 45.29 47.73
C4C PEB XB . -29.29 43.96 48.08
CMC PEB XB . -27.96 46.14 47.70
CAC PEB XB . -30.85 47.12 46.98
CBC PEB XB . -30.60 47.37 45.50
CGC PEB XB . -31.44 46.49 44.59
O1C PEB XB . -32.68 46.71 44.52
O2C PEB XB . -30.86 45.58 43.96
ND PEB XB . -26.92 43.13 46.33
C1D PEB XB . -27.61 42.28 47.28
C2D PEB XB . -26.49 41.33 47.66
C3D PEB XB . -25.33 41.72 47.12
C4D PEB XB . -25.59 42.89 46.32
CMD PEB XB . -26.73 40.09 48.47
CAD PEB XB . -24.04 41.02 47.28
CBD PEB XB . -22.89 41.40 46.79
OD PEB XB . -24.78 43.57 45.69
NA PEB XB . -36.95 40.41 50.38
C1A PEB XB . -37.62 39.49 51.15
C2A PEB XB . -36.73 38.30 51.36
C3A PEB XB . -35.47 38.61 50.56
C4A PEB XB . -35.71 39.97 49.94
CMA PEB XB . -36.50 37.95 52.83
CBA PEB XB . -34.50 36.31 50.24
OA PEB XB . -38.77 39.57 51.54
CHA PEB XB . -34.78 40.58 49.09
CAA PEB XB . -35.12 37.51 49.57
NB PEB XB . -33.46 42.48 48.36
C1B PEB XB . -34.67 41.93 48.68
C2B PEB XB . -35.73 42.89 48.39
C3B PEB XB . -35.14 43.98 47.84
C4B PEB XB . -33.71 43.72 47.82
CHB PEB XB . -32.73 44.59 47.32
CMB PEB XB . -37.21 42.72 48.53
CAB PEB XB . -35.80 45.23 47.30
CBB PEB XB . -36.02 46.32 48.35
CGB PEB XB . -36.87 47.48 47.86
O1B PEB XB . -37.94 47.71 48.45
O2B PEB XB . -36.50 48.12 46.85
CHC PEB YB . 25.63 47.87 -18.85
NC PEB YB . 27.28 49.24 -20.13
C1C PEB YB . 28.60 49.59 -20.11
C2C PEB YB . 29.15 48.97 -18.96
C3C PEB YB . 28.14 48.24 -18.36
C4C PEB YB . 26.99 48.41 -19.10
CMC PEB YB . 28.32 47.41 -17.12
CAC PEB YB . 30.57 49.04 -18.51
CBC PEB YB . 30.78 49.92 -17.29
CGC PEB YB . 31.04 51.37 -17.64
O1C PEB YB . 30.77 52.24 -16.79
O2C PEB YB . 31.51 51.63 -18.76
ND PEB YB . 26.34 45.47 -18.89
C1D PEB YB . 25.40 46.44 -19.42
C2D PEB YB . 24.09 45.86 -18.95
C3D PEB YB . 24.35 44.78 -18.16
C4D PEB YB . 25.76 44.55 -18.11
CMD PEB YB . 22.79 46.46 -19.39
CAD PEB YB . 23.39 43.96 -17.42
CBD PEB YB . 23.63 42.78 -16.93
OD PEB YB . 26.36 43.66 -17.48
NA PEB YB . 26.86 54.20 -25.56
C1A PEB YB . 26.34 55.01 -26.53
C2A PEB YB . 24.97 54.48 -26.88
C3A PEB YB . 25.00 53.02 -26.37
C4A PEB YB . 26.25 52.95 -25.52
CMA PEB YB . 23.84 55.34 -26.29
CBA PEB YB . 24.50 50.62 -27.09
OA PEB YB . 26.87 56.02 -27.00
CHA PEB YB . 26.66 51.83 -24.81
CAA PEB YB . 24.90 52.02 -27.52
NB PEB YB . 27.60 51.19 -22.66
C1B PEB YB . 27.70 51.77 -23.90
C2B PEB YB . 29.07 52.19 -24.14
C3B PEB YB . 29.80 51.76 -23.07
C4B PEB YB . 28.88 51.06 -22.19
CHB PEB YB . 29.28 50.41 -21.01
CMB PEB YB . 29.59 52.88 -25.36
CAB PEB YB . 31.27 51.91 -22.82
CBB PEB YB . 32.08 50.66 -23.15
CGB PEB YB . 32.33 50.48 -24.64
O1B PEB YB . 32.90 51.42 -25.25
O2B PEB YB . 31.96 49.40 -25.19
CHC PEB ZB . 4.56 55.89 -36.07
NC PEB ZB . 6.92 56.16 -35.30
C1C PEB ZB . 8.19 56.41 -35.77
C2C PEB ZB . 8.04 56.62 -37.20
C3C PEB ZB . 6.67 56.42 -37.50
C4C PEB ZB . 6.02 56.16 -36.31
CMC PEB ZB . 6.02 56.53 -38.85
CAC PEB ZB . 9.15 56.92 -38.17
CBC PEB ZB . 9.36 55.76 -39.15
CGC PEB ZB . 10.61 55.84 -40.01
O1C PEB ZB . 11.53 56.62 -39.70
O2C PEB ZB . 10.66 55.07 -41.00
ND PEB ZB . 3.77 58.11 -36.82
C1D PEB ZB . 3.69 57.13 -35.76
C2D PEB ZB . 2.20 56.86 -35.75
C3D PEB ZB . 1.58 57.72 -36.59
C4D PEB ZB . 2.56 58.53 -37.24
CMD PEB ZB . 1.57 55.82 -34.89
CAD PEB ZB . 0.14 57.88 -36.81
CBD PEB ZB . -0.44 58.98 -37.18
OD PEB ZB . 2.31 59.41 -38.05
NA PEB ZB . 10.06 56.53 -28.55
C1A PEB ZB . 10.17 56.52 -27.18
C2A PEB ZB . 9.19 55.53 -26.61
C3A PEB ZB . 8.64 54.79 -27.83
C4A PEB ZB . 9.20 55.53 -29.02
CMA PEB ZB . 9.78 54.62 -25.54
CBA PEB ZB . 6.42 56.01 -28.19
OA PEB ZB . 10.96 57.19 -26.51
CHA PEB ZB . 8.85 55.19 -30.35
CAA PEB ZB . 7.10 54.71 -27.81
NB PEB ZB . 8.72 55.94 -32.65
C1B PEB ZB . 9.43 55.69 -31.49
C2B PEB ZB . 10.85 55.94 -31.73
C3B PEB ZB . 10.98 56.30 -33.03
C4B PEB ZB . 9.65 56.23 -33.62
CHB PEB ZB . 9.38 56.48 -35.01
CMB PEB ZB . 11.97 55.77 -30.73
CAB PEB ZB . 12.26 56.60 -33.78
CBB PEB ZB . 12.48 58.03 -34.31
CGB PEB ZB . 12.43 59.13 -33.26
O1B PEB ZB . 12.36 58.82 -32.04
O2B PEB ZB . 12.39 60.30 -33.67
CHC PEB AC . 2.59 34.01 -37.68
NC PEB AC . 0.26 34.90 -37.67
C1C PEB AC . -1.06 34.47 -37.61
C2C PEB AC . -0.98 33.03 -37.60
C3C PEB AC . 0.37 32.68 -37.61
C4C PEB AC . 1.11 33.85 -37.67
CMC PEB AC . 0.87 31.27 -37.63
CAC PEB AC . -2.13 32.07 -37.58
CBC PEB AC . -2.48 31.57 -36.18
CGC PEB AC . -3.06 32.66 -35.30
O1C PEB AC . -4.21 33.09 -35.55
O2C PEB AC . -2.34 33.09 -34.39
ND PEB AC . 2.95 33.01 -35.41
C1D PEB AC . 3.15 34.19 -36.25
C2D PEB AC . 4.64 34.33 -36.23
C3D PEB AC . 5.17 33.24 -35.60
C4D PEB AC . 4.12 32.42 -35.04
CMD PEB AC . 5.32 35.51 -36.84
CAD PEB AC . 6.59 32.94 -35.47
CBD PEB AC . 7.11 32.18 -34.53
OD PEB AC . 4.23 31.40 -34.32
NA PEB AC . -2.45 41.41 -40.34
C1A PEB AC . -2.33 42.67 -40.87
C2A PEB AC . -0.97 43.24 -40.52
C3A PEB AC . -0.29 42.10 -39.73
C4A PEB AC . -1.34 41.02 -39.59
CMA PEB AC . -0.20 43.74 -41.71
CBA PEB AC . 1.69 43.29 -38.74
OA PEB AC . -3.17 43.27 -41.53
CHA PEB AC . -1.12 39.84 -38.80
CAA PEB AC . 0.35 42.66 -38.46
NB PEB AC . -1.35 37.47 -38.36
C1B PEB AC . -1.91 38.67 -38.71
C2B PEB AC . -3.36 38.50 -38.80
C3B PEB AC . -3.63 37.22 -38.41
C4B PEB AC . -2.37 36.61 -38.07
CHB PEB AC . -2.19 35.30 -37.56
CMB PEB AC . -4.40 39.50 -39.20
CAB PEB AC . -4.97 36.53 -38.30
CBB PEB AC . -5.47 35.89 -39.59
CGB PEB AC . -6.90 35.39 -39.52
O1B PEB AC . -7.75 36.00 -40.14
O2B PEB AC . -7.15 34.38 -38.83
CHC PEB BC . 45.37 -24.60 35.70
NC PEB BC . 46.12 -23.42 37.80
C1C PEB BC . 46.54 -22.18 38.22
C2C PEB BC . 46.44 -21.36 37.10
C3C PEB BC . 46.04 -22.11 36.03
C4C PEB BC . 45.83 -23.40 36.47
CMC PEB BC . 45.88 -21.58 34.62
CAC PEB BC . 46.81 -19.90 37.05
CBC PEB BC . 48.12 -19.73 36.31
CGC PEB BC . 49.15 -18.94 37.08
O1C PEB BC . 50.26 -19.47 37.28
O2C PEB BC . 48.80 -17.83 37.53
ND PEB BC . 43.18 -23.62 34.88
C1D PEB BC . 43.81 -24.73 35.57
C2D PEB BC . 43.43 -25.87 34.63
C3D PEB BC . 42.71 -25.43 33.56
C4D PEB BC . 42.54 -23.98 33.74
CMD PEB BC . 43.86 -27.27 34.89
CAD PEB BC . 42.20 -26.27 32.47
CBD PEB BC . 41.45 -25.88 31.44
OD PEB BC . 41.94 -23.19 32.95
NA PEB BC . 48.37 -25.70 44.31
C1A PEB BC . 48.72 -26.46 45.37
C2A PEB BC . 48.02 -27.79 45.23
C3A PEB BC . 46.86 -27.49 44.26
C4A PEB BC . 47.18 -26.13 43.71
CMA PEB BC . 48.95 -28.91 44.82
CBA PEB BC . 44.36 -27.80 43.99
OA PEB BC . 49.52 -26.13 46.24
CHA PEB BC . 46.50 -25.39 42.72
CAA PEB BC . 45.52 -27.60 44.95
NB PEB BC . 46.91 -23.89 40.82
C1B PEB BC . 46.92 -24.18 42.16
C2B PEB BC . 47.34 -23.00 42.89
C3B PEB BC . 47.47 -21.99 41.98
C4B PEB BC . 47.07 -22.54 40.71
CHB PEB BC . 46.90 -21.80 39.54
CMB PEB BC . 47.57 -22.89 44.38
CAB PEB BC . 47.97 -20.58 42.22
CBB PEB BC . 46.82 -19.55 42.35
CGB PEB BC . 46.02 -19.63 43.66
O1B PEB BC . 46.55 -19.18 44.70
O2B PEB BC . 44.87 -20.14 43.63
CHC PEB CC . 45.56 -49.65 49.30
NC PEB CC . 46.03 -47.19 49.26
C1C PEB CC . 46.00 -46.11 50.09
C2C PEB CC . 45.60 -46.64 51.41
C3C PEB CC . 45.36 -47.97 51.23
C4C PEB CC . 45.66 -48.31 49.92
CMC PEB CC . 44.89 -48.91 52.31
CAC PEB CC . 45.26 -45.90 52.69
CBC PEB CC . 46.14 -44.77 53.14
CGC PEB CC . 45.40 -43.73 53.98
O1C PEB CC . 45.86 -42.59 53.96
O2C PEB CC . 44.35 -44.04 54.63
ND PEB CC . 47.20 -50.77 50.77
C1D PEB CC . 46.82 -50.51 49.38
C2D PEB CC . 46.57 -51.91 48.87
C3D PEB CC . 46.89 -52.79 49.83
C4D PEB CC . 47.25 -52.09 51.04
CMD PEB CC . 46.04 -52.17 47.48
CAD PEB CC . 46.94 -54.24 49.70
CBD PEB CC . 47.91 -55.00 50.21
OD PEB CC . 47.54 -52.59 52.13
NA PEB CC . 48.94 -42.84 44.12
C1A PEB CC . 49.60 -42.61 42.96
C2A PEB CC . 48.95 -43.37 41.84
C3A PEB CC . 47.75 -44.04 42.51
C4A PEB CC . 47.89 -43.71 43.98
CMA PEB CC . 48.63 -42.51 40.62
CBA PEB CC . 48.83 -46.43 42.62
OA PEB CC . 50.57 -41.87 42.82
CHA PEB CC . 47.04 -44.22 44.97
CAA PEB CC . 47.67 -45.55 42.11
NB PEB CC . 46.90 -44.92 47.29
C1B PEB CC . 47.11 -43.96 46.34
C2B PEB CC . 47.29 -42.67 46.97
C3B PEB CC . 47.08 -42.84 48.29
C4B PEB CC . 46.76 -44.25 48.47
CHB PEB CC . 46.34 -44.80 49.74
CMB PEB CC . 47.52 -41.36 46.26
CAB PEB CC . 47.03 -41.82 49.39
CBB PEB CC . 48.17 -41.99 50.41
CGB PEB CC . 49.58 -41.83 49.84
O1B PEB CC . 49.73 -41.31 48.73
O2B PEB CC . 50.53 -42.22 50.52
CHC PEB DC . 24.69 -49.38 41.80
NC PEB DC . 25.40 -51.78 41.69
C1C PEB DC . 24.99 -52.98 41.13
C2C PEB DC . 23.77 -52.71 40.49
C3C PEB DC . 23.48 -51.35 40.68
C4C PEB DC . 24.51 -50.81 41.39
CMC PEB DC . 22.27 -50.62 40.17
CAC PEB DC . 22.91 -53.74 39.80
CBC PEB DC . 23.00 -53.72 38.28
CGC PEB DC . 24.33 -54.23 37.73
O1C PEB DC . 24.67 -55.43 37.96
O2C PEB DC . 25.01 -53.44 37.09
ND PEB DC . 24.79 -48.51 39.49
C1D PEB DC . 25.51 -48.59 40.75
C2D PEB DC . 25.72 -47.11 41.01
C3D PEB DC . 25.04 -46.39 40.13
C4D PEB DC . 24.44 -47.25 39.18
CMD PEB DC . 26.55 -46.62 42.14
CAD PEB DC . 24.81 -44.95 40.05
CBD PEB DC . 24.50 -44.31 38.94
OD PEB DC . 23.74 -46.89 38.24
NA PEB DC . 30.42 -55.72 45.79
C1A PEB DC . 31.38 -55.82 46.78
C2A PEB DC . 31.97 -54.47 47.05
C3A PEB DC . 31.28 -53.54 46.04
C4A PEB DC . 30.32 -54.44 45.26
CMA PEB DC . 31.85 -54.09 48.52
CBA PEB DC . 32.91 -51.55 45.92
OA PEB DC . 31.74 -56.86 47.35
CHA PEB DC . 29.53 -53.91 44.20
CAA PEB DC . 32.26 -52.74 45.19
NB PEB DC . 27.63 -53.76 42.68
C1B PEB DC . 28.55 -54.51 43.37
C2B PEB DC . 28.35 -55.92 43.00
C3B PEB DC . 27.28 -55.97 42.16
C4B PEB DC . 26.80 -54.61 42.01
CHB PEB DC . 25.67 -54.23 41.23
CMB PEB DC . 29.18 -57.12 43.38
CAB PEB DC . 26.69 -57.19 41.48
CBB PEB DC . 25.71 -57.99 42.36
CGB PEB DC . 25.14 -59.23 41.67
O1B PEB DC . 25.30 -60.32 42.22
O2B PEB DC . 24.58 -59.11 40.57
CHC PEB EC . 13.47 44.41 51.70
NC PEB EC . 15.45 45.41 52.85
C1C PEB EC . 15.75 46.42 53.74
C2C PEB EC . 14.51 47.06 54.04
C3C PEB EC . 13.51 46.41 53.32
C4C PEB EC . 14.12 45.41 52.59
CMC PEB EC . 12.06 46.75 53.35
CAC PEB EC . 14.32 48.25 54.92
CBC PEB EC . 13.81 47.91 56.29
CGC PEB EC . 14.87 47.20 57.09
O1C PEB EC . 15.86 47.89 57.49
O2C PEB EC . 14.71 45.96 57.29
ND PEB EC . 12.16 43.42 53.52
C1D PEB EC . 13.07 43.12 52.45
C2D PEB EC . 12.25 42.15 51.65
C3D PEB EC . 11.01 42.00 52.20
C4D PEB EC . 10.94 42.84 53.36
CMD PEB EC . 12.84 41.51 50.43
CAD PEB EC . 9.91 41.15 51.76
CBD PEB EC . 9.10 40.46 52.54
OD PEB EC . 9.98 42.99 54.10
NA PEB EC . 22.68 44.82 50.94
C1A PEB EC . 23.52 44.56 49.89
C2A PEB EC . 22.70 44.05 48.74
C3A PEB EC . 21.37 43.68 49.38
C4A PEB EC . 21.39 44.39 50.71
CMA PEB EC . 22.56 45.04 47.58
CBA PEB EC . 21.17 41.45 48.13
OA PEB EC . 24.75 44.68 49.89
CHA PEB EC . 20.23 44.39 51.51
CAA PEB EC . 21.04 42.19 49.43
NB PEB EC . 18.42 45.33 52.79
C1B PEB EC . 19.76 45.29 52.48
C2B PEB EC . 20.48 46.17 53.39
C3B PEB EC . 19.54 46.81 54.15
C4B PEB EC . 18.26 46.27 53.76
CHB PEB EC . 17.02 46.73 54.22
CMB PEB EC . 21.96 46.38 53.55
CAB PEB EC . 19.74 47.94 55.12
CBB PEB EC . 19.68 49.30 54.43
CGB PEB EC . 19.81 50.49 55.36
O1B PEB EC . 20.27 51.54 54.84
O2B PEB EC . 19.44 50.40 56.61
CHC PEB FC . 21.05 23.98 45.68
NC PEB FC . 23.19 22.74 45.28
C1C PEB FC . 24.32 22.32 45.96
C2C PEB FC . 24.18 22.81 47.29
C3C PEB FC . 22.97 23.50 47.35
C4C PEB FC . 22.37 23.44 46.12
CMC PEB FC . 22.43 24.19 48.58
CAC PEB FC . 25.20 22.63 48.39
CBC PEB FC . 24.95 21.36 49.22
CGC PEB FC . 24.75 20.10 48.39
O1C PEB FC . 25.76 19.51 48.01
O2C PEB FC . 23.58 19.74 48.08
ND PEB FC . 19.74 22.36 46.97
C1D PEB FC . 19.94 22.88 45.64
C2D PEB FC . 18.51 23.27 45.30
C3D PEB FC . 17.72 23.16 46.35
C4D PEB FC . 18.48 22.59 47.44
CMD PEB FC . 18.02 23.62 43.94
CAD PEB FC . 16.31 23.58 46.28
CBD PEB FC . 15.39 23.31 47.12
OD PEB FC . 18.09 22.30 48.59
NA PEB FC . 26.53 21.03 39.15
C1A PEB FC . 26.70 21.18 37.80
C2A PEB FC . 25.56 20.49 37.09
C3A PEB FC . 24.49 20.39 38.17
C4A PEB FC . 25.24 20.63 39.47
CMA PEB FC . 25.13 21.13 35.78
CBA PEB FC . 24.35 17.86 38.59
OA PEB FC . 27.60 21.76 37.24
CHA PEB FC . 24.66 20.49 40.76
CAA PEB FC . 23.74 19.07 37.93
NB PEB FC . 24.70 21.15 43.09
C1B PEB FC . 25.31 20.62 41.99
C2B PEB FC . 26.61 20.09 42.36
C3B PEB FC . 26.79 20.35 43.69
C4B PEB FC . 25.60 21.08 44.12
CHB PEB FC . 25.39 21.61 45.42
CMB PEB FC . 27.53 19.29 41.47
CAB PEB FC . 27.90 19.93 44.60
CBB PEB FC . 29.23 20.70 44.37
CGB PEB FC . 29.06 22.21 44.29
O1B PEB FC . 29.27 22.75 43.18
O2B PEB FC . 28.69 22.83 45.32
#